data_2LWJ
#
_entry.id   2LWJ
#
_entity_poly.entity_id   1
_entity_poly.type   'polypeptide(L)'
_entity_poly.pdbx_seq_one_letter_code
;GSHMQTSFKTGDKAVYPGQGVGEVMGIEHTEVAGQRQSFYVLRILENGMRIMIPINKVGSVGLREIISEEDVKQVYSILK
EKDISVDSTTWNRRYREYMEKIKTGSVFEIAEVLRDLYLLKGDKDLSFGERKMLDTARSLLIKELSLAKDCSEDEIESDL
KKIFNLA
;
_entity_poly.pdbx_strand_id   A
#
# COMPACT_ATOMS: atom_id res chain seq x y z
N GLY A 1 -31.40 22.77 6.59
CA GLY A 1 -31.31 21.80 7.70
C GLY A 1 -30.34 22.25 8.80
N SER A 2 -29.96 21.33 9.69
CA SER A 2 -29.03 21.57 10.82
C SER A 2 -28.17 20.34 11.14
N HIS A 3 -28.76 19.29 11.74
CA HIS A 3 -28.10 18.03 12.09
C HIS A 3 -27.96 17.11 10.85
N MET A 4 -26.72 16.74 10.50
CA MET A 4 -26.39 15.90 9.33
C MET A 4 -24.91 15.47 9.32
N GLN A 5 -24.44 14.90 10.44
CA GLN A 5 -23.07 14.40 10.58
C GLN A 5 -23.00 13.19 11.55
N THR A 6 -21.80 12.60 11.68
CA THR A 6 -21.52 11.47 12.59
C THR A 6 -20.13 11.60 13.21
N SER A 7 -19.07 11.42 12.42
CA SER A 7 -17.67 11.46 12.86
C SER A 7 -16.78 12.19 11.85
N PHE A 8 -16.53 11.60 10.67
CA PHE A 8 -15.75 12.21 9.59
C PHE A 8 -16.29 11.80 8.21
N LYS A 9 -16.87 12.75 7.46
CA LYS A 9 -17.36 12.58 6.08
C LYS A 9 -16.19 12.45 5.08
N THR A 10 -16.49 12.23 3.79
CA THR A 10 -15.49 12.15 2.71
C THR A 10 -14.45 13.26 2.80
N GLY A 11 -13.18 12.90 2.69
CA GLY A 11 -12.07 13.84 2.70
C GLY A 11 -10.76 13.31 3.27
N ASP A 12 -10.80 12.13 3.91
CA ASP A 12 -9.68 11.45 4.54
C ASP A 12 -9.66 9.98 4.11
N LYS A 13 -8.48 9.40 3.89
CA LYS A 13 -8.36 7.96 3.58
C LYS A 13 -8.18 7.19 4.90
N ALA A 14 -8.76 6.01 5.04
CA ALA A 14 -8.69 5.25 6.29
C ALA A 14 -8.26 3.79 6.04
N VAL A 15 -7.34 3.28 6.87
CA VAL A 15 -6.70 1.97 6.69
C VAL A 15 -6.64 1.16 7.99
N TYR A 16 -7.56 0.20 8.12
CA TYR A 16 -7.59 -0.70 9.27
C TYR A 16 -6.64 -1.91 9.09
N PRO A 17 -6.28 -2.63 10.18
CA PRO A 17 -5.48 -3.85 10.13
C PRO A 17 -6.28 -5.02 9.52
N GLY A 18 -6.29 -5.11 8.19
CA GLY A 18 -6.93 -6.22 7.45
C GLY A 18 -6.99 -6.03 5.93
N GLN A 19 -7.30 -4.81 5.47
CA GLN A 19 -7.36 -4.47 4.03
C GLN A 19 -6.65 -3.13 3.74
N GLY A 20 -7.25 -2.02 4.18
CA GLY A 20 -6.78 -0.66 3.90
C GLY A 20 -7.04 -0.14 2.48
N VAL A 21 -7.49 -1.00 1.57
CA VAL A 21 -7.79 -0.60 0.20
C VAL A 21 -9.15 0.08 0.16
N GLY A 22 -9.22 1.37 0.48
CA GLY A 22 -10.48 2.12 0.53
C GLY A 22 -10.32 3.62 0.75
N GLU A 23 -11.40 4.38 0.55
CA GLU A 23 -11.52 5.82 0.81
C GLU A 23 -12.86 6.14 1.48
N VAL A 24 -12.86 6.95 2.54
CA VAL A 24 -14.08 7.39 3.24
C VAL A 24 -14.98 8.14 2.24
N MET A 25 -16.21 7.66 2.04
CA MET A 25 -17.24 8.27 1.17
C MET A 25 -18.46 8.79 1.95
N GLY A 26 -18.35 8.85 3.28
CA GLY A 26 -19.37 9.34 4.19
C GLY A 26 -19.69 8.36 5.32
N ILE A 27 -20.83 8.54 5.97
CA ILE A 27 -21.37 7.65 7.00
C ILE A 27 -22.77 7.17 6.61
N GLU A 28 -22.98 5.85 6.67
CA GLU A 28 -24.25 5.18 6.45
C GLU A 28 -24.84 4.77 7.79
N HIS A 29 -26.16 4.92 7.93
CA HIS A 29 -26.91 4.53 9.12
C HIS A 29 -27.69 3.27 8.80
N THR A 30 -27.30 2.13 9.39
CA THR A 30 -28.02 0.86 9.23
C THR A 30 -28.88 0.58 10.46
N GLU A 31 -29.49 -0.60 10.46
CA GLU A 31 -30.31 -1.06 11.58
C GLU A 31 -29.95 -2.51 11.96
N VAL A 32 -29.27 -2.70 13.10
CA VAL A 32 -28.80 -4.03 13.54
C VAL A 32 -29.90 -4.68 14.38
N ALA A 33 -30.57 -5.69 13.84
CA ALA A 33 -31.77 -6.32 14.43
C ALA A 33 -32.85 -5.33 14.93
N GLY A 34 -32.94 -4.12 14.34
CA GLY A 34 -33.85 -3.05 14.76
C GLY A 34 -33.24 -1.94 15.63
N GLN A 35 -31.91 -1.88 15.81
CA GLN A 35 -31.19 -0.82 16.53
C GLN A 35 -30.44 0.15 15.61
N ARG A 36 -30.64 1.46 15.80
CA ARG A 36 -29.96 2.56 15.09
C ARG A 36 -28.45 2.50 15.33
N GLN A 37 -27.68 2.26 14.28
CA GLN A 37 -26.21 2.19 14.35
C GLN A 37 -25.56 2.84 13.11
N SER A 38 -24.43 3.52 13.31
CA SER A 38 -23.69 4.19 12.25
C SER A 38 -22.43 3.42 11.83
N PHE A 39 -21.98 3.65 10.60
CA PHE A 39 -20.80 3.01 10.05
C PHE A 39 -20.13 3.86 8.97
N TYR A 40 -18.80 3.87 8.95
CA TYR A 40 -18.01 4.55 7.92
C TYR A 40 -18.22 3.86 6.57
N VAL A 41 -18.66 4.63 5.58
CA VAL A 41 -18.83 4.19 4.18
C VAL A 41 -17.44 4.15 3.55
N LEU A 42 -16.68 3.09 3.81
CA LEU A 42 -15.39 2.96 3.17
C LEU A 42 -15.60 2.33 1.78
N ARG A 43 -15.25 3.08 0.73
CA ARG A 43 -15.36 2.66 -0.66
C ARG A 43 -14.05 2.05 -1.12
N ILE A 44 -14.05 0.75 -1.35
CA ILE A 44 -12.87 -0.02 -1.73
C ILE A 44 -12.35 0.37 -3.11
N LEU A 45 -11.15 0.95 -3.17
CA LEU A 45 -10.48 1.40 -4.40
C LEU A 45 -10.08 0.24 -5.35
N GLU A 46 -10.03 -0.99 -4.84
CA GLU A 46 -9.64 -2.21 -5.56
C GLU A 46 -10.62 -2.52 -6.71
N ASN A 47 -11.90 -2.72 -6.35
CA ASN A 47 -13.01 -3.06 -7.26
C ASN A 47 -14.25 -2.15 -7.16
N GLY A 48 -14.44 -1.44 -6.04
CA GLY A 48 -15.62 -0.61 -5.76
C GLY A 48 -16.57 -1.15 -4.67
N MET A 49 -16.15 -2.17 -3.89
CA MET A 49 -16.90 -2.72 -2.75
C MET A 49 -17.20 -1.66 -1.68
N ARG A 50 -18.07 -2.01 -0.73
CA ARG A 50 -18.53 -1.14 0.36
C ARG A 50 -18.37 -1.79 1.73
N ILE A 51 -17.38 -1.34 2.50
CA ILE A 51 -17.18 -1.80 3.87
C ILE A 51 -17.91 -0.81 4.79
N MET A 52 -18.60 -1.32 5.81
CA MET A 52 -19.31 -0.55 6.82
C MET A 52 -18.59 -0.74 8.17
N ILE A 53 -17.55 0.06 8.42
CA ILE A 53 -16.79 -0.02 9.68
C ILE A 53 -17.60 0.61 10.83
N PRO A 54 -17.76 -0.07 11.97
CA PRO A 54 -18.50 0.45 13.10
C PRO A 54 -17.77 1.63 13.78
N ILE A 55 -18.37 2.83 13.82
CA ILE A 55 -17.76 4.02 14.44
C ILE A 55 -17.57 3.90 15.98
N ASN A 56 -18.14 2.86 16.59
CA ASN A 56 -18.18 2.62 18.04
C ASN A 56 -17.30 1.41 18.44
N LYS A 57 -17.43 0.27 17.74
CA LYS A 57 -16.61 -0.94 17.96
C LYS A 57 -15.11 -0.68 17.76
N VAL A 58 -14.76 0.31 16.94
CA VAL A 58 -13.38 0.79 16.70
C VAL A 58 -12.74 1.44 17.93
N GLY A 59 -13.52 1.72 18.98
CA GLY A 59 -13.10 2.33 20.24
C GLY A 59 -12.63 3.77 20.04
N SER A 60 -11.33 3.99 19.99
CA SER A 60 -10.73 5.32 19.82
C SER A 60 -10.81 5.81 18.37
N VAL A 61 -10.30 5.00 17.42
CA VAL A 61 -10.34 5.26 15.97
C VAL A 61 -10.53 4.01 15.10
N GLY A 62 -9.83 2.92 15.44
CA GLY A 62 -9.72 1.65 14.69
C GLY A 62 -9.05 1.75 13.31
N LEU A 63 -9.50 2.72 12.50
CA LEU A 63 -9.08 2.96 11.13
C LEU A 63 -8.05 4.09 11.09
N ARG A 64 -6.80 3.76 10.76
CA ARG A 64 -5.67 4.68 10.80
C ARG A 64 -5.15 4.92 9.39
N GLU A 65 -5.16 6.16 8.91
CA GLU A 65 -4.62 6.48 7.58
C GLU A 65 -3.14 6.03 7.45
N ILE A 66 -2.76 5.68 6.23
CA ILE A 66 -1.41 5.30 5.79
C ILE A 66 -0.56 6.53 5.41
N ILE A 67 0.60 6.30 4.81
CA ILE A 67 1.47 7.35 4.29
C ILE A 67 0.75 8.25 3.27
N SER A 68 1.23 9.48 3.11
CA SER A 68 0.70 10.46 2.14
C SER A 68 1.59 10.57 0.89
N GLU A 69 1.16 11.31 -0.13
CA GLU A 69 1.93 11.55 -1.37
C GLU A 69 3.37 12.04 -1.06
N GLU A 70 3.58 12.74 0.06
CA GLU A 70 4.90 13.18 0.53
C GLU A 70 5.91 12.03 0.60
N ASP A 71 5.52 10.92 1.23
CA ASP A 71 6.31 9.70 1.30
C ASP A 71 6.50 9.12 -0.11
N VAL A 72 5.42 9.01 -0.90
CA VAL A 72 5.45 8.40 -2.23
C VAL A 72 6.58 9.01 -3.08
N LYS A 73 6.68 10.35 -3.05
CA LYS A 73 7.75 11.11 -3.71
C LYS A 73 9.15 10.76 -3.20
N GLN A 74 9.36 10.70 -1.89
CA GLN A 74 10.65 10.28 -1.31
C GLN A 74 11.00 8.84 -1.73
N VAL A 75 10.09 7.90 -1.54
CA VAL A 75 10.25 6.47 -1.88
C VAL A 75 10.77 6.30 -3.31
N TYR A 76 10.12 6.92 -4.30
CA TYR A 76 10.57 6.86 -5.69
C TYR A 76 12.06 7.23 -5.81
N SER A 77 12.50 8.31 -5.16
CA SER A 77 13.90 8.78 -5.10
C SER A 77 14.89 7.74 -4.56
N ILE A 78 14.45 6.86 -3.65
CA ILE A 78 15.23 5.76 -3.05
C ILE A 78 15.55 4.68 -4.09
N LEU A 79 14.63 4.46 -5.04
CA LEU A 79 14.73 3.46 -6.10
C LEU A 79 15.14 4.04 -7.46
N LYS A 80 15.04 5.37 -7.63
CA LYS A 80 15.39 6.14 -8.83
C LYS A 80 16.85 5.97 -9.28
N GLU A 81 17.70 5.52 -8.36
CA GLU A 81 19.10 5.18 -8.61
C GLU A 81 19.25 3.75 -9.13
N LYS A 82 19.58 3.61 -10.42
CA LYS A 82 19.87 2.32 -11.06
C LYS A 82 21.27 1.75 -10.75
N ASP A 83 22.03 2.41 -9.86
CA ASP A 83 23.40 2.02 -9.45
C ASP A 83 23.43 1.09 -8.21
N ILE A 84 22.26 0.71 -7.70
CA ILE A 84 22.09 -0.19 -6.55
C ILE A 84 22.25 -1.68 -6.90
N SER A 85 22.36 -2.02 -8.19
CA SER A 85 22.43 -3.38 -8.77
C SER A 85 23.44 -4.27 -8.02
N VAL A 86 22.94 -5.08 -7.07
CA VAL A 86 23.80 -5.92 -6.22
C VAL A 86 24.46 -7.04 -7.05
N ASP A 87 25.61 -7.55 -6.58
CA ASP A 87 26.30 -8.68 -7.22
C ASP A 87 25.63 -10.01 -6.86
N SER A 88 25.69 -11.02 -7.75
CA SER A 88 25.10 -12.36 -7.53
C SER A 88 25.69 -13.11 -6.32
N THR A 89 26.92 -12.79 -5.91
CA THR A 89 27.60 -13.34 -4.73
C THR A 89 27.01 -12.79 -3.44
N THR A 90 27.01 -11.46 -3.27
CA THR A 90 26.40 -10.77 -2.13
C THR A 90 24.88 -10.92 -2.12
N TRP A 91 24.24 -11.18 -3.27
CA TRP A 91 22.79 -11.36 -3.39
C TRP A 91 22.21 -12.33 -2.36
N ASN A 92 22.80 -13.52 -2.20
CA ASN A 92 22.39 -14.48 -1.18
C ASN A 92 22.31 -13.88 0.24
N ARG A 93 23.32 -13.09 0.63
CA ARG A 93 23.36 -12.37 1.92
C ARG A 93 22.33 -11.24 1.97
N ARG A 94 22.20 -10.49 0.86
CA ARG A 94 21.20 -9.43 0.66
C ARG A 94 19.76 -9.93 0.76
N TYR A 95 19.50 -11.19 0.40
CA TYR A 95 18.19 -11.81 0.55
C TYR A 95 17.71 -11.73 2.01
N ARG A 96 18.60 -11.95 2.99
CA ARG A 96 18.33 -11.95 4.45
C ARG A 96 17.87 -10.58 4.97
N GLU A 97 18.69 -9.54 4.76
CA GLU A 97 18.37 -8.14 5.14
C GLU A 97 17.11 -7.60 4.45
N TYR A 98 16.73 -8.17 3.32
CA TYR A 98 15.51 -7.85 2.61
C TYR A 98 14.32 -8.69 3.09
N MET A 99 14.54 -9.95 3.47
CA MET A 99 13.54 -10.85 4.04
C MET A 99 12.88 -10.24 5.29
N GLU A 100 13.69 -9.62 6.15
CA GLU A 100 13.20 -8.92 7.35
C GLU A 100 12.36 -7.67 7.00
N LYS A 101 12.68 -6.95 5.92
CA LYS A 101 11.91 -5.79 5.42
C LYS A 101 10.51 -6.18 4.96
N ILE A 102 10.33 -7.40 4.45
CA ILE A 102 9.02 -7.93 4.05
C ILE A 102 8.09 -8.13 5.27
N LYS A 103 8.65 -8.51 6.43
CA LYS A 103 7.90 -8.68 7.69
C LYS A 103 7.22 -7.39 8.15
N THR A 104 7.95 -6.26 8.02
CA THR A 104 7.47 -4.92 8.42
C THR A 104 6.53 -4.39 7.37
N GLY A 105 6.85 -4.67 6.10
CA GLY A 105 6.27 -4.08 4.91
C GLY A 105 6.33 -2.55 4.86
N SER A 106 7.27 -1.95 5.59
CA SER A 106 7.54 -0.51 5.58
C SER A 106 7.70 -0.04 4.15
N VAL A 107 6.94 0.98 3.77
CA VAL A 107 6.95 1.56 2.43
C VAL A 107 8.36 1.89 1.90
N PHE A 108 9.17 2.58 2.71
CA PHE A 108 10.56 2.93 2.40
C PHE A 108 11.48 1.71 2.30
N GLU A 109 11.12 0.61 2.97
CA GLU A 109 11.83 -0.68 2.98
C GLU A 109 11.46 -1.54 1.77
N ILE A 110 10.19 -1.88 1.59
CA ILE A 110 9.63 -2.70 0.50
C ILE A 110 10.04 -2.19 -0.86
N ALA A 111 9.89 -0.88 -1.08
CA ALA A 111 10.29 -0.28 -2.32
C ALA A 111 11.79 -0.56 -2.60
N GLU A 112 12.65 -0.45 -1.60
CA GLU A 112 14.08 -0.80 -1.72
C GLU A 112 14.29 -2.29 -1.99
N VAL A 113 13.52 -3.16 -1.32
CA VAL A 113 13.62 -4.62 -1.45
C VAL A 113 13.32 -5.02 -2.87
N LEU A 114 12.10 -4.75 -3.35
CA LEU A 114 11.65 -5.15 -4.67
C LEU A 114 12.60 -4.61 -5.75
N ARG A 115 13.04 -3.35 -5.60
CA ARG A 115 13.97 -2.63 -6.48
C ARG A 115 15.24 -3.43 -6.66
N ASP A 116 15.83 -3.87 -5.56
CA ASP A 116 17.04 -4.68 -5.59
C ASP A 116 16.87 -5.92 -6.47
N LEU A 117 15.81 -6.70 -6.25
CA LEU A 117 15.52 -7.88 -7.07
C LEU A 117 15.20 -7.51 -8.54
N TYR A 118 14.51 -6.39 -8.77
CA TYR A 118 14.19 -5.87 -10.09
C TYR A 118 15.43 -5.57 -10.93
N LEU A 119 16.38 -4.82 -10.36
CA LEU A 119 17.66 -4.54 -11.02
C LEU A 119 18.57 -5.78 -11.14
N LEU A 120 18.48 -6.72 -10.19
CA LEU A 120 19.20 -8.01 -10.23
C LEU A 120 18.93 -8.82 -11.50
N LYS A 121 17.70 -8.74 -12.05
CA LYS A 121 17.30 -9.38 -13.30
C LYS A 121 17.18 -8.41 -14.49
N GLY A 122 17.33 -7.10 -14.27
CA GLY A 122 17.14 -6.02 -15.23
C GLY A 122 15.67 -5.76 -15.57
N ASP A 123 14.97 -6.79 -16.04
CA ASP A 123 13.54 -6.82 -16.36
C ASP A 123 12.64 -7.16 -15.14
N LYS A 124 11.31 -7.20 -15.35
CA LYS A 124 10.30 -7.54 -14.33
C LYS A 124 10.10 -9.05 -14.11
N ASP A 125 10.43 -9.86 -15.11
CA ASP A 125 10.29 -11.31 -15.08
C ASP A 125 11.45 -11.97 -14.33
N LEU A 126 11.50 -11.74 -13.02
CA LEU A 126 12.47 -12.30 -12.08
C LEU A 126 12.49 -13.83 -12.10
N SER A 127 13.61 -14.42 -11.67
CA SER A 127 13.75 -15.88 -11.55
C SER A 127 12.82 -16.48 -10.49
N PHE A 128 12.74 -17.80 -10.36
CA PHE A 128 11.84 -18.46 -9.41
C PHE A 128 12.00 -17.95 -7.96
N GLY A 129 13.23 -17.92 -7.45
CA GLY A 129 13.54 -17.49 -6.07
C GLY A 129 13.48 -15.98 -5.87
N GLU A 130 13.81 -15.19 -6.89
CA GLU A 130 13.70 -13.73 -6.86
C GLU A 130 12.21 -13.30 -6.90
N ARG A 131 11.41 -13.86 -7.81
CA ARG A 131 9.96 -13.64 -7.93
C ARG A 131 9.23 -13.99 -6.64
N LYS A 132 9.67 -15.00 -5.87
CA LYS A 132 9.09 -15.34 -4.56
C LYS A 132 9.13 -14.20 -3.55
N MET A 133 10.27 -13.54 -3.38
CA MET A 133 10.38 -12.37 -2.50
C MET A 133 9.66 -11.16 -3.12
N LEU A 134 9.88 -10.92 -4.42
CA LEU A 134 9.28 -9.83 -5.18
C LEU A 134 7.74 -9.87 -5.14
N ASP A 135 7.11 -11.02 -5.27
CA ASP A 135 5.65 -11.17 -5.23
C ASP A 135 5.03 -10.59 -3.94
N THR A 136 5.67 -10.86 -2.79
CA THR A 136 5.22 -10.33 -1.49
C THR A 136 5.50 -8.83 -1.40
N ALA A 137 6.68 -8.39 -1.84
CA ALA A 137 7.05 -6.98 -1.87
C ALA A 137 6.19 -6.13 -2.83
N ARG A 138 5.92 -6.58 -4.06
CA ARG A 138 5.03 -5.93 -5.05
C ARG A 138 3.64 -5.69 -4.49
N SER A 139 3.05 -6.70 -3.86
CA SER A 139 1.76 -6.61 -3.17
C SER A 139 1.72 -5.49 -2.13
N LEU A 140 2.86 -5.10 -1.56
CA LEU A 140 3.00 -3.97 -0.63
C LEU A 140 3.42 -2.67 -1.33
N LEU A 141 4.20 -2.72 -2.41
CA LEU A 141 4.66 -1.56 -3.18
C LEU A 141 3.47 -0.68 -3.60
N ILE A 142 2.51 -1.29 -4.31
CA ILE A 142 1.31 -0.61 -4.80
C ILE A 142 0.31 -0.30 -3.69
N LYS A 143 0.47 -0.89 -2.51
CA LYS A 143 -0.40 -0.75 -1.32
C LYS A 143 -0.10 0.54 -0.58
N GLU A 144 1.19 0.82 -0.40
CA GLU A 144 1.68 2.05 0.19
C GLU A 144 1.67 3.20 -0.84
N LEU A 145 2.28 2.99 -2.02
CA LEU A 145 2.32 3.98 -3.09
C LEU A 145 0.93 4.26 -3.71
N SER A 146 -0.09 3.45 -3.37
CA SER A 146 -1.51 3.58 -3.76
C SER A 146 -2.02 5.02 -3.70
N LEU A 147 -1.48 5.85 -2.79
CA LEU A 147 -1.79 7.26 -2.67
C LEU A 147 -1.67 8.04 -4.01
N ALA A 148 -0.49 8.03 -4.62
CA ALA A 148 -0.26 8.71 -5.91
C ALA A 148 -0.96 8.02 -7.09
N LYS A 149 -1.35 6.74 -6.92
CA LYS A 149 -2.12 5.93 -7.86
C LYS A 149 -3.59 6.35 -7.91
N ASP A 150 -4.32 6.16 -6.82
CA ASP A 150 -5.78 6.33 -6.68
C ASP A 150 -6.60 5.69 -7.83
N CYS A 151 -6.06 4.63 -8.45
CA CYS A 151 -6.50 3.99 -9.70
C CYS A 151 -6.14 2.48 -9.73
N SER A 152 -6.20 1.84 -10.90
CA SER A 152 -5.78 0.44 -11.10
C SER A 152 -4.34 0.19 -10.66
N GLU A 153 -3.99 -1.03 -10.26
CA GLU A 153 -2.62 -1.40 -9.84
C GLU A 153 -1.56 -1.07 -10.89
N ASP A 154 -1.93 -1.10 -12.17
CA ASP A 154 -1.11 -0.72 -13.31
C ASP A 154 -0.44 0.65 -13.13
N GLU A 155 -1.02 1.58 -12.36
CA GLU A 155 -0.43 2.90 -12.11
C GLU A 155 0.96 2.80 -11.43
N ILE A 156 1.05 2.06 -10.32
CA ILE A 156 2.31 1.80 -9.59
C ILE A 156 3.09 0.66 -10.26
N GLU A 157 2.44 -0.44 -10.65
CA GLU A 157 3.14 -1.55 -11.32
C GLU A 157 3.93 -1.03 -12.54
N SER A 158 3.33 -0.11 -13.31
CA SER A 158 3.99 0.56 -14.44
C SER A 158 5.00 1.63 -13.99
N ASP A 159 4.83 2.33 -12.86
CA ASP A 159 5.86 3.28 -12.38
C ASP A 159 7.26 2.67 -12.36
N LEU A 160 7.32 1.37 -12.06
CA LEU A 160 8.56 0.62 -11.95
C LEU A 160 9.38 0.69 -13.24
N LYS A 161 8.72 0.86 -14.40
CA LYS A 161 9.38 1.03 -15.70
C LYS A 161 10.18 2.32 -15.80
N LYS A 162 9.74 3.40 -15.15
CA LYS A 162 10.42 4.71 -15.11
C LYS A 162 11.49 4.80 -14.02
N ILE A 163 11.42 3.92 -13.02
CA ILE A 163 12.30 3.88 -11.85
C ILE A 163 13.46 2.89 -12.06
N PHE A 164 13.17 1.63 -12.41
CA PHE A 164 14.15 0.58 -12.69
C PHE A 164 14.55 0.51 -14.18
N ASN A 165 13.96 1.37 -15.03
CA ASN A 165 14.23 1.49 -16.47
C ASN A 165 13.87 0.21 -17.27
N LEU A 166 12.72 -0.41 -16.96
CA LEU A 166 12.22 -1.67 -17.56
C LEU A 166 11.74 -1.46 -19.01
N ALA A 167 10.92 -0.40 -19.20
CA ALA A 167 10.17 -0.05 -20.42
C ALA A 167 9.28 -1.18 -21.00
N GLY A 1 -29.73 21.54 10.65
CA GLY A 1 -29.04 20.23 10.57
C GLY A 1 -28.43 19.80 11.89
N SER A 2 -27.59 20.65 12.51
CA SER A 2 -26.93 20.42 13.82
C SER A 2 -26.07 19.15 13.86
N HIS A 3 -24.98 19.17 13.06
CA HIS A 3 -23.99 18.09 12.98
C HIS A 3 -22.79 18.34 13.90
N MET A 4 -22.00 17.30 14.15
CA MET A 4 -20.77 17.34 14.96
C MET A 4 -19.73 16.35 14.43
N GLN A 5 -18.45 16.63 14.69
CA GLN A 5 -17.33 15.75 14.33
C GLN A 5 -17.34 14.48 15.20
N THR A 6 -16.57 13.47 14.79
CA THR A 6 -16.40 12.20 15.53
C THR A 6 -14.93 11.81 15.60
N SER A 7 -14.35 11.40 14.45
CA SER A 7 -13.00 10.85 14.35
C SER A 7 -12.28 11.34 13.09
N PHE A 8 -12.68 10.85 11.91
CA PHE A 8 -12.11 11.25 10.61
C PHE A 8 -13.21 11.39 9.53
N LYS A 9 -13.46 12.63 9.09
CA LYS A 9 -14.39 12.99 7.99
C LYS A 9 -13.78 12.69 6.61
N THR A 10 -14.53 12.94 5.52
CA THR A 10 -14.08 12.76 4.14
C THR A 10 -12.67 13.30 3.93
N GLY A 11 -11.80 12.49 3.35
CA GLY A 11 -10.43 12.88 3.03
C GLY A 11 -9.41 11.75 3.05
N ASP A 12 -9.84 10.56 3.48
CA ASP A 12 -9.05 9.33 3.49
C ASP A 12 -9.90 8.16 3.00
N LYS A 13 -9.25 7.06 2.62
CA LYS A 13 -9.92 5.84 2.17
C LYS A 13 -9.78 4.79 3.26
N ALA A 14 -10.88 4.16 3.66
CA ALA A 14 -10.90 3.20 4.75
C ALA A 14 -11.21 1.80 4.23
N VAL A 15 -10.52 0.78 4.76
CA VAL A 15 -10.59 -0.61 4.30
C VAL A 15 -10.79 -1.54 5.49
N TYR A 16 -11.93 -2.23 5.54
CA TYR A 16 -12.29 -3.18 6.59
C TYR A 16 -12.44 -4.61 6.04
N PRO A 17 -12.47 -5.64 6.90
CA PRO A 17 -12.71 -7.04 6.51
C PRO A 17 -14.18 -7.28 6.11
N GLY A 18 -14.55 -6.91 4.87
CA GLY A 18 -15.87 -7.16 4.29
C GLY A 18 -16.16 -6.39 2.99
N GLN A 19 -15.55 -5.21 2.80
CA GLN A 19 -15.64 -4.42 1.57
C GLN A 19 -14.24 -4.09 1.05
N GLY A 20 -13.52 -3.21 1.75
CA GLY A 20 -12.22 -2.70 1.30
C GLY A 20 -12.26 -1.83 0.03
N VAL A 21 -13.46 -1.46 -0.43
CA VAL A 21 -13.72 -0.69 -1.66
C VAL A 21 -14.72 0.43 -1.37
N GLY A 22 -14.30 1.39 -0.55
CA GLY A 22 -15.09 2.58 -0.21
C GLY A 22 -14.25 3.81 0.09
N GLU A 23 -14.90 4.97 0.14
CA GLU A 23 -14.32 6.27 0.51
C GLU A 23 -15.05 6.81 1.75
N VAL A 24 -14.31 7.25 2.78
CA VAL A 24 -14.89 7.87 3.99
C VAL A 24 -15.70 9.11 3.59
N MET A 25 -16.89 9.27 4.14
CA MET A 25 -17.72 10.46 3.94
C MET A 25 -18.01 11.14 5.27
N GLY A 26 -19.05 10.68 5.96
CA GLY A 26 -19.53 11.25 7.21
C GLY A 26 -19.58 10.21 8.32
N ILE A 27 -20.08 10.63 9.48
CA ILE A 27 -20.31 9.76 10.61
C ILE A 27 -21.77 9.88 11.05
N GLU A 28 -22.48 8.75 11.07
CA GLU A 28 -23.87 8.64 11.56
C GLU A 28 -23.87 8.16 13.01
N HIS A 29 -24.85 8.59 13.80
CA HIS A 29 -25.02 8.20 15.21
C HIS A 29 -26.27 7.33 15.35
N THR A 30 -26.12 6.04 15.63
CA THR A 30 -27.22 5.08 15.83
C THR A 30 -27.38 4.74 17.31
N GLU A 31 -28.29 3.81 17.61
CA GLU A 31 -28.55 3.30 18.96
C GLU A 31 -28.22 1.79 19.03
N VAL A 32 -27.15 1.43 19.75
CA VAL A 32 -26.68 0.04 19.97
C VAL A 32 -26.66 -0.30 21.45
N ALA A 33 -27.09 -1.52 21.82
CA ALA A 33 -27.22 -1.96 23.21
C ALA A 33 -27.99 -0.97 24.14
N GLY A 34 -28.91 -0.17 23.58
CA GLY A 34 -29.65 0.89 24.28
C GLY A 34 -28.90 2.21 24.48
N GLN A 35 -27.74 2.39 23.84
CA GLN A 35 -26.84 3.55 23.98
C GLN A 35 -26.43 4.12 22.61
N ARG A 36 -26.22 5.44 22.52
CA ARG A 36 -25.79 6.09 21.27
C ARG A 36 -24.36 5.68 20.90
N GLN A 37 -24.11 5.42 19.61
CA GLN A 37 -22.79 5.10 19.07
C GLN A 37 -22.61 5.64 17.65
N SER A 38 -21.39 6.06 17.32
CA SER A 38 -21.03 6.57 15.99
C SER A 38 -20.58 5.47 15.02
N PHE A 39 -20.64 5.75 13.72
CA PHE A 39 -20.22 4.82 12.67
C PHE A 39 -19.68 5.52 11.43
N TYR A 40 -18.54 5.05 10.90
CA TYR A 40 -17.96 5.56 9.65
C TYR A 40 -18.87 5.21 8.48
N VAL A 41 -19.41 6.23 7.82
CA VAL A 41 -20.23 6.12 6.61
C VAL A 41 -19.28 5.91 5.45
N LEU A 42 -18.83 4.68 5.28
CA LEU A 42 -17.97 4.30 4.18
C LEU A 42 -18.83 4.16 2.92
N ARG A 43 -18.56 5.00 1.92
CA ARG A 43 -19.31 5.08 0.66
C ARG A 43 -18.64 4.21 -0.39
N ILE A 44 -19.25 3.08 -0.71
CA ILE A 44 -18.70 2.05 -1.58
C ILE A 44 -18.61 2.55 -3.03
N LEU A 45 -17.40 2.69 -3.55
CA LEU A 45 -17.13 3.16 -4.92
C LEU A 45 -17.54 2.14 -6.01
N GLU A 46 -17.75 0.87 -5.64
CA GLU A 46 -18.14 -0.24 -6.52
C GLU A 46 -19.49 0.03 -7.21
N ASN A 47 -20.56 0.19 -6.43
CA ASN A 47 -21.93 0.48 -6.86
C ASN A 47 -22.61 1.69 -6.20
N GLY A 48 -22.10 2.18 -5.06
CA GLY A 48 -22.70 3.28 -4.28
C GLY A 48 -23.39 2.85 -2.97
N MET A 49 -23.13 1.63 -2.46
CA MET A 49 -23.64 1.14 -1.17
C MET A 49 -23.12 1.99 0.02
N ARG A 50 -23.73 1.80 1.19
CA ARG A 50 -23.44 2.49 2.43
C ARG A 50 -23.23 1.50 3.57
N ILE A 51 -21.97 1.36 4.00
CA ILE A 51 -21.59 0.51 5.13
C ILE A 51 -21.32 1.41 6.34
N MET A 52 -21.80 0.98 7.50
CA MET A 52 -21.68 1.65 8.80
C MET A 52 -20.71 0.89 9.69
N ILE A 53 -19.44 1.30 9.73
CA ILE A 53 -18.40 0.67 10.57
C ILE A 53 -18.39 1.29 11.97
N PRO A 54 -18.43 0.50 13.07
CA PRO A 54 -18.40 1.02 14.44
C PRO A 54 -17.05 1.65 14.80
N ILE A 55 -17.00 2.95 15.14
CA ILE A 55 -15.73 3.60 15.53
C ILE A 55 -15.15 3.12 16.88
N ASN A 56 -15.91 2.31 17.63
CA ASN A 56 -15.64 1.87 19.00
C ASN A 56 -15.30 0.37 19.05
N LYS A 57 -16.14 -0.49 18.45
CA LYS A 57 -15.94 -1.95 18.36
C LYS A 57 -14.64 -2.32 17.62
N VAL A 58 -14.16 -1.43 16.74
CA VAL A 58 -12.89 -1.54 16.01
C VAL A 58 -11.65 -1.48 16.93
N GLY A 59 -11.84 -1.11 18.21
CA GLY A 59 -10.81 -1.02 19.24
C GLY A 59 -9.80 0.09 18.95
N SER A 60 -8.61 -0.29 18.44
CA SER A 60 -7.55 0.67 18.14
C SER A 60 -7.85 1.48 16.87
N VAL A 61 -8.12 0.78 15.74
CA VAL A 61 -8.52 1.37 14.46
C VAL A 61 -9.54 0.55 13.66
N GLY A 62 -9.37 -0.79 13.63
CA GLY A 62 -10.09 -1.78 12.81
C GLY A 62 -9.96 -1.64 11.29
N LEU A 63 -10.16 -0.43 10.77
CA LEU A 63 -10.11 -0.10 9.34
C LEU A 63 -8.69 0.29 8.98
N ARG A 64 -8.02 -0.53 8.18
CA ARG A 64 -6.62 -0.30 7.84
C ARG A 64 -6.59 0.45 6.52
N GLU A 65 -6.49 1.78 6.60
CA GLU A 65 -6.48 2.64 5.40
C GLU A 65 -5.29 2.27 4.49
N ILE A 66 -5.50 2.40 3.18
CA ILE A 66 -4.46 2.14 2.17
C ILE A 66 -3.67 3.40 1.84
N ILE A 67 -2.57 3.22 1.10
CA ILE A 67 -1.76 4.34 0.62
C ILE A 67 -2.40 5.02 -0.60
N SER A 68 -2.15 6.32 -0.73
CA SER A 68 -2.66 7.17 -1.83
C SER A 68 -1.53 7.57 -2.78
N GLU A 69 -1.85 8.29 -3.87
CA GLU A 69 -0.86 8.83 -4.83
C GLU A 69 0.26 9.64 -4.12
N GLU A 70 -0.04 10.30 -3.00
CA GLU A 70 0.96 11.02 -2.19
C GLU A 70 2.13 10.12 -1.76
N ASP A 71 1.84 8.96 -1.20
CA ASP A 71 2.84 7.97 -0.79
C ASP A 71 3.57 7.40 -2.01
N VAL A 72 2.87 7.14 -3.13
CA VAL A 72 3.49 6.67 -4.40
C VAL A 72 4.68 7.56 -4.79
N LYS A 73 4.52 8.88 -4.78
CA LYS A 73 5.61 9.85 -5.06
C LYS A 73 6.79 9.71 -4.11
N GLN A 74 6.54 9.59 -2.80
CA GLN A 74 7.58 9.38 -1.79
C GLN A 74 8.33 8.07 -2.05
N VAL A 75 7.61 6.96 -2.25
CA VAL A 75 8.16 5.62 -2.52
C VAL A 75 9.18 5.66 -3.65
N TYR A 76 8.82 6.21 -4.81
CA TYR A 76 9.72 6.36 -5.94
C TYR A 76 11.03 7.04 -5.53
N SER A 77 10.97 8.12 -4.73
CA SER A 77 12.14 8.84 -4.18
C SER A 77 13.09 7.95 -3.36
N ILE A 78 12.57 6.91 -2.69
CA ILE A 78 13.33 5.94 -1.88
C ILE A 78 14.18 5.03 -2.77
N LEU A 79 13.70 4.72 -3.97
CA LEU A 79 14.37 3.85 -4.94
C LEU A 79 15.09 4.63 -6.06
N LYS A 80 14.79 5.92 -6.21
CA LYS A 80 15.35 6.86 -7.21
C LYS A 80 16.88 6.98 -7.14
N GLU A 81 17.46 6.62 -6.00
CA GLU A 81 18.89 6.55 -5.76
C GLU A 81 19.49 5.21 -6.22
N LYS A 82 20.29 5.24 -7.30
CA LYS A 82 21.02 4.06 -7.80
C LYS A 82 22.31 3.73 -7.02
N ASP A 83 22.57 4.42 -5.91
CA ASP A 83 23.75 4.27 -5.05
C ASP A 83 23.55 3.27 -3.89
N ILE A 84 22.39 2.60 -3.85
CA ILE A 84 21.99 1.64 -2.82
C ILE A 84 22.54 0.22 -3.04
N SER A 85 23.14 -0.05 -4.21
CA SER A 85 23.57 -1.38 -4.69
C SER A 85 24.37 -2.16 -3.63
N VAL A 86 23.75 -3.19 -3.05
CA VAL A 86 24.35 -4.01 -1.99
C VAL A 86 25.43 -4.93 -2.59
N ASP A 87 26.54 -5.10 -1.86
CA ASP A 87 27.65 -5.99 -2.24
C ASP A 87 27.19 -7.45 -2.33
N SER A 88 27.72 -8.23 -3.28
CA SER A 88 27.37 -9.66 -3.47
C SER A 88 27.61 -10.53 -2.22
N THR A 89 28.59 -10.19 -1.38
CA THR A 89 28.85 -10.88 -0.09
C THR A 89 27.82 -10.50 0.97
N THR A 90 27.46 -9.22 1.04
CA THR A 90 26.42 -8.71 1.96
C THR A 90 25.00 -9.05 1.48
N TRP A 91 24.82 -9.39 0.22
CA TRP A 91 23.52 -9.68 -0.38
C TRP A 91 22.74 -10.76 0.38
N ASN A 92 23.31 -11.95 0.56
CA ASN A 92 22.70 -13.04 1.33
C ASN A 92 22.23 -12.60 2.73
N ARG A 93 22.93 -11.64 3.34
CA ARG A 93 22.59 -11.01 4.63
C ARG A 93 21.38 -10.08 4.49
N ARG A 94 21.40 -9.20 3.47
CA ARG A 94 20.27 -8.29 3.12
C ARG A 94 19.01 -9.07 2.75
N TYR A 95 19.15 -10.30 2.24
CA TYR A 95 18.02 -11.17 1.93
C TYR A 95 17.12 -11.35 3.16
N ARG A 96 17.72 -11.62 4.33
CA ARG A 96 17.03 -11.91 5.61
C ARG A 96 16.12 -10.77 6.05
N GLU A 97 16.65 -9.56 6.14
CA GLU A 97 15.87 -8.35 6.45
C GLU A 97 14.77 -8.16 5.42
N TYR A 98 15.10 -8.13 4.13
CA TYR A 98 14.12 -7.98 3.05
C TYR A 98 13.03 -9.03 3.04
N MET A 99 13.32 -10.26 3.46
CA MET A 99 12.35 -11.36 3.61
C MET A 99 11.19 -10.98 4.53
N GLU A 100 11.47 -10.24 5.61
CA GLU A 100 10.45 -9.72 6.54
C GLU A 100 9.57 -8.63 5.88
N LYS A 101 10.14 -7.76 5.04
CA LYS A 101 9.43 -6.67 4.35
C LYS A 101 8.34 -7.22 3.43
N ILE A 102 8.54 -8.42 2.90
CA ILE A 102 7.56 -9.14 2.05
C ILE A 102 6.33 -9.60 2.87
N LYS A 103 6.53 -9.96 4.15
CA LYS A 103 5.45 -10.39 5.07
C LYS A 103 4.43 -9.26 5.28
N THR A 104 4.92 -8.04 5.46
CA THR A 104 4.08 -6.84 5.68
C THR A 104 3.54 -6.33 4.35
N GLY A 105 4.35 -6.46 3.30
CA GLY A 105 4.17 -5.87 1.99
C GLY A 105 3.95 -4.36 2.01
N SER A 106 4.49 -3.67 3.01
CA SER A 106 4.46 -2.20 3.12
C SER A 106 4.97 -1.57 1.83
N VAL A 107 4.23 -0.60 1.28
CA VAL A 107 4.59 0.06 0.02
C VAL A 107 6.04 0.58 0.01
N PHE A 108 6.43 1.28 1.08
CA PHE A 108 7.76 1.85 1.28
C PHE A 108 8.85 0.79 1.45
N GLU A 109 8.48 -0.38 1.92
CA GLU A 109 9.33 -1.55 2.16
C GLU A 109 9.52 -2.37 0.88
N ILE A 110 8.45 -2.85 0.25
CA ILE A 110 8.46 -3.65 -0.98
C ILE A 110 9.26 -2.99 -2.09
N ALA A 111 8.99 -1.70 -2.30
CA ALA A 111 9.72 -0.91 -3.28
C ALA A 111 11.22 -0.91 -2.95
N GLU A 112 11.63 -0.77 -1.68
CA GLU A 112 13.04 -0.87 -1.29
C GLU A 112 13.61 -2.28 -1.48
N VAL A 113 12.81 -3.31 -1.21
CA VAL A 113 13.23 -4.71 -1.32
C VAL A 113 13.57 -5.02 -2.76
N LEU A 114 12.59 -4.90 -3.66
CA LEU A 114 12.76 -5.25 -5.06
C LEU A 114 13.90 -4.43 -5.69
N ARG A 115 13.97 -3.13 -5.35
CA ARG A 115 15.00 -2.18 -5.78
C ARG A 115 16.39 -2.73 -5.52
N ASP A 116 16.59 -3.21 -4.30
CA ASP A 116 17.87 -3.77 -3.91
C ASP A 116 18.28 -4.91 -4.84
N LEU A 117 17.39 -5.89 -5.05
CA LEU A 117 17.63 -7.01 -5.97
C LEU A 117 17.84 -6.54 -7.43
N TYR A 118 17.08 -5.55 -7.87
CA TYR A 118 17.18 -4.94 -9.19
C TYR A 118 18.57 -4.33 -9.44
N LEU A 119 19.05 -3.51 -8.52
CA LEU A 119 20.39 -2.91 -8.61
C LEU A 119 21.53 -3.92 -8.38
N LEU A 120 21.29 -4.96 -7.57
CA LEU A 120 22.22 -6.08 -7.31
C LEU A 120 22.67 -6.77 -8.61
N LYS A 121 21.82 -6.79 -9.64
CA LYS A 121 22.12 -7.32 -10.99
C LYS A 121 22.22 -6.23 -12.07
N GLY A 122 21.79 -5.01 -11.79
CA GLY A 122 21.76 -3.87 -12.71
C GLY A 122 20.53 -3.88 -13.62
N ASP A 123 20.27 -4.99 -14.31
CA ASP A 123 19.11 -5.22 -15.18
C ASP A 123 17.87 -5.78 -14.43
N LYS A 124 16.77 -6.04 -15.16
CA LYS A 124 15.50 -6.61 -14.63
C LYS A 124 15.51 -8.13 -14.51
N ASP A 125 16.23 -8.81 -15.39
CA ASP A 125 16.31 -10.27 -15.43
C ASP A 125 17.35 -10.79 -14.42
N LEU A 126 16.94 -10.84 -13.15
CA LEU A 126 17.78 -11.22 -12.02
C LEU A 126 18.16 -12.73 -12.05
N SER A 127 19.03 -13.16 -11.13
CA SER A 127 19.40 -14.59 -10.97
C SER A 127 18.22 -15.42 -10.42
N PHE A 128 18.33 -16.75 -10.37
CA PHE A 128 17.26 -17.62 -9.86
C PHE A 128 16.81 -17.27 -8.42
N GLY A 129 17.75 -17.14 -7.49
CA GLY A 129 17.46 -16.86 -6.07
C GLY A 129 16.98 -15.44 -5.83
N GLU A 130 17.45 -14.49 -6.64
CA GLU A 130 17.02 -13.10 -6.62
C GLU A 130 15.59 -12.97 -7.20
N ARG A 131 15.34 -13.53 -8.38
CA ARG A 131 14.02 -13.59 -9.02
C ARG A 131 12.96 -14.19 -8.11
N LYS A 132 13.30 -15.16 -7.24
CA LYS A 132 12.37 -15.73 -6.25
C LYS A 132 11.79 -14.69 -5.29
N MET A 133 12.63 -13.84 -4.69
CA MET A 133 12.14 -12.77 -3.82
C MET A 133 11.48 -11.66 -4.64
N LEU A 134 12.14 -11.25 -5.74
CA LEU A 134 11.66 -10.20 -6.64
C LEU A 134 10.26 -10.51 -7.20
N ASP A 135 9.97 -11.74 -7.63
CA ASP A 135 8.67 -12.15 -8.15
C ASP A 135 7.54 -11.86 -7.15
N THR A 136 7.77 -12.15 -5.86
CA THR A 136 6.80 -11.86 -4.79
C THR A 136 6.71 -10.34 -4.52
N ALA A 137 7.86 -9.66 -4.41
CA ALA A 137 7.92 -8.22 -4.19
C ALA A 137 7.31 -7.40 -5.35
N ARG A 138 7.59 -7.72 -6.61
CA ARG A 138 7.02 -7.12 -7.83
C ARG A 138 5.50 -7.17 -7.81
N SER A 139 4.93 -8.33 -7.49
CA SER A 139 3.48 -8.53 -7.36
C SER A 139 2.83 -7.60 -6.35
N LEU A 140 3.60 -7.08 -5.38
CA LEU A 140 3.18 -6.09 -4.39
C LEU A 140 3.53 -4.64 -4.81
N LEU A 141 4.63 -4.43 -5.52
CA LEU A 141 5.10 -3.12 -6.00
C LEU A 141 3.99 -2.41 -6.78
N ILE A 142 3.50 -3.07 -7.84
CA ILE A 142 2.45 -2.53 -8.71
C ILE A 142 1.08 -2.52 -8.05
N LYS A 143 0.92 -3.23 -6.93
CA LYS A 143 -0.31 -3.45 -6.16
C LYS A 143 -0.60 -2.25 -5.26
N GLU A 144 0.43 -1.76 -4.58
CA GLU A 144 0.36 -0.56 -3.76
C GLU A 144 0.46 0.68 -4.66
N LEU A 145 1.48 0.76 -5.53
CA LEU A 145 1.67 1.87 -6.46
C LEU A 145 0.59 1.94 -7.55
N SER A 146 -0.28 0.92 -7.66
CA SER A 146 -1.42 0.81 -8.58
C SER A 146 -2.25 2.09 -8.69
N LEU A 147 -2.30 2.88 -7.61
CA LEU A 147 -2.99 4.16 -7.51
C LEU A 147 -2.58 5.14 -8.63
N ALA A 148 -1.29 5.48 -8.71
CA ALA A 148 -0.75 6.36 -9.75
C ALA A 148 -0.76 5.71 -11.15
N LYS A 149 -0.84 4.37 -11.21
CA LYS A 149 -0.99 3.57 -12.43
C LYS A 149 -2.37 3.75 -13.07
N ASP A 150 -3.43 3.32 -12.37
CA ASP A 150 -4.82 3.20 -12.84
C ASP A 150 -4.98 2.56 -14.24
N CYS A 151 -4.04 1.69 -14.64
CA CYS A 151 -3.82 1.14 -15.98
C CYS A 151 -3.20 -0.28 -15.93
N SER A 152 -2.64 -0.77 -17.03
CA SER A 152 -1.91 -2.05 -17.13
C SER A 152 -0.67 -2.08 -16.21
N GLU A 153 -0.26 -3.27 -15.71
CA GLU A 153 0.93 -3.44 -14.85
C GLU A 153 2.19 -2.80 -15.42
N ASP A 154 2.31 -2.76 -16.76
CA ASP A 154 3.40 -2.10 -17.48
C ASP A 154 3.63 -0.65 -17.04
N GLU A 155 2.61 0.06 -16.52
CA GLU A 155 2.77 1.40 -15.98
C GLU A 155 3.84 1.44 -14.88
N ILE A 156 3.66 0.65 -13.81
CA ILE A 156 4.61 0.54 -12.69
C ILE A 156 5.81 -0.36 -13.05
N GLU A 157 5.58 -1.50 -13.70
CA GLU A 157 6.65 -2.45 -14.07
C GLU A 157 7.69 -1.79 -14.99
N SER A 158 7.25 -1.04 -16.00
CA SER A 158 8.13 -0.28 -16.89
C SER A 158 8.66 0.96 -16.19
N ASP A 159 7.89 1.62 -15.31
CA ASP A 159 8.40 2.77 -14.54
C ASP A 159 9.68 2.42 -13.77
N LEU A 160 9.91 1.14 -13.39
CA LEU A 160 11.15 0.71 -12.75
C LEU A 160 12.39 1.09 -13.57
N LYS A 161 12.27 1.21 -14.90
CA LYS A 161 13.34 1.65 -15.81
C LYS A 161 13.82 3.07 -15.55
N LYS A 162 12.96 3.97 -15.05
CA LYS A 162 13.31 5.35 -14.67
C LYS A 162 13.87 5.45 -13.25
N ILE A 163 13.65 4.41 -12.43
CA ILE A 163 14.01 4.37 -11.02
C ILE A 163 15.36 3.70 -10.81
N PHE A 164 15.52 2.47 -11.33
CA PHE A 164 16.75 1.66 -11.25
C PHE A 164 17.67 1.88 -12.49
N ASN A 165 17.25 2.73 -13.42
CA ASN A 165 17.94 3.09 -14.67
C ASN A 165 18.21 1.88 -15.62
N LEU A 166 17.19 1.03 -15.77
CA LEU A 166 17.23 -0.22 -16.56
C LEU A 166 17.34 0.03 -18.08
N ALA A 167 16.58 1.03 -18.57
CA ALA A 167 16.40 1.38 -19.98
C ALA A 167 16.07 0.15 -20.87
N GLY A 1 -14.01 28.93 11.82
CA GLY A 1 -14.57 27.98 12.81
C GLY A 1 -15.03 26.71 12.13
N SER A 2 -14.47 25.56 12.51
CA SER A 2 -14.85 24.22 12.03
C SER A 2 -14.83 23.19 13.16
N HIS A 3 -15.63 22.12 13.05
CA HIS A 3 -15.66 20.98 13.99
C HIS A 3 -16.04 19.68 13.27
N MET A 4 -15.64 18.54 13.83
CA MET A 4 -16.02 17.21 13.31
C MET A 4 -17.50 16.92 13.58
N GLN A 5 -18.13 16.14 12.70
CA GLN A 5 -19.53 15.68 12.87
C GLN A 5 -19.62 14.42 13.75
N THR A 6 -18.56 13.61 13.81
CA THR A 6 -18.48 12.35 14.58
C THR A 6 -17.04 12.05 15.03
N SER A 7 -16.14 11.83 14.06
CA SER A 7 -14.75 11.40 14.26
C SER A 7 -13.82 11.91 13.16
N PHE A 8 -14.00 11.45 11.91
CA PHE A 8 -13.19 11.84 10.74
C PHE A 8 -14.01 11.82 9.44
N LYS A 9 -14.24 13.00 8.83
CA LYS A 9 -14.93 13.16 7.53
C LYS A 9 -14.09 12.66 6.33
N THR A 10 -14.66 12.72 5.12
CA THR A 10 -13.97 12.36 3.86
C THR A 10 -12.58 12.97 3.76
N GLY A 11 -11.60 12.13 3.43
CA GLY A 11 -10.20 12.52 3.25
C GLY A 11 -9.18 11.45 3.62
N ASP A 12 -9.66 10.33 4.16
CA ASP A 12 -8.88 9.22 4.69
C ASP A 12 -9.40 7.88 4.14
N LYS A 13 -8.53 6.86 4.08
CA LYS A 13 -8.91 5.50 3.68
C LYS A 13 -8.62 4.51 4.82
N ALA A 14 -9.62 3.69 5.13
CA ALA A 14 -9.57 2.63 6.15
C ALA A 14 -9.56 1.23 5.50
N VAL A 15 -8.93 0.28 6.19
CA VAL A 15 -8.68 -1.09 5.73
C VAL A 15 -8.98 -2.10 6.83
N TYR A 16 -10.14 -2.74 6.75
CA TYR A 16 -10.54 -3.77 7.70
C TYR A 16 -9.90 -5.15 7.38
N PRO A 17 -9.93 -6.12 8.32
CA PRO A 17 -9.39 -7.48 8.14
C PRO A 17 -10.26 -8.32 7.20
N GLY A 18 -10.01 -8.20 5.89
CA GLY A 18 -10.68 -8.95 4.84
C GLY A 18 -10.54 -8.32 3.46
N GLN A 19 -10.73 -7.00 3.35
CA GLN A 19 -10.67 -6.26 2.09
C GLN A 19 -9.93 -4.91 2.22
N GLY A 20 -10.64 -3.87 2.71
CA GLY A 20 -10.16 -2.49 2.78
C GLY A 20 -10.28 -1.66 1.49
N VAL A 21 -10.92 -2.20 0.44
CA VAL A 21 -11.19 -1.48 -0.81
C VAL A 21 -12.30 -0.44 -0.62
N GLY A 22 -12.02 0.67 0.06
CA GLY A 22 -13.00 1.73 0.32
C GLY A 22 -12.37 3.05 0.72
N GLU A 23 -13.14 4.13 0.59
CA GLU A 23 -12.79 5.50 0.99
C GLU A 23 -13.88 6.11 1.88
N VAL A 24 -13.49 6.73 3.00
CA VAL A 24 -14.39 7.43 3.91
C VAL A 24 -15.14 8.51 3.14
N MET A 25 -16.47 8.45 3.11
CA MET A 25 -17.35 9.41 2.43
C MET A 25 -18.25 10.20 3.41
N GLY A 26 -17.93 10.13 4.70
CA GLY A 26 -18.65 10.76 5.81
C GLY A 26 -19.04 9.76 6.88
N ILE A 27 -20.00 10.16 7.74
CA ILE A 27 -20.58 9.32 8.78
C ILE A 27 -22.12 9.34 8.68
N GLU A 28 -22.74 8.17 8.90
CA GLU A 28 -24.19 7.95 8.96
C GLU A 28 -24.60 7.71 10.42
N HIS A 29 -25.75 8.25 10.81
CA HIS A 29 -26.32 8.10 12.15
C HIS A 29 -27.54 7.19 12.09
N THR A 30 -27.46 6.00 12.70
CA THR A 30 -28.56 5.02 12.76
C THR A 30 -29.08 4.86 14.20
N GLU A 31 -29.98 3.92 14.39
CA GLU A 31 -30.53 3.53 15.68
C GLU A 31 -30.28 2.03 15.95
N VAL A 32 -29.70 1.71 17.11
CA VAL A 32 -29.42 0.36 17.61
C VAL A 32 -29.84 0.24 19.08
N ALA A 33 -30.57 -0.83 19.44
CA ALA A 33 -31.06 -1.08 20.81
C ALA A 33 -31.80 0.12 21.46
N GLY A 34 -32.56 0.89 20.66
CA GLY A 34 -33.27 2.09 21.11
C GLY A 34 -32.38 3.30 21.38
N GLN A 35 -31.13 3.29 20.88
CA GLN A 35 -30.09 4.27 21.12
C GLN A 35 -29.43 4.73 19.80
N ARG A 36 -28.94 5.97 19.77
CA ARG A 36 -28.20 6.54 18.64
C ARG A 36 -26.78 5.97 18.55
N GLN A 37 -26.33 5.73 17.32
CA GLN A 37 -24.97 5.27 17.02
C GLN A 37 -24.55 5.76 15.63
N SER A 38 -23.27 6.11 15.49
CA SER A 38 -22.68 6.51 14.22
C SER A 38 -21.95 5.35 13.52
N PHE A 39 -21.73 5.50 12.22
CA PHE A 39 -21.02 4.53 11.40
C PHE A 39 -20.25 5.22 10.27
N TYR A 40 -18.96 4.92 10.12
CA TYR A 40 -18.14 5.44 9.01
C TYR A 40 -18.76 4.97 7.69
N VAL A 41 -19.18 5.92 6.86
CA VAL A 41 -19.74 5.72 5.53
C VAL A 41 -18.58 5.37 4.60
N LEU A 42 -18.11 4.13 4.67
CA LEU A 42 -17.03 3.69 3.81
C LEU A 42 -17.63 3.31 2.45
N ARG A 43 -17.21 4.02 1.40
CA ARG A 43 -17.67 3.81 0.04
C ARG A 43 -16.65 2.99 -0.72
N ILE A 44 -17.04 1.77 -1.10
CA ILE A 44 -16.19 0.81 -1.79
C ILE A 44 -15.82 1.30 -3.19
N LEU A 45 -14.52 1.46 -3.46
CA LEU A 45 -13.99 1.90 -4.76
C LEU A 45 -14.10 0.86 -5.89
N GLU A 46 -14.26 -0.43 -5.54
CA GLU A 46 -14.36 -1.56 -6.47
C GLU A 46 -15.54 -1.38 -7.44
N ASN A 47 -16.76 -1.29 -6.89
CA ASN A 47 -18.03 -1.13 -7.61
C ASN A 47 -18.91 0.06 -7.14
N GLY A 48 -18.71 0.57 -5.92
CA GLY A 48 -19.53 1.64 -5.32
C GLY A 48 -20.42 1.21 -4.13
N MET A 49 -20.19 0.03 -3.55
CA MET A 49 -20.90 -0.50 -2.37
C MET A 49 -20.76 0.42 -1.14
N ARG A 50 -21.60 0.19 -0.13
CA ARG A 50 -21.71 1.01 1.08
C ARG A 50 -21.50 0.14 2.32
N ILE A 51 -20.34 0.27 2.96
CA ILE A 51 -20.00 -0.41 4.22
C ILE A 51 -20.21 0.59 5.37
N MET A 52 -20.96 0.18 6.40
CA MET A 52 -21.23 0.97 7.62
C MET A 52 -20.40 0.42 8.78
N ILE A 53 -19.20 0.95 8.98
CA ILE A 53 -18.30 0.52 10.06
C ILE A 53 -18.70 1.21 11.38
N PRO A 54 -18.97 0.48 12.47
CA PRO A 54 -19.34 1.07 13.76
C PRO A 54 -18.17 1.85 14.39
N ILE A 55 -18.29 3.16 14.62
CA ILE A 55 -17.22 3.94 15.26
C ILE A 55 -17.01 3.59 16.77
N ASN A 56 -17.94 2.84 17.37
CA ASN A 56 -18.06 2.59 18.80
C ASN A 56 -17.46 1.22 19.17
N LYS A 57 -17.88 0.16 18.45
CA LYS A 57 -17.38 -1.22 18.59
C LYS A 57 -15.87 -1.33 18.29
N VAL A 58 -15.36 -0.42 17.45
CA VAL A 58 -13.95 -0.29 17.06
C VAL A 58 -13.12 0.57 18.03
N GLY A 59 -13.76 1.18 19.03
CA GLY A 59 -13.16 2.06 20.04
C GLY A 59 -12.46 3.28 19.43
N SER A 60 -11.13 3.24 19.33
CA SER A 60 -10.31 4.29 18.72
C SER A 60 -10.36 4.26 17.19
N VAL A 61 -10.05 3.11 16.58
CA VAL A 61 -10.08 2.86 15.12
C VAL A 61 -10.54 1.46 14.71
N GLY A 62 -10.08 0.42 15.41
CA GLY A 62 -10.28 -1.04 15.21
C GLY A 62 -9.75 -1.61 13.88
N LEU A 63 -10.07 -0.95 12.77
CA LEU A 63 -9.64 -1.23 11.40
C LEU A 63 -8.24 -0.63 11.20
N ARG A 64 -7.50 -1.20 10.24
CA ARG A 64 -6.19 -0.71 9.81
C ARG A 64 -6.34 0.45 8.82
N GLU A 65 -5.22 0.97 8.35
CA GLU A 65 -5.14 2.04 7.35
C GLU A 65 -4.07 1.71 6.30
N ILE A 66 -4.06 2.46 5.19
CA ILE A 66 -3.05 2.36 4.12
C ILE A 66 -2.36 3.72 3.89
N ILE A 67 -1.26 3.68 3.13
CA ILE A 67 -0.53 4.87 2.71
C ILE A 67 -1.27 5.65 1.61
N SER A 68 -1.00 6.95 1.53
CA SER A 68 -1.59 7.85 0.52
C SER A 68 -0.56 8.23 -0.56
N GLU A 69 -0.99 8.98 -1.58
CA GLU A 69 -0.11 9.49 -2.65
C GLU A 69 1.13 10.24 -2.10
N GLU A 70 1.02 10.87 -0.93
CA GLU A 70 2.16 11.52 -0.25
C GLU A 70 3.33 10.57 -0.03
N ASP A 71 3.07 9.41 0.57
CA ASP A 71 4.07 8.38 0.78
C ASP A 71 4.59 7.85 -0.56
N VAL A 72 3.72 7.58 -1.55
CA VAL A 72 4.10 7.12 -2.90
C VAL A 72 5.21 7.98 -3.50
N LYS A 73 5.04 9.31 -3.49
CA LYS A 73 6.05 10.27 -3.99
C LYS A 73 7.40 10.12 -3.29
N GLN A 74 7.40 9.95 -1.96
CA GLN A 74 8.61 9.68 -1.18
C GLN A 74 9.25 8.34 -1.56
N VAL A 75 8.47 7.27 -1.60
CA VAL A 75 8.93 5.91 -1.95
C VAL A 75 9.74 5.90 -3.23
N TYR A 76 9.20 6.48 -4.31
CA TYR A 76 9.91 6.61 -5.59
C TYR A 76 11.30 7.21 -5.41
N SER A 77 11.42 8.31 -4.64
CA SER A 77 12.69 8.96 -4.29
C SER A 77 13.71 8.03 -3.58
N ILE A 78 13.26 7.01 -2.85
CA ILE A 78 14.12 6.02 -2.16
C ILE A 78 14.78 5.06 -3.18
N LEU A 79 14.08 4.77 -4.28
CA LEU A 79 14.54 3.87 -5.34
C LEU A 79 15.08 4.59 -6.58
N LYS A 80 14.83 5.90 -6.72
CA LYS A 80 15.27 6.79 -7.81
C LYS A 80 16.79 6.83 -7.99
N GLU A 81 17.53 6.43 -6.95
CA GLU A 81 18.98 6.31 -6.95
C GLU A 81 19.43 4.93 -7.46
N LYS A 82 20.03 4.90 -8.67
CA LYS A 82 20.62 3.69 -9.26
C LYS A 82 22.01 3.31 -8.70
N ASP A 83 22.50 4.04 -7.70
CA ASP A 83 23.81 3.83 -7.05
C ASP A 83 23.75 2.88 -5.84
N ILE A 84 22.59 2.27 -5.59
CA ILE A 84 22.33 1.34 -4.46
C ILE A 84 22.77 -0.10 -4.76
N SER A 85 23.16 -0.41 -6.01
CA SER A 85 23.51 -1.74 -6.54
C SER A 85 24.41 -2.55 -5.59
N VAL A 86 23.82 -3.52 -4.88
CA VAL A 86 24.54 -4.37 -3.91
C VAL A 86 25.47 -5.34 -4.65
N ASP A 87 26.67 -5.53 -4.12
CA ASP A 87 27.67 -6.48 -4.65
C ASP A 87 27.14 -7.93 -4.64
N SER A 88 27.46 -8.72 -5.66
CA SER A 88 26.98 -10.12 -5.78
C SER A 88 27.46 -11.03 -4.62
N THR A 89 28.59 -10.69 -3.98
CA THR A 89 29.12 -11.37 -2.79
C THR A 89 28.24 -11.11 -1.57
N THR A 90 27.92 -9.84 -1.31
CA THR A 90 27.03 -9.42 -0.22
C THR A 90 25.58 -9.76 -0.48
N TRP A 91 25.16 -9.93 -1.74
CA TRP A 91 23.79 -10.22 -2.14
C TRP A 91 23.15 -11.35 -1.31
N ASN A 92 23.83 -12.48 -1.15
CA ASN A 92 23.39 -13.59 -0.32
C ASN A 92 22.97 -13.17 1.10
N ARG A 93 23.76 -12.30 1.75
CA ARG A 93 23.47 -11.71 3.07
C ARG A 93 22.33 -10.69 2.98
N ARG A 94 22.35 -9.84 1.95
CA ARG A 94 21.28 -8.86 1.67
C ARG A 94 19.90 -9.52 1.47
N TYR A 95 19.87 -10.77 1.00
CA TYR A 95 18.64 -11.54 0.86
C TYR A 95 17.92 -11.66 2.20
N ARG A 96 18.65 -12.03 3.27
CA ARG A 96 18.13 -12.27 4.63
C ARG A 96 17.45 -11.03 5.23
N GLU A 97 18.13 -9.88 5.21
CA GLU A 97 17.54 -8.61 5.65
C GLU A 97 16.27 -8.30 4.84
N TYR A 98 16.34 -8.31 3.51
CA TYR A 98 15.19 -8.05 2.64
C TYR A 98 14.04 -9.04 2.84
N MET A 99 14.32 -10.30 3.19
CA MET A 99 13.33 -11.33 3.51
C MET A 99 12.38 -10.87 4.64
N GLU A 100 12.91 -10.17 5.65
CA GLU A 100 12.14 -9.59 6.75
C GLU A 100 11.22 -8.45 6.28
N LYS A 101 11.66 -7.62 5.33
CA LYS A 101 10.89 -6.50 4.78
C LYS A 101 9.62 -6.98 4.08
N ILE A 102 9.65 -8.19 3.49
CA ILE A 102 8.50 -8.83 2.85
C ILE A 102 7.42 -9.23 3.88
N LYS A 103 7.83 -9.64 5.09
CA LYS A 103 6.91 -10.02 6.19
C LYS A 103 5.98 -8.86 6.56
N THR A 104 6.54 -7.65 6.64
CA THR A 104 5.81 -6.42 7.00
C THR A 104 5.08 -5.87 5.77
N GLY A 105 5.69 -6.03 4.61
CA GLY A 105 5.31 -5.42 3.34
C GLY A 105 5.19 -3.89 3.41
N SER A 106 5.93 -3.25 4.32
CA SER A 106 6.01 -1.80 4.45
C SER A 106 6.30 -1.17 3.08
N VAL A 107 5.52 -0.18 2.67
CA VAL A 107 5.66 0.47 1.35
C VAL A 107 7.11 0.94 1.07
N PHE A 108 7.71 1.62 2.06
CA PHE A 108 9.08 2.15 2.01
C PHE A 108 10.14 1.04 2.01
N GLU A 109 9.80 -0.13 2.55
CA GLU A 109 10.63 -1.33 2.61
C GLU A 109 10.56 -2.15 1.32
N ILE A 110 9.37 -2.59 0.90
CA ILE A 110 9.13 -3.38 -0.32
C ILE A 110 9.76 -2.75 -1.55
N ALA A 111 9.51 -1.46 -1.73
CA ALA A 111 10.08 -0.73 -2.83
C ALA A 111 11.62 -0.77 -2.77
N GLU A 112 12.23 -0.66 -1.59
CA GLU A 112 13.69 -0.80 -1.44
C GLU A 112 14.17 -2.24 -1.71
N VAL A 113 13.38 -3.23 -1.29
CA VAL A 113 13.72 -4.65 -1.47
C VAL A 113 13.80 -4.97 -2.95
N LEU A 114 12.69 -4.81 -3.67
CA LEU A 114 12.62 -5.18 -5.08
C LEU A 114 13.66 -4.42 -5.92
N ARG A 115 13.86 -3.12 -5.60
CA ARG A 115 14.83 -2.20 -6.21
C ARG A 115 16.19 -2.82 -6.21
N ASP A 116 16.60 -3.33 -5.05
CA ASP A 116 17.88 -3.97 -4.90
C ASP A 116 18.07 -5.13 -5.87
N LEU A 117 17.11 -6.07 -5.94
CA LEU A 117 17.16 -7.20 -6.88
C LEU A 117 17.12 -6.73 -8.35
N TYR A 118 16.33 -5.69 -8.65
CA TYR A 118 16.23 -5.07 -9.97
C TYR A 118 17.58 -4.55 -10.47
N LEU A 119 18.28 -3.78 -9.65
CA LEU A 119 19.62 -3.27 -9.97
C LEU A 119 20.71 -4.36 -9.92
N LEU A 120 20.56 -5.38 -9.08
CA LEU A 120 21.47 -6.54 -8.99
C LEU A 120 21.61 -7.28 -10.34
N LYS A 121 20.58 -7.23 -11.20
CA LYS A 121 20.57 -7.78 -12.56
C LYS A 121 20.64 -6.71 -13.66
N GLY A 122 20.50 -5.43 -13.30
CA GLY A 122 20.41 -4.30 -14.23
C GLY A 122 19.18 -4.33 -15.15
N ASP A 123 18.16 -5.13 -14.81
CA ASP A 123 16.97 -5.38 -15.64
C ASP A 123 15.80 -5.95 -14.83
N LYS A 124 14.66 -6.21 -15.50
CA LYS A 124 13.42 -6.76 -14.89
C LYS A 124 13.37 -8.28 -14.86
N ASP A 125 13.98 -8.94 -15.86
CA ASP A 125 14.13 -10.38 -16.00
C ASP A 125 15.19 -10.96 -15.03
N LEU A 126 14.90 -10.87 -13.74
CA LEU A 126 15.70 -11.44 -12.65
C LEU A 126 15.85 -12.97 -12.77
N SER A 127 16.95 -13.50 -12.22
CA SER A 127 17.22 -14.95 -12.18
C SER A 127 16.19 -15.71 -11.34
N PHE A 128 16.23 -17.04 -11.32
CA PHE A 128 15.26 -17.86 -10.59
C PHE A 128 15.14 -17.47 -9.09
N GLY A 129 16.27 -17.37 -8.38
CA GLY A 129 16.31 -17.03 -6.96
C GLY A 129 15.99 -15.56 -6.66
N GLU A 130 16.35 -14.65 -7.56
CA GLU A 130 15.99 -13.23 -7.43
C GLU A 130 14.49 -13.03 -7.71
N ARG A 131 13.95 -13.61 -8.79
CA ARG A 131 12.53 -13.57 -9.14
C ARG A 131 11.66 -14.12 -8.00
N LYS A 132 12.11 -15.11 -7.22
CA LYS A 132 11.38 -15.63 -6.05
C LYS A 132 11.04 -14.55 -5.01
N MET A 133 12.01 -13.73 -4.62
CA MET A 133 11.77 -12.61 -3.70
C MET A 133 11.03 -11.47 -4.42
N LEU A 134 11.49 -11.12 -5.62
CA LEU A 134 10.91 -10.05 -6.43
C LEU A 134 9.42 -10.26 -6.72
N ASP A 135 8.97 -11.47 -7.04
CA ASP A 135 7.57 -11.81 -7.28
C ASP A 135 6.67 -11.43 -6.09
N THR A 136 7.12 -11.73 -4.86
CA THR A 136 6.38 -11.40 -3.64
C THR A 136 6.43 -9.90 -3.36
N ALA A 137 7.60 -9.28 -3.52
CA ALA A 137 7.77 -7.83 -3.36
C ALA A 137 7.01 -7.00 -4.42
N ARG A 138 7.05 -7.35 -5.70
CA ARG A 138 6.30 -6.73 -6.81
C ARG A 138 4.80 -6.69 -6.53
N SER A 139 4.23 -7.82 -6.10
CA SER A 139 2.82 -7.92 -5.69
C SER A 139 2.43 -6.89 -4.61
N LEU A 140 3.38 -6.45 -3.78
CA LEU A 140 3.22 -5.41 -2.77
C LEU A 140 3.62 -4.00 -3.26
N LEU A 141 4.59 -3.89 -4.18
CA LEU A 141 5.03 -2.63 -4.76
C LEU A 141 3.83 -1.88 -5.35
N ILE A 142 3.13 -2.56 -6.26
CA ILE A 142 1.99 -1.97 -6.96
C ILE A 142 0.74 -1.89 -6.08
N LYS A 143 0.68 -2.62 -4.96
CA LYS A 143 -0.43 -2.66 -3.99
C LYS A 143 -0.46 -1.40 -3.14
N GLU A 144 0.69 -1.01 -2.61
CA GLU A 144 0.82 0.22 -1.83
C GLU A 144 0.82 1.44 -2.76
N LEU A 145 1.65 1.44 -3.82
CA LEU A 145 1.74 2.52 -4.78
C LEU A 145 0.47 2.64 -5.66
N SER A 146 -0.43 1.66 -5.61
CA SER A 146 -1.74 1.62 -6.31
C SER A 146 -2.51 2.95 -6.28
N LEU A 147 -2.40 3.69 -5.17
CA LEU A 147 -2.97 5.03 -5.01
C LEU A 147 -2.64 5.97 -6.19
N ALA A 148 -1.35 6.07 -6.54
CA ALA A 148 -0.87 6.88 -7.67
C ALA A 148 -1.11 6.21 -9.04
N LYS A 149 -1.45 4.91 -9.07
CA LYS A 149 -1.81 4.14 -10.26
C LYS A 149 -3.19 4.56 -10.78
N ASP A 150 -4.23 4.44 -9.95
CA ASP A 150 -5.66 4.55 -10.29
C ASP A 150 -6.06 3.83 -11.62
N CYS A 151 -5.35 2.76 -11.98
CA CYS A 151 -5.38 2.06 -13.28
C CYS A 151 -4.91 0.59 -13.16
N SER A 152 -4.42 -0.02 -14.25
CA SER A 152 -3.83 -1.37 -14.30
C SER A 152 -2.49 -1.49 -13.55
N GLU A 153 -2.01 -2.71 -13.33
CA GLU A 153 -0.68 -2.96 -12.71
C GLU A 153 0.47 -2.37 -13.54
N ASP A 154 0.31 -2.32 -14.86
CA ASP A 154 1.28 -1.70 -15.79
C ASP A 154 1.65 -0.26 -15.40
N GLU A 155 0.80 0.48 -14.70
CA GLU A 155 1.10 1.84 -14.26
C GLU A 155 2.32 1.87 -13.34
N ILE A 156 2.33 1.04 -12.28
CA ILE A 156 3.45 0.93 -11.33
C ILE A 156 4.55 0.00 -11.86
N GLU A 157 4.18 -1.15 -12.46
CA GLU A 157 5.14 -2.12 -13.01
C GLU A 157 6.01 -1.47 -14.09
N SER A 158 5.40 -0.72 -15.02
CA SER A 158 6.16 0.02 -16.04
C SER A 158 6.88 1.21 -15.43
N ASP A 159 6.31 1.93 -14.44
CA ASP A 159 7.00 3.03 -13.77
C ASP A 159 8.36 2.62 -13.21
N LEU A 160 8.60 1.36 -12.87
CA LEU A 160 9.91 0.88 -12.42
C LEU A 160 11.03 1.20 -13.43
N LYS A 161 10.68 1.34 -14.73
CA LYS A 161 11.60 1.74 -15.80
C LYS A 161 12.21 3.12 -15.56
N LYS A 162 11.43 4.06 -15.04
CA LYS A 162 11.89 5.44 -14.75
C LYS A 162 12.69 5.52 -13.44
N ILE A 163 12.54 4.50 -12.59
CA ILE A 163 13.13 4.44 -11.25
C ILE A 163 14.48 3.71 -11.27
N PHE A 164 14.52 2.48 -11.78
CA PHE A 164 15.72 1.63 -11.91
C PHE A 164 16.44 1.79 -13.27
N ASN A 165 15.94 2.70 -14.13
CA ASN A 165 16.45 2.99 -15.48
C ASN A 165 16.49 1.76 -16.42
N LEU A 166 15.39 0.99 -16.45
CA LEU A 166 15.25 -0.26 -17.22
C LEU A 166 15.12 -0.01 -18.74
N ALA A 167 14.30 0.99 -19.11
CA ALA A 167 13.99 1.44 -20.47
C ALA A 167 14.01 2.98 -20.59
N GLY A 1 -17.70 16.15 11.59
CA GLY A 1 -17.92 17.61 11.70
C GLY A 1 -18.76 17.96 12.91
N SER A 2 -18.14 18.40 14.00
CA SER A 2 -18.78 18.78 15.29
C SER A 2 -19.74 17.71 15.85
N HIS A 3 -19.20 16.53 16.17
CA HIS A 3 -19.90 15.37 16.74
C HIS A 3 -19.07 14.62 17.81
N MET A 4 -19.71 13.68 18.51
CA MET A 4 -19.11 12.84 19.56
C MET A 4 -18.05 11.87 19.01
N GLN A 5 -18.49 10.83 18.28
CA GLN A 5 -17.61 9.87 17.59
C GLN A 5 -17.10 10.46 16.26
N THR A 6 -16.20 9.73 15.57
CA THR A 6 -15.71 10.14 14.24
C THR A 6 -16.81 10.05 13.17
N SER A 7 -16.65 10.80 12.09
CA SER A 7 -17.61 10.90 10.97
C SER A 7 -17.00 11.64 9.76
N PHE A 8 -15.71 11.42 9.47
CA PHE A 8 -15.02 12.09 8.36
C PHE A 8 -15.67 11.74 7.00
N LYS A 9 -16.30 12.74 6.36
CA LYS A 9 -16.98 12.60 5.06
C LYS A 9 -16.01 12.28 3.92
N THR A 10 -16.54 12.05 2.71
CA THR A 10 -15.78 11.75 1.50
C THR A 10 -14.58 12.67 1.31
N GLY A 11 -13.39 12.07 1.19
CA GLY A 11 -12.12 12.77 0.96
C GLY A 11 -10.89 12.04 1.49
N ASP A 12 -11.06 11.19 2.50
CA ASP A 12 -10.00 10.33 3.05
C ASP A 12 -10.02 8.93 2.39
N LYS A 13 -8.98 8.14 2.67
CA LYS A 13 -8.80 6.79 2.17
C LYS A 13 -8.23 5.90 3.28
N ALA A 14 -8.84 4.75 3.53
CA ALA A 14 -8.39 3.78 4.54
C ALA A 14 -8.03 2.42 3.92
N VAL A 15 -7.24 1.64 4.65
CA VAL A 15 -6.68 0.35 4.23
C VAL A 15 -6.89 -0.69 5.32
N TYR A 16 -7.91 -1.54 5.10
CA TYR A 16 -8.25 -2.65 5.97
C TYR A 16 -7.47 -3.94 5.60
N PRO A 17 -7.40 -4.94 6.51
CA PRO A 17 -6.69 -6.20 6.29
C PRO A 17 -7.45 -7.12 5.32
N GLY A 18 -7.05 -7.11 4.05
CA GLY A 18 -7.61 -7.96 3.00
C GLY A 18 -7.58 -7.32 1.62
N GLN A 19 -7.78 -5.99 1.53
CA GLN A 19 -7.79 -5.24 0.27
C GLN A 19 -7.13 -3.86 0.39
N GLY A 20 -7.87 -2.86 0.90
CA GLY A 20 -7.47 -1.45 0.99
C GLY A 20 -7.79 -0.57 -0.22
N VAL A 21 -8.22 -1.15 -1.33
CA VAL A 21 -8.67 -0.45 -2.56
C VAL A 21 -10.08 0.13 -2.38
N GLY A 22 -10.21 1.13 -1.50
CA GLY A 22 -11.45 1.87 -1.30
C GLY A 22 -11.22 3.33 -0.93
N GLU A 23 -12.21 4.18 -1.20
CA GLU A 23 -12.22 5.62 -0.83
C GLU A 23 -13.48 5.88 0.01
N VAL A 24 -13.33 6.66 1.10
CA VAL A 24 -14.42 7.00 2.02
C VAL A 24 -15.55 7.69 1.24
N MET A 25 -16.79 7.21 1.36
CA MET A 25 -17.99 7.79 0.71
C MET A 25 -19.00 8.39 1.71
N GLY A 26 -18.72 8.31 3.01
CA GLY A 26 -19.57 8.81 4.09
C GLY A 26 -19.60 7.85 5.30
N ILE A 27 -20.44 8.17 6.27
CA ILE A 27 -20.68 7.37 7.47
C ILE A 27 -22.18 7.12 7.66
N GLU A 28 -22.56 5.89 7.98
CA GLU A 28 -23.94 5.49 8.29
C GLU A 28 -24.08 5.37 9.82
N HIS A 29 -25.00 6.15 10.40
CA HIS A 29 -25.34 6.09 11.84
C HIS A 29 -26.51 5.14 12.06
N THR A 30 -26.27 3.99 12.70
CA THR A 30 -27.31 2.99 13.03
C THR A 30 -27.52 2.89 14.54
N GLU A 31 -28.38 1.95 14.93
CA GLU A 31 -28.66 1.61 16.33
C GLU A 31 -28.47 0.09 16.55
N VAL A 32 -27.46 -0.30 17.33
CA VAL A 32 -27.15 -1.71 17.67
C VAL A 32 -27.04 -1.87 19.20
N ALA A 33 -27.44 -3.03 19.74
CA ALA A 33 -27.51 -3.30 21.18
C ALA A 33 -28.27 -2.22 22.00
N GLY A 34 -29.22 -1.50 21.39
CA GLY A 34 -29.94 -0.38 22.00
C GLY A 34 -29.10 0.90 22.21
N GLN A 35 -27.97 1.03 21.50
CA GLN A 35 -27.02 2.14 21.58
C GLN A 35 -26.64 2.67 20.18
N ARG A 36 -26.16 3.93 20.12
CA ARG A 36 -25.66 4.54 18.87
C ARG A 36 -24.35 3.89 18.42
N GLN A 37 -24.21 3.69 17.11
CA GLN A 37 -22.99 3.18 16.48
C GLN A 37 -22.88 3.66 15.03
N SER A 38 -21.70 4.14 14.65
CA SER A 38 -21.39 4.60 13.29
C SER A 38 -20.60 3.53 12.51
N PHE A 39 -20.52 3.68 11.20
CA PHE A 39 -19.75 2.78 10.31
C PHE A 39 -19.20 3.53 9.11
N TYR A 40 -17.91 3.35 8.83
CA TYR A 40 -17.24 3.91 7.64
C TYR A 40 -17.73 3.21 6.38
N VAL A 41 -18.39 3.98 5.50
CA VAL A 41 -18.86 3.53 4.18
C VAL A 41 -17.67 3.64 3.22
N LEU A 42 -16.81 2.62 3.23
CA LEU A 42 -15.69 2.55 2.30
C LEU A 42 -16.18 1.89 1.00
N ARG A 43 -16.13 2.62 -0.12
CA ARG A 43 -16.50 2.09 -1.45
C ARG A 43 -15.28 1.52 -2.15
N ILE A 44 -15.31 0.22 -2.40
CA ILE A 44 -14.27 -0.51 -3.12
C ILE A 44 -14.50 -0.36 -4.62
N LEU A 45 -13.96 0.71 -5.22
CA LEU A 45 -14.05 1.04 -6.65
C LEU A 45 -13.67 -0.14 -7.59
N GLU A 46 -12.79 -1.03 -7.13
CA GLU A 46 -12.31 -2.23 -7.83
C GLU A 46 -13.45 -3.11 -8.40
N ASN A 47 -14.43 -3.46 -7.58
CA ASN A 47 -15.61 -4.24 -7.96
C ASN A 47 -16.96 -3.59 -7.58
N GLY A 48 -16.94 -2.32 -7.15
CA GLY A 48 -18.09 -1.57 -6.63
C GLY A 48 -18.59 -2.08 -5.26
N MET A 49 -17.74 -2.81 -4.51
CA MET A 49 -18.13 -3.42 -3.23
C MET A 49 -18.41 -2.35 -2.17
N ARG A 50 -19.35 -2.65 -1.27
CA ARG A 50 -19.70 -1.83 -0.11
C ARG A 50 -19.35 -2.55 1.18
N ILE A 51 -18.29 -2.10 1.84
CA ILE A 51 -17.89 -2.62 3.16
C ILE A 51 -18.48 -1.71 4.25
N MET A 52 -18.61 -2.21 5.47
CA MET A 52 -19.10 -1.44 6.64
C MET A 52 -18.17 -1.68 7.83
N ILE A 53 -17.18 -0.80 8.01
CA ILE A 53 -16.20 -0.91 9.10
C ILE A 53 -16.69 -0.13 10.33
N PRO A 54 -16.89 -0.78 11.50
CA PRO A 54 -17.29 -0.12 12.73
C PRO A 54 -16.17 0.82 13.24
N ILE A 55 -16.45 2.12 13.34
CA ILE A 55 -15.45 3.10 13.83
C ILE A 55 -15.01 2.84 15.28
N ASN A 56 -15.82 2.12 16.07
CA ASN A 56 -15.55 1.71 17.44
C ASN A 56 -14.38 0.73 17.56
N LYS A 57 -13.87 0.22 16.44
CA LYS A 57 -12.74 -0.73 16.35
C LYS A 57 -11.56 -0.19 15.53
N VAL A 58 -11.55 1.09 15.12
CA VAL A 58 -10.43 1.73 14.39
C VAL A 58 -9.06 1.43 15.03
N GLY A 59 -8.11 0.95 14.22
CA GLY A 59 -6.79 0.47 14.66
C GLY A 59 -6.82 -0.95 15.24
N SER A 60 -7.79 -1.27 16.10
CA SER A 60 -7.93 -2.57 16.79
C SER A 60 -8.35 -3.72 15.85
N VAL A 61 -9.21 -3.43 14.86
CA VAL A 61 -9.67 -4.36 13.80
C VAL A 61 -8.67 -4.51 12.64
N GLY A 62 -7.47 -3.94 12.78
CA GLY A 62 -6.45 -3.85 11.73
C GLY A 62 -6.64 -2.66 10.78
N LEU A 63 -7.65 -1.81 11.02
CA LEU A 63 -7.89 -0.59 10.23
C LEU A 63 -6.72 0.38 10.31
N ARG A 64 -6.04 0.55 9.19
CA ARG A 64 -4.92 1.46 8.99
C ARG A 64 -5.21 2.39 7.83
N GLU A 65 -4.27 3.29 7.55
CA GLU A 65 -4.30 4.20 6.41
C GLU A 65 -2.92 4.22 5.74
N ILE A 66 -2.91 4.75 4.52
CA ILE A 66 -1.72 4.98 3.72
C ILE A 66 -1.23 6.43 3.87
N ILE A 67 -0.01 6.67 3.42
CA ILE A 67 0.61 8.00 3.39
C ILE A 67 0.02 8.92 2.31
N SER A 68 0.40 10.20 2.31
CA SER A 68 0.01 11.17 1.28
C SER A 68 1.03 11.25 0.14
N GLU A 69 0.73 12.02 -0.91
CA GLU A 69 1.65 12.26 -2.03
C GLU A 69 3.04 12.75 -1.57
N GLU A 70 3.14 13.50 -0.47
CA GLU A 70 4.43 13.95 0.10
C GLU A 70 5.42 12.79 0.34
N ASP A 71 4.96 11.76 1.04
CA ASP A 71 5.78 10.59 1.38
C ASP A 71 5.98 9.69 0.15
N VAL A 72 4.96 9.51 -0.71
CA VAL A 72 5.09 8.75 -1.98
C VAL A 72 6.18 9.37 -2.86
N LYS A 73 6.14 10.69 -3.06
CA LYS A 73 7.17 11.43 -3.82
C LYS A 73 8.57 11.18 -3.27
N GLN A 74 8.76 11.18 -1.95
CA GLN A 74 10.05 10.84 -1.34
C GLN A 74 10.45 9.40 -1.65
N VAL A 75 9.53 8.43 -1.50
CA VAL A 75 9.78 7.01 -1.82
C VAL A 75 10.41 6.81 -3.19
N TYR A 76 9.83 7.39 -4.24
CA TYR A 76 10.35 7.26 -5.60
C TYR A 76 11.84 7.64 -5.66
N SER A 77 12.25 8.70 -4.97
CA SER A 77 13.64 9.17 -4.86
C SER A 77 14.59 8.14 -4.20
N ILE A 78 14.09 7.31 -3.28
CA ILE A 78 14.84 6.23 -2.61
C ILE A 78 15.24 5.14 -3.60
N LEU A 79 14.38 4.87 -4.59
CA LEU A 79 14.61 3.84 -5.61
C LEU A 79 15.16 4.39 -6.94
N LYS A 80 15.01 5.70 -7.18
CA LYS A 80 15.54 6.44 -8.35
C LYS A 80 17.05 6.28 -8.53
N GLU A 81 17.76 6.02 -7.45
CA GLU A 81 19.19 5.73 -7.42
C GLU A 81 19.51 4.31 -7.93
N LYS A 82 20.24 4.24 -9.05
CA LYS A 82 20.67 3.02 -9.74
C LYS A 82 21.90 2.35 -9.10
N ASP A 83 22.45 2.95 -8.04
CA ASP A 83 23.70 2.59 -7.34
C ASP A 83 23.48 1.67 -6.13
N ILE A 84 22.31 1.01 -6.08
CA ILE A 84 21.82 0.16 -4.98
C ILE A 84 21.93 -1.35 -5.26
N SER A 85 22.22 -1.74 -6.51
CA SER A 85 22.28 -3.13 -7.00
C SER A 85 23.16 -4.01 -6.11
N VAL A 86 22.53 -4.84 -5.27
CA VAL A 86 23.23 -5.67 -4.29
C VAL A 86 23.93 -6.86 -4.98
N ASP A 87 25.00 -7.38 -4.37
CA ASP A 87 25.74 -8.54 -4.88
C ASP A 87 25.00 -9.86 -4.61
N SER A 88 25.15 -10.84 -5.51
CA SER A 88 24.51 -12.17 -5.42
C SER A 88 24.95 -12.99 -4.18
N THR A 89 26.15 -12.70 -3.65
CA THR A 89 26.70 -13.29 -2.41
C THR A 89 25.98 -12.75 -1.18
N THR A 90 25.92 -11.42 -1.05
CA THR A 90 25.20 -10.71 0.02
C THR A 90 23.68 -10.86 -0.09
N TRP A 91 23.15 -11.13 -1.29
CA TRP A 91 21.71 -11.28 -1.55
C TRP A 91 21.01 -12.23 -0.56
N ASN A 92 21.61 -13.39 -0.29
CA ASN A 92 21.08 -14.38 0.65
C ASN A 92 20.82 -13.76 2.05
N ARG A 93 21.75 -12.92 2.54
CA ARG A 93 21.65 -12.17 3.81
C ARG A 93 20.64 -11.03 3.70
N ARG A 94 20.67 -10.30 2.58
CA ARG A 94 19.71 -9.22 2.23
C ARG A 94 18.26 -9.70 2.20
N TYR A 95 18.02 -10.97 1.87
CA TYR A 95 16.69 -11.56 1.91
C TYR A 95 16.11 -11.44 3.32
N ARG A 96 16.87 -11.80 4.35
CA ARG A 96 16.48 -11.84 5.77
C ARG A 96 16.04 -10.47 6.28
N GLU A 97 16.87 -9.44 6.08
CA GLU A 97 16.49 -8.06 6.43
C GLU A 97 15.24 -7.63 5.66
N TYR A 98 15.21 -7.75 4.32
CA TYR A 98 14.05 -7.38 3.53
C TYR A 98 12.77 -8.14 3.91
N MET A 99 12.87 -9.38 4.38
CA MET A 99 11.76 -10.19 4.88
C MET A 99 11.02 -9.48 6.03
N GLU A 100 11.76 -8.80 6.91
CA GLU A 100 11.19 -8.00 8.01
C GLU A 100 10.39 -6.78 7.47
N LYS A 101 10.90 -6.11 6.44
CA LYS A 101 10.28 -4.93 5.81
C LYS A 101 8.90 -5.26 5.23
N ILE A 102 8.68 -6.51 4.82
CA ILE A 102 7.38 -7.01 4.32
C ILE A 102 6.35 -7.13 5.45
N LYS A 103 6.76 -7.52 6.66
CA LYS A 103 5.87 -7.65 7.83
C LYS A 103 5.19 -6.33 8.19
N THR A 104 5.96 -5.23 8.13
CA THR A 104 5.48 -3.88 8.44
C THR A 104 4.73 -3.30 7.25
N GLY A 105 5.20 -3.66 6.04
CA GLY A 105 4.81 -3.08 4.77
C GLY A 105 4.91 -1.55 4.74
N SER A 106 5.90 -0.99 5.44
CA SER A 106 6.18 0.45 5.44
C SER A 106 6.47 0.90 4.01
N VAL A 107 5.84 1.98 3.57
CA VAL A 107 5.99 2.54 2.21
C VAL A 107 7.45 2.79 1.81
N PHE A 108 8.23 3.38 2.72
CA PHE A 108 9.66 3.65 2.58
C PHE A 108 10.53 2.39 2.58
N GLU A 109 10.03 1.32 3.16
CA GLU A 109 10.65 0.00 3.27
C GLU A 109 10.35 -0.87 2.05
N ILE A 110 9.08 -1.18 1.76
CA ILE A 110 8.61 -2.01 0.64
C ILE A 110 9.19 -1.56 -0.69
N ALA A 111 9.12 -0.27 -0.97
CA ALA A 111 9.67 0.26 -2.20
C ALA A 111 11.16 -0.08 -2.32
N GLU A 112 11.93 0.06 -1.24
CA GLU A 112 13.34 -0.34 -1.21
C GLU A 112 13.46 -1.86 -1.42
N VAL A 113 12.67 -2.66 -0.70
CA VAL A 113 12.72 -4.12 -0.81
C VAL A 113 12.56 -4.56 -2.26
N LEU A 114 11.42 -4.25 -2.88
CA LEU A 114 11.16 -4.68 -4.25
C LEU A 114 12.25 -4.15 -5.21
N ARG A 115 12.72 -2.92 -5.01
CA ARG A 115 13.78 -2.27 -5.80
C ARG A 115 15.03 -3.12 -5.82
N ASP A 116 15.56 -3.47 -4.65
CA ASP A 116 16.75 -4.30 -4.56
C ASP A 116 16.59 -5.61 -5.34
N LEU A 117 15.47 -6.31 -5.16
CA LEU A 117 15.13 -7.52 -5.91
C LEU A 117 15.01 -7.27 -7.43
N TYR A 118 14.48 -6.11 -7.84
CA TYR A 118 14.38 -5.72 -9.25
C TYR A 118 15.74 -5.44 -9.89
N LEU A 119 16.59 -4.61 -9.28
CA LEU A 119 17.93 -4.34 -9.79
C LEU A 119 18.86 -5.57 -9.70
N LEU A 120 18.59 -6.50 -8.78
CA LEU A 120 19.31 -7.77 -8.64
C LEU A 120 19.34 -8.60 -9.93
N LYS A 121 18.25 -8.58 -10.70
CA LYS A 121 18.11 -9.25 -12.00
C LYS A 121 18.11 -8.28 -13.19
N GLY A 122 18.00 -6.97 -12.92
CA GLY A 122 17.90 -5.90 -13.91
C GLY A 122 16.51 -5.76 -14.53
N ASP A 123 15.91 -6.87 -14.97
CA ASP A 123 14.54 -6.97 -15.52
C ASP A 123 13.44 -7.21 -14.44
N LYS A 124 12.17 -7.31 -14.85
CA LYS A 124 11.00 -7.56 -13.98
C LYS A 124 10.74 -9.03 -13.69
N ASP A 125 11.07 -9.92 -14.62
CA ASP A 125 10.88 -11.36 -14.51
C ASP A 125 12.01 -11.99 -13.67
N LEU A 126 11.95 -11.78 -12.35
CA LEU A 126 12.96 -12.22 -11.39
C LEU A 126 13.01 -13.77 -11.27
N SER A 127 14.03 -14.31 -10.60
CA SER A 127 14.14 -15.75 -10.32
C SER A 127 13.03 -16.26 -9.37
N PHE A 128 12.84 -17.58 -9.23
CA PHE A 128 11.78 -18.16 -8.39
C PHE A 128 11.76 -17.62 -6.95
N GLY A 129 12.92 -17.64 -6.27
CA GLY A 129 13.06 -17.19 -4.88
C GLY A 129 12.94 -15.67 -4.72
N GLU A 130 13.43 -14.91 -5.70
CA GLU A 130 13.30 -13.45 -5.74
C GLU A 130 11.83 -13.04 -5.97
N ARG A 131 11.17 -13.66 -6.95
CA ARG A 131 9.74 -13.47 -7.25
C ARG A 131 8.86 -13.75 -6.02
N LYS A 132 9.20 -14.72 -5.17
CA LYS A 132 8.45 -15.00 -3.93
C LYS A 132 8.32 -13.80 -3.00
N MET A 133 9.43 -13.10 -2.70
CA MET A 133 9.39 -11.90 -1.87
C MET A 133 8.85 -10.69 -2.65
N LEU A 134 9.29 -10.53 -3.91
CA LEU A 134 8.85 -9.46 -4.81
C LEU A 134 7.33 -9.43 -4.96
N ASP A 135 6.68 -10.56 -5.21
CA ASP A 135 5.22 -10.67 -5.36
C ASP A 135 4.47 -10.08 -4.16
N THR A 136 4.98 -10.31 -2.94
CA THR A 136 4.42 -9.75 -1.70
C THR A 136 4.67 -8.25 -1.61
N ALA A 137 5.90 -7.80 -1.87
CA ALA A 137 6.25 -6.38 -1.87
C ALA A 137 5.53 -5.57 -2.96
N ARG A 138 5.39 -6.09 -4.19
CA ARG A 138 4.64 -5.51 -5.32
C ARG A 138 3.20 -5.22 -4.95
N SER A 139 2.52 -6.19 -4.32
CA SER A 139 1.14 -6.05 -3.82
C SER A 139 0.98 -4.88 -2.84
N LEU A 140 2.06 -4.46 -2.16
CA LEU A 140 2.09 -3.30 -1.28
C LEU A 140 2.57 -2.03 -2.00
N LEU A 141 3.50 -2.14 -2.96
CA LEU A 141 4.03 -1.03 -3.76
C LEU A 141 2.91 -0.20 -4.37
N ILE A 142 2.02 -0.82 -5.15
CA ILE A 142 0.90 -0.14 -5.80
C ILE A 142 -0.20 0.29 -4.82
N LYS A 143 -0.19 -0.24 -3.60
CA LYS A 143 -1.14 -0.02 -2.51
C LYS A 143 -0.86 1.28 -1.74
N GLU A 144 0.40 1.47 -1.36
CA GLU A 144 0.91 2.67 -0.69
C GLU A 144 1.21 3.80 -1.68
N LEU A 145 1.86 3.52 -2.81
CA LEU A 145 2.11 4.48 -3.88
C LEU A 145 0.84 4.81 -4.66
N SER A 146 -0.27 4.07 -4.43
CA SER A 146 -1.59 4.32 -5.00
C SER A 146 -2.02 5.79 -4.98
N LEU A 147 -1.57 6.56 -3.98
CA LEU A 147 -1.82 7.98 -3.85
C LEU A 147 -1.39 8.78 -5.10
N ALA A 148 -0.15 8.58 -5.55
CA ALA A 148 0.39 9.18 -6.78
C ALA A 148 -0.12 8.53 -8.08
N LYS A 149 -0.79 7.36 -7.99
CA LYS A 149 -1.44 6.64 -9.08
C LYS A 149 -2.84 7.18 -9.37
N ASP A 150 -3.73 7.11 -8.39
CA ASP A 150 -5.19 7.37 -8.46
C ASP A 150 -5.86 6.76 -9.72
N CYS A 151 -5.40 5.56 -10.13
CA CYS A 151 -5.69 4.88 -11.40
C CYS A 151 -5.44 3.34 -11.30
N SER A 152 -5.44 2.64 -12.43
CA SER A 152 -5.14 1.20 -12.56
C SER A 152 -3.74 0.85 -12.01
N GLU A 153 -3.52 -0.40 -11.56
CA GLU A 153 -2.22 -0.87 -11.04
C GLU A 153 -1.06 -0.65 -12.03
N ASP A 154 -1.35 -0.71 -13.33
CA ASP A 154 -0.42 -0.43 -14.43
C ASP A 154 0.33 0.91 -14.26
N GLU A 155 -0.26 1.92 -13.63
CA GLU A 155 0.39 3.20 -13.36
C GLU A 155 1.66 3.04 -12.51
N ILE A 156 1.56 2.34 -11.37
CA ILE A 156 2.69 2.05 -10.48
C ILE A 156 3.51 0.87 -10.99
N GLU A 157 2.87 -0.23 -11.41
CA GLU A 157 3.61 -1.39 -11.94
C GLU A 157 4.55 -0.97 -13.08
N SER A 158 4.07 -0.08 -13.97
CA SER A 158 4.86 0.50 -15.04
C SER A 158 5.84 1.56 -14.56
N ASP A 159 5.57 2.36 -13.51
CA ASP A 159 6.57 3.32 -12.98
C ASP A 159 7.93 2.69 -12.72
N LEU A 160 7.92 1.43 -12.33
CA LEU A 160 9.12 0.67 -12.02
C LEU A 160 10.10 0.66 -13.21
N LYS A 161 9.58 0.78 -14.44
CA LYS A 161 10.36 0.87 -15.66
C LYS A 161 11.21 2.13 -15.78
N LYS A 162 10.75 3.26 -15.21
CA LYS A 162 11.46 4.55 -15.20
C LYS A 162 12.46 4.64 -14.03
N ILE A 163 12.24 3.84 -12.99
CA ILE A 163 13.01 3.83 -11.75
C ILE A 163 14.16 2.82 -11.85
N PHE A 164 13.86 1.55 -12.16
CA PHE A 164 14.81 0.43 -12.25
C PHE A 164 15.36 0.22 -13.69
N ASN A 165 14.92 1.04 -14.66
CA ASN A 165 15.24 0.94 -16.10
C ASN A 165 14.88 -0.42 -16.73
N LEU A 166 13.57 -0.72 -16.79
CA LEU A 166 13.02 -1.97 -17.33
C LEU A 166 12.55 -1.85 -18.79
N ALA A 167 12.02 -0.67 -19.18
CA ALA A 167 11.52 -0.35 -20.53
C ALA A 167 12.04 1.03 -21.04
N GLY A 1 -16.46 21.08 1.79
CA GLY A 1 -17.04 20.02 2.63
C GLY A 1 -17.43 20.54 4.01
N SER A 2 -17.15 19.77 5.06
CA SER A 2 -17.51 20.08 6.46
C SER A 2 -16.30 19.99 7.40
N HIS A 3 -16.44 20.42 8.66
CA HIS A 3 -15.39 20.31 9.69
C HIS A 3 -15.32 18.90 10.29
N MET A 4 -16.35 18.54 11.06
CA MET A 4 -16.48 17.29 11.83
C MET A 4 -17.93 17.15 12.33
N GLN A 5 -18.27 15.98 12.89
CA GLN A 5 -19.57 15.70 13.50
C GLN A 5 -19.54 14.50 14.47
N THR A 6 -18.71 13.51 14.15
CA THR A 6 -18.50 12.26 14.93
C THR A 6 -17.02 12.06 15.24
N SER A 7 -16.22 11.78 14.20
CA SER A 7 -14.80 11.40 14.31
C SER A 7 -13.98 11.99 13.15
N PHE A 8 -14.19 11.52 11.92
CA PHE A 8 -13.52 12.05 10.71
C PHE A 8 -14.47 11.98 9.49
N LYS A 9 -14.91 13.14 8.98
CA LYS A 9 -15.73 13.25 7.76
C LYS A 9 -14.92 12.88 6.49
N THR A 10 -15.56 12.92 5.33
CA THR A 10 -14.95 12.59 4.02
C THR A 10 -13.59 13.26 3.85
N GLY A 11 -12.57 12.46 3.51
CA GLY A 11 -11.20 12.95 3.28
C GLY A 11 -10.09 11.96 3.63
N ASP A 12 -10.45 10.80 4.18
CA ASP A 12 -9.57 9.71 4.58
C ASP A 12 -10.03 8.37 3.97
N LYS A 13 -9.18 7.34 4.11
CA LYS A 13 -9.45 5.97 3.66
C LYS A 13 -9.15 4.98 4.78
N ALA A 14 -10.10 4.09 5.06
CA ALA A 14 -9.98 3.08 6.11
C ALA A 14 -9.98 1.65 5.53
N VAL A 15 -9.37 0.71 6.25
CA VAL A 15 -9.16 -0.69 5.83
C VAL A 15 -9.56 -1.66 6.91
N TYR A 16 -10.72 -2.30 6.74
CA TYR A 16 -11.24 -3.32 7.66
C TYR A 16 -10.58 -4.70 7.42
N PRO A 17 -10.69 -5.66 8.35
CA PRO A 17 -10.17 -7.02 8.22
C PRO A 17 -10.97 -7.86 7.21
N GLY A 18 -10.60 -7.80 5.94
CA GLY A 18 -11.20 -8.58 4.85
C GLY A 18 -10.98 -7.98 3.46
N GLN A 19 -11.09 -6.65 3.33
CA GLN A 19 -10.89 -5.94 2.05
C GLN A 19 -10.15 -4.59 2.25
N GLY A 20 -10.88 -3.55 2.65
CA GLY A 20 -10.40 -2.16 2.74
C GLY A 20 -10.51 -1.33 1.46
N VAL A 21 -11.12 -1.85 0.40
CA VAL A 21 -11.39 -1.10 -0.84
C VAL A 21 -12.55 -0.13 -0.65
N GLY A 22 -12.38 0.89 0.19
CA GLY A 22 -13.39 1.91 0.46
C GLY A 22 -12.80 3.30 0.74
N GLU A 23 -13.65 4.32 0.72
CA GLU A 23 -13.35 5.71 1.06
C GLU A 23 -14.46 6.28 1.94
N VAL A 24 -14.06 6.98 3.01
CA VAL A 24 -14.99 7.60 3.96
C VAL A 24 -15.80 8.68 3.26
N MET A 25 -17.13 8.60 3.37
CA MET A 25 -18.11 9.51 2.76
C MET A 25 -18.99 10.19 3.82
N GLY A 26 -18.53 10.20 5.07
CA GLY A 26 -19.20 10.79 6.22
C GLY A 26 -19.48 9.78 7.33
N ILE A 27 -20.40 10.13 8.24
CA ILE A 27 -20.90 9.29 9.31
C ILE A 27 -22.43 9.32 9.33
N GLU A 28 -23.06 8.15 9.47
CA GLU A 28 -24.50 7.96 9.61
C GLU A 28 -24.84 7.71 11.08
N HIS A 29 -25.97 8.26 11.55
CA HIS A 29 -26.48 8.11 12.92
C HIS A 29 -27.74 7.23 12.92
N THR A 30 -27.74 6.16 13.69
CA THR A 30 -28.88 5.25 13.88
C THR A 30 -29.28 5.15 15.36
N GLU A 31 -30.25 4.27 15.62
CA GLU A 31 -30.73 3.93 16.96
C GLU A 31 -30.49 2.43 17.25
N VAL A 32 -29.60 2.14 18.19
CA VAL A 32 -29.24 0.79 18.65
C VAL A 32 -29.67 0.63 20.11
N ALA A 33 -30.64 -0.25 20.36
CA ALA A 33 -31.23 -0.51 21.68
C ALA A 33 -31.80 0.76 22.37
N GLY A 34 -32.35 1.69 21.58
CA GLY A 34 -32.91 2.98 22.02
C GLY A 34 -31.87 4.11 22.12
N GLN A 35 -30.59 3.76 22.26
CA GLN A 35 -29.46 4.70 22.34
C GLN A 35 -28.99 5.09 20.94
N ARG A 36 -28.44 6.29 20.77
CA ARG A 36 -27.86 6.72 19.49
C ARG A 36 -26.55 5.99 19.24
N GLN A 37 -26.27 5.68 17.98
CA GLN A 37 -25.03 5.04 17.57
C GLN A 37 -24.60 5.52 16.19
N SER A 38 -23.32 5.89 16.04
CA SER A 38 -22.76 6.36 14.77
C SER A 38 -22.06 5.24 14.00
N PHE A 39 -21.89 5.43 12.69
CA PHE A 39 -21.21 4.48 11.81
C PHE A 39 -20.47 5.17 10.68
N TYR A 40 -19.18 4.85 10.47
CA TYR A 40 -18.39 5.35 9.34
C TYR A 40 -19.05 4.91 8.03
N VAL A 41 -19.44 5.89 7.22
CA VAL A 41 -20.05 5.69 5.90
C VAL A 41 -18.93 5.37 4.92
N LEU A 42 -18.41 4.15 4.97
CA LEU A 42 -17.37 3.72 4.04
C LEU A 42 -18.05 3.31 2.73
N ARG A 43 -17.74 4.03 1.63
CA ARG A 43 -18.21 3.69 0.29
C ARG A 43 -17.14 2.93 -0.46
N ILE A 44 -17.45 1.71 -0.86
CA ILE A 44 -16.55 0.80 -1.56
C ILE A 44 -16.25 1.32 -2.96
N LEU A 45 -14.96 1.54 -3.29
CA LEU A 45 -14.56 2.01 -4.63
C LEU A 45 -14.77 0.98 -5.74
N GLU A 46 -14.83 -0.31 -5.38
CA GLU A 46 -14.89 -1.44 -6.32
C GLU A 46 -16.11 -1.33 -7.27
N ASN A 47 -17.32 -1.24 -6.70
CA ASN A 47 -18.59 -1.02 -7.39
C ASN A 47 -19.44 0.16 -6.88
N GLY A 48 -19.22 0.64 -5.65
CA GLY A 48 -20.02 1.69 -5.00
C GLY A 48 -20.85 1.25 -3.78
N MET A 49 -20.61 0.05 -3.22
CA MET A 49 -21.31 -0.51 -2.05
C MET A 49 -21.18 0.39 -0.80
N ARG A 50 -22.02 0.15 0.21
CA ARG A 50 -22.13 0.95 1.43
C ARG A 50 -21.86 0.06 2.65
N ILE A 51 -20.69 0.21 3.27
CA ILE A 51 -20.29 -0.51 4.49
C ILE A 51 -20.42 0.45 5.68
N MET A 52 -21.28 0.10 6.63
CA MET A 52 -21.49 0.84 7.89
C MET A 52 -20.62 0.24 9.00
N ILE A 53 -19.50 0.88 9.31
CA ILE A 53 -18.60 0.44 10.39
C ILE A 53 -18.93 1.14 11.71
N PRO A 54 -19.18 0.41 12.82
CA PRO A 54 -19.48 1.02 14.13
C PRO A 54 -18.26 1.75 14.70
N ILE A 55 -18.33 3.07 14.95
CA ILE A 55 -17.21 3.83 15.54
C ILE A 55 -16.89 3.46 17.01
N ASN A 56 -17.78 2.72 17.66
CA ASN A 56 -17.76 2.31 19.08
C ASN A 56 -17.32 0.84 19.25
N LYS A 57 -17.90 -0.09 18.47
CA LYS A 57 -17.62 -1.53 18.56
C LYS A 57 -16.17 -1.86 18.16
N VAL A 58 -15.55 -0.98 17.37
CA VAL A 58 -14.14 -0.99 16.93
C VAL A 58 -13.16 -0.53 18.03
N GLY A 59 -13.66 -0.19 19.22
CA GLY A 59 -12.87 0.30 20.35
C GLY A 59 -12.19 1.64 20.06
N SER A 60 -10.85 1.66 20.08
CA SER A 60 -10.06 2.85 19.74
C SER A 60 -10.22 3.28 18.28
N VAL A 61 -9.99 2.36 17.33
CA VAL A 61 -10.15 2.59 15.88
C VAL A 61 -10.66 1.36 15.12
N GLY A 62 -10.14 0.15 15.43
CA GLY A 62 -10.34 -1.17 14.81
C GLY A 62 -9.95 -1.26 13.32
N LEU A 63 -10.43 -0.32 12.52
CA LEU A 63 -10.16 -0.10 11.11
C LEU A 63 -8.73 0.42 10.96
N ARG A 64 -8.00 -0.17 10.03
CA ARG A 64 -6.65 0.26 9.66
C ARG A 64 -6.72 1.37 8.62
N GLU A 65 -5.58 1.80 8.12
CA GLU A 65 -5.45 2.78 7.04
C GLU A 65 -4.36 2.31 6.07
N ILE A 66 -4.41 2.81 4.85
CA ILE A 66 -3.41 2.58 3.78
C ILE A 66 -2.68 3.87 3.42
N ILE A 67 -1.61 3.74 2.65
CA ILE A 67 -0.85 4.88 2.14
C ILE A 67 -1.59 5.58 1.00
N SER A 68 -1.29 6.86 0.83
CA SER A 68 -1.85 7.74 -0.21
C SER A 68 -0.79 8.10 -1.26
N GLU A 69 -1.17 8.87 -2.29
CA GLU A 69 -0.23 9.38 -3.33
C GLU A 69 0.99 10.09 -2.72
N GLU A 70 0.87 10.72 -1.55
CA GLU A 70 1.97 11.38 -0.83
C GLU A 70 3.17 10.44 -0.60
N ASP A 71 2.90 9.27 -0.02
CA ASP A 71 3.87 8.20 0.18
C ASP A 71 4.44 7.75 -1.17
N VAL A 72 3.58 7.53 -2.18
CA VAL A 72 4.00 7.00 -3.49
C VAL A 72 5.17 7.84 -4.05
N LYS A 73 5.11 9.16 -3.88
CA LYS A 73 6.16 10.12 -4.27
C LYS A 73 7.48 9.88 -3.51
N GLN A 74 7.42 9.80 -2.17
CA GLN A 74 8.57 9.53 -1.31
C GLN A 74 9.22 8.19 -1.65
N VAL A 75 8.42 7.12 -1.77
CA VAL A 75 8.88 5.77 -2.12
C VAL A 75 9.76 5.79 -3.37
N TYR A 76 9.27 6.37 -4.47
CA TYR A 76 10.05 6.50 -5.71
C TYR A 76 11.42 7.12 -5.45
N SER A 77 11.50 8.20 -4.67
CA SER A 77 12.76 8.85 -4.24
C SER A 77 13.75 7.90 -3.53
N ILE A 78 13.26 6.91 -2.77
CA ILE A 78 14.08 5.90 -2.06
C ILE A 78 14.78 4.96 -3.07
N LEU A 79 14.14 4.69 -4.20
CA LEU A 79 14.65 3.81 -5.25
C LEU A 79 15.26 4.55 -6.46
N LYS A 80 15.01 5.86 -6.58
CA LYS A 80 15.49 6.76 -7.64
C LYS A 80 17.01 6.81 -7.78
N GLU A 81 17.72 6.41 -6.73
CA GLU A 81 19.17 6.30 -6.67
C GLU A 81 19.66 4.93 -7.19
N LYS A 82 20.25 4.94 -8.39
CA LYS A 82 20.88 3.75 -8.99
C LYS A 82 22.25 3.37 -8.39
N ASP A 83 22.72 4.10 -7.38
CA ASP A 83 24.00 3.88 -6.68
C ASP A 83 23.89 2.90 -5.50
N ILE A 84 22.72 2.29 -5.29
CA ILE A 84 22.43 1.33 -4.21
C ILE A 84 22.87 -0.11 -4.54
N SER A 85 23.25 -0.41 -5.79
CA SER A 85 23.54 -1.75 -6.32
C SER A 85 24.47 -2.58 -5.41
N VAL A 86 23.96 -3.65 -4.81
CA VAL A 86 24.71 -4.52 -3.89
C VAL A 86 25.46 -5.61 -4.68
N ASP A 87 26.74 -5.80 -4.38
CA ASP A 87 27.57 -6.87 -4.98
C ASP A 87 27.07 -8.27 -4.56
N SER A 88 27.36 -9.29 -5.38
CA SER A 88 26.95 -10.69 -5.14
C SER A 88 27.52 -11.30 -3.84
N THR A 89 28.62 -10.75 -3.32
CA THR A 89 29.25 -11.12 -2.05
C THR A 89 28.32 -10.83 -0.86
N THR A 90 27.89 -9.57 -0.72
CA THR A 90 26.96 -9.14 0.32
C THR A 90 25.52 -9.53 -0.01
N TRP A 91 25.19 -9.78 -1.28
CA TRP A 91 23.84 -10.17 -1.72
C TRP A 91 23.23 -11.31 -0.89
N ASN A 92 23.97 -12.38 -0.67
CA ASN A 92 23.49 -13.53 0.10
C ASN A 92 22.97 -13.11 1.49
N ARG A 93 23.69 -12.19 2.17
CA ARG A 93 23.31 -11.59 3.46
C ARG A 93 22.13 -10.62 3.30
N ARG A 94 22.16 -9.79 2.27
CA ARG A 94 21.08 -8.85 1.90
C ARG A 94 19.74 -9.55 1.65
N TYR A 95 19.78 -10.81 1.20
CA TYR A 95 18.57 -11.62 1.02
C TYR A 95 17.81 -11.73 2.36
N ARG A 96 18.50 -12.02 3.46
CA ARG A 96 17.94 -12.22 4.82
C ARG A 96 17.18 -11.00 5.33
N GLU A 97 17.82 -9.84 5.34
CA GLU A 97 17.17 -8.57 5.70
C GLU A 97 15.97 -8.31 4.81
N TYR A 98 16.12 -8.35 3.49
CA TYR A 98 15.01 -8.16 2.55
C TYR A 98 13.87 -9.16 2.74
N MET A 99 14.15 -10.41 3.12
CA MET A 99 13.16 -11.44 3.44
C MET A 99 12.18 -10.99 4.53
N GLU A 100 12.69 -10.29 5.56
CA GLU A 100 11.86 -9.71 6.63
C GLU A 100 10.93 -8.59 6.12
N LYS A 101 11.42 -7.74 5.21
CA LYS A 101 10.65 -6.62 4.62
C LYS A 101 9.42 -7.12 3.85
N ILE A 102 9.49 -8.34 3.29
CA ILE A 102 8.36 -8.99 2.60
C ILE A 102 7.26 -9.41 3.58
N LYS A 103 7.63 -9.83 4.81
CA LYS A 103 6.69 -10.22 5.87
C LYS A 103 5.73 -9.08 6.24
N THR A 104 6.28 -7.87 6.33
CA THR A 104 5.52 -6.64 6.66
C THR A 104 4.79 -6.13 5.42
N GLY A 105 5.46 -6.28 4.26
CA GLY A 105 5.10 -5.67 2.99
C GLY A 105 4.95 -4.15 3.07
N SER A 106 5.66 -3.51 4.01
CA SER A 106 5.72 -2.05 4.14
C SER A 106 6.07 -1.44 2.79
N VAL A 107 5.27 -0.50 2.32
CA VAL A 107 5.46 0.16 1.03
C VAL A 107 6.89 0.70 0.81
N PHE A 108 7.41 1.43 1.80
CA PHE A 108 8.77 1.99 1.82
C PHE A 108 9.86 0.89 1.86
N GLU A 109 9.52 -0.29 2.37
CA GLU A 109 10.37 -1.48 2.47
C GLU A 109 10.37 -2.31 1.18
N ILE A 110 9.22 -2.76 0.70
CA ILE A 110 9.02 -3.54 -0.53
C ILE A 110 9.69 -2.89 -1.73
N ALA A 111 9.44 -1.60 -1.91
CA ALA A 111 10.06 -0.85 -2.98
C ALA A 111 11.59 -0.92 -2.86
N GLU A 112 12.17 -0.80 -1.66
CA GLU A 112 13.62 -0.93 -1.44
C GLU A 112 14.10 -2.37 -1.72
N VAL A 113 13.30 -3.38 -1.34
CA VAL A 113 13.65 -4.79 -1.55
C VAL A 113 13.79 -5.07 -3.04
N LEU A 114 12.71 -4.89 -3.80
CA LEU A 114 12.73 -5.23 -5.21
C LEU A 114 13.80 -4.43 -5.97
N ARG A 115 13.98 -3.15 -5.60
CA ARG A 115 14.99 -2.22 -6.13
C ARG A 115 16.37 -2.82 -6.06
N ASP A 116 16.74 -3.28 -4.88
CA ASP A 116 18.05 -3.88 -4.67
C ASP A 116 18.28 -5.05 -5.62
N LEU A 117 17.33 -5.98 -5.67
CA LEU A 117 17.34 -7.14 -6.56
C LEU A 117 17.38 -6.72 -8.05
N TYR A 118 16.67 -5.65 -8.40
CA TYR A 118 16.65 -5.09 -9.75
C TYR A 118 18.01 -4.58 -10.20
N LEU A 119 18.67 -3.76 -9.37
CA LEU A 119 20.00 -3.25 -9.67
C LEU A 119 21.10 -4.32 -9.57
N LEU A 120 20.86 -5.37 -8.79
CA LEU A 120 21.75 -6.53 -8.64
C LEU A 120 22.03 -7.23 -9.99
N LYS A 121 21.05 -7.24 -10.91
CA LYS A 121 21.16 -7.76 -12.29
C LYS A 121 21.23 -6.64 -13.34
N GLY A 122 20.87 -5.40 -12.97
CA GLY A 122 20.76 -4.24 -13.85
C GLY A 122 19.44 -4.21 -14.63
N ASP A 123 19.08 -5.30 -15.31
CA ASP A 123 17.83 -5.48 -16.05
C ASP A 123 16.64 -5.92 -15.13
N LYS A 124 15.48 -6.19 -15.75
CA LYS A 124 14.25 -6.68 -15.09
C LYS A 124 14.15 -8.19 -14.96
N ASP A 125 14.70 -8.92 -15.94
CA ASP A 125 14.77 -10.39 -15.97
C ASP A 125 15.90 -10.88 -15.05
N LEU A 126 15.63 -10.86 -13.73
CA LEU A 126 16.58 -11.31 -12.71
C LEU A 126 16.83 -12.84 -12.78
N SER A 127 17.84 -13.33 -12.05
CA SER A 127 18.13 -14.77 -11.95
C SER A 127 16.99 -15.53 -11.25
N PHE A 128 16.99 -16.86 -11.28
CA PHE A 128 15.95 -17.69 -10.64
C PHE A 128 15.74 -17.36 -9.14
N GLY A 129 16.83 -17.33 -8.37
CA GLY A 129 16.79 -17.06 -6.93
C GLY A 129 16.39 -15.62 -6.58
N GLU A 130 16.77 -14.67 -7.42
CA GLU A 130 16.38 -13.26 -7.29
C GLU A 130 14.91 -13.06 -7.67
N ARG A 131 14.48 -13.58 -8.82
CA ARG A 131 13.10 -13.58 -9.30
C ARG A 131 12.15 -14.14 -8.25
N LYS A 132 12.54 -15.15 -7.45
CA LYS A 132 11.72 -15.68 -6.36
C LYS A 132 11.30 -14.63 -5.33
N MET A 133 12.24 -13.82 -4.83
CA MET A 133 11.91 -12.76 -3.88
C MET A 133 11.27 -11.56 -4.61
N LEU A 134 11.82 -11.20 -5.77
CA LEU A 134 11.32 -10.11 -6.62
C LEU A 134 9.85 -10.30 -7.00
N ASP A 135 9.42 -11.48 -7.45
CA ASP A 135 8.03 -11.78 -7.82
C ASP A 135 7.05 -11.48 -6.67
N THR A 136 7.45 -11.82 -5.43
CA THR A 136 6.65 -11.54 -4.23
C THR A 136 6.62 -10.03 -3.93
N ALA A 137 7.79 -9.37 -3.94
CA ALA A 137 7.88 -7.92 -3.74
C ALA A 137 7.21 -7.10 -4.85
N ARG A 138 7.31 -7.50 -6.12
CA ARG A 138 6.64 -6.90 -7.30
C ARG A 138 5.14 -6.90 -7.13
N SER A 139 4.56 -8.03 -6.71
CA SER A 139 3.11 -8.13 -6.46
C SER A 139 2.62 -7.15 -5.40
N LEU A 140 3.49 -6.69 -4.49
CA LEU A 140 3.21 -5.68 -3.47
C LEU A 140 3.59 -4.25 -3.92
N LEU A 141 4.63 -4.09 -4.75
CA LEU A 141 5.09 -2.80 -5.27
C LEU A 141 3.94 -2.04 -5.94
N ILE A 142 3.31 -2.68 -6.93
CA ILE A 142 2.19 -2.10 -7.68
C ILE A 142 0.91 -2.03 -6.86
N LYS A 143 0.83 -2.76 -5.75
CA LYS A 143 -0.32 -2.86 -4.84
C LYS A 143 -0.43 -1.63 -3.95
N GLU A 144 0.70 -1.21 -3.39
CA GLU A 144 0.80 0.00 -2.57
C GLU A 144 0.86 1.25 -3.47
N LEU A 145 1.72 1.26 -4.50
CA LEU A 145 1.85 2.38 -5.43
C LEU A 145 0.62 2.52 -6.36
N SER A 146 -0.27 1.53 -6.40
CA SER A 146 -1.55 1.50 -7.13
C SER A 146 -2.32 2.82 -7.06
N LEU A 147 -2.23 3.51 -5.92
CA LEU A 147 -2.86 4.80 -5.66
C LEU A 147 -2.59 5.83 -6.78
N ALA A 148 -1.31 6.13 -7.03
CA ALA A 148 -0.91 7.06 -8.09
C ALA A 148 -1.12 6.49 -9.51
N LYS A 149 -1.08 5.15 -9.64
CA LYS A 149 -1.37 4.40 -10.88
C LYS A 149 -2.80 4.63 -11.37
N ASP A 150 -3.79 4.26 -10.55
CA ASP A 150 -5.24 4.23 -10.85
C ASP A 150 -5.56 3.64 -12.26
N CYS A 151 -4.76 2.68 -12.70
CA CYS A 151 -4.72 2.12 -14.06
C CYS A 151 -4.19 0.66 -14.07
N SER A 152 -3.84 0.12 -15.24
CA SER A 152 -3.22 -1.19 -15.43
C SER A 152 -1.92 -1.34 -14.64
N GLU A 153 -1.53 -2.56 -14.24
CA GLU A 153 -0.28 -2.84 -13.51
C GLU A 153 0.97 -2.30 -14.24
N ASP A 154 0.93 -2.25 -15.58
CA ASP A 154 1.97 -1.68 -16.44
C ASP A 154 2.36 -0.26 -16.02
N GLU A 155 1.48 0.53 -15.40
CA GLU A 155 1.81 1.87 -14.94
C GLU A 155 2.98 1.86 -13.96
N ILE A 156 2.88 1.08 -12.88
CA ILE A 156 3.95 0.91 -11.89
C ILE A 156 5.03 -0.06 -12.38
N GLU A 157 4.64 -1.19 -12.99
CA GLU A 157 5.57 -2.22 -13.49
C GLU A 157 6.58 -1.60 -14.48
N SER A 158 6.10 -0.81 -15.45
CA SER A 158 6.93 -0.06 -16.39
C SER A 158 7.59 1.15 -15.75
N ASP A 159 6.96 1.86 -14.80
CA ASP A 159 7.60 2.98 -14.10
C ASP A 159 8.95 2.60 -13.48
N LEU A 160 9.15 1.33 -13.10
CA LEU A 160 10.44 0.84 -12.61
C LEU A 160 11.60 1.17 -13.56
N LYS A 161 11.32 1.31 -14.86
CA LYS A 161 12.30 1.71 -15.88
C LYS A 161 12.88 3.09 -15.66
N LYS A 162 12.10 4.03 -15.13
CA LYS A 162 12.53 5.40 -14.80
C LYS A 162 13.27 5.47 -13.45
N ILE A 163 13.07 4.45 -12.61
CA ILE A 163 13.58 4.39 -11.24
C ILE A 163 14.93 3.66 -11.20
N PHE A 164 14.99 2.42 -11.71
CA PHE A 164 16.19 1.56 -11.77
C PHE A 164 16.97 1.71 -13.09
N ASN A 165 16.49 2.56 -14.02
CA ASN A 165 17.07 2.85 -15.33
C ASN A 165 17.10 1.63 -16.28
N LEU A 166 15.93 1.00 -16.47
CA LEU A 166 15.68 -0.17 -17.33
C LEU A 166 15.35 0.29 -18.77
N ALA A 167 14.69 -0.59 -19.52
CA ALA A 167 14.22 -0.40 -20.91
C ALA A 167 12.69 -0.57 -21.03
N GLY A 1 -23.16 16.37 6.68
CA GLY A 1 -23.53 17.80 6.81
C GLY A 1 -24.45 18.04 8.01
N SER A 2 -23.92 18.49 9.15
CA SER A 2 -24.70 18.82 10.37
C SER A 2 -23.91 19.64 11.40
N HIS A 3 -24.49 19.94 12.56
CA HIS A 3 -23.90 20.74 13.65
C HIS A 3 -23.20 19.86 14.71
N MET A 4 -22.16 19.13 14.29
CA MET A 4 -21.39 18.18 15.11
C MET A 4 -20.04 17.83 14.48
N GLN A 5 -19.26 16.98 15.15
CA GLN A 5 -17.99 16.45 14.68
C GLN A 5 -17.87 14.97 15.10
N THR A 6 -17.20 14.19 14.25
CA THR A 6 -16.91 12.76 14.44
C THR A 6 -15.43 12.45 14.20
N SER A 7 -15.04 11.19 14.31
CA SER A 7 -13.66 10.69 14.12
C SER A 7 -13.00 11.25 12.85
N PHE A 8 -13.48 10.88 11.65
CA PHE A 8 -13.01 11.38 10.35
C PHE A 8 -14.13 11.43 9.30
N LYS A 9 -14.34 12.57 8.62
CA LYS A 9 -15.35 12.72 7.57
C LYS A 9 -14.84 12.32 6.17
N THR A 10 -15.66 12.44 5.13
CA THR A 10 -15.26 12.19 3.73
C THR A 10 -13.95 12.89 3.39
N GLY A 11 -12.97 12.12 2.91
CA GLY A 11 -11.67 12.66 2.50
C GLY A 11 -10.48 11.70 2.63
N ASP A 12 -10.70 10.53 3.23
CA ASP A 12 -9.70 9.48 3.43
C ASP A 12 -10.26 8.10 3.07
N LYS A 13 -9.37 7.11 2.91
CA LYS A 13 -9.74 5.71 2.67
C LYS A 13 -9.42 4.89 3.92
N ALA A 14 -10.40 4.12 4.37
CA ALA A 14 -10.29 3.23 5.52
C ALA A 14 -10.52 1.78 5.07
N VAL A 15 -9.76 0.86 5.64
CA VAL A 15 -9.77 -0.58 5.33
C VAL A 15 -10.43 -1.35 6.47
N TYR A 16 -11.60 -1.91 6.20
CA TYR A 16 -12.37 -2.70 7.16
C TYR A 16 -12.04 -4.21 7.06
N PRO A 17 -12.42 -5.03 8.06
CA PRO A 17 -12.22 -6.47 8.06
C PRO A 17 -13.17 -7.19 7.06
N GLY A 18 -12.67 -7.43 5.84
CA GLY A 18 -13.38 -8.16 4.80
C GLY A 18 -12.84 -7.90 3.38
N GLN A 19 -12.58 -6.64 3.05
CA GLN A 19 -12.05 -6.21 1.74
C GLN A 19 -11.06 -5.04 1.87
N GLY A 20 -11.58 -3.81 2.05
CA GLY A 20 -10.83 -2.54 2.09
C GLY A 20 -11.04 -1.63 0.88
N VAL A 21 -11.73 -2.08 -0.17
CA VAL A 21 -12.00 -1.29 -1.39
C VAL A 21 -13.18 -0.33 -1.17
N GLY A 22 -12.99 0.67 -0.31
CA GLY A 22 -13.98 1.69 -0.02
C GLY A 22 -13.39 3.05 0.34
N GLU A 23 -14.20 4.10 0.21
CA GLU A 23 -13.89 5.49 0.53
C GLU A 23 -14.88 6.03 1.58
N VAL A 24 -14.36 6.68 2.63
CA VAL A 24 -15.18 7.28 3.70
C VAL A 24 -16.15 8.29 3.08
N MET A 25 -17.45 8.19 3.38
CA MET A 25 -18.51 9.13 2.92
C MET A 25 -19.13 9.96 4.07
N GLY A 26 -18.46 9.98 5.22
CA GLY A 26 -18.89 10.66 6.44
C GLY A 26 -19.28 9.64 7.52
N ILE A 27 -20.09 10.12 8.48
CA ILE A 27 -20.68 9.34 9.56
C ILE A 27 -22.20 9.53 9.59
N GLU A 28 -22.92 8.46 9.86
CA GLU A 28 -24.38 8.39 10.06
C GLU A 28 -24.71 8.29 11.55
N HIS A 29 -25.66 9.08 12.03
CA HIS A 29 -26.13 9.03 13.43
C HIS A 29 -27.35 8.11 13.57
N THR A 30 -27.32 7.22 14.56
CA THR A 30 -28.39 6.23 14.84
C THR A 30 -28.87 6.34 16.30
N GLU A 31 -29.72 5.39 16.70
CA GLU A 31 -30.20 5.24 18.07
C GLU A 31 -30.07 3.78 18.53
N VAL A 32 -29.31 3.55 19.60
CA VAL A 32 -29.09 2.22 20.22
C VAL A 32 -29.36 2.31 21.73
N ALA A 33 -30.07 1.34 22.29
CA ALA A 33 -30.46 1.29 23.70
C ALA A 33 -31.19 2.57 24.21
N GLY A 34 -31.89 3.29 23.33
CA GLY A 34 -32.54 4.58 23.62
C GLY A 34 -31.58 5.77 23.75
N GLN A 35 -30.36 5.64 23.21
CA GLN A 35 -29.27 6.63 23.27
C GLN A 35 -28.74 6.95 21.86
N ARG A 36 -28.28 8.19 21.64
CA ARG A 36 -27.64 8.58 20.37
C ARG A 36 -26.33 7.82 20.15
N GLN A 37 -26.04 7.54 18.88
CA GLN A 37 -24.79 6.90 18.44
C GLN A 37 -24.38 7.35 17.04
N SER A 38 -23.17 6.96 16.63
CA SER A 38 -22.55 7.37 15.36
C SER A 38 -21.73 6.23 14.73
N PHE A 39 -21.88 6.04 13.42
CA PHE A 39 -21.21 4.98 12.65
C PHE A 39 -20.68 5.51 11.32
N TYR A 40 -19.52 5.01 10.88
CA TYR A 40 -18.95 5.34 9.58
C TYR A 40 -19.82 4.87 8.41
N VAL A 41 -19.62 5.47 7.25
CA VAL A 41 -20.27 5.10 5.98
C VAL A 41 -19.19 4.86 4.94
N LEU A 42 -18.58 3.66 4.97
CA LEU A 42 -17.59 3.31 3.97
C LEU A 42 -18.31 2.99 2.65
N ARG A 43 -18.02 3.78 1.61
CA ARG A 43 -18.63 3.69 0.29
C ARG A 43 -17.76 2.82 -0.60
N ILE A 44 -18.23 1.60 -0.86
CA ILE A 44 -17.46 0.60 -1.61
C ILE A 44 -17.26 1.02 -3.07
N LEU A 45 -16.01 1.14 -3.54
CA LEU A 45 -15.70 1.51 -4.93
C LEU A 45 -16.02 0.41 -5.95
N GLU A 46 -16.11 -0.84 -5.51
CA GLU A 46 -16.39 -2.02 -6.34
C GLU A 46 -17.75 -1.89 -7.09
N ASN A 47 -18.84 -1.82 -6.31
CA ASN A 47 -20.23 -1.67 -6.79
C ASN A 47 -21.02 -0.51 -6.16
N GLY A 48 -20.64 -0.03 -4.97
CA GLY A 48 -21.38 1.00 -4.21
C GLY A 48 -22.20 0.47 -3.02
N MET A 49 -21.75 -0.63 -2.38
CA MET A 49 -22.39 -1.16 -1.16
C MET A 49 -22.30 -0.15 0.00
N ARG A 50 -23.09 -0.39 1.04
CA ARG A 50 -23.19 0.42 2.26
C ARG A 50 -22.75 -0.39 3.48
N ILE A 51 -21.56 -0.10 4.01
CA ILE A 51 -21.04 -0.69 5.24
C ILE A 51 -21.09 0.34 6.38
N MET A 52 -21.37 -0.13 7.60
CA MET A 52 -21.45 0.68 8.81
C MET A 52 -20.48 0.15 9.88
N ILE A 53 -19.76 1.04 10.55
CA ILE A 53 -18.75 0.70 11.58
C ILE A 53 -18.89 1.61 12.80
N PRO A 54 -18.91 1.07 14.04
CA PRO A 54 -19.02 1.86 15.26
C PRO A 54 -17.78 2.76 15.47
N ILE A 55 -17.97 4.08 15.54
CA ILE A 55 -16.86 5.03 15.77
C ILE A 55 -16.16 4.82 17.12
N ASN A 56 -16.86 4.19 18.07
CA ASN A 56 -16.43 3.88 19.43
C ASN A 56 -15.05 3.19 19.48
N LYS A 57 -14.72 2.42 18.43
CA LYS A 57 -13.45 1.68 18.28
C LYS A 57 -12.92 1.69 16.83
N VAL A 58 -12.55 2.87 16.30
CA VAL A 58 -11.93 3.07 14.97
C VAL A 58 -10.48 2.52 14.86
N GLY A 59 -10.24 1.30 15.34
CA GLY A 59 -8.95 0.62 15.41
C GLY A 59 -9.10 -0.83 15.86
N SER A 60 -9.68 -1.03 17.05
CA SER A 60 -9.89 -2.36 17.65
C SER A 60 -11.00 -3.20 16.99
N VAL A 61 -11.93 -2.59 16.24
CA VAL A 61 -12.98 -3.29 15.46
C VAL A 61 -12.46 -3.88 14.13
N GLY A 62 -11.16 -3.81 13.87
CA GLY A 62 -10.51 -4.19 12.61
C GLY A 62 -10.38 -3.05 11.60
N LEU A 63 -10.94 -1.86 11.91
CA LEU A 63 -10.80 -0.65 11.10
C LEU A 63 -9.35 -0.20 11.09
N ARG A 64 -8.76 -0.23 9.90
CA ARG A 64 -7.39 0.18 9.63
C ARG A 64 -7.37 1.20 8.50
N GLU A 65 -6.19 1.63 8.11
CA GLU A 65 -5.97 2.55 6.99
C GLU A 65 -4.77 2.08 6.18
N ILE A 66 -4.80 2.37 4.88
CA ILE A 66 -3.71 2.11 3.92
C ILE A 66 -3.03 3.41 3.51
N ILE A 67 -1.91 3.26 2.81
CA ILE A 67 -1.17 4.38 2.24
C ILE A 67 -1.95 5.04 1.11
N SER A 68 -1.71 6.35 0.93
CA SER A 68 -2.27 7.16 -0.16
C SER A 68 -1.20 7.57 -1.19
N GLU A 69 -1.58 8.32 -2.23
CA GLU A 69 -0.65 8.89 -3.23
C GLU A 69 0.53 9.65 -2.61
N GLU A 70 0.34 10.25 -1.43
CA GLU A 70 1.39 10.93 -0.65
C GLU A 70 2.60 10.02 -0.40
N ASP A 71 2.36 8.82 0.16
CA ASP A 71 3.38 7.83 0.42
C ASP A 71 3.96 7.27 -0.88
N VAL A 72 3.16 7.08 -1.94
CA VAL A 72 3.66 6.64 -3.25
C VAL A 72 4.79 7.53 -3.74
N LYS A 73 4.63 8.86 -3.69
CA LYS A 73 5.67 9.83 -4.07
C LYS A 73 6.97 9.64 -3.26
N GLN A 74 6.84 9.43 -1.94
CA GLN A 74 7.98 9.14 -1.06
C GLN A 74 8.65 7.81 -1.43
N VAL A 75 7.89 6.72 -1.59
CA VAL A 75 8.40 5.39 -1.96
C VAL A 75 9.34 5.47 -3.16
N TYR A 76 8.90 6.08 -4.26
CA TYR A 76 9.73 6.29 -5.45
C TYR A 76 11.06 6.96 -5.10
N SER A 77 11.06 7.98 -4.24
CA SER A 77 12.25 8.68 -3.74
C SER A 77 13.26 7.77 -3.02
N ILE A 78 12.78 6.70 -2.35
CA ILE A 78 13.61 5.69 -1.65
C ILE A 78 14.44 4.87 -2.64
N LEU A 79 13.88 4.63 -3.83
CA LEU A 79 14.51 3.83 -4.89
C LEU A 79 15.16 4.68 -5.99
N LYS A 80 14.78 5.96 -6.10
CA LYS A 80 15.32 6.96 -7.05
C LYS A 80 16.84 7.10 -6.94
N GLU A 81 17.38 6.83 -5.75
CA GLU A 81 18.81 6.81 -5.46
C GLU A 81 19.50 5.60 -6.10
N LYS A 82 20.42 5.87 -7.03
CA LYS A 82 21.20 4.88 -7.79
C LYS A 82 22.44 4.37 -7.03
N ASP A 83 22.61 4.79 -5.78
CA ASP A 83 23.79 4.54 -4.92
C ASP A 83 23.53 3.44 -3.86
N ILE A 84 22.63 2.52 -4.18
CA ILE A 84 22.13 1.44 -3.31
C ILE A 84 22.59 0.05 -3.77
N SER A 85 23.35 -0.04 -4.87
CA SER A 85 23.90 -1.25 -5.49
C SER A 85 24.71 -2.09 -4.48
N VAL A 86 24.05 -3.00 -3.78
CA VAL A 86 24.65 -3.90 -2.79
C VAL A 86 25.76 -4.74 -3.44
N ASP A 87 26.83 -4.97 -2.69
CA ASP A 87 27.94 -5.84 -3.12
C ASP A 87 27.47 -7.29 -3.30
N SER A 88 27.99 -7.99 -4.32
CA SER A 88 27.70 -9.41 -4.60
C SER A 88 28.06 -10.35 -3.44
N THR A 89 29.08 -10.03 -2.64
CA THR A 89 29.46 -10.78 -1.43
C THR A 89 28.44 -10.58 -0.32
N THR A 90 28.06 -9.33 -0.04
CA THR A 90 27.06 -8.98 0.97
C THR A 90 25.64 -9.39 0.56
N TRP A 91 25.37 -9.51 -0.74
CA TRP A 91 24.05 -9.85 -1.29
C TRP A 91 23.41 -11.06 -0.59
N ASN A 92 24.17 -12.13 -0.39
CA ASN A 92 23.71 -13.33 0.29
C ASN A 92 23.10 -13.03 1.68
N ARG A 93 23.76 -12.14 2.45
CA ARG A 93 23.30 -11.63 3.76
C ARG A 93 22.12 -10.68 3.60
N ARG A 94 22.20 -9.74 2.65
CA ARG A 94 21.12 -8.80 2.30
C ARG A 94 19.82 -9.51 1.91
N TYR A 95 19.91 -10.73 1.38
CA TYR A 95 18.75 -11.56 1.07
C TYR A 95 17.89 -11.78 2.33
N ARG A 96 18.53 -12.12 3.46
CA ARG A 96 17.89 -12.47 4.75
C ARG A 96 17.03 -11.33 5.30
N GLU A 97 17.61 -10.13 5.41
CA GLU A 97 16.88 -8.91 5.82
C GLU A 97 15.69 -8.67 4.88
N TYR A 98 15.92 -8.62 3.56
CA TYR A 98 14.86 -8.42 2.57
C TYR A 98 13.79 -9.50 2.59
N MET A 99 14.12 -10.75 2.91
CA MET A 99 13.19 -11.86 3.06
C MET A 99 12.09 -11.52 4.07
N GLU A 100 12.44 -10.86 5.17
CA GLU A 100 11.48 -10.39 6.19
C GLU A 100 10.52 -9.31 5.65
N LYS A 101 11.03 -8.38 4.81
CA LYS A 101 10.24 -7.29 4.23
C LYS A 101 9.12 -7.79 3.32
N ILE A 102 9.29 -9.00 2.74
CA ILE A 102 8.28 -9.65 1.90
C ILE A 102 7.08 -10.15 2.72
N LYS A 103 7.32 -10.66 3.94
CA LYS A 103 6.27 -11.10 4.88
C LYS A 103 5.32 -9.96 5.24
N THR A 104 5.88 -8.80 5.59
CA THR A 104 5.07 -7.62 5.94
C THR A 104 4.48 -6.98 4.68
N GLY A 105 5.21 -7.12 3.56
CA GLY A 105 4.95 -6.49 2.27
C GLY A 105 4.75 -4.98 2.35
N SER A 106 5.35 -4.35 3.36
CA SER A 106 5.30 -2.90 3.59
C SER A 106 5.69 -2.17 2.31
N VAL A 107 4.84 -1.27 1.84
CA VAL A 107 5.05 -0.42 0.66
C VAL A 107 6.46 0.19 0.55
N PHE A 108 6.92 0.87 1.60
CA PHE A 108 8.24 1.49 1.70
C PHE A 108 9.39 0.46 1.71
N GLU A 109 9.09 -0.77 2.14
CA GLU A 109 10.00 -1.90 2.24
C GLU A 109 10.10 -2.67 0.92
N ILE A 110 8.99 -3.18 0.38
CA ILE A 110 8.89 -3.92 -0.89
C ILE A 110 9.58 -3.19 -2.02
N ALA A 111 9.29 -1.88 -2.14
CA ALA A 111 9.94 -1.05 -3.11
C ALA A 111 11.47 -1.07 -2.93
N GLU A 112 11.96 -0.97 -1.69
CA GLU A 112 13.39 -1.08 -1.38
C GLU A 112 13.96 -2.46 -1.68
N VAL A 113 13.19 -3.53 -1.39
CA VAL A 113 13.61 -4.91 -1.61
C VAL A 113 13.81 -5.15 -3.09
N LEU A 114 12.75 -5.00 -3.90
CA LEU A 114 12.81 -5.28 -5.33
C LEU A 114 13.92 -4.44 -6.00
N ARG A 115 14.05 -3.18 -5.60
CA ARG A 115 15.05 -2.21 -6.07
C ARG A 115 16.44 -2.80 -5.93
N ASP A 116 16.76 -3.28 -4.74
CA ASP A 116 18.06 -3.87 -4.47
C ASP A 116 18.39 -4.98 -5.47
N LEU A 117 17.47 -5.94 -5.67
CA LEU A 117 17.66 -7.01 -6.66
C LEU A 117 17.73 -6.47 -8.11
N TYR A 118 16.97 -5.43 -8.43
CA TYR A 118 16.97 -4.76 -9.74
C TYR A 118 18.32 -4.11 -10.07
N LEU A 119 18.87 -3.31 -9.17
CA LEU A 119 20.20 -2.71 -9.35
C LEU A 119 21.33 -3.74 -9.23
N LEU A 120 21.13 -4.85 -8.51
CA LEU A 120 22.08 -5.97 -8.39
C LEU A 120 22.47 -6.56 -9.76
N LYS A 121 21.51 -6.63 -10.69
CA LYS A 121 21.71 -7.07 -12.09
C LYS A 121 21.92 -5.88 -13.04
N GLY A 122 21.46 -4.68 -12.66
CA GLY A 122 21.38 -3.48 -13.50
C GLY A 122 20.25 -3.51 -14.53
N ASP A 123 19.40 -4.55 -14.51
CA ASP A 123 18.31 -4.85 -15.44
C ASP A 123 17.10 -5.48 -14.72
N LYS A 124 16.04 -5.78 -15.47
CA LYS A 124 14.81 -6.45 -14.99
C LYS A 124 14.90 -7.98 -15.04
N ASP A 125 15.70 -8.52 -15.95
CA ASP A 125 15.91 -9.96 -16.15
C ASP A 125 16.90 -10.51 -15.11
N LEU A 126 16.46 -10.53 -13.86
CA LEU A 126 17.20 -11.07 -12.71
C LEU A 126 17.50 -12.57 -12.87
N SER A 127 18.53 -13.04 -12.16
CA SER A 127 18.90 -14.47 -12.12
C SER A 127 17.82 -15.33 -11.44
N PHE A 128 17.94 -16.66 -11.46
CA PHE A 128 16.93 -17.56 -10.88
C PHE A 128 16.59 -17.23 -9.41
N GLY A 129 17.61 -17.09 -8.55
CA GLY A 129 17.43 -16.82 -7.11
C GLY A 129 16.98 -15.39 -6.80
N GLU A 130 17.41 -14.43 -7.62
CA GLU A 130 16.99 -13.03 -7.52
C GLU A 130 15.53 -12.87 -7.99
N ARG A 131 15.17 -13.43 -9.15
CA ARG A 131 13.80 -13.46 -9.68
C ARG A 131 12.82 -14.10 -8.70
N LYS A 132 13.24 -15.08 -7.90
CA LYS A 132 12.38 -15.69 -6.85
C LYS A 132 11.88 -14.68 -5.82
N MET A 133 12.79 -13.86 -5.27
CA MET A 133 12.39 -12.81 -4.31
C MET A 133 11.67 -11.66 -5.04
N LEU A 134 12.22 -11.22 -6.18
CA LEU A 134 11.67 -10.16 -7.01
C LEU A 134 10.23 -10.46 -7.46
N ASP A 135 9.91 -11.68 -7.87
CA ASP A 135 8.56 -12.08 -8.30
C ASP A 135 7.50 -11.80 -7.22
N THR A 136 7.82 -12.12 -5.96
CA THR A 136 6.92 -11.85 -4.82
C THR A 136 6.88 -10.36 -4.50
N ALA A 137 8.04 -9.69 -4.47
CA ALA A 137 8.13 -8.25 -4.23
C ALA A 137 7.43 -7.40 -5.30
N ARG A 138 7.63 -7.67 -6.59
CA ARG A 138 6.96 -7.03 -7.76
C ARG A 138 5.45 -7.09 -7.66
N SER A 139 4.90 -8.26 -7.34
CA SER A 139 3.46 -8.46 -7.15
C SER A 139 2.89 -7.55 -6.04
N LEU A 140 3.72 -7.14 -5.07
CA LEU A 140 3.38 -6.21 -4.00
C LEU A 140 3.75 -4.75 -4.32
N LEU A 141 4.73 -4.50 -5.19
CA LEU A 141 5.20 -3.16 -5.58
C LEU A 141 4.04 -2.38 -6.18
N ILE A 142 3.44 -2.94 -7.23
CA ILE A 142 2.30 -2.34 -7.90
C ILE A 142 1.05 -2.42 -7.05
N LYS A 143 0.95 -3.34 -6.08
CA LYS A 143 -0.22 -3.53 -5.19
C LYS A 143 -0.40 -2.34 -4.26
N GLU A 144 0.68 -1.94 -3.60
CA GLU A 144 0.67 -0.80 -2.70
C GLU A 144 0.70 0.51 -3.49
N LEU A 145 1.61 0.65 -4.47
CA LEU A 145 1.73 1.84 -5.31
C LEU A 145 0.55 2.02 -6.28
N SER A 146 -0.34 1.03 -6.38
CA SER A 146 -1.59 1.05 -7.18
C SER A 146 -2.41 2.31 -7.00
N LEU A 147 -2.29 2.97 -5.86
CA LEU A 147 -2.95 4.23 -5.63
C LEU A 147 -2.61 5.28 -6.70
N ALA A 148 -1.33 5.41 -7.06
CA ALA A 148 -0.86 6.28 -8.14
C ALA A 148 -0.98 5.67 -9.55
N LYS A 149 -1.32 4.37 -9.70
CA LYS A 149 -1.51 3.72 -11.02
C LYS A 149 -2.55 4.47 -11.85
N ASP A 150 -3.80 4.41 -11.37
CA ASP A 150 -5.01 4.85 -12.07
C ASP A 150 -5.19 4.27 -13.50
N CYS A 151 -4.40 3.24 -13.85
CA CYS A 151 -4.23 2.62 -15.16
C CYS A 151 -3.78 1.15 -15.03
N SER A 152 -3.29 0.53 -16.11
CA SER A 152 -2.71 -0.83 -16.14
C SER A 152 -1.48 -0.98 -15.24
N GLU A 153 -1.11 -2.23 -14.89
CA GLU A 153 0.11 -2.52 -14.11
C GLU A 153 1.39 -1.97 -14.74
N ASP A 154 1.42 -1.85 -16.08
CA ASP A 154 2.50 -1.24 -16.86
C ASP A 154 2.88 0.16 -16.33
N GLU A 155 1.98 0.89 -15.68
CA GLU A 155 2.27 2.19 -15.11
C GLU A 155 3.41 2.10 -14.08
N ILE A 156 3.27 1.24 -13.06
CA ILE A 156 4.28 0.98 -12.02
C ILE A 156 5.39 0.03 -12.54
N GLU A 157 5.03 -1.06 -13.22
CA GLU A 157 5.99 -2.06 -13.72
C GLU A 157 7.02 -1.41 -14.66
N SER A 158 6.56 -0.64 -15.66
CA SER A 158 7.44 0.10 -16.55
C SER A 158 8.02 1.34 -15.87
N ASP A 159 7.36 1.96 -14.88
CA ASP A 159 7.97 3.09 -14.15
C ASP A 159 9.30 2.70 -13.51
N LEU A 160 9.52 1.43 -13.15
CA LEU A 160 10.81 0.95 -12.64
C LEU A 160 11.97 1.31 -13.57
N LYS A 161 11.71 1.47 -14.87
CA LYS A 161 12.69 1.88 -15.88
C LYS A 161 13.26 3.27 -15.63
N LYS A 162 12.47 4.20 -15.08
CA LYS A 162 12.89 5.57 -14.76
C LYS A 162 13.63 5.65 -13.42
N ILE A 163 13.40 4.66 -12.55
CA ILE A 163 13.94 4.58 -11.19
C ILE A 163 15.31 3.88 -11.20
N PHE A 164 15.35 2.65 -11.72
CA PHE A 164 16.54 1.78 -11.78
C PHE A 164 17.34 1.92 -13.10
N ASN A 165 16.93 2.83 -13.99
CA ASN A 165 17.47 3.06 -15.35
C ASN A 165 17.52 1.79 -16.23
N LEU A 166 16.35 1.16 -16.42
CA LEU A 166 16.18 -0.08 -17.21
C LEU A 166 16.00 0.20 -18.71
N ALA A 167 15.32 1.31 -19.05
CA ALA A 167 15.02 1.78 -20.41
C ALA A 167 15.23 3.29 -20.58
N GLY A 1 -20.60 22.18 0.43
CA GLY A 1 -21.13 21.07 1.25
C GLY A 1 -20.10 20.55 2.23
N SER A 2 -20.23 20.88 3.52
CA SER A 2 -19.31 20.47 4.60
C SER A 2 -19.96 20.69 5.99
N HIS A 3 -20.32 19.61 6.68
CA HIS A 3 -20.94 19.61 8.03
C HIS A 3 -20.36 18.51 8.93
N MET A 4 -19.17 18.73 9.48
CA MET A 4 -18.52 17.83 10.46
C MET A 4 -19.33 17.72 11.76
N GLN A 5 -19.71 16.49 12.14
CA GLN A 5 -20.50 16.20 13.34
C GLN A 5 -20.07 14.89 14.06
N THR A 6 -18.92 14.34 13.68
CA THR A 6 -18.36 13.06 14.17
C THR A 6 -16.82 13.07 14.10
N SER A 7 -16.17 11.92 14.30
CA SER A 7 -14.71 11.72 14.25
C SER A 7 -14.05 12.29 12.99
N PHE A 8 -14.37 11.76 11.80
CA PHE A 8 -13.82 12.21 10.51
C PHE A 8 -14.82 12.05 9.35
N LYS A 9 -15.11 13.13 8.62
CA LYS A 9 -16.04 13.17 7.47
C LYS A 9 -15.37 12.72 6.16
N THR A 10 -16.09 12.81 5.03
CA THR A 10 -15.58 12.51 3.68
C THR A 10 -14.25 13.22 3.42
N GLY A 11 -13.24 12.44 3.04
CA GLY A 11 -11.92 12.96 2.66
C GLY A 11 -10.74 12.04 3.00
N ASP A 12 -10.98 11.01 3.80
CA ASP A 12 -10.02 10.01 4.23
C ASP A 12 -10.46 8.62 3.76
N LYS A 13 -9.51 7.75 3.41
CA LYS A 13 -9.79 6.35 3.04
C LYS A 13 -9.41 5.44 4.22
N ALA A 14 -10.31 4.55 4.62
CA ALA A 14 -10.11 3.56 5.69
C ALA A 14 -10.24 2.13 5.16
N VAL A 15 -9.75 1.16 5.93
CA VAL A 15 -9.71 -0.27 5.58
C VAL A 15 -10.37 -1.11 6.66
N TYR A 16 -11.42 -1.83 6.28
CA TYR A 16 -12.18 -2.71 7.18
C TYR A 16 -11.69 -4.18 7.14
N PRO A 17 -11.93 -4.95 8.23
CA PRO A 17 -11.53 -6.36 8.33
C PRO A 17 -12.35 -7.26 7.39
N GLY A 18 -11.78 -7.52 6.21
CA GLY A 18 -12.37 -8.35 5.15
C GLY A 18 -12.02 -7.88 3.74
N GLN A 19 -11.64 -6.61 3.56
CA GLN A 19 -11.38 -6.03 2.22
C GLN A 19 -10.54 -4.73 2.25
N GLY A 20 -11.17 -3.58 2.54
CA GLY A 20 -10.58 -2.24 2.56
C GLY A 20 -10.78 -1.36 1.33
N VAL A 21 -11.43 -1.83 0.27
CA VAL A 21 -11.75 -1.05 -0.94
C VAL A 21 -12.92 -0.08 -0.72
N GLY A 22 -12.76 0.93 0.13
CA GLY A 22 -13.81 1.89 0.43
C GLY A 22 -13.30 3.26 0.85
N GLU A 23 -14.06 4.31 0.54
CA GLU A 23 -13.79 5.72 0.89
C GLU A 23 -14.90 6.24 1.82
N VAL A 24 -14.50 6.94 2.90
CA VAL A 24 -15.43 7.60 3.82
C VAL A 24 -16.29 8.60 3.03
N MET A 25 -17.62 8.53 3.19
CA MET A 25 -18.63 9.39 2.57
C MET A 25 -19.50 10.13 3.61
N GLY A 26 -19.05 10.14 4.87
CA GLY A 26 -19.75 10.73 6.01
C GLY A 26 -19.96 9.73 7.14
N ILE A 27 -20.93 10.04 8.00
CA ILE A 27 -21.36 9.25 9.15
C ILE A 27 -22.90 9.18 9.20
N GLU A 28 -23.43 8.02 9.58
CA GLU A 28 -24.85 7.73 9.81
C GLU A 28 -25.08 7.65 11.32
N HIS A 29 -25.84 8.60 11.88
CA HIS A 29 -26.25 8.60 13.29
C HIS A 29 -27.49 7.72 13.49
N THR A 30 -27.43 6.76 14.41
CA THR A 30 -28.55 5.86 14.78
C THR A 30 -28.81 5.90 16.29
N GLU A 31 -29.71 5.02 16.75
CA GLU A 31 -30.07 4.80 18.15
C GLU A 31 -29.87 3.32 18.50
N VAL A 32 -28.94 3.02 19.42
CA VAL A 32 -28.60 1.66 19.88
C VAL A 32 -28.75 1.59 21.41
N ALA A 33 -29.55 0.65 21.90
CA ALA A 33 -29.93 0.50 23.31
C ALA A 33 -30.54 1.78 23.94
N GLY A 34 -31.18 2.63 23.11
CA GLY A 34 -31.76 3.93 23.48
C GLY A 34 -30.75 5.10 23.53
N GLN A 35 -29.45 4.83 23.44
CA GLN A 35 -28.40 5.85 23.35
C GLN A 35 -28.04 6.13 21.89
N ARG A 36 -27.54 7.33 21.59
CA ARG A 36 -27.06 7.68 20.24
C ARG A 36 -25.78 6.92 19.91
N GLN A 37 -25.62 6.51 18.65
CA GLN A 37 -24.41 5.86 18.15
C GLN A 37 -24.16 6.24 16.68
N SER A 38 -22.94 6.63 16.36
CA SER A 38 -22.53 6.95 14.99
C SER A 38 -21.88 5.76 14.28
N PHE A 39 -21.86 5.80 12.94
CA PHE A 39 -21.22 4.78 12.10
C PHE A 39 -20.65 5.41 10.83
N TYR A 40 -19.37 5.15 10.52
CA TYR A 40 -18.73 5.59 9.28
C TYR A 40 -19.46 5.05 8.05
N VAL A 41 -19.67 5.92 7.07
CA VAL A 41 -20.30 5.62 5.78
C VAL A 41 -19.19 5.27 4.80
N LEU A 42 -18.65 4.06 4.89
CA LEU A 42 -17.63 3.63 3.94
C LEU A 42 -18.34 3.21 2.64
N ARG A 43 -18.05 3.90 1.53
CA ARG A 43 -18.60 3.59 0.20
C ARG A 43 -17.55 2.91 -0.65
N ILE A 44 -17.86 1.69 -1.07
CA ILE A 44 -16.98 0.82 -1.83
C ILE A 44 -16.78 1.37 -3.26
N LEU A 45 -15.53 1.66 -3.65
CA LEU A 45 -15.20 2.17 -4.99
C LEU A 45 -15.35 1.12 -6.10
N GLU A 46 -15.34 -0.17 -5.76
CA GLU A 46 -15.41 -1.29 -6.72
C GLU A 46 -16.69 -1.24 -7.57
N ASN A 47 -17.85 -1.18 -6.91
CA ASN A 47 -19.20 -1.12 -7.48
C ASN A 47 -20.08 0.05 -6.97
N GLY A 48 -19.90 0.49 -5.72
CA GLY A 48 -20.73 1.49 -5.02
C GLY A 48 -21.45 0.98 -3.76
N MET A 49 -21.09 -0.18 -3.20
CA MET A 49 -21.69 -0.74 -1.97
C MET A 49 -21.52 0.20 -0.75
N ARG A 50 -22.27 -0.08 0.32
CA ARG A 50 -22.35 0.68 1.58
C ARG A 50 -21.96 -0.19 2.77
N ILE A 51 -20.76 0.04 3.31
CA ILE A 51 -20.23 -0.60 4.52
C ILE A 51 -20.35 0.37 5.70
N MET A 52 -21.06 -0.03 6.75
CA MET A 52 -21.20 0.72 8.01
C MET A 52 -20.19 0.20 9.04
N ILE A 53 -19.51 1.10 9.75
CA ILE A 53 -18.46 0.78 10.74
C ILE A 53 -18.67 1.60 12.02
N PRO A 54 -18.74 0.98 13.22
CA PRO A 54 -18.91 1.71 14.48
C PRO A 54 -17.67 2.56 14.80
N ILE A 55 -17.81 3.89 14.90
CA ILE A 55 -16.71 4.79 15.29
C ILE A 55 -16.24 4.59 16.75
N ASN A 56 -16.99 3.82 17.55
CA ASN A 56 -16.82 3.68 19.00
C ASN A 56 -15.81 2.58 19.31
N LYS A 57 -16.00 1.39 18.71
CA LYS A 57 -15.10 0.23 18.79
C LYS A 57 -13.97 0.28 17.74
N VAL A 58 -13.93 1.32 16.89
CA VAL A 58 -12.94 1.56 15.83
C VAL A 58 -11.49 1.37 16.32
N GLY A 59 -10.62 0.84 15.47
CA GLY A 59 -9.25 0.46 15.81
C GLY A 59 -9.18 -0.96 16.39
N SER A 60 -9.88 -1.23 17.49
CA SER A 60 -9.93 -2.56 18.12
C SER A 60 -10.70 -3.61 17.31
N VAL A 61 -11.70 -3.21 16.51
CA VAL A 61 -12.44 -4.12 15.60
C VAL A 61 -11.60 -4.70 14.45
N GLY A 62 -10.41 -4.14 14.19
CA GLY A 62 -9.56 -4.48 13.04
C GLY A 62 -9.47 -3.39 11.96
N LEU A 63 -10.18 -2.26 12.14
CA LEU A 63 -10.10 -1.10 11.24
C LEU A 63 -8.66 -0.59 11.15
N ARG A 64 -8.24 -0.26 9.93
CA ARG A 64 -6.91 0.22 9.58
C ARG A 64 -7.00 1.30 8.50
N GLU A 65 -5.84 1.70 8.01
CA GLU A 65 -5.67 2.64 6.91
C GLU A 65 -4.65 2.08 5.92
N ILE A 66 -4.68 2.64 4.71
CA ILE A 66 -3.77 2.36 3.60
C ILE A 66 -2.99 3.63 3.24
N ILE A 67 -1.96 3.47 2.42
CA ILE A 67 -1.19 4.61 1.91
C ILE A 67 -1.90 5.31 0.76
N SER A 68 -1.63 6.61 0.64
CA SER A 68 -2.13 7.50 -0.42
C SER A 68 -1.01 7.91 -1.40
N GLU A 69 -1.34 8.69 -2.42
CA GLU A 69 -0.37 9.22 -3.40
C GLU A 69 0.84 9.92 -2.74
N GLU A 70 0.67 10.53 -1.56
CA GLU A 70 1.73 11.14 -0.76
C GLU A 70 2.90 10.18 -0.52
N ASP A 71 2.61 8.98 -0.01
CA ASP A 71 3.57 7.90 0.19
C ASP A 71 4.16 7.47 -1.15
N VAL A 72 3.34 7.29 -2.19
CA VAL A 72 3.80 6.81 -3.50
C VAL A 72 4.97 7.67 -4.01
N LYS A 73 4.86 9.00 -3.89
CA LYS A 73 5.94 9.95 -4.23
C LYS A 73 7.21 9.72 -3.41
N GLN A 74 7.10 9.61 -2.08
CA GLN A 74 8.25 9.34 -1.20
C GLN A 74 8.92 8.00 -1.55
N VAL A 75 8.15 6.92 -1.70
CA VAL A 75 8.63 5.57 -2.07
C VAL A 75 9.57 5.62 -3.27
N TYR A 76 9.13 6.22 -4.38
CA TYR A 76 9.96 6.38 -5.57
C TYR A 76 11.31 7.02 -5.24
N SER A 77 11.32 8.07 -4.40
CA SER A 77 12.53 8.75 -3.91
C SER A 77 13.51 7.84 -3.16
N ILE A 78 13.02 6.78 -2.49
CA ILE A 78 13.83 5.77 -1.77
C ILE A 78 14.61 4.90 -2.76
N LEU A 79 14.04 4.66 -3.94
CA LEU A 79 14.62 3.80 -4.97
C LEU A 79 15.30 4.57 -6.11
N LYS A 80 15.00 5.87 -6.24
CA LYS A 80 15.54 6.81 -7.24
C LYS A 80 17.07 6.89 -7.22
N GLU A 81 17.66 6.56 -6.08
CA GLU A 81 19.10 6.47 -5.85
C GLU A 81 19.67 5.10 -6.24
N LYS A 82 20.42 5.07 -7.35
CA LYS A 82 21.14 3.87 -7.83
C LYS A 82 22.42 3.54 -7.06
N ASP A 83 22.86 4.41 -6.14
CA ASP A 83 24.04 4.22 -5.28
C ASP A 83 23.85 3.14 -4.19
N ILE A 84 22.63 2.60 -4.05
CA ILE A 84 22.26 1.51 -3.13
C ILE A 84 22.85 0.15 -3.51
N SER A 85 23.45 0.02 -4.70
CA SER A 85 23.99 -1.21 -5.32
C SER A 85 24.72 -2.13 -4.33
N VAL A 86 24.12 -3.31 -4.08
CA VAL A 86 24.65 -4.33 -3.16
C VAL A 86 25.60 -5.26 -3.89
N ASP A 87 26.81 -5.43 -3.36
CA ASP A 87 27.83 -6.35 -3.92
C ASP A 87 27.38 -7.82 -3.80
N SER A 88 27.78 -8.69 -4.74
CA SER A 88 27.36 -10.10 -4.77
C SER A 88 27.77 -10.91 -3.52
N THR A 89 28.82 -10.48 -2.81
CA THR A 89 29.30 -11.05 -1.54
C THR A 89 28.34 -10.73 -0.38
N THR A 90 27.97 -9.46 -0.23
CA THR A 90 26.99 -9.01 0.77
C THR A 90 25.56 -9.38 0.38
N TRP A 91 25.28 -9.61 -0.91
CA TRP A 91 23.96 -9.94 -1.42
C TRP A 91 23.28 -11.08 -0.66
N ASN A 92 23.96 -12.22 -0.50
CA ASN A 92 23.42 -13.38 0.22
C ASN A 92 22.98 -13.03 1.67
N ARG A 93 23.72 -12.10 2.30
CA ARG A 93 23.45 -11.54 3.64
C ARG A 93 22.23 -10.61 3.61
N ARG A 94 22.21 -9.69 2.63
CA ARG A 94 21.11 -8.75 2.34
C ARG A 94 19.80 -9.45 1.99
N TYR A 95 19.86 -10.67 1.45
CA TYR A 95 18.67 -11.48 1.18
C TYR A 95 17.84 -11.66 2.46
N ARG A 96 18.51 -11.92 3.60
CA ARG A 96 17.91 -12.21 4.93
C ARG A 96 17.08 -11.05 5.47
N GLU A 97 17.68 -9.86 5.56
CA GLU A 97 16.97 -8.64 5.96
C GLU A 97 15.77 -8.40 5.05
N TYR A 98 15.99 -8.37 3.73
CA TYR A 98 14.92 -8.19 2.74
C TYR A 98 13.82 -9.24 2.81
N MET A 99 14.14 -10.49 3.13
CA MET A 99 13.17 -11.57 3.34
C MET A 99 12.10 -11.19 4.38
N GLU A 100 12.51 -10.50 5.45
CA GLU A 100 11.59 -10.00 6.48
C GLU A 100 10.64 -8.90 5.96
N LYS A 101 11.14 -8.01 5.10
CA LYS A 101 10.35 -6.91 4.51
C LYS A 101 9.19 -7.44 3.65
N ILE A 102 9.31 -8.65 3.11
CA ILE A 102 8.27 -9.33 2.32
C ILE A 102 7.10 -9.80 3.20
N LYS A 103 7.38 -10.28 4.42
CA LYS A 103 6.37 -10.68 5.42
C LYS A 103 5.45 -9.52 5.79
N THR A 104 6.04 -8.35 6.07
CA THR A 104 5.24 -7.15 6.40
C THR A 104 4.59 -6.59 5.15
N GLY A 105 5.28 -6.73 4.01
CA GLY A 105 4.96 -6.12 2.73
C GLY A 105 4.74 -4.61 2.84
N SER A 106 5.44 -3.97 3.79
CA SER A 106 5.42 -2.52 3.95
C SER A 106 5.83 -1.85 2.64
N VAL A 107 5.04 -0.89 2.20
CA VAL A 107 5.25 -0.13 0.96
C VAL A 107 6.65 0.47 0.80
N PHE A 108 7.12 1.21 1.81
CA PHE A 108 8.45 1.81 1.83
C PHE A 108 9.56 0.75 1.85
N GLU A 109 9.24 -0.46 2.31
CA GLU A 109 10.12 -1.63 2.42
C GLU A 109 10.18 -2.46 1.14
N ILE A 110 9.04 -2.98 0.64
CA ILE A 110 8.90 -3.75 -0.62
C ILE A 110 9.58 -3.04 -1.77
N ALA A 111 9.30 -1.75 -1.93
CA ALA A 111 9.94 -0.96 -2.96
C ALA A 111 11.47 -1.01 -2.81
N GLU A 112 11.99 -0.84 -1.60
CA GLU A 112 13.41 -0.97 -1.27
C GLU A 112 13.98 -2.37 -1.56
N VAL A 113 13.22 -3.42 -1.23
CA VAL A 113 13.61 -4.81 -1.47
C VAL A 113 13.76 -5.05 -2.96
N LEU A 114 12.68 -4.88 -3.73
CA LEU A 114 12.66 -5.17 -5.15
C LEU A 114 13.77 -4.39 -5.88
N ARG A 115 13.93 -3.11 -5.52
CA ARG A 115 14.96 -2.20 -6.05
C ARG A 115 16.33 -2.81 -5.95
N ASP A 116 16.64 -3.33 -4.77
CA ASP A 116 17.93 -3.91 -4.51
C ASP A 116 18.24 -5.05 -5.49
N LEU A 117 17.32 -6.00 -5.65
CA LEU A 117 17.45 -7.10 -6.61
C LEU A 117 17.52 -6.60 -8.06
N TYR A 118 16.71 -5.59 -8.40
CA TYR A 118 16.73 -4.94 -9.71
C TYR A 118 18.10 -4.36 -10.06
N LEU A 119 18.70 -3.57 -9.17
CA LEU A 119 20.03 -3.01 -9.35
C LEU A 119 21.15 -4.06 -9.30
N LEU A 120 20.98 -5.13 -8.52
CA LEU A 120 21.90 -6.27 -8.43
C LEU A 120 22.17 -6.93 -9.80
N LYS A 121 21.18 -6.94 -10.69
CA LYS A 121 21.31 -7.43 -12.08
C LYS A 121 21.34 -6.30 -13.13
N GLY A 122 21.01 -5.07 -12.75
CA GLY A 122 20.87 -3.90 -13.62
C GLY A 122 19.56 -3.89 -14.43
N ASP A 123 19.22 -5.01 -15.08
CA ASP A 123 17.99 -5.23 -15.86
C ASP A 123 16.78 -5.69 -15.01
N LYS A 124 15.65 -6.01 -15.66
CA LYS A 124 14.42 -6.53 -15.03
C LYS A 124 14.37 -8.06 -14.91
N ASP A 125 14.94 -8.76 -15.89
CA ASP A 125 15.02 -10.23 -15.94
C ASP A 125 16.17 -10.70 -15.03
N LEU A 126 15.92 -10.69 -13.72
CA LEU A 126 16.89 -11.12 -12.71
C LEU A 126 17.13 -12.64 -12.78
N SER A 127 18.18 -13.13 -12.10
CA SER A 127 18.48 -14.58 -11.98
C SER A 127 17.39 -15.32 -11.22
N PHE A 128 17.36 -16.65 -11.25
CA PHE A 128 16.30 -17.48 -10.62
C PHE A 128 16.07 -17.12 -9.15
N GLY A 129 17.14 -17.06 -8.33
CA GLY A 129 17.05 -16.75 -6.90
C GLY A 129 16.61 -15.31 -6.60
N GLU A 130 17.06 -14.35 -7.42
CA GLU A 130 16.63 -12.96 -7.30
C GLU A 130 15.16 -12.81 -7.74
N ARG A 131 14.78 -13.35 -8.91
CA ARG A 131 13.41 -13.37 -9.42
C ARG A 131 12.44 -13.99 -8.40
N LYS A 132 12.84 -15.02 -7.63
CA LYS A 132 12.01 -15.60 -6.56
C LYS A 132 11.58 -14.59 -5.49
N MET A 133 12.50 -13.78 -4.96
CA MET A 133 12.14 -12.73 -4.00
C MET A 133 11.42 -11.57 -4.71
N LEU A 134 11.94 -11.15 -5.86
CA LEU A 134 11.40 -10.06 -6.68
C LEU A 134 9.96 -10.31 -7.10
N ASP A 135 9.59 -11.51 -7.53
CA ASP A 135 8.23 -11.88 -7.94
C ASP A 135 7.20 -11.59 -6.84
N THR A 136 7.54 -11.93 -5.58
CA THR A 136 6.67 -11.68 -4.43
C THR A 136 6.60 -10.19 -4.13
N ALA A 137 7.75 -9.50 -4.12
CA ALA A 137 7.84 -8.06 -3.91
C ALA A 137 7.14 -7.23 -5.00
N ARG A 138 7.32 -7.54 -6.29
CA ARG A 138 6.65 -6.93 -7.45
C ARG A 138 5.13 -6.97 -7.33
N SER A 139 4.58 -8.12 -6.94
CA SER A 139 3.14 -8.31 -6.70
C SER A 139 2.57 -7.33 -5.66
N LEU A 140 3.42 -6.84 -4.76
CA LEU A 140 3.09 -5.82 -3.75
C LEU A 140 3.46 -4.40 -4.22
N LEU A 141 4.53 -4.22 -4.98
CA LEU A 141 4.98 -2.94 -5.54
C LEU A 141 3.85 -2.19 -6.24
N ILE A 142 3.22 -2.85 -7.22
CA ILE A 142 2.12 -2.26 -7.99
C ILE A 142 0.81 -2.17 -7.20
N LYS A 143 0.69 -2.89 -6.07
CA LYS A 143 -0.50 -2.98 -5.19
C LYS A 143 -0.59 -1.77 -4.26
N GLU A 144 0.51 -1.45 -3.61
CA GLU A 144 0.64 -0.26 -2.76
C GLU A 144 0.73 1.03 -3.61
N LEU A 145 1.61 1.06 -4.62
CA LEU A 145 1.77 2.19 -5.54
C LEU A 145 0.58 2.32 -6.51
N SER A 146 -0.33 1.33 -6.55
CA SER A 146 -1.54 1.30 -7.38
C SER A 146 -2.35 2.59 -7.39
N LEU A 147 -2.26 3.37 -6.32
CA LEU A 147 -2.90 4.66 -6.14
C LEU A 147 -2.52 5.65 -7.25
N ALA A 148 -1.21 5.92 -7.43
CA ALA A 148 -0.73 6.80 -8.48
C ALA A 148 -0.91 6.20 -9.89
N LYS A 149 -1.16 4.88 -9.98
CA LYS A 149 -1.46 4.14 -11.20
C LYS A 149 -2.91 4.38 -11.66
N ASP A 150 -3.90 3.92 -10.88
CA ASP A 150 -5.33 3.85 -11.23
C ASP A 150 -5.64 3.28 -12.65
N CYS A 151 -4.71 2.48 -13.19
CA CYS A 151 -4.65 1.97 -14.56
C CYS A 151 -4.08 0.52 -14.60
N SER A 152 -3.65 0.04 -15.77
CA SER A 152 -3.00 -1.27 -15.99
C SER A 152 -1.70 -1.39 -15.18
N GLU A 153 -1.33 -2.60 -14.73
CA GLU A 153 -0.09 -2.84 -13.94
C GLU A 153 1.18 -2.31 -14.61
N ASP A 154 1.18 -2.27 -15.95
CA ASP A 154 2.24 -1.71 -16.79
C ASP A 154 2.62 -0.27 -16.35
N GLU A 155 1.72 0.49 -15.73
CA GLU A 155 2.03 1.81 -15.18
C GLU A 155 3.18 1.72 -14.16
N ILE A 156 2.98 1.00 -13.06
CA ILE A 156 4.01 0.82 -12.02
C ILE A 156 5.13 -0.13 -12.49
N GLU A 157 4.81 -1.22 -13.19
CA GLU A 157 5.80 -2.19 -13.68
C GLU A 157 6.81 -1.52 -14.62
N SER A 158 6.34 -0.72 -15.59
CA SER A 158 7.21 0.06 -16.47
C SER A 158 7.80 1.28 -15.79
N ASP A 159 7.14 1.91 -14.81
CA ASP A 159 7.73 3.03 -14.05
C ASP A 159 9.08 2.64 -13.43
N LEU A 160 9.32 1.36 -13.11
CA LEU A 160 10.61 0.91 -12.61
C LEU A 160 11.77 1.26 -13.55
N LYS A 161 11.50 1.43 -14.85
CA LYS A 161 12.46 1.86 -15.87
C LYS A 161 13.02 3.25 -15.62
N LYS A 162 12.23 4.16 -15.03
CA LYS A 162 12.66 5.54 -14.71
C LYS A 162 13.42 5.61 -13.38
N ILE A 163 13.26 4.59 -12.54
CA ILE A 163 13.82 4.51 -11.18
C ILE A 163 15.17 3.79 -11.19
N PHE A 164 15.23 2.59 -11.77
CA PHE A 164 16.42 1.73 -11.85
C PHE A 164 17.13 1.85 -13.22
N ASN A 165 16.78 2.86 -14.03
CA ASN A 165 17.26 3.12 -15.40
C ASN A 165 17.27 1.89 -16.35
N LEU A 166 16.22 1.07 -16.29
CA LEU A 166 16.08 -0.18 -17.07
C LEU A 166 16.02 0.06 -18.59
N ALA A 167 15.23 1.07 -19.00
CA ALA A 167 14.88 1.44 -20.37
C ALA A 167 14.22 0.31 -21.23
N GLY A 1 -28.60 16.36 9.59
CA GLY A 1 -28.04 17.39 8.68
C GLY A 1 -26.53 17.54 8.90
N SER A 2 -26.03 18.77 9.04
CA SER A 2 -24.60 19.08 9.28
C SER A 2 -24.03 18.40 10.53
N HIS A 3 -24.75 18.41 11.65
CA HIS A 3 -24.38 17.74 12.91
C HIS A 3 -24.21 16.22 12.73
N MET A 4 -22.96 15.78 12.58
CA MET A 4 -22.52 14.39 12.42
C MET A 4 -21.19 14.13 13.16
N GLN A 5 -20.97 14.80 14.29
CA GLN A 5 -19.77 14.61 15.13
C GLN A 5 -19.68 13.17 15.65
N THR A 6 -18.59 12.50 15.29
CA THR A 6 -18.38 11.10 15.67
C THR A 6 -16.89 10.76 15.81
N SER A 7 -16.13 10.93 14.73
CA SER A 7 -14.72 10.53 14.62
C SER A 7 -14.03 11.21 13.43
N PHE A 8 -14.32 10.82 12.17
CA PHE A 8 -13.74 11.41 10.95
C PHE A 8 -14.72 11.37 9.76
N LYS A 9 -15.15 12.54 9.27
CA LYS A 9 -16.02 12.68 8.07
C LYS A 9 -15.27 12.46 6.74
N THR A 10 -15.98 12.50 5.61
CA THR A 10 -15.43 12.41 4.24
C THR A 10 -14.18 13.27 4.08
N GLY A 11 -13.10 12.66 3.58
CA GLY A 11 -11.82 13.33 3.37
C GLY A 11 -10.58 12.47 3.58
N ASP A 12 -10.77 11.23 4.05
CA ASP A 12 -9.72 10.26 4.31
C ASP A 12 -10.10 8.89 3.75
N LYS A 13 -9.11 8.03 3.53
CA LYS A 13 -9.31 6.66 3.06
C LYS A 13 -8.92 5.68 4.17
N ALA A 14 -9.81 4.74 4.47
CA ALA A 14 -9.64 3.76 5.55
C ALA A 14 -9.60 2.34 4.99
N VAL A 15 -9.03 1.41 5.77
CA VAL A 15 -8.78 0.02 5.37
C VAL A 15 -9.25 -0.94 6.47
N TYR A 16 -10.31 -1.69 6.19
CA TYR A 16 -10.84 -2.71 7.09
C TYR A 16 -10.23 -4.11 6.80
N PRO A 17 -10.36 -5.08 7.73
CA PRO A 17 -9.86 -6.44 7.59
C PRO A 17 -10.69 -7.27 6.60
N GLY A 18 -10.24 -7.34 5.35
CA GLY A 18 -10.87 -8.14 4.28
C GLY A 18 -10.66 -7.55 2.88
N GLN A 19 -10.65 -6.22 2.76
CA GLN A 19 -10.45 -5.51 1.49
C GLN A 19 -9.58 -4.25 1.65
N GLY A 20 -10.21 -3.13 2.04
CA GLY A 20 -9.58 -1.80 2.16
C GLY A 20 -9.80 -0.86 0.97
N VAL A 21 -10.38 -1.34 -0.13
CA VAL A 21 -10.74 -0.54 -1.31
C VAL A 21 -12.00 0.28 -1.02
N GLY A 22 -11.89 1.39 -0.30
CA GLY A 22 -13.01 2.30 -0.04
C GLY A 22 -12.60 3.67 0.48
N GLU A 23 -13.46 4.67 0.29
CA GLU A 23 -13.31 6.07 0.71
C GLU A 23 -14.42 6.47 1.68
N VAL A 24 -14.06 7.09 2.80
CA VAL A 24 -15.02 7.58 3.80
C VAL A 24 -16.03 8.54 3.15
N MET A 25 -17.33 8.35 3.37
CA MET A 25 -18.44 9.19 2.89
C MET A 25 -19.27 9.81 4.02
N GLY A 26 -18.74 9.74 5.25
CA GLY A 26 -19.35 10.24 6.47
C GLY A 26 -19.70 9.13 7.44
N ILE A 27 -20.44 9.48 8.49
CA ILE A 27 -20.93 8.57 9.52
C ILE A 27 -22.46 8.64 9.61
N GLU A 28 -23.11 7.48 9.71
CA GLU A 28 -24.56 7.35 9.92
C GLU A 28 -24.85 7.13 11.41
N HIS A 29 -26.07 7.48 11.85
CA HIS A 29 -26.55 7.26 13.22
C HIS A 29 -27.75 6.30 13.19
N THR A 30 -27.71 5.26 14.02
CA THR A 30 -28.78 4.25 14.16
C THR A 30 -29.27 4.17 15.60
N GLU A 31 -30.09 3.17 15.91
CA GLU A 31 -30.59 2.90 17.26
C GLU A 31 -30.36 1.43 17.66
N VAL A 32 -29.52 1.20 18.67
CA VAL A 32 -29.11 -0.13 19.18
C VAL A 32 -29.21 -0.16 20.69
N ALA A 33 -29.91 -1.17 21.25
CA ALA A 33 -30.18 -1.32 22.68
C ALA A 33 -30.88 -0.08 23.32
N GLY A 34 -31.72 0.62 22.55
CA GLY A 34 -32.43 1.85 22.93
C GLY A 34 -31.62 3.14 22.77
N GLN A 35 -30.29 3.06 22.92
CA GLN A 35 -29.37 4.18 22.71
C GLN A 35 -29.13 4.41 21.20
N ARG A 36 -28.64 5.59 20.82
CA ARG A 36 -28.27 5.89 19.43
C ARG A 36 -26.79 5.64 19.20
N GLN A 37 -26.45 4.63 18.40
CA GLN A 37 -25.07 4.30 18.02
C GLN A 37 -24.72 4.95 16.68
N SER A 38 -23.44 4.88 16.29
CA SER A 38 -22.93 5.46 15.04
C SER A 38 -22.07 4.47 14.25
N PHE A 39 -21.94 4.69 12.95
CA PHE A 39 -21.16 3.81 12.06
C PHE A 39 -20.60 4.57 10.86
N TYR A 40 -19.36 4.26 10.46
CA TYR A 40 -18.74 4.84 9.25
C TYR A 40 -19.48 4.41 7.99
N VAL A 41 -19.28 5.18 6.92
CA VAL A 41 -19.84 4.94 5.58
C VAL A 41 -18.66 4.82 4.63
N LEU A 42 -18.00 3.67 4.61
CA LEU A 42 -16.93 3.45 3.64
C LEU A 42 -17.58 3.09 2.30
N ARG A 43 -17.35 3.93 1.29
CA ARG A 43 -17.81 3.76 -0.09
C ARG A 43 -16.74 3.09 -0.91
N ILE A 44 -16.99 1.85 -1.35
CA ILE A 44 -16.03 1.06 -2.10
C ILE A 44 -15.67 1.72 -3.44
N LEU A 45 -14.38 1.94 -3.74
CA LEU A 45 -13.94 2.54 -5.02
C LEU A 45 -14.18 1.60 -6.23
N GLU A 46 -14.35 0.31 -6.00
CA GLU A 46 -14.49 -0.74 -7.03
C GLU A 46 -15.79 -0.57 -7.84
N ASN A 47 -16.94 -0.56 -7.16
CA ASN A 47 -18.28 -0.35 -7.73
C ASN A 47 -19.11 0.76 -7.06
N GLY A 48 -18.87 1.03 -5.77
CA GLY A 48 -19.68 1.94 -4.93
C GLY A 48 -20.57 1.26 -3.89
N MET A 49 -20.21 0.06 -3.42
CA MET A 49 -20.93 -0.65 -2.35
C MET A 49 -20.94 0.16 -1.04
N ARG A 50 -21.84 -0.21 -0.13
CA ARG A 50 -22.08 0.45 1.15
C ARG A 50 -21.63 -0.44 2.31
N ILE A 51 -20.51 -0.10 2.94
CA ILE A 51 -20.01 -0.79 4.13
C ILE A 51 -20.33 0.07 5.37
N MET A 52 -20.55 -0.59 6.51
CA MET A 52 -20.78 0.04 7.82
C MET A 52 -19.76 -0.51 8.82
N ILE A 53 -19.11 0.37 9.60
CA ILE A 53 -18.11 0.02 10.61
C ILE A 53 -18.44 0.72 11.93
N PRO A 54 -18.44 0.02 13.08
CA PRO A 54 -18.69 0.62 14.39
C PRO A 54 -17.57 1.60 14.77
N ILE A 55 -17.91 2.88 14.97
CA ILE A 55 -16.93 3.90 15.38
C ILE A 55 -16.34 3.65 16.78
N ASN A 56 -16.98 2.79 17.57
CA ASN A 56 -16.70 2.52 18.99
C ASN A 56 -15.21 2.25 19.23
N LYS A 57 -14.54 1.63 18.25
CA LYS A 57 -13.12 1.24 18.28
C LYS A 57 -12.44 1.41 16.91
N VAL A 58 -12.39 2.63 16.37
CA VAL A 58 -11.72 3.00 15.11
C VAL A 58 -10.20 2.75 15.10
N GLY A 59 -9.81 1.49 15.04
CA GLY A 59 -8.43 1.00 15.14
C GLY A 59 -8.36 -0.46 15.56
N SER A 60 -9.00 -0.81 16.68
CA SER A 60 -9.02 -2.17 17.25
C SER A 60 -9.94 -3.15 16.50
N VAL A 61 -10.92 -2.67 15.73
CA VAL A 61 -11.80 -3.49 14.87
C VAL A 61 -11.15 -3.90 13.52
N GLY A 62 -9.84 -3.69 13.39
CA GLY A 62 -9.05 -3.90 12.17
C GLY A 62 -8.97 -2.67 11.25
N LEU A 63 -9.78 -1.63 11.52
CA LEU A 63 -9.76 -0.35 10.83
C LEU A 63 -8.38 0.29 10.89
N ARG A 64 -7.85 0.62 9.72
CA ARG A 64 -6.52 1.18 9.54
C ARG A 64 -6.52 2.23 8.44
N GLU A 65 -5.35 2.75 8.13
CA GLU A 65 -5.14 3.70 7.05
C GLU A 65 -4.01 3.19 6.14
N ILE A 66 -4.02 3.67 4.90
CA ILE A 66 -3.00 3.42 3.87
C ILE A 66 -2.27 4.72 3.51
N ILE A 67 -1.19 4.56 2.76
CA ILE A 67 -0.42 5.67 2.22
C ILE A 67 -1.15 6.36 1.06
N SER A 68 -0.82 7.62 0.84
CA SER A 68 -1.38 8.43 -0.25
C SER A 68 -0.33 8.71 -1.33
N GLU A 69 -0.71 9.40 -2.41
CA GLU A 69 0.22 9.83 -3.47
C GLU A 69 1.46 10.57 -2.92
N GLU A 70 1.34 11.26 -1.78
CA GLU A 70 2.47 11.91 -1.11
C GLU A 70 3.62 10.95 -0.80
N ASP A 71 3.33 9.83 -0.14
CA ASP A 71 4.30 8.79 0.15
C ASP A 71 4.83 8.16 -1.15
N VAL A 72 3.98 7.92 -2.15
CA VAL A 72 4.38 7.37 -3.47
C VAL A 72 5.53 8.17 -4.09
N LYS A 73 5.43 9.50 -4.11
CA LYS A 73 6.48 10.39 -4.62
C LYS A 73 7.82 10.19 -3.89
N GLN A 74 7.78 10.13 -2.55
CA GLN A 74 8.96 9.86 -1.72
C GLN A 74 9.55 8.47 -2.00
N VAL A 75 8.71 7.43 -2.04
CA VAL A 75 9.12 6.04 -2.34
C VAL A 75 9.97 5.97 -3.59
N TYR A 76 9.49 6.53 -4.72
CA TYR A 76 10.24 6.55 -5.97
C TYR A 76 11.65 7.13 -5.76
N SER A 77 11.78 8.25 -5.03
CA SER A 77 13.05 8.87 -4.65
C SER A 77 14.02 7.95 -3.87
N ILE A 78 13.50 6.96 -3.12
CA ILE A 78 14.29 5.96 -2.37
C ILE A 78 14.99 4.99 -3.34
N LEU A 79 14.35 4.69 -4.46
CA LEU A 79 14.83 3.75 -5.48
C LEU A 79 15.44 4.45 -6.72
N LYS A 80 15.19 5.75 -6.88
CA LYS A 80 15.68 6.60 -7.98
C LYS A 80 17.20 6.66 -8.09
N GLU A 81 17.89 6.42 -6.98
CA GLU A 81 19.34 6.33 -6.88
C GLU A 81 19.84 4.95 -7.36
N LYS A 82 20.56 4.94 -8.48
CA LYS A 82 21.21 3.74 -9.05
C LYS A 82 22.45 3.27 -8.28
N ASP A 83 22.93 4.05 -7.30
CA ASP A 83 24.10 3.79 -6.44
C ASP A 83 23.80 2.84 -5.24
N ILE A 84 22.82 1.95 -5.40
CA ILE A 84 22.33 1.01 -4.38
C ILE A 84 22.63 -0.46 -4.74
N SER A 85 23.34 -0.71 -5.85
CA SER A 85 23.71 -2.03 -6.37
C SER A 85 24.48 -2.88 -5.34
N VAL A 86 23.74 -3.60 -4.49
CA VAL A 86 24.25 -4.47 -3.43
C VAL A 86 25.25 -5.49 -3.99
N ASP A 87 26.41 -5.61 -3.34
CA ASP A 87 27.45 -6.58 -3.69
C ASP A 87 26.96 -8.03 -3.53
N SER A 88 27.40 -8.94 -4.41
CA SER A 88 27.00 -10.36 -4.38
C SER A 88 27.33 -11.06 -3.06
N THR A 89 28.31 -10.55 -2.30
CA THR A 89 28.74 -11.04 -0.98
C THR A 89 27.74 -10.66 0.11
N THR A 90 27.51 -9.35 0.33
CA THR A 90 26.51 -8.84 1.28
C THR A 90 25.08 -9.19 0.87
N TRP A 91 24.83 -9.45 -0.42
CA TRP A 91 23.52 -9.86 -0.94
C TRP A 91 22.90 -11.02 -0.15
N ASN A 92 23.66 -12.05 0.19
CA ASN A 92 23.16 -13.16 1.00
C ASN A 92 22.49 -12.70 2.31
N ARG A 93 23.13 -11.78 3.03
CA ARG A 93 22.61 -11.19 4.28
C ARG A 93 21.44 -10.25 3.99
N ARG A 94 21.55 -9.43 2.93
CA ARG A 94 20.51 -8.53 2.43
C ARG A 94 19.21 -9.26 2.10
N TYR A 95 19.28 -10.51 1.63
CA TYR A 95 18.11 -11.33 1.37
C TYR A 95 17.27 -11.46 2.65
N ARG A 96 17.90 -11.85 3.78
CA ARG A 96 17.24 -12.09 5.08
C ARG A 96 16.49 -10.87 5.61
N GLU A 97 17.18 -9.73 5.74
CA GLU A 97 16.56 -8.46 6.13
C GLU A 97 15.39 -8.10 5.20
N TYR A 98 15.62 -8.08 3.88
CA TYR A 98 14.58 -7.82 2.89
C TYR A 98 13.41 -8.77 2.95
N MET A 99 13.64 -10.04 3.29
CA MET A 99 12.60 -11.04 3.46
C MET A 99 11.58 -10.62 4.55
N GLU A 100 12.07 -9.98 5.62
CA GLU A 100 11.25 -9.43 6.70
C GLU A 100 10.36 -8.26 6.23
N LYS A 101 10.89 -7.38 5.37
CA LYS A 101 10.18 -6.22 4.82
C LYS A 101 8.95 -6.63 4.01
N ILE A 102 8.95 -7.85 3.46
CA ILE A 102 7.82 -8.43 2.73
C ILE A 102 6.62 -8.74 3.63
N LYS A 103 6.86 -9.24 4.86
CA LYS A 103 5.81 -9.52 5.84
C LYS A 103 5.02 -8.27 6.22
N THR A 104 5.73 -7.17 6.47
CA THR A 104 5.11 -5.88 6.79
C THR A 104 4.44 -5.29 5.55
N GLY A 105 5.07 -5.51 4.39
CA GLY A 105 4.77 -4.90 3.11
C GLY A 105 4.68 -3.38 3.17
N SER A 106 5.50 -2.76 4.02
CA SER A 106 5.62 -1.31 4.13
C SER A 106 6.00 -0.71 2.77
N VAL A 107 5.28 0.30 2.33
CA VAL A 107 5.49 0.96 1.02
C VAL A 107 6.94 1.40 0.78
N PHE A 108 7.55 2.03 1.79
CA PHE A 108 8.93 2.49 1.78
C PHE A 108 9.95 1.33 1.84
N GLU A 109 9.53 0.19 2.37
CA GLU A 109 10.30 -1.05 2.50
C GLU A 109 10.25 -1.91 1.22
N ILE A 110 9.07 -2.32 0.77
CA ILE A 110 8.86 -3.13 -0.44
C ILE A 110 9.55 -2.55 -1.66
N ALA A 111 9.36 -1.26 -1.88
CA ALA A 111 10.02 -0.58 -2.97
C ALA A 111 11.55 -0.75 -2.88
N GLU A 112 12.14 -0.65 -1.68
CA GLU A 112 13.57 -0.88 -1.45
C GLU A 112 13.97 -2.36 -1.66
N VAL A 113 13.13 -3.30 -1.23
CA VAL A 113 13.38 -4.73 -1.36
C VAL A 113 13.48 -5.11 -2.82
N LEU A 114 12.39 -4.89 -3.58
CA LEU A 114 12.36 -5.24 -4.99
C LEU A 114 13.47 -4.50 -5.76
N ARG A 115 13.77 -3.24 -5.39
CA ARG A 115 14.81 -2.40 -5.99
C ARG A 115 16.14 -3.12 -5.98
N ASP A 116 16.62 -3.49 -4.79
CA ASP A 116 17.89 -4.16 -4.66
C ASP A 116 17.97 -5.39 -5.57
N LEU A 117 16.93 -6.25 -5.54
CA LEU A 117 16.80 -7.41 -6.42
C LEU A 117 16.83 -7.04 -7.92
N TYR A 118 16.16 -5.95 -8.32
CA TYR A 118 16.15 -5.42 -9.68
C TYR A 118 17.56 -5.01 -10.16
N LEU A 119 18.29 -4.23 -9.37
CA LEU A 119 19.65 -3.81 -9.72
C LEU A 119 20.69 -4.93 -9.54
N LEU A 120 20.41 -5.93 -8.72
CA LEU A 120 21.23 -7.14 -8.51
C LEU A 120 21.51 -7.91 -9.80
N LYS A 121 20.59 -7.83 -10.76
CA LYS A 121 20.70 -8.43 -12.09
C LYS A 121 20.88 -7.39 -13.21
N GLY A 122 20.69 -6.11 -12.92
CA GLY A 122 20.72 -5.00 -13.89
C GLY A 122 19.56 -5.00 -14.89
N ASP A 123 18.54 -5.84 -14.66
CA ASP A 123 17.36 -6.03 -15.51
C ASP A 123 16.11 -6.39 -14.68
N LYS A 124 14.99 -6.68 -15.37
CA LYS A 124 13.69 -7.02 -14.77
C LYS A 124 13.45 -8.52 -14.64
N ASP A 125 13.97 -9.28 -15.58
CA ASP A 125 13.89 -10.73 -15.67
C ASP A 125 14.92 -11.39 -14.75
N LEU A 126 14.70 -11.25 -13.43
CA LEU A 126 15.61 -11.76 -12.40
C LEU A 126 15.76 -13.29 -12.46
N SER A 127 16.80 -13.82 -11.81
CA SER A 127 16.99 -15.29 -11.70
C SER A 127 15.88 -15.94 -10.86
N PHE A 128 15.80 -17.27 -10.82
CA PHE A 128 14.79 -18.00 -10.05
C PHE A 128 14.76 -17.60 -8.56
N GLY A 129 15.92 -17.62 -7.88
CA GLY A 129 16.02 -17.31 -6.45
C GLY A 129 15.75 -15.84 -6.12
N GLU A 130 16.12 -14.92 -7.01
CA GLU A 130 15.85 -13.50 -6.90
C GLU A 130 14.34 -13.21 -7.14
N ARG A 131 13.78 -13.81 -8.20
CA ARG A 131 12.35 -13.74 -8.54
C ARG A 131 11.46 -14.24 -7.40
N LYS A 132 11.88 -15.21 -6.59
CA LYS A 132 11.06 -15.75 -5.48
C LYS A 132 10.57 -14.66 -4.51
N MET A 133 11.49 -13.79 -4.06
CA MET A 133 11.17 -12.63 -3.23
C MET A 133 10.56 -11.47 -4.02
N LEU A 134 11.16 -11.13 -5.16
CA LEU A 134 10.69 -10.07 -6.06
C LEU A 134 9.22 -10.25 -6.47
N ASP A 135 8.78 -11.47 -6.77
CA ASP A 135 7.39 -11.79 -7.10
C ASP A 135 6.41 -11.34 -6.01
N THR A 136 6.74 -11.59 -4.75
CA THR A 136 5.92 -11.16 -3.60
C THR A 136 6.01 -9.65 -3.40
N ALA A 137 7.22 -9.08 -3.51
CA ALA A 137 7.45 -7.63 -3.38
C ALA A 137 6.74 -6.82 -4.49
N ARG A 138 6.86 -7.22 -5.76
CA ARG A 138 6.18 -6.63 -6.94
C ARG A 138 4.67 -6.57 -6.75
N SER A 139 4.06 -7.66 -6.28
CA SER A 139 2.62 -7.73 -6.00
C SER A 139 2.16 -6.67 -4.98
N LEU A 140 3.08 -6.20 -4.14
CA LEU A 140 2.87 -5.13 -3.17
C LEU A 140 3.28 -3.76 -3.72
N LEU A 141 4.33 -3.67 -4.53
CA LEU A 141 4.81 -2.44 -5.16
C LEU A 141 3.68 -1.70 -5.87
N ILE A 142 3.01 -2.37 -6.80
CA ILE A 142 1.90 -1.78 -7.56
C ILE A 142 0.62 -1.61 -6.73
N LYS A 143 0.51 -2.27 -5.57
CA LYS A 143 -0.63 -2.24 -4.64
C LYS A 143 -0.64 -1.01 -3.76
N GLU A 144 0.51 -0.68 -3.16
CA GLU A 144 0.68 0.54 -2.36
C GLU A 144 0.85 1.78 -3.25
N LEU A 145 1.66 1.70 -4.30
CA LEU A 145 1.83 2.77 -5.26
C LEU A 145 0.60 2.91 -6.20
N SER A 146 -0.34 1.96 -6.16
CA SER A 146 -1.60 1.97 -6.93
C SER A 146 -2.34 3.31 -6.90
N LEU A 147 -2.18 4.06 -5.81
CA LEU A 147 -2.76 5.38 -5.58
C LEU A 147 -2.39 6.37 -6.70
N ALA A 148 -1.10 6.59 -6.92
CA ALA A 148 -0.61 7.45 -7.99
C ALA A 148 -0.86 6.86 -9.39
N LYS A 149 -1.03 5.52 -9.48
CA LYS A 149 -1.37 4.77 -10.70
C LYS A 149 -2.81 5.10 -11.16
N ASP A 150 -3.82 4.73 -10.38
CA ASP A 150 -5.25 4.79 -10.72
C ASP A 150 -5.57 4.21 -12.15
N CYS A 151 -4.81 3.18 -12.56
CA CYS A 151 -4.79 2.59 -13.91
C CYS A 151 -4.35 1.11 -13.88
N SER A 152 -4.00 0.53 -15.04
CA SER A 152 -3.47 -0.84 -15.17
C SER A 152 -2.15 -1.01 -14.41
N GLU A 153 -1.85 -2.22 -13.90
CA GLU A 153 -0.58 -2.56 -13.25
C GLU A 153 0.65 -2.17 -14.06
N ASP A 154 0.54 -2.22 -15.40
CA ASP A 154 1.58 -1.78 -16.34
C ASP A 154 2.08 -0.36 -16.03
N GLU A 155 1.28 0.51 -15.41
CA GLU A 155 1.72 1.84 -15.00
C GLU A 155 2.90 1.75 -14.02
N ILE A 156 2.72 1.12 -12.86
CA ILE A 156 3.77 0.96 -11.85
C ILE A 156 4.81 -0.09 -12.29
N GLU A 157 4.40 -1.21 -12.87
CA GLU A 157 5.31 -2.26 -13.33
C GLU A 157 6.32 -1.71 -14.36
N SER A 158 5.82 -0.95 -15.35
CA SER A 158 6.69 -0.28 -16.33
C SER A 158 7.38 0.94 -15.74
N ASP A 159 6.79 1.68 -14.80
CA ASP A 159 7.48 2.81 -14.14
C ASP A 159 8.82 2.39 -13.54
N LEU A 160 8.99 1.13 -13.12
CA LEU A 160 10.27 0.63 -12.63
C LEU A 160 11.41 0.86 -13.64
N LYS A 161 11.10 0.90 -14.94
CA LYS A 161 12.03 1.21 -16.02
C LYS A 161 12.70 2.58 -15.89
N LYS A 162 12.01 3.57 -15.32
CA LYS A 162 12.53 4.93 -15.07
C LYS A 162 13.30 5.05 -13.75
N ILE A 163 13.12 4.06 -12.86
CA ILE A 163 13.71 4.04 -11.52
C ILE A 163 15.01 3.26 -11.52
N PHE A 164 14.95 1.99 -11.95
CA PHE A 164 16.06 1.05 -12.05
C PHE A 164 16.75 1.07 -13.43
N ASN A 165 16.36 2.00 -14.32
CA ASN A 165 16.90 2.20 -15.67
C ASN A 165 16.96 0.89 -16.51
N LEU A 166 15.80 0.40 -16.93
CA LEU A 166 15.60 -0.91 -17.57
C LEU A 166 15.01 -0.73 -18.98
N ALA A 167 15.82 -0.95 -20.00
CA ALA A 167 15.47 -0.75 -21.43
C ALA A 167 15.05 0.70 -21.76
N GLY A 1 -24.14 20.53 2.39
CA GLY A 1 -24.54 19.42 3.29
C GLY A 1 -25.10 19.90 4.61
N SER A 2 -24.32 20.62 5.43
CA SER A 2 -24.74 21.17 6.75
C SER A 2 -25.16 20.08 7.76
N HIS A 3 -24.57 18.88 7.66
CA HIS A 3 -24.77 17.75 8.57
C HIS A 3 -24.01 17.91 9.89
N MET A 4 -24.32 17.04 10.86
CA MET A 4 -23.65 16.95 12.17
C MET A 4 -22.17 16.55 12.00
N GLN A 5 -21.31 16.99 12.92
CA GLN A 5 -19.89 16.62 12.98
C GLN A 5 -19.70 15.17 13.46
N THR A 6 -18.55 14.57 13.16
CA THR A 6 -18.16 13.23 13.63
C THR A 6 -16.63 13.07 13.67
N SER A 7 -16.13 11.85 13.89
CA SER A 7 -14.70 11.50 13.96
C SER A 7 -13.89 12.01 12.74
N PHE A 8 -14.20 11.54 11.52
CA PHE A 8 -13.59 12.02 10.28
C PHE A 8 -14.55 11.97 9.07
N LYS A 9 -14.81 13.10 8.40
CA LYS A 9 -15.67 13.21 7.20
C LYS A 9 -14.99 12.69 5.91
N THR A 10 -15.65 12.81 4.76
CA THR A 10 -15.10 12.46 3.44
C THR A 10 -13.74 13.10 3.22
N GLY A 11 -12.77 12.27 2.84
CA GLY A 11 -11.40 12.70 2.52
C GLY A 11 -10.30 11.72 2.90
N ASP A 12 -10.67 10.58 3.49
CA ASP A 12 -9.79 9.54 4.00
C ASP A 12 -10.25 8.15 3.53
N LYS A 13 -9.30 7.23 3.38
CA LYS A 13 -9.58 5.82 3.04
C LYS A 13 -9.17 4.91 4.20
N ALA A 14 -10.08 4.03 4.60
CA ALA A 14 -9.88 3.05 5.68
C ALA A 14 -9.93 1.61 5.13
N VAL A 15 -9.36 0.66 5.88
CA VAL A 15 -9.19 -0.75 5.49
C VAL A 15 -9.64 -1.67 6.62
N TYR A 16 -10.77 -2.36 6.41
CA TYR A 16 -11.32 -3.34 7.32
C TYR A 16 -10.79 -4.77 7.04
N PRO A 17 -10.92 -5.72 7.98
CA PRO A 17 -10.48 -7.11 7.82
C PRO A 17 -11.39 -7.90 6.87
N GLY A 18 -11.03 -7.93 5.59
CA GLY A 18 -11.74 -8.68 4.55
C GLY A 18 -11.55 -8.12 3.14
N GLN A 19 -11.55 -6.78 3.00
CA GLN A 19 -11.36 -6.10 1.71
C GLN A 19 -10.50 -4.84 1.84
N GLY A 20 -11.10 -3.70 2.24
CA GLY A 20 -10.47 -2.38 2.29
C GLY A 20 -10.58 -1.54 1.01
N VAL A 21 -11.19 -2.05 -0.06
CA VAL A 21 -11.45 -1.29 -1.30
C VAL A 21 -12.63 -0.33 -1.08
N GLY A 22 -12.40 0.82 -0.46
CA GLY A 22 -13.42 1.81 -0.17
C GLY A 22 -12.89 3.20 0.17
N GLU A 23 -13.80 4.18 0.23
CA GLU A 23 -13.53 5.58 0.59
C GLU A 23 -14.65 6.16 1.46
N VAL A 24 -14.27 6.87 2.54
CA VAL A 24 -15.23 7.56 3.44
C VAL A 24 -16.01 8.60 2.64
N MET A 25 -17.34 8.53 2.70
CA MET A 25 -18.29 9.42 2.02
C MET A 25 -19.23 10.15 3.00
N GLY A 26 -18.93 10.09 4.30
CA GLY A 26 -19.71 10.67 5.38
C GLY A 26 -19.88 9.72 6.57
N ILE A 27 -20.82 10.06 7.45
CA ILE A 27 -21.23 9.27 8.61
C ILE A 27 -22.76 9.14 8.67
N GLU A 28 -23.25 7.96 9.06
CA GLU A 28 -24.66 7.62 9.29
C GLU A 28 -24.87 7.50 10.80
N HIS A 29 -25.64 8.41 11.39
CA HIS A 29 -26.03 8.36 12.82
C HIS A 29 -27.21 7.40 13.00
N THR A 30 -27.10 6.43 13.93
CA THR A 30 -28.17 5.49 14.28
C THR A 30 -28.47 5.48 15.78
N GLU A 31 -29.35 4.57 16.19
CA GLU A 31 -29.74 4.36 17.60
C GLU A 31 -29.55 2.89 18.00
N VAL A 32 -28.53 2.61 18.82
CA VAL A 32 -28.19 1.26 19.34
C VAL A 32 -28.59 1.16 20.81
N ALA A 33 -29.42 0.17 21.16
CA ALA A 33 -29.93 -0.06 22.52
C ALA A 33 -30.60 1.17 23.18
N GLY A 34 -31.21 2.06 22.38
CA GLY A 34 -31.81 3.32 22.83
C GLY A 34 -30.80 4.47 23.05
N GLN A 35 -29.59 4.34 22.49
CA GLN A 35 -28.46 5.26 22.67
C GLN A 35 -27.93 5.74 21.31
N ARG A 36 -27.56 7.03 21.21
CA ARG A 36 -26.96 7.62 20.00
C ARG A 36 -25.59 7.03 19.70
N GLN A 37 -25.34 6.72 18.43
CA GLN A 37 -24.05 6.24 17.92
C GLN A 37 -23.87 6.63 16.44
N SER A 38 -22.61 6.75 16.01
CA SER A 38 -22.23 7.07 14.62
C SER A 38 -21.57 5.89 13.91
N PHE A 39 -21.58 5.90 12.58
CA PHE A 39 -20.99 4.86 11.74
C PHE A 39 -20.43 5.45 10.44
N TYR A 40 -19.15 5.18 10.13
CA TYR A 40 -18.51 5.58 8.88
C TYR A 40 -19.24 5.01 7.67
N VAL A 41 -19.33 5.82 6.61
CA VAL A 41 -19.93 5.48 5.32
C VAL A 41 -18.81 5.21 4.33
N LEU A 42 -18.18 4.04 4.46
CA LEU A 42 -17.18 3.64 3.48
C LEU A 42 -17.92 3.14 2.24
N ARG A 43 -17.73 3.81 1.10
CA ARG A 43 -18.29 3.44 -0.20
C ARG A 43 -17.25 2.69 -1.01
N ILE A 44 -17.59 1.48 -1.42
CA ILE A 44 -16.69 0.58 -2.15
C ILE A 44 -16.43 1.10 -3.57
N LEU A 45 -15.17 1.37 -3.92
CA LEU A 45 -14.76 1.88 -5.24
C LEU A 45 -14.97 0.88 -6.39
N GLU A 46 -15.13 -0.41 -6.07
CA GLU A 46 -15.32 -1.51 -7.04
C GLU A 46 -16.65 -1.39 -7.81
N ASN A 47 -17.79 -1.33 -7.11
CA ASN A 47 -19.13 -1.14 -7.71
C ASN A 47 -19.97 0.02 -7.12
N GLY A 48 -19.66 0.49 -5.90
CA GLY A 48 -20.45 1.49 -5.16
C GLY A 48 -21.26 0.94 -3.97
N MET A 49 -20.97 -0.28 -3.47
CA MET A 49 -21.65 -0.84 -2.29
C MET A 49 -21.54 0.08 -1.07
N ARG A 50 -22.60 0.12 -0.26
CA ARG A 50 -22.70 0.94 0.96
C ARG A 50 -22.38 0.05 2.17
N ILE A 51 -21.20 0.22 2.77
CA ILE A 51 -20.80 -0.47 4.01
C ILE A 51 -21.00 0.47 5.21
N MET A 52 -21.01 -0.09 6.44
CA MET A 52 -21.09 0.66 7.70
C MET A 52 -20.00 0.15 8.66
N ILE A 53 -19.31 1.06 9.35
CA ILE A 53 -18.30 0.74 10.38
C ILE A 53 -18.49 1.64 11.61
N PRO A 54 -18.52 1.10 12.85
CA PRO A 54 -18.63 1.90 14.08
C PRO A 54 -17.37 2.78 14.29
N ILE A 55 -17.51 4.11 14.34
CA ILE A 55 -16.36 5.03 14.54
C ILE A 55 -15.68 4.89 15.92
N ASN A 56 -16.30 4.17 16.86
CA ASN A 56 -15.86 4.01 18.25
C ASN A 56 -15.12 2.68 18.48
N LYS A 57 -15.47 1.64 17.72
CA LYS A 57 -14.83 0.31 17.69
C LYS A 57 -13.56 0.26 16.80
N VAL A 58 -13.22 1.36 16.11
CA VAL A 58 -12.02 1.54 15.27
C VAL A 58 -10.75 1.04 15.96
N GLY A 59 -9.85 0.42 15.18
CA GLY A 59 -8.66 -0.29 15.69
C GLY A 59 -8.99 -1.67 16.30
N SER A 60 -10.00 -1.75 17.16
CA SER A 60 -10.42 -2.99 17.83
C SER A 60 -11.08 -4.01 16.88
N VAL A 61 -11.87 -3.53 15.91
CA VAL A 61 -12.50 -4.33 14.83
C VAL A 61 -11.56 -4.64 13.66
N GLY A 62 -10.24 -4.52 13.84
CA GLY A 62 -9.24 -4.68 12.78
C GLY A 62 -9.19 -3.51 11.77
N LEU A 63 -9.92 -2.42 12.04
CA LEU A 63 -9.92 -1.20 11.23
C LEU A 63 -8.53 -0.57 11.23
N ARG A 64 -7.89 -0.61 10.06
CA ARG A 64 -6.59 -0.01 9.76
C ARG A 64 -6.74 1.03 8.65
N GLU A 65 -5.60 1.58 8.23
CA GLU A 65 -5.50 2.51 7.12
C GLU A 65 -4.36 2.11 6.18
N ILE A 66 -4.41 2.64 4.95
CA ILE A 66 -3.39 2.50 3.91
C ILE A 66 -2.68 3.82 3.66
N ILE A 67 -1.57 3.76 2.92
CA ILE A 67 -0.82 4.94 2.50
C ILE A 67 -1.56 5.71 1.39
N SER A 68 -1.24 7.00 1.29
CA SER A 68 -1.81 7.92 0.29
C SER A 68 -0.76 8.31 -0.76
N GLU A 69 -1.15 9.03 -1.81
CA GLU A 69 -0.23 9.52 -2.87
C GLU A 69 0.99 10.26 -2.32
N GLU A 70 0.85 10.92 -1.16
CA GLU A 70 1.91 11.61 -0.42
C GLU A 70 3.11 10.67 -0.17
N ASP A 71 2.85 9.48 0.37
CA ASP A 71 3.84 8.44 0.63
C ASP A 71 4.37 7.88 -0.69
N VAL A 72 3.52 7.62 -1.70
CA VAL A 72 3.95 7.17 -3.05
C VAL A 72 5.07 8.05 -3.61
N LYS A 73 4.90 9.37 -3.58
CA LYS A 73 5.92 10.33 -4.02
C LYS A 73 7.25 10.18 -3.26
N GLN A 74 7.19 9.97 -1.94
CA GLN A 74 8.37 9.70 -1.11
C GLN A 74 9.04 8.38 -1.49
N VAL A 75 8.29 7.28 -1.57
CA VAL A 75 8.76 5.93 -1.93
C VAL A 75 9.63 5.95 -3.17
N TYR A 76 9.17 6.58 -4.25
CA TYR A 76 9.92 6.69 -5.49
C TYR A 76 11.32 7.27 -5.24
N SER A 77 11.43 8.35 -4.44
CA SER A 77 12.70 8.98 -4.02
C SER A 77 13.67 8.04 -3.30
N ILE A 78 13.16 7.02 -2.60
CA ILE A 78 13.97 6.00 -1.89
C ILE A 78 14.66 5.06 -2.89
N LEU A 79 14.01 4.82 -4.04
CA LEU A 79 14.51 3.94 -5.10
C LEU A 79 15.14 4.68 -6.30
N LYS A 80 14.90 6.00 -6.41
CA LYS A 80 15.40 6.92 -7.45
C LYS A 80 16.93 6.98 -7.53
N GLU A 81 17.59 6.56 -6.46
CA GLU A 81 19.05 6.44 -6.35
C GLU A 81 19.54 5.06 -6.84
N LYS A 82 20.15 5.04 -8.03
CA LYS A 82 20.78 3.83 -8.60
C LYS A 82 22.12 3.45 -7.94
N ASP A 83 22.58 4.22 -6.95
CA ASP A 83 23.84 4.00 -6.23
C ASP A 83 23.76 2.93 -5.12
N ILE A 84 22.55 2.45 -4.81
CA ILE A 84 22.24 1.42 -3.79
C ILE A 84 22.75 0.01 -4.15
N SER A 85 23.22 -0.21 -5.38
CA SER A 85 23.69 -1.49 -5.93
C SER A 85 24.58 -2.26 -4.92
N VAL A 86 23.99 -3.27 -4.28
CA VAL A 86 24.66 -4.12 -3.30
C VAL A 86 25.68 -5.03 -4.00
N ASP A 87 26.79 -5.34 -3.33
CA ASP A 87 27.80 -6.28 -3.82
C ASP A 87 27.24 -7.71 -3.92
N SER A 88 27.63 -8.47 -4.95
CA SER A 88 27.22 -9.88 -5.14
C SER A 88 27.64 -10.81 -4.00
N THR A 89 28.73 -10.49 -3.29
CA THR A 89 29.19 -11.23 -2.10
C THR A 89 28.30 -10.96 -0.90
N THR A 90 27.94 -9.70 -0.67
CA THR A 90 27.02 -9.28 0.41
C THR A 90 25.57 -9.63 0.11
N TRP A 91 25.19 -9.79 -1.16
CA TRP A 91 23.82 -10.08 -1.58
C TRP A 91 23.17 -11.24 -0.81
N ASN A 92 23.89 -12.35 -0.62
CA ASN A 92 23.43 -13.51 0.15
C ASN A 92 22.96 -13.12 1.57
N ARG A 93 23.70 -12.22 2.24
CA ARG A 93 23.36 -11.64 3.56
C ARG A 93 22.21 -10.65 3.45
N ARG A 94 22.25 -9.75 2.46
CA ARG A 94 21.19 -8.78 2.15
C ARG A 94 19.82 -9.45 1.89
N TYR A 95 19.81 -10.69 1.39
CA TYR A 95 18.60 -11.48 1.19
C TYR A 95 17.85 -11.63 2.52
N ARG A 96 18.55 -12.01 3.60
CA ARG A 96 18.00 -12.29 4.95
C ARG A 96 17.27 -11.09 5.53
N GLU A 97 17.90 -9.91 5.53
CA GLU A 97 17.26 -8.67 5.97
C GLU A 97 16.03 -8.38 5.11
N TYR A 98 16.15 -8.35 3.78
CA TYR A 98 15.02 -8.10 2.88
C TYR A 98 13.89 -9.10 3.02
N MET A 99 14.17 -10.35 3.39
CA MET A 99 13.17 -11.39 3.66
C MET A 99 12.16 -10.95 4.73
N GLU A 100 12.60 -10.22 5.76
CA GLU A 100 11.75 -9.65 6.80
C GLU A 100 10.83 -8.53 6.28
N LYS A 101 11.30 -7.71 5.33
CA LYS A 101 10.56 -6.60 4.71
C LYS A 101 9.38 -7.09 3.87
N ILE A 102 9.43 -8.36 3.43
CA ILE A 102 8.33 -9.02 2.70
C ILE A 102 7.19 -9.41 3.65
N LYS A 103 7.53 -9.85 4.88
CA LYS A 103 6.54 -10.26 5.91
C LYS A 103 5.63 -9.11 6.31
N THR A 104 6.21 -7.91 6.44
CA THR A 104 5.55 -6.65 6.77
C THR A 104 4.86 -6.08 5.54
N GLY A 105 5.50 -6.24 4.38
CA GLY A 105 5.15 -5.65 3.10
C GLY A 105 4.98 -4.13 3.13
N SER A 106 5.66 -3.45 4.04
CA SER A 106 5.60 -2.00 4.22
C SER A 106 5.96 -1.32 2.90
N VAL A 107 5.17 -0.34 2.45
CA VAL A 107 5.38 0.33 1.16
C VAL A 107 6.81 0.84 0.96
N PHE A 108 7.36 1.51 1.98
CA PHE A 108 8.71 2.07 2.00
C PHE A 108 9.81 0.98 2.03
N GLU A 109 9.47 -0.21 2.54
CA GLU A 109 10.35 -1.37 2.62
C GLU A 109 10.33 -2.20 1.33
N ILE A 110 9.17 -2.64 0.86
CA ILE A 110 8.98 -3.44 -0.37
C ILE A 110 9.65 -2.78 -1.57
N ALA A 111 9.38 -1.50 -1.76
CA ALA A 111 9.99 -0.74 -2.83
C ALA A 111 11.53 -0.77 -2.72
N GLU A 112 12.09 -0.69 -1.51
CA GLU A 112 13.54 -0.81 -1.29
C GLU A 112 14.04 -2.22 -1.59
N VAL A 113 13.29 -3.25 -1.18
CA VAL A 113 13.63 -4.66 -1.38
C VAL A 113 13.75 -4.94 -2.87
N LEU A 114 12.66 -4.78 -3.62
CA LEU A 114 12.64 -5.14 -5.03
C LEU A 114 13.69 -4.36 -5.83
N ARG A 115 13.88 -3.08 -5.51
CA ARG A 115 14.88 -2.17 -6.09
C ARG A 115 16.27 -2.76 -6.01
N ASP A 116 16.62 -3.29 -4.83
CA ASP A 116 17.90 -3.94 -4.60
C ASP A 116 18.12 -5.11 -5.57
N LEU A 117 17.15 -6.04 -5.66
CA LEU A 117 17.25 -7.16 -6.59
C LEU A 117 17.26 -6.70 -8.07
N TYR A 118 16.50 -5.64 -8.39
CA TYR A 118 16.46 -5.03 -9.72
C TYR A 118 17.82 -4.51 -10.17
N LEU A 119 18.51 -3.71 -9.34
CA LEU A 119 19.84 -3.21 -9.66
C LEU A 119 20.92 -4.30 -9.61
N LEU A 120 20.74 -5.34 -8.79
CA LEU A 120 21.63 -6.51 -8.71
C LEU A 120 21.81 -7.22 -10.07
N LYS A 121 20.76 -7.24 -10.89
CA LYS A 121 20.76 -7.79 -12.26
C LYS A 121 20.82 -6.70 -13.35
N GLY A 122 20.63 -5.44 -13.00
CA GLY A 122 20.50 -4.29 -13.90
C GLY A 122 19.15 -4.23 -14.64
N ASP A 123 18.69 -5.35 -15.18
CA ASP A 123 17.42 -5.52 -15.91
C ASP A 123 16.26 -5.99 -15.00
N LYS A 124 15.08 -6.20 -15.60
CA LYS A 124 13.86 -6.72 -14.94
C LYS A 124 13.79 -8.24 -14.82
N ASP A 125 14.37 -8.95 -15.78
CA ASP A 125 14.49 -10.41 -15.81
C ASP A 125 15.60 -10.90 -14.86
N LEU A 126 15.28 -10.92 -13.56
CA LEU A 126 16.11 -11.44 -12.48
C LEU A 126 16.37 -12.95 -12.62
N SER A 127 17.41 -13.46 -11.94
CA SER A 127 17.72 -14.90 -11.89
C SER A 127 16.66 -15.69 -11.11
N PHE A 128 16.72 -17.02 -11.07
CA PHE A 128 15.72 -17.87 -10.40
C PHE A 128 15.49 -17.47 -8.93
N GLY A 129 16.56 -17.35 -8.13
CA GLY A 129 16.49 -17.02 -6.70
C GLY A 129 16.17 -15.55 -6.42
N GLU A 130 16.61 -14.64 -7.30
CA GLU A 130 16.27 -13.21 -7.22
C GLU A 130 14.79 -13.00 -7.57
N ARG A 131 14.31 -13.60 -8.67
CA ARG A 131 12.90 -13.54 -9.08
C ARG A 131 11.96 -14.11 -8.01
N LYS A 132 12.38 -15.10 -7.20
CA LYS A 132 11.57 -15.62 -6.08
C LYS A 132 11.18 -14.55 -5.05
N MET A 133 12.15 -13.74 -4.60
CA MET A 133 11.86 -12.63 -3.68
C MET A 133 11.14 -11.49 -4.42
N LEU A 134 11.64 -11.14 -5.62
CA LEU A 134 11.08 -10.07 -6.44
C LEU A 134 9.60 -10.31 -6.77
N ASP A 135 9.18 -11.52 -7.14
CA ASP A 135 7.80 -11.86 -7.45
C ASP A 135 6.84 -11.52 -6.30
N THR A 136 7.24 -11.80 -5.05
CA THR A 136 6.43 -11.47 -3.86
C THR A 136 6.43 -9.96 -3.62
N ALA A 137 7.60 -9.32 -3.68
CA ALA A 137 7.74 -7.88 -3.50
C ALA A 137 7.04 -7.04 -4.60
N ARG A 138 7.11 -7.43 -5.88
CA ARG A 138 6.42 -6.82 -7.03
C ARG A 138 4.92 -6.76 -6.79
N SER A 139 4.33 -7.89 -6.36
CA SER A 139 2.90 -7.98 -6.02
C SER A 139 2.48 -7.01 -4.91
N LEU A 140 3.42 -6.57 -4.06
CA LEU A 140 3.21 -5.57 -3.02
C LEU A 140 3.57 -4.14 -3.46
N LEU A 141 4.52 -3.97 -4.38
CA LEU A 141 4.94 -2.67 -4.93
C LEU A 141 3.74 -1.95 -5.52
N ILE A 142 3.07 -2.60 -6.47
CA ILE A 142 1.90 -2.06 -7.17
C ILE A 142 0.65 -2.05 -6.32
N LYS A 143 0.61 -2.78 -5.19
CA LYS A 143 -0.50 -2.83 -4.23
C LYS A 143 -0.55 -1.57 -3.40
N GLU A 144 0.59 -1.20 -2.82
CA GLU A 144 0.73 0.02 -2.03
C GLU A 144 0.75 1.26 -2.94
N LEU A 145 1.61 1.28 -3.97
CA LEU A 145 1.71 2.40 -4.91
C LEU A 145 0.48 2.56 -5.81
N SER A 146 -0.44 1.58 -5.82
CA SER A 146 -1.74 1.58 -6.53
C SER A 146 -2.49 2.92 -6.45
N LEU A 147 -2.36 3.64 -5.34
CA LEU A 147 -2.96 4.96 -5.12
C LEU A 147 -2.67 5.94 -6.26
N ALA A 148 -1.39 6.20 -6.55
CA ALA A 148 -0.97 7.10 -7.64
C ALA A 148 -1.22 6.52 -9.04
N LYS A 149 -1.37 5.19 -9.15
CA LYS A 149 -1.72 4.44 -10.37
C LYS A 149 -3.18 4.67 -10.78
N ASP A 150 -4.13 4.24 -9.93
CA ASP A 150 -5.57 4.17 -10.17
C ASP A 150 -5.97 3.60 -11.56
N CYS A 151 -5.12 2.72 -12.11
CA CYS A 151 -5.15 2.17 -13.47
C CYS A 151 -4.60 0.72 -13.51
N SER A 152 -4.29 0.20 -14.69
CA SER A 152 -3.66 -1.12 -14.91
C SER A 152 -2.34 -1.25 -14.14
N GLU A 153 -1.93 -2.48 -13.79
CA GLU A 153 -0.66 -2.73 -13.09
C GLU A 153 0.55 -2.17 -13.83
N ASP A 154 0.50 -2.12 -15.16
CA ASP A 154 1.51 -1.53 -16.05
C ASP A 154 1.92 -0.10 -15.63
N GLU A 155 1.07 0.66 -14.93
CA GLU A 155 1.39 2.02 -14.49
C GLU A 155 2.58 2.04 -13.50
N ILE A 156 2.53 1.17 -12.47
CA ILE A 156 3.60 0.98 -11.47
C ILE A 156 4.65 0.00 -12.00
N GLU A 157 4.24 -1.12 -12.61
CA GLU A 157 5.17 -2.11 -13.16
C GLU A 157 6.15 -1.42 -14.13
N SER A 158 5.66 -0.50 -14.96
CA SER A 158 6.46 0.32 -15.87
C SER A 158 7.22 1.44 -15.14
N ASP A 159 6.71 2.05 -14.06
CA ASP A 159 7.44 3.08 -13.30
C ASP A 159 8.88 2.67 -12.98
N LEU A 160 9.09 1.39 -12.75
CA LEU A 160 10.38 0.81 -12.39
C LEU A 160 11.45 1.13 -13.44
N LYS A 161 11.06 1.31 -14.71
CA LYS A 161 11.96 1.72 -15.80
C LYS A 161 12.53 3.12 -15.59
N LYS A 162 11.75 4.05 -15.03
CA LYS A 162 12.17 5.45 -14.76
C LYS A 162 12.95 5.57 -13.46
N ILE A 163 12.75 4.61 -12.54
CA ILE A 163 13.36 4.60 -11.19
C ILE A 163 14.69 3.85 -11.19
N PHE A 164 14.71 2.60 -11.68
CA PHE A 164 15.90 1.74 -11.76
C PHE A 164 16.67 1.90 -13.09
N ASN A 165 16.18 2.74 -14.00
CA ASN A 165 16.75 3.05 -15.32
C ASN A 165 16.87 1.82 -16.26
N LEU A 166 15.81 1.01 -16.32
CA LEU A 166 15.73 -0.26 -17.08
C LEU A 166 15.68 -0.03 -18.60
N ALA A 167 14.82 0.90 -19.03
CA ALA A 167 14.54 1.28 -20.42
C ALA A 167 14.37 2.81 -20.59
N GLY A 1 -25.09 22.98 6.87
CA GLY A 1 -25.74 21.96 7.71
C GLY A 1 -26.18 22.52 9.05
N SER A 2 -26.19 21.69 10.10
CA SER A 2 -26.66 22.04 11.46
C SER A 2 -25.86 21.32 12.56
N HIS A 3 -26.07 20.01 12.72
CA HIS A 3 -25.44 19.11 13.70
C HIS A 3 -24.70 17.97 13.00
N MET A 4 -23.40 17.84 13.28
CA MET A 4 -22.52 16.80 12.72
C MET A 4 -21.20 16.71 13.51
N GLN A 5 -21.05 15.69 14.35
CA GLN A 5 -19.85 15.43 15.13
C GLN A 5 -19.81 13.95 15.56
N THR A 6 -18.85 13.20 15.03
CA THR A 6 -18.70 11.77 15.37
C THR A 6 -17.24 11.33 15.46
N SER A 7 -16.52 11.33 14.33
CA SER A 7 -15.09 11.00 14.27
C SER A 7 -14.42 11.66 13.05
N PHE A 8 -14.67 11.18 11.82
CA PHE A 8 -14.10 11.73 10.58
C PHE A 8 -15.06 11.59 9.37
N LYS A 9 -15.41 12.69 8.70
CA LYS A 9 -16.30 12.71 7.51
C LYS A 9 -15.55 12.42 6.20
N THR A 10 -16.24 12.43 5.06
CA THR A 10 -15.65 12.22 3.72
C THR A 10 -14.39 13.07 3.51
N GLY A 11 -13.28 12.42 3.16
CA GLY A 11 -12.00 13.09 2.91
C GLY A 11 -10.74 12.27 3.21
N ASP A 12 -10.90 11.08 3.79
CA ASP A 12 -9.81 10.16 4.15
C ASP A 12 -10.14 8.74 3.72
N LYS A 13 -9.13 7.94 3.39
CA LYS A 13 -9.28 6.52 3.07
C LYS A 13 -8.87 5.68 4.29
N ALA A 14 -9.74 4.75 4.67
CA ALA A 14 -9.54 3.82 5.77
C ALA A 14 -9.62 2.36 5.29
N VAL A 15 -9.13 1.43 6.11
CA VAL A 15 -9.04 0.00 5.81
C VAL A 15 -9.73 -0.81 6.90
N TYR A 16 -10.85 -1.43 6.56
CA TYR A 16 -11.60 -2.30 7.45
C TYR A 16 -11.07 -3.76 7.45
N PRO A 17 -11.45 -4.60 8.44
CA PRO A 17 -11.08 -6.01 8.51
C PRO A 17 -11.76 -6.88 7.44
N GLY A 18 -11.09 -7.07 6.31
CA GLY A 18 -11.53 -7.94 5.20
C GLY A 18 -10.93 -7.59 3.84
N GLN A 19 -10.84 -6.29 3.50
CA GLN A 19 -10.26 -5.79 2.24
C GLN A 19 -9.50 -4.47 2.45
N GLY A 20 -10.24 -3.36 2.58
CA GLY A 20 -9.72 -1.98 2.70
C GLY A 20 -9.88 -1.10 1.46
N VAL A 21 -10.39 -1.65 0.34
CA VAL A 21 -10.72 -0.92 -0.90
C VAL A 21 -11.98 -0.05 -0.75
N GLY A 22 -11.90 1.00 0.06
CA GLY A 22 -13.00 1.94 0.27
C GLY A 22 -12.52 3.36 0.64
N GLU A 23 -13.43 4.31 0.48
CA GLU A 23 -13.29 5.73 0.84
C GLU A 23 -14.44 6.13 1.79
N VAL A 24 -14.11 6.82 2.88
CA VAL A 24 -15.11 7.37 3.83
C VAL A 24 -16.09 8.26 3.07
N MET A 25 -17.39 8.06 3.26
CA MET A 25 -18.50 8.83 2.66
C MET A 25 -19.37 9.57 3.70
N GLY A 26 -18.83 9.69 4.91
CA GLY A 26 -19.51 10.25 6.08
C GLY A 26 -19.82 9.18 7.12
N ILE A 27 -20.59 9.58 8.13
CA ILE A 27 -21.12 8.75 9.23
C ILE A 27 -22.65 8.85 9.23
N GLU A 28 -23.33 7.72 9.44
CA GLU A 28 -24.78 7.57 9.60
C GLU A 28 -25.12 7.43 11.08
N HIS A 29 -26.36 7.77 11.46
CA HIS A 29 -26.90 7.62 12.81
C HIS A 29 -28.07 6.64 12.80
N THR A 30 -28.01 5.58 13.62
CA THR A 30 -29.07 4.57 13.78
C THR A 30 -29.68 4.61 15.18
N GLU A 31 -30.49 3.61 15.54
CA GLU A 31 -31.08 3.44 16.88
C GLU A 31 -30.80 2.01 17.39
N VAL A 32 -30.03 1.88 18.48
CA VAL A 32 -29.67 0.60 19.12
C VAL A 32 -29.80 0.71 20.65
N ALA A 33 -30.28 -0.34 21.31
CA ALA A 33 -30.56 -0.37 22.76
C ALA A 33 -31.42 0.84 23.27
N GLY A 34 -32.26 1.41 22.40
CA GLY A 34 -33.09 2.60 22.64
C GLY A 34 -32.37 3.96 22.47
N GLN A 35 -31.04 3.98 22.43
CA GLN A 35 -30.23 5.19 22.19
C GLN A 35 -29.84 5.31 20.70
N ARG A 36 -29.43 6.50 20.27
CA ARG A 36 -28.93 6.74 18.90
C ARG A 36 -27.41 6.56 18.84
N GLN A 37 -26.97 5.51 18.16
CA GLN A 37 -25.55 5.22 17.90
C GLN A 37 -25.16 5.68 16.49
N SER A 38 -23.87 5.69 16.21
CA SER A 38 -23.29 6.16 14.95
C SER A 38 -22.42 5.09 14.29
N PHE A 39 -22.25 5.19 12.97
CA PHE A 39 -21.44 4.25 12.19
C PHE A 39 -20.86 4.92 10.94
N TYR A 40 -19.62 4.57 10.58
CA TYR A 40 -19.00 5.06 9.35
C TYR A 40 -19.74 4.55 8.11
N VAL A 41 -19.57 5.25 6.99
CA VAL A 41 -20.09 4.90 5.67
C VAL A 41 -18.88 4.68 4.77
N LEU A 42 -18.27 3.50 4.83
CA LEU A 42 -17.17 3.20 3.94
C LEU A 42 -17.72 2.81 2.56
N ARG A 43 -17.39 3.61 1.53
CA ARG A 43 -17.85 3.46 0.15
C ARG A 43 -16.80 2.75 -0.69
N ILE A 44 -17.09 1.51 -1.06
CA ILE A 44 -16.14 0.63 -1.75
C ILE A 44 -15.87 1.14 -3.18
N LEU A 45 -14.61 1.33 -3.56
CA LEU A 45 -14.24 1.76 -4.92
C LEU A 45 -14.42 0.65 -5.98
N GLU A 46 -14.47 -0.61 -5.56
CA GLU A 46 -14.62 -1.80 -6.42
C GLU A 46 -15.96 -1.80 -7.18
N ASN A 47 -17.08 -1.83 -6.44
CA ASN A 47 -18.45 -1.82 -6.98
C ASN A 47 -19.38 -0.73 -6.38
N GLY A 48 -19.08 -0.27 -5.15
CA GLY A 48 -19.94 0.67 -4.42
C GLY A 48 -20.76 0.08 -3.26
N MET A 49 -20.33 -1.05 -2.68
CA MET A 49 -20.95 -1.66 -1.50
C MET A 49 -21.00 -0.69 -0.30
N ARG A 50 -21.81 -1.03 0.71
CA ARG A 50 -22.00 -0.28 1.96
C ARG A 50 -21.41 -1.03 3.14
N ILE A 51 -20.26 -0.56 3.66
CA ILE A 51 -19.62 -1.11 4.86
C ILE A 51 -19.82 -0.13 6.02
N MET A 52 -20.63 -0.55 7.02
CA MET A 52 -20.87 0.21 8.25
C MET A 52 -19.94 -0.29 9.36
N ILE A 53 -19.35 0.64 10.12
CA ILE A 53 -18.37 0.37 11.18
C ILE A 53 -18.72 1.19 12.43
N PRO A 54 -18.75 0.60 13.63
CA PRO A 54 -19.03 1.32 14.88
C PRO A 54 -17.91 2.32 15.20
N ILE A 55 -18.24 3.62 15.28
CA ILE A 55 -17.27 4.67 15.64
C ILE A 55 -16.69 4.52 17.05
N ASN A 56 -17.35 3.73 17.90
CA ASN A 56 -17.05 3.48 19.32
C ASN A 56 -15.57 3.13 19.53
N LYS A 57 -14.97 2.44 18.56
CA LYS A 57 -13.58 1.97 18.55
C LYS A 57 -12.93 2.04 17.16
N VAL A 58 -12.81 3.25 16.58
CA VAL A 58 -12.12 3.55 15.29
C VAL A 58 -10.60 3.30 15.32
N GLY A 59 -10.21 2.06 15.60
CA GLY A 59 -8.84 1.56 15.72
C GLY A 59 -8.81 0.09 16.13
N SER A 60 -9.31 -0.21 17.33
CA SER A 60 -9.36 -1.57 17.89
C SER A 60 -10.37 -2.51 17.22
N VAL A 61 -11.40 -1.98 16.53
CA VAL A 61 -12.37 -2.78 15.75
C VAL A 61 -11.75 -3.43 14.50
N GLY A 62 -10.54 -3.00 14.11
CA GLY A 62 -9.82 -3.42 12.89
C GLY A 62 -9.65 -2.30 11.86
N LEU A 63 -10.20 -1.11 12.12
CA LEU A 63 -10.03 0.09 11.29
C LEU A 63 -8.59 0.59 11.33
N ARG A 64 -7.93 0.46 10.18
CA ARG A 64 -6.58 0.93 9.91
C ARG A 64 -6.57 1.98 8.81
N GLU A 65 -5.39 2.43 8.45
CA GLU A 65 -5.14 3.37 7.36
C GLU A 65 -3.99 2.85 6.48
N ILE A 66 -4.09 3.15 5.19
CA ILE A 66 -3.07 2.85 4.16
C ILE A 66 -2.31 4.11 3.75
N ILE A 67 -1.23 3.91 3.01
CA ILE A 67 -0.43 5.00 2.43
C ILE A 67 -1.24 5.77 1.41
N SER A 68 -0.93 7.05 1.24
CA SER A 68 -1.54 7.93 0.23
C SER A 68 -0.57 8.24 -0.91
N GLU A 69 -1.03 8.95 -1.94
CA GLU A 69 -0.21 9.43 -3.08
C GLU A 69 1.05 10.17 -2.61
N GLU A 70 0.99 10.88 -1.48
CA GLU A 70 2.15 11.54 -0.86
C GLU A 70 3.32 10.57 -0.63
N ASP A 71 3.05 9.42 -0.02
CA ASP A 71 4.05 8.40 0.27
C ASP A 71 4.60 7.81 -1.02
N VAL A 72 3.73 7.53 -2.02
CA VAL A 72 4.13 7.04 -3.35
C VAL A 72 5.26 7.90 -3.94
N LYS A 73 5.14 9.24 -3.88
CA LYS A 73 6.18 10.17 -4.34
C LYS A 73 7.52 9.97 -3.62
N GLN A 74 7.49 9.88 -2.29
CA GLN A 74 8.68 9.61 -1.49
C GLN A 74 9.30 8.26 -1.84
N VAL A 75 8.51 7.19 -1.91
CA VAL A 75 8.96 5.83 -2.24
C VAL A 75 9.83 5.82 -3.48
N TYR A 76 9.36 6.40 -4.58
CA TYR A 76 10.12 6.53 -5.82
C TYR A 76 11.50 7.13 -5.58
N SER A 77 11.62 8.20 -4.78
CA SER A 77 12.89 8.83 -4.39
C SER A 77 13.86 7.90 -3.67
N ILE A 78 13.36 6.91 -2.92
CA ILE A 78 14.16 5.90 -2.19
C ILE A 78 14.85 4.94 -3.17
N LEU A 79 14.21 4.67 -4.32
CA LEU A 79 14.72 3.78 -5.36
C LEU A 79 15.35 4.50 -6.56
N LYS A 80 15.10 5.82 -6.70
CA LYS A 80 15.63 6.71 -7.75
C LYS A 80 17.16 6.72 -7.81
N GLU A 81 17.82 6.40 -6.69
CA GLU A 81 19.26 6.24 -6.56
C GLU A 81 19.75 4.89 -7.08
N LYS A 82 20.66 4.93 -8.06
CA LYS A 82 21.27 3.76 -8.71
C LYS A 82 22.55 3.26 -8.00
N ASP A 83 22.93 3.88 -6.89
CA ASP A 83 24.15 3.61 -6.11
C ASP A 83 23.94 2.58 -4.96
N ILE A 84 22.73 2.02 -4.87
CA ILE A 84 22.32 1.04 -3.85
C ILE A 84 22.77 -0.40 -4.18
N SER A 85 23.25 -0.64 -5.41
CA SER A 85 23.69 -1.93 -5.96
C SER A 85 24.57 -2.70 -4.96
N VAL A 86 23.94 -3.66 -4.27
CA VAL A 86 24.61 -4.50 -3.27
C VAL A 86 25.60 -5.46 -3.96
N ASP A 87 26.74 -5.71 -3.34
CA ASP A 87 27.73 -6.68 -3.82
C ASP A 87 27.15 -8.10 -3.92
N SER A 88 27.57 -8.89 -4.91
CA SER A 88 27.13 -10.29 -5.09
C SER A 88 27.45 -11.20 -3.89
N THR A 89 28.53 -10.92 -3.16
CA THR A 89 28.89 -11.64 -1.93
C THR A 89 27.96 -11.27 -0.78
N THR A 90 27.69 -9.97 -0.60
CA THR A 90 26.78 -9.45 0.42
C THR A 90 25.30 -9.70 0.09
N TRP A 91 24.96 -9.99 -1.17
CA TRP A 91 23.60 -10.21 -1.62
C TRP A 91 22.85 -11.25 -0.78
N ASN A 92 23.38 -12.47 -0.67
CA ASN A 92 22.81 -13.54 0.16
C ASN A 92 22.51 -13.07 1.61
N ARG A 93 23.32 -12.16 2.14
CA ARG A 93 23.15 -11.52 3.46
C ARG A 93 21.97 -10.56 3.45
N ARG A 94 21.92 -9.66 2.45
CA ARG A 94 20.80 -8.72 2.21
C ARG A 94 19.47 -9.44 1.97
N TYR A 95 19.50 -10.66 1.43
CA TYR A 95 18.31 -11.48 1.22
C TYR A 95 17.52 -11.63 2.53
N ARG A 96 18.21 -11.94 3.63
CA ARG A 96 17.66 -12.20 4.98
C ARG A 96 16.87 -11.01 5.52
N GLU A 97 17.48 -9.82 5.57
CA GLU A 97 16.81 -8.58 5.96
C GLU A 97 15.61 -8.31 5.05
N TYR A 98 15.80 -8.29 3.73
CA TYR A 98 14.73 -8.08 2.75
C TYR A 98 13.59 -9.09 2.83
N MET A 99 13.86 -10.33 3.23
CA MET A 99 12.85 -11.38 3.45
C MET A 99 11.81 -10.92 4.49
N GLU A 100 12.23 -10.24 5.56
CA GLU A 100 11.35 -9.68 6.57
C GLU A 100 10.46 -8.53 6.03
N LYS A 101 11.01 -7.69 5.14
CA LYS A 101 10.30 -6.56 4.52
C LYS A 101 9.09 -7.03 3.69
N ILE A 102 9.13 -8.27 3.18
CA ILE A 102 8.03 -8.90 2.41
C ILE A 102 6.85 -9.27 3.31
N LYS A 103 7.10 -9.74 4.55
CA LYS A 103 6.07 -10.08 5.54
C LYS A 103 5.18 -8.88 5.89
N THR A 104 5.81 -7.73 6.13
CA THR A 104 5.07 -6.48 6.43
C THR A 104 4.45 -5.92 5.15
N GLY A 105 5.16 -6.09 4.03
CA GLY A 105 4.90 -5.50 2.73
C GLY A 105 4.82 -3.97 2.76
N SER A 106 5.47 -3.31 3.72
CA SER A 106 5.52 -1.85 3.83
C SER A 106 5.92 -1.22 2.49
N VAL A 107 5.18 -0.21 2.02
CA VAL A 107 5.43 0.45 0.73
C VAL A 107 6.89 0.89 0.57
N PHE A 108 7.44 1.55 1.60
CA PHE A 108 8.81 2.05 1.66
C PHE A 108 9.86 0.92 1.71
N GLU A 109 9.45 -0.24 2.23
CA GLU A 109 10.26 -1.45 2.34
C GLU A 109 10.26 -2.25 1.05
N ILE A 110 9.10 -2.68 0.54
CA ILE A 110 8.93 -3.46 -0.70
C ILE A 110 9.64 -2.84 -1.89
N ALA A 111 9.42 -1.53 -2.07
CA ALA A 111 10.07 -0.78 -3.13
C ALA A 111 11.60 -0.87 -2.98
N GLU A 112 12.15 -0.74 -1.78
CA GLU A 112 13.60 -0.92 -1.53
C GLU A 112 14.05 -2.35 -1.79
N VAL A 113 13.24 -3.34 -1.39
CA VAL A 113 13.56 -4.76 -1.57
C VAL A 113 13.71 -5.07 -3.06
N LEU A 114 12.64 -4.88 -3.83
CA LEU A 114 12.65 -5.23 -5.25
C LEU A 114 13.75 -4.48 -6.00
N ARG A 115 13.96 -3.20 -5.68
CA ARG A 115 14.99 -2.30 -6.24
C ARG A 115 16.37 -2.93 -6.13
N ASP A 116 16.69 -3.44 -4.95
CA ASP A 116 17.95 -4.12 -4.70
C ASP A 116 18.15 -5.28 -5.66
N LEU A 117 17.16 -6.18 -5.77
CA LEU A 117 17.24 -7.33 -6.69
C LEU A 117 17.32 -6.88 -8.17
N TYR A 118 16.57 -5.83 -8.53
CA TYR A 118 16.56 -5.25 -9.87
C TYR A 118 17.95 -4.75 -10.29
N LEU A 119 18.59 -3.96 -9.42
CA LEU A 119 19.94 -3.44 -9.66
C LEU A 119 21.03 -4.50 -9.52
N LEU A 120 20.79 -5.56 -8.74
CA LEU A 120 21.68 -6.72 -8.57
C LEU A 120 21.99 -7.42 -9.90
N LYS A 121 21.01 -7.46 -10.81
CA LYS A 121 21.15 -8.00 -12.17
C LYS A 121 21.36 -6.91 -13.24
N GLY A 122 20.95 -5.67 -12.95
CA GLY A 122 20.95 -4.52 -13.87
C GLY A 122 19.78 -4.50 -14.87
N ASP A 123 18.97 -5.57 -14.91
CA ASP A 123 17.79 -5.73 -15.77
C ASP A 123 16.59 -6.30 -14.98
N LYS A 124 15.44 -6.51 -15.65
CA LYS A 124 14.19 -6.99 -15.04
C LYS A 124 14.11 -8.52 -14.94
N ASP A 125 14.73 -9.22 -15.89
CA ASP A 125 14.88 -10.67 -15.96
C ASP A 125 15.90 -11.20 -14.94
N LEU A 126 15.57 -11.06 -13.65
CA LEU A 126 16.33 -11.58 -12.51
C LEU A 126 16.47 -13.11 -12.58
N SER A 127 17.54 -13.61 -11.96
CA SER A 127 17.83 -15.05 -11.83
C SER A 127 16.71 -15.80 -11.08
N PHE A 128 16.73 -17.13 -11.04
CA PHE A 128 15.67 -17.93 -10.40
C PHE A 128 15.41 -17.49 -8.93
N GLY A 129 16.47 -17.40 -8.11
CA GLY A 129 16.35 -17.06 -6.68
C GLY A 129 16.01 -15.58 -6.43
N GLU A 130 16.52 -14.68 -7.26
CA GLU A 130 16.19 -13.25 -7.22
C GLU A 130 14.73 -13.02 -7.65
N ARG A 131 14.31 -13.59 -8.80
CA ARG A 131 12.92 -13.54 -9.28
C ARG A 131 11.94 -14.07 -8.23
N LYS A 132 12.29 -15.08 -7.43
CA LYS A 132 11.44 -15.60 -6.35
C LYS A 132 11.04 -14.54 -5.31
N MET A 133 12.01 -13.76 -4.80
CA MET A 133 11.70 -12.68 -3.87
C MET A 133 11.03 -11.50 -4.60
N LEU A 134 11.55 -11.15 -5.77
CA LEU A 134 11.04 -10.07 -6.62
C LEU A 134 9.57 -10.28 -7.00
N ASP A 135 9.14 -11.49 -7.38
CA ASP A 135 7.77 -11.80 -7.76
C ASP A 135 6.76 -11.45 -6.65
N THR A 136 7.11 -11.76 -5.39
CA THR A 136 6.27 -11.41 -4.23
C THR A 136 6.30 -9.90 -3.98
N ALA A 137 7.50 -9.28 -4.02
CA ALA A 137 7.67 -7.85 -3.85
C ALA A 137 6.99 -7.00 -4.95
N ARG A 138 7.10 -7.35 -6.23
CA ARG A 138 6.44 -6.73 -7.39
C ARG A 138 4.93 -6.66 -7.22
N SER A 139 4.32 -7.79 -6.84
CA SER A 139 2.88 -7.89 -6.53
C SER A 139 2.42 -6.91 -5.44
N LEU A 140 3.33 -6.50 -4.55
CA LEU A 140 3.09 -5.49 -3.52
C LEU A 140 3.51 -4.07 -3.94
N LEU A 141 4.53 -3.94 -4.80
CA LEU A 141 5.03 -2.68 -5.31
C LEU A 141 3.90 -1.92 -5.99
N ILE A 142 3.27 -2.55 -6.99
CA ILE A 142 2.18 -1.91 -7.71
C ILE A 142 0.92 -1.76 -6.85
N LYS A 143 0.74 -2.60 -5.83
CA LYS A 143 -0.44 -2.65 -4.95
C LYS A 143 -0.57 -1.42 -4.06
N GLU A 144 0.49 -1.08 -3.32
CA GLU A 144 0.46 0.15 -2.51
C GLU A 144 0.62 1.38 -3.41
N LEU A 145 1.64 1.40 -4.28
CA LEU A 145 1.91 2.55 -5.14
C LEU A 145 0.76 2.89 -6.10
N SER A 146 -0.12 1.93 -6.38
CA SER A 146 -1.34 2.08 -7.18
C SER A 146 -2.23 3.26 -6.75
N LEU A 147 -2.12 3.65 -5.47
CA LEU A 147 -2.83 4.80 -4.89
C LEU A 147 -2.68 6.07 -5.74
N ALA A 148 -1.45 6.44 -6.07
CA ALA A 148 -1.15 7.57 -6.96
C ALA A 148 -1.42 7.28 -8.44
N LYS A 149 -1.37 6.00 -8.86
CA LYS A 149 -1.63 5.58 -10.25
C LYS A 149 -3.04 5.85 -10.70
N ASP A 150 -4.01 5.26 -10.00
CA ASP A 150 -5.42 5.27 -10.39
C ASP A 150 -5.66 4.71 -11.82
N CYS A 151 -4.71 3.93 -12.34
CA CYS A 151 -4.62 3.38 -13.70
C CYS A 151 -4.19 1.89 -13.70
N SER A 152 -3.81 1.35 -14.87
CA SER A 152 -3.30 -0.02 -15.06
C SER A 152 -2.02 -0.29 -14.24
N GLU A 153 -1.73 -1.55 -13.93
CA GLU A 153 -0.48 -1.94 -13.23
C GLU A 153 0.79 -1.55 -14.00
N ASP A 154 0.70 -1.49 -15.33
CA ASP A 154 1.77 -1.04 -16.23
C ASP A 154 2.33 0.32 -15.80
N GLU A 155 1.53 1.19 -15.17
CA GLU A 155 1.96 2.49 -14.71
C GLU A 155 3.13 2.39 -13.72
N ILE A 156 3.09 1.46 -12.75
CA ILE A 156 4.17 1.17 -11.81
C ILE A 156 5.15 0.18 -12.42
N GLU A 157 4.66 -0.94 -12.98
CA GLU A 157 5.50 -2.03 -13.50
C GLU A 157 6.50 -1.50 -14.54
N SER A 158 6.03 -0.67 -15.48
CA SER A 158 6.88 0.01 -16.47
C SER A 158 7.66 1.16 -15.86
N ASP A 159 7.12 1.90 -14.88
CA ASP A 159 7.86 2.99 -14.22
C ASP A 159 9.19 2.51 -13.64
N LEU A 160 9.31 1.22 -13.26
CA LEU A 160 10.57 0.66 -12.79
C LEU A 160 11.71 0.90 -13.79
N LYS A 161 11.39 0.98 -15.08
CA LYS A 161 12.32 1.30 -16.17
C LYS A 161 13.02 2.64 -16.00
N LYS A 162 12.34 3.65 -15.44
CA LYS A 162 12.86 5.00 -15.21
C LYS A 162 13.64 5.11 -13.88
N ILE A 163 13.36 4.19 -12.96
CA ILE A 163 13.92 4.17 -11.60
C ILE A 163 15.22 3.36 -11.58
N PHE A 164 15.14 2.10 -12.01
CA PHE A 164 16.26 1.14 -12.06
C PHE A 164 17.00 1.17 -13.42
N ASN A 165 16.61 2.04 -14.36
CA ASN A 165 17.15 2.21 -15.72
C ASN A 165 17.20 0.91 -16.52
N LEU A 166 16.04 0.46 -17.02
CA LEU A 166 15.81 -0.83 -17.69
C LEU A 166 15.33 -0.56 -19.12
N ALA A 167 16.15 -0.91 -20.12
CA ALA A 167 15.82 -0.73 -21.54
C ALA A 167 14.83 -1.80 -22.05
N GLY A 1 -25.46 23.07 21.72
CA GLY A 1 -26.04 21.99 22.55
C GLY A 1 -25.56 20.61 22.10
N SER A 2 -25.73 19.60 22.94
CA SER A 2 -25.25 18.21 22.77
C SER A 2 -23.72 18.10 22.62
N HIS A 3 -23.20 16.89 22.40
CA HIS A 3 -21.76 16.64 22.13
C HIS A 3 -21.51 16.32 20.65
N MET A 4 -20.34 16.72 20.15
CA MET A 4 -19.85 16.43 18.80
C MET A 4 -19.05 15.11 18.80
N GLN A 5 -19.37 14.23 17.86
CA GLN A 5 -18.72 12.92 17.65
C GLN A 5 -17.86 12.95 16.37
N THR A 6 -17.09 11.90 16.12
CA THR A 6 -16.30 11.75 14.89
C THR A 6 -17.19 11.61 13.65
N SER A 7 -16.85 12.35 12.58
CA SER A 7 -17.55 12.33 11.29
C SER A 7 -16.71 12.94 10.16
N PHE A 8 -15.48 12.44 9.96
CA PHE A 8 -14.59 12.92 8.90
C PHE A 8 -15.17 12.62 7.50
N LYS A 9 -15.55 13.66 6.75
CA LYS A 9 -16.17 13.54 5.41
C LYS A 9 -15.22 12.92 4.37
N THR A 10 -15.72 12.69 3.15
CA THR A 10 -14.96 12.11 2.03
C THR A 10 -13.57 12.73 1.89
N GLY A 11 -12.55 11.87 1.88
CA GLY A 11 -11.15 12.27 1.79
C GLY A 11 -10.17 11.33 2.50
N ASP A 12 -10.68 10.39 3.29
CA ASP A 12 -9.93 9.34 3.98
C ASP A 12 -10.29 7.94 3.43
N LYS A 13 -9.50 6.93 3.83
CA LYS A 13 -9.66 5.55 3.39
C LYS A 13 -9.34 4.60 4.55
N ALA A 14 -10.23 3.64 4.83
CA ALA A 14 -10.11 2.69 5.94
C ALA A 14 -10.14 1.23 5.43
N VAL A 15 -9.62 0.32 6.24
CA VAL A 15 -9.45 -1.10 5.92
C VAL A 15 -10.01 -1.98 7.03
N TYR A 16 -11.16 -2.60 6.78
CA TYR A 16 -11.80 -3.55 7.68
C TYR A 16 -11.25 -4.99 7.50
N PRO A 17 -11.46 -5.90 8.47
CA PRO A 17 -11.01 -7.30 8.41
C PRO A 17 -11.83 -8.13 7.41
N GLY A 18 -11.31 -8.31 6.21
CA GLY A 18 -11.91 -9.13 5.15
C GLY A 18 -11.59 -8.65 3.74
N GLN A 19 -11.58 -7.32 3.53
CA GLN A 19 -11.29 -6.69 2.23
C GLN A 19 -10.47 -5.40 2.40
N GLY A 20 -11.12 -4.31 2.80
CA GLY A 20 -10.55 -2.96 2.88
C GLY A 20 -10.59 -2.13 1.59
N VAL A 21 -11.12 -2.67 0.50
CA VAL A 21 -11.28 -1.95 -0.79
C VAL A 21 -12.46 -0.97 -0.70
N GLY A 22 -12.30 0.15 -0.02
CA GLY A 22 -13.33 1.18 0.11
C GLY A 22 -12.77 2.56 0.43
N GLU A 23 -13.55 3.61 0.16
CA GLU A 23 -13.24 5.01 0.44
C GLU A 23 -14.40 5.67 1.19
N VAL A 24 -14.06 6.49 2.19
CA VAL A 24 -15.02 7.23 3.02
C VAL A 24 -15.87 8.13 2.11
N MET A 25 -17.20 8.04 2.21
CA MET A 25 -18.17 8.84 1.44
C MET A 25 -19.05 9.75 2.33
N GLY A 26 -18.74 9.84 3.62
CA GLY A 26 -19.47 10.59 4.64
C GLY A 26 -19.67 9.79 5.91
N ILE A 27 -20.35 10.40 6.89
CA ILE A 27 -20.74 9.78 8.15
C ILE A 27 -22.21 10.07 8.45
N GLU A 28 -22.96 9.02 8.79
CA GLU A 28 -24.36 9.13 9.21
C GLU A 28 -24.45 8.98 10.75
N HIS A 29 -25.47 9.58 11.35
CA HIS A 29 -25.72 9.56 12.80
C HIS A 29 -27.04 8.85 13.09
N THR A 30 -27.00 7.66 13.69
CA THR A 30 -28.20 6.89 14.05
C THR A 30 -28.44 6.89 15.56
N GLU A 31 -29.42 6.10 16.00
CA GLU A 31 -29.75 5.87 17.40
C GLU A 31 -29.66 4.36 17.72
N VAL A 32 -28.65 3.96 18.51
CA VAL A 32 -28.40 2.58 18.93
C VAL A 32 -28.29 2.49 20.46
N ALA A 33 -28.75 1.39 21.05
CA ALA A 33 -28.83 1.20 22.51
C ALA A 33 -29.54 2.36 23.27
N GLY A 34 -30.45 3.09 22.61
CA GLY A 34 -31.12 4.28 23.15
C GLY A 34 -30.24 5.54 23.22
N GLN A 35 -29.07 5.54 22.57
CA GLN A 35 -28.06 6.61 22.59
C GLN A 35 -27.60 6.99 21.18
N ARG A 36 -27.00 8.17 21.03
CA ARG A 36 -26.49 8.65 19.74
C ARG A 36 -25.19 7.92 19.35
N GLN A 37 -25.04 7.61 18.06
CA GLN A 37 -23.82 7.00 17.51
C GLN A 37 -23.60 7.42 16.05
N SER A 38 -22.35 7.37 15.60
CA SER A 38 -21.92 7.66 14.23
C SER A 38 -21.41 6.41 13.51
N PHE A 39 -21.32 6.46 12.18
CA PHE A 39 -20.80 5.35 11.36
C PHE A 39 -20.11 5.84 10.08
N TYR A 40 -18.97 5.25 9.75
CA TYR A 40 -18.24 5.51 8.51
C TYR A 40 -18.93 4.90 7.30
N VAL A 41 -19.43 5.75 6.39
CA VAL A 41 -20.04 5.32 5.12
C VAL A 41 -18.90 4.96 4.15
N LEU A 42 -18.34 3.77 4.32
CA LEU A 42 -17.29 3.27 3.43
C LEU A 42 -17.95 2.75 2.14
N ARG A 43 -17.62 3.37 1.00
CA ARG A 43 -18.08 2.93 -0.33
C ARG A 43 -16.98 2.16 -1.04
N ILE A 44 -17.28 0.94 -1.42
CA ILE A 44 -16.34 0.04 -2.10
C ILE A 44 -16.03 0.55 -3.51
N LEU A 45 -14.75 0.67 -3.86
CA LEU A 45 -14.33 1.10 -5.21
C LEU A 45 -14.60 0.06 -6.31
N GLU A 46 -14.74 -1.23 -5.96
CA GLU A 46 -14.94 -2.33 -6.91
C GLU A 46 -16.19 -2.13 -7.78
N ASN A 47 -17.35 -1.98 -7.13
CA ASN A 47 -18.66 -1.73 -7.75
C ASN A 47 -19.44 -0.51 -7.21
N GLY A 48 -19.22 -0.12 -5.94
CA GLY A 48 -19.99 0.91 -5.22
C GLY A 48 -20.83 0.42 -4.02
N MET A 49 -20.55 -0.77 -3.47
CA MET A 49 -21.28 -1.35 -2.32
C MET A 49 -21.23 -0.44 -1.08
N ARG A 50 -22.20 -0.61 -0.19
CA ARG A 50 -22.40 0.22 1.02
C ARG A 50 -21.98 -0.55 2.26
N ILE A 51 -20.83 -0.21 2.85
CA ILE A 51 -20.29 -0.84 4.05
C ILE A 51 -20.20 0.22 5.16
N MET A 52 -21.00 0.07 6.22
CA MET A 52 -20.96 0.96 7.38
C MET A 52 -20.05 0.39 8.47
N ILE A 53 -19.34 1.25 9.20
CA ILE A 53 -18.43 0.87 10.30
C ILE A 53 -18.69 1.74 11.54
N PRO A 54 -18.90 1.17 12.74
CA PRO A 54 -19.07 1.94 13.98
C PRO A 54 -17.77 2.66 14.37
N ILE A 55 -17.78 4.00 14.45
CA ILE A 55 -16.60 4.76 14.90
C ILE A 55 -16.24 4.50 16.39
N ASN A 56 -17.15 3.89 17.16
CA ASN A 56 -17.04 3.70 18.61
C ASN A 56 -16.12 2.52 18.98
N LYS A 57 -15.49 1.89 17.97
CA LYS A 57 -14.68 0.67 18.08
C LYS A 57 -13.46 0.63 17.14
N VAL A 58 -13.09 1.78 16.54
CA VAL A 58 -11.97 1.98 15.59
C VAL A 58 -10.63 1.43 16.11
N GLY A 59 -10.31 0.20 15.72
CA GLY A 59 -9.11 -0.55 16.13
C GLY A 59 -9.44 -1.93 16.70
N SER A 60 -10.45 -2.03 17.56
CA SER A 60 -10.89 -3.29 18.19
C SER A 60 -11.66 -4.20 17.21
N VAL A 61 -12.38 -3.62 16.24
CA VAL A 61 -13.10 -4.34 15.16
C VAL A 61 -12.18 -4.71 13.97
N GLY A 62 -10.86 -4.69 14.13
CA GLY A 62 -9.88 -4.91 13.05
C GLY A 62 -9.76 -3.73 12.08
N LEU A 63 -10.41 -2.60 12.37
CA LEU A 63 -10.34 -1.37 11.58
C LEU A 63 -8.92 -0.81 11.59
N ARG A 64 -8.32 -0.80 10.41
CA ARG A 64 -6.98 -0.28 10.12
C ARG A 64 -7.07 0.76 9.00
N GLU A 65 -5.91 1.26 8.60
CA GLU A 65 -5.73 2.19 7.49
C GLU A 65 -4.57 1.72 6.62
N ILE A 66 -4.56 2.21 5.38
CA ILE A 66 -3.50 2.01 4.38
C ILE A 66 -2.79 3.33 4.07
N ILE A 67 -1.69 3.24 3.35
CA ILE A 67 -0.94 4.41 2.88
C ILE A 67 -1.69 5.19 1.80
N SER A 68 -1.44 6.50 1.76
CA SER A 68 -2.01 7.42 0.77
C SER A 68 -0.97 7.83 -0.28
N GLU A 69 -1.37 8.63 -1.29
CA GLU A 69 -0.47 9.18 -2.30
C GLU A 69 0.77 9.87 -1.70
N GLU A 70 0.67 10.47 -0.51
CA GLU A 70 1.79 11.09 0.22
C GLU A 70 2.98 10.12 0.38
N ASP A 71 2.70 8.94 0.92
CA ASP A 71 3.67 7.85 1.06
C ASP A 71 4.21 7.45 -0.31
N VAL A 72 3.34 7.28 -1.33
CA VAL A 72 3.75 6.84 -2.66
C VAL A 72 4.86 7.75 -3.22
N LYS A 73 4.71 9.06 -3.07
CA LYS A 73 5.73 10.07 -3.44
C LYS A 73 7.07 9.84 -2.71
N GLN A 74 7.02 9.64 -1.39
CA GLN A 74 8.21 9.35 -0.59
C GLN A 74 8.88 8.04 -1.01
N VAL A 75 8.13 6.94 -1.15
CA VAL A 75 8.63 5.64 -1.60
C VAL A 75 9.49 5.75 -2.85
N TYR A 76 8.99 6.42 -3.89
CA TYR A 76 9.73 6.62 -5.13
C TYR A 76 11.12 7.22 -4.84
N SER A 77 11.23 8.25 -3.99
CA SER A 77 12.49 8.87 -3.54
C SER A 77 13.47 7.89 -2.88
N ILE A 78 12.97 6.86 -2.19
CA ILE A 78 13.78 5.81 -1.54
C ILE A 78 14.51 4.94 -2.59
N LEU A 79 13.88 4.75 -3.76
CA LEU A 79 14.41 3.94 -4.86
C LEU A 79 15.02 4.77 -6.00
N LYS A 80 14.72 6.07 -6.06
CA LYS A 80 15.24 7.05 -7.02
C LYS A 80 16.77 7.13 -7.02
N GLU A 81 17.38 6.82 -5.88
CA GLU A 81 18.83 6.76 -5.68
C GLU A 81 19.43 5.50 -6.34
N LYS A 82 20.28 5.73 -7.34
CA LYS A 82 20.98 4.69 -8.12
C LYS A 82 22.28 4.19 -7.46
N ASP A 83 22.58 4.69 -6.27
CA ASP A 83 23.78 4.38 -5.46
C ASP A 83 23.58 3.17 -4.51
N ILE A 84 22.39 2.56 -4.54
CA ILE A 84 21.98 1.44 -3.68
C ILE A 84 22.55 0.08 -4.10
N SER A 85 23.16 0.00 -5.30
CA SER A 85 23.74 -1.21 -5.92
C SER A 85 24.59 -2.00 -4.92
N VAL A 86 24.01 -3.07 -4.37
CA VAL A 86 24.67 -3.97 -3.41
C VAL A 86 25.73 -4.82 -4.12
N ASP A 87 26.82 -5.11 -3.43
CA ASP A 87 27.88 -6.00 -3.93
C ASP A 87 27.38 -7.44 -4.10
N SER A 88 27.86 -8.16 -5.12
CA SER A 88 27.46 -9.55 -5.39
C SER A 88 27.84 -10.54 -4.26
N THR A 89 28.90 -10.23 -3.51
CA THR A 89 29.35 -11.00 -2.33
C THR A 89 28.45 -10.74 -1.12
N THR A 90 28.09 -9.48 -0.87
CA THR A 90 27.16 -9.10 0.20
C THR A 90 25.71 -9.49 -0.12
N TRP A 91 25.35 -9.61 -1.40
CA TRP A 91 24.00 -9.92 -1.86
C TRP A 91 23.38 -11.12 -1.12
N ASN A 92 24.13 -12.21 -0.98
CA ASN A 92 23.69 -13.41 -0.26
C ASN A 92 23.18 -13.08 1.16
N ARG A 93 23.90 -12.21 1.89
CA ARG A 93 23.52 -11.69 3.23
C ARG A 93 22.36 -10.71 3.14
N ARG A 94 22.40 -9.77 2.19
CA ARG A 94 21.33 -8.81 1.91
C ARG A 94 19.98 -9.49 1.61
N TYR A 95 20.01 -10.72 1.09
CA TYR A 95 18.83 -11.53 0.86
C TYR A 95 18.06 -11.75 2.16
N ARG A 96 18.75 -12.10 3.25
CA ARG A 96 18.19 -12.43 4.58
C ARG A 96 17.39 -11.27 5.18
N GLU A 97 17.99 -10.08 5.25
CA GLU A 97 17.30 -8.86 5.70
C GLU A 97 16.07 -8.60 4.84
N TYR A 98 16.21 -8.54 3.51
CA TYR A 98 15.10 -8.33 2.59
C TYR A 98 14.01 -9.39 2.67
N MET A 99 14.35 -10.65 2.98
CA MET A 99 13.41 -11.75 3.21
C MET A 99 12.38 -11.39 4.29
N GLU A 100 12.80 -10.73 5.36
CA GLU A 100 11.90 -10.25 6.42
C GLU A 100 10.97 -9.13 5.96
N LYS A 101 11.44 -8.22 5.09
CA LYS A 101 10.67 -7.08 4.56
C LYS A 101 9.45 -7.58 3.76
N ILE A 102 9.53 -8.77 3.18
CA ILE A 102 8.44 -9.41 2.42
C ILE A 102 7.29 -9.88 3.33
N LYS A 103 7.61 -10.40 4.53
CA LYS A 103 6.61 -10.83 5.53
C LYS A 103 5.70 -9.68 5.96
N THR A 104 6.29 -8.53 6.27
CA THR A 104 5.53 -7.33 6.67
C THR A 104 4.84 -6.72 5.44
N GLY A 105 5.50 -6.82 4.29
CA GLY A 105 5.16 -6.14 3.05
C GLY A 105 4.97 -4.63 3.21
N SER A 106 5.70 -4.02 4.14
CA SER A 106 5.71 -2.58 4.34
C SER A 106 6.04 -1.89 3.02
N VAL A 107 5.22 -0.94 2.60
CA VAL A 107 5.40 -0.17 1.36
C VAL A 107 6.79 0.44 1.18
N PHE A 108 7.30 1.10 2.22
CA PHE A 108 8.66 1.68 2.26
C PHE A 108 9.77 0.61 2.23
N GLU A 109 9.44 -0.61 2.66
CA GLU A 109 10.32 -1.79 2.68
C GLU A 109 10.33 -2.53 1.34
N ILE A 110 9.18 -3.02 0.87
CA ILE A 110 8.99 -3.73 -0.41
C ILE A 110 9.62 -2.99 -1.57
N ALA A 111 9.34 -1.70 -1.68
CA ALA A 111 9.91 -0.88 -2.72
C ALA A 111 11.45 -0.91 -2.64
N GLU A 112 12.04 -0.84 -1.45
CA GLU A 112 13.49 -0.96 -1.25
C GLU A 112 14.01 -2.36 -1.60
N VAL A 113 13.27 -3.41 -1.23
CA VAL A 113 13.63 -4.80 -1.47
C VAL A 113 13.73 -5.05 -2.96
N LEU A 114 12.63 -4.88 -3.69
CA LEU A 114 12.58 -5.16 -5.12
C LEU A 114 13.65 -4.35 -5.86
N ARG A 115 13.83 -3.07 -5.50
CA ARG A 115 14.80 -2.12 -6.04
C ARG A 115 16.19 -2.71 -5.99
N ASP A 116 16.58 -3.23 -4.83
CA ASP A 116 17.88 -3.86 -4.64
C ASP A 116 18.11 -4.97 -5.67
N LEU A 117 17.17 -5.91 -5.81
CA LEU A 117 17.28 -6.97 -6.81
C LEU A 117 17.26 -6.44 -8.26
N TYR A 118 16.48 -5.38 -8.52
CA TYR A 118 16.39 -4.73 -9.82
C TYR A 118 17.72 -4.11 -10.25
N LEU A 119 18.35 -3.31 -9.39
CA LEU A 119 19.66 -2.72 -9.67
C LEU A 119 20.79 -3.76 -9.65
N LEU A 120 20.65 -4.86 -8.90
CA LEU A 120 21.59 -6.00 -8.86
C LEU A 120 21.84 -6.61 -10.25
N LYS A 121 20.80 -6.65 -11.09
CA LYS A 121 20.85 -7.15 -12.48
C LYS A 121 20.80 -6.04 -13.54
N GLY A 122 20.47 -4.82 -13.13
CA GLY A 122 20.28 -3.65 -13.99
C GLY A 122 18.93 -3.64 -14.73
N ASP A 123 18.54 -4.78 -15.32
CA ASP A 123 17.29 -5.00 -16.04
C ASP A 123 16.14 -5.57 -15.16
N LYS A 124 14.97 -5.84 -15.74
CA LYS A 124 13.78 -6.41 -15.06
C LYS A 124 13.75 -7.94 -15.04
N ASP A 125 14.35 -8.58 -16.04
CA ASP A 125 14.52 -10.02 -16.13
C ASP A 125 15.66 -10.51 -15.23
N LEU A 126 15.40 -10.50 -13.92
CA LEU A 126 16.26 -11.01 -12.87
C LEU A 126 16.56 -12.51 -13.02
N SER A 127 17.62 -13.00 -12.36
CA SER A 127 17.96 -14.43 -12.34
C SER A 127 16.88 -15.26 -11.61
N PHE A 128 16.96 -16.59 -11.64
CA PHE A 128 15.97 -17.48 -10.98
C PHE A 128 15.77 -17.14 -9.50
N GLY A 129 16.85 -17.03 -8.72
CA GLY A 129 16.80 -16.75 -7.27
C GLY A 129 16.43 -15.31 -6.94
N GLU A 130 16.83 -14.35 -7.77
CA GLU A 130 16.45 -12.94 -7.63
C GLU A 130 14.96 -12.74 -7.99
N ARG A 131 14.50 -13.29 -9.11
CA ARG A 131 13.09 -13.27 -9.54
C ARG A 131 12.18 -13.90 -8.47
N LYS A 132 12.62 -14.90 -7.72
CA LYS A 132 11.84 -15.50 -6.61
C LYS A 132 11.46 -14.49 -5.51
N MET A 133 12.41 -13.70 -5.02
CA MET A 133 12.11 -12.65 -4.04
C MET A 133 11.36 -11.49 -4.71
N LEU A 134 11.82 -11.08 -5.90
CA LEU A 134 11.22 -10.01 -6.68
C LEU A 134 9.74 -10.26 -7.00
N ASP A 135 9.34 -11.46 -7.38
CA ASP A 135 7.95 -11.82 -7.69
C ASP A 135 7.01 -11.51 -6.51
N THR A 136 7.42 -11.85 -5.29
CA THR A 136 6.63 -11.60 -4.08
C THR A 136 6.60 -10.10 -3.76
N ALA A 137 7.75 -9.43 -3.86
CA ALA A 137 7.87 -7.99 -3.66
C ALA A 137 7.11 -7.14 -4.70
N ARG A 138 7.22 -7.45 -6.01
CA ARG A 138 6.48 -6.81 -7.13
C ARG A 138 4.98 -6.85 -6.91
N SER A 139 4.44 -8.02 -6.55
CA SER A 139 3.03 -8.19 -6.22
C SER A 139 2.55 -7.28 -5.09
N LEU A 140 3.45 -6.82 -4.22
CA LEU A 140 3.19 -5.86 -3.15
C LEU A 140 3.48 -4.40 -3.59
N LEU A 141 4.50 -4.16 -4.41
CA LEU A 141 4.90 -2.84 -4.91
C LEU A 141 3.69 -2.10 -5.50
N ILE A 142 3.04 -2.72 -6.48
CA ILE A 142 1.84 -2.17 -7.11
C ILE A 142 0.62 -2.19 -6.19
N LYS A 143 0.61 -3.01 -5.14
CA LYS A 143 -0.49 -3.17 -4.17
C LYS A 143 -0.60 -1.95 -3.26
N GLU A 144 0.53 -1.51 -2.70
CA GLU A 144 0.57 -0.30 -1.87
C GLU A 144 0.63 0.97 -2.73
N LEU A 145 1.50 1.02 -3.75
CA LEU A 145 1.61 2.18 -4.64
C LEU A 145 0.37 2.35 -5.55
N SER A 146 -0.54 1.37 -5.58
CA SER A 146 -1.83 1.39 -6.31
C SER A 146 -2.59 2.70 -6.12
N LEU A 147 -2.44 3.36 -4.97
CA LEU A 147 -3.03 4.66 -4.67
C LEU A 147 -2.75 5.72 -5.75
N ALA A 148 -1.47 6.03 -6.00
CA ALA A 148 -1.08 6.99 -7.05
C ALA A 148 -1.37 6.46 -8.47
N LYS A 149 -1.46 5.13 -8.63
CA LYS A 149 -1.81 4.44 -9.88
C LYS A 149 -3.26 4.73 -10.27
N ASP A 150 -4.22 4.29 -9.46
CA ASP A 150 -5.67 4.30 -9.71
C ASP A 150 -6.07 3.74 -11.10
N CYS A 151 -5.23 2.85 -11.66
CA CYS A 151 -5.23 2.36 -13.05
C CYS A 151 -4.72 0.90 -13.15
N SER A 152 -4.37 0.43 -14.35
CA SER A 152 -3.78 -0.88 -14.63
C SER A 152 -2.41 -1.06 -13.94
N GLU A 153 -2.02 -2.29 -13.58
CA GLU A 153 -0.70 -2.59 -12.97
C GLU A 153 0.48 -2.04 -13.76
N ASP A 154 0.35 -1.97 -15.09
CA ASP A 154 1.32 -1.36 -16.01
C ASP A 154 1.76 0.05 -15.59
N GLU A 155 0.94 0.81 -14.85
CA GLU A 155 1.33 2.12 -14.32
C GLU A 155 2.53 2.01 -13.37
N ILE A 156 2.41 1.23 -12.29
CA ILE A 156 3.47 1.02 -11.30
C ILE A 156 4.55 0.08 -11.84
N GLU A 157 4.18 -1.03 -12.49
CA GLU A 157 5.16 -1.96 -13.06
C GLU A 157 6.11 -1.20 -14.02
N SER A 158 5.56 -0.27 -14.83
CA SER A 158 6.34 0.59 -15.71
C SER A 158 7.05 1.71 -14.94
N ASP A 159 6.53 2.26 -13.83
CA ASP A 159 7.27 3.28 -13.05
C ASP A 159 8.71 2.88 -12.76
N LEU A 160 8.94 1.59 -12.57
CA LEU A 160 10.24 1.02 -12.27
C LEU A 160 11.29 1.37 -13.32
N LYS A 161 10.87 1.57 -14.58
CA LYS A 161 11.74 2.01 -15.68
C LYS A 161 12.32 3.41 -15.46
N LYS A 162 11.57 4.32 -14.83
CA LYS A 162 12.00 5.70 -14.55
C LYS A 162 12.85 5.78 -13.28
N ILE A 163 12.69 4.81 -12.38
CA ILE A 163 13.36 4.76 -11.08
C ILE A 163 14.69 4.00 -11.20
N PHE A 164 14.66 2.75 -11.68
CA PHE A 164 15.84 1.88 -11.82
C PHE A 164 16.55 2.03 -13.18
N ASN A 165 16.04 2.88 -14.08
CA ASN A 165 16.52 3.13 -15.45
C ASN A 165 16.62 1.84 -16.31
N LEU A 166 15.48 1.18 -16.48
CA LEU A 166 15.33 -0.09 -17.23
C LEU A 166 15.16 0.16 -18.74
N ALA A 167 14.38 1.19 -19.09
CA ALA A 167 14.00 1.61 -20.44
C ALA A 167 13.89 3.15 -20.56
N GLY A 1 -14.38 24.40 3.00
CA GLY A 1 -14.86 23.38 3.96
C GLY A 1 -14.09 23.43 5.26
N SER A 2 -14.79 23.36 6.40
CA SER A 2 -14.19 23.32 7.76
C SER A 2 -15.13 22.71 8.81
N HIS A 3 -16.44 22.89 8.68
CA HIS A 3 -17.50 22.36 9.58
C HIS A 3 -17.44 20.83 9.70
N MET A 4 -16.75 20.34 10.72
CA MET A 4 -16.61 18.92 11.03
C MET A 4 -17.85 18.39 11.79
N GLN A 5 -17.90 17.08 12.03
CA GLN A 5 -18.96 16.42 12.80
C GLN A 5 -18.38 15.28 13.62
N THR A 6 -17.91 14.24 12.92
CA THR A 6 -17.37 12.99 13.48
C THR A 6 -15.84 12.96 13.39
N SER A 7 -15.21 11.84 13.75
CA SER A 7 -13.75 11.63 13.72
C SER A 7 -13.07 12.04 12.40
N PHE A 8 -13.47 11.45 11.26
CA PHE A 8 -12.89 11.76 9.94
C PHE A 8 -13.94 11.68 8.83
N LYS A 9 -14.16 12.78 8.10
CA LYS A 9 -15.12 12.90 6.98
C LYS A 9 -14.54 12.43 5.64
N THR A 10 -15.29 12.56 4.55
CA THR A 10 -14.85 12.23 3.18
C THR A 10 -13.46 12.81 2.87
N GLY A 11 -12.54 11.97 2.43
CA GLY A 11 -11.21 12.38 2.00
C GLY A 11 -10.11 11.33 2.17
N ASP A 12 -10.35 10.37 3.07
CA ASP A 12 -9.46 9.24 3.36
C ASP A 12 -10.12 7.91 2.93
N LYS A 13 -9.33 6.83 2.92
CA LYS A 13 -9.79 5.47 2.62
C LYS A 13 -9.37 4.55 3.77
N ALA A 14 -10.32 3.77 4.29
CA ALA A 14 -10.11 2.81 5.36
C ALA A 14 -10.13 1.38 4.81
N VAL A 15 -9.27 0.51 5.34
CA VAL A 15 -9.09 -0.88 4.93
C VAL A 15 -9.46 -1.80 6.08
N TYR A 16 -10.63 -2.42 5.98
CA TYR A 16 -11.13 -3.40 6.93
C TYR A 16 -10.59 -4.83 6.62
N PRO A 17 -10.67 -5.78 7.56
CA PRO A 17 -10.22 -7.17 7.39
C PRO A 17 -11.18 -7.97 6.50
N GLY A 18 -10.88 -8.02 5.20
CA GLY A 18 -11.63 -8.80 4.21
C GLY A 18 -11.50 -8.26 2.79
N GLN A 19 -11.48 -6.93 2.64
CA GLN A 19 -11.34 -6.25 1.34
C GLN A 19 -10.47 -4.98 1.42
N GLY A 20 -11.07 -3.85 1.81
CA GLY A 20 -10.45 -2.51 1.82
C GLY A 20 -10.71 -1.64 0.59
N VAL A 21 -11.39 -2.16 -0.44
CA VAL A 21 -11.81 -1.41 -1.64
C VAL A 21 -12.95 -0.43 -1.32
N GLY A 22 -12.66 0.66 -0.63
CA GLY A 22 -13.67 1.66 -0.28
C GLY A 22 -13.09 3.03 0.08
N GLU A 23 -13.90 4.07 -0.13
CA GLU A 23 -13.61 5.48 0.15
C GLU A 23 -14.62 6.03 1.16
N VAL A 24 -14.13 6.69 2.22
CA VAL A 24 -14.98 7.33 3.24
C VAL A 24 -15.86 8.39 2.56
N MET A 25 -17.18 8.34 2.78
CA MET A 25 -18.16 9.30 2.21
C MET A 25 -18.89 10.10 3.30
N GLY A 26 -18.32 10.14 4.50
CA GLY A 26 -18.89 10.74 5.69
C GLY A 26 -19.16 9.69 6.77
N ILE A 27 -20.15 9.98 7.61
CA ILE A 27 -20.60 9.13 8.71
C ILE A 27 -22.13 9.09 8.74
N GLU A 28 -22.68 7.94 9.14
CA GLU A 28 -24.11 7.71 9.34
C GLU A 28 -24.38 7.51 10.84
N HIS A 29 -25.08 8.45 11.47
CA HIS A 29 -25.50 8.36 12.87
C HIS A 29 -26.71 7.43 12.98
N THR A 30 -26.63 6.40 13.84
CA THR A 30 -27.72 5.45 14.12
C THR A 30 -28.13 5.47 15.59
N GLU A 31 -28.99 4.53 15.97
CA GLU A 31 -29.47 4.31 17.34
C GLU A 31 -29.27 2.84 17.74
N VAL A 32 -28.35 2.59 18.67
CA VAL A 32 -28.00 1.25 19.19
C VAL A 32 -28.47 1.16 20.64
N ALA A 33 -29.50 0.35 20.91
CA ALA A 33 -30.10 0.18 22.24
C ALA A 33 -30.56 1.51 22.91
N GLY A 34 -31.09 2.44 22.10
CA GLY A 34 -31.51 3.78 22.52
C GLY A 34 -30.37 4.80 22.67
N GLN A 35 -29.12 4.38 22.48
CA GLN A 35 -27.92 5.21 22.58
C GLN A 35 -27.44 5.63 21.18
N ARG A 36 -27.00 6.88 21.02
CA ARG A 36 -26.44 7.37 19.75
C ARG A 36 -25.12 6.68 19.45
N GLN A 37 -24.89 6.39 18.16
CA GLN A 37 -23.64 5.80 17.68
C GLN A 37 -23.37 6.22 16.23
N SER A 38 -22.09 6.30 15.86
CA SER A 38 -21.63 6.74 14.53
C SER A 38 -20.83 5.64 13.83
N PHE A 39 -20.94 5.61 12.51
CA PHE A 39 -20.28 4.62 11.66
C PHE A 39 -19.75 5.26 10.37
N TYR A 40 -18.52 4.93 9.98
CA TYR A 40 -17.93 5.38 8.72
C TYR A 40 -18.69 4.78 7.54
N VAL A 41 -19.32 5.63 6.72
CA VAL A 41 -20.00 5.22 5.49
C VAL A 41 -18.96 4.96 4.40
N LEU A 42 -18.29 3.82 4.49
CA LEU A 42 -17.31 3.44 3.49
C LEU A 42 -18.08 3.03 2.22
N ARG A 43 -17.87 3.76 1.12
CA ARG A 43 -18.46 3.47 -0.20
C ARG A 43 -17.48 2.66 -1.01
N ILE A 44 -17.87 1.44 -1.34
CA ILE A 44 -17.04 0.50 -2.09
C ILE A 44 -16.80 1.02 -3.52
N LEU A 45 -15.54 1.20 -3.91
CA LEU A 45 -15.16 1.69 -5.26
C LEU A 45 -15.42 0.66 -6.38
N GLU A 46 -15.57 -0.63 -6.04
CA GLU A 46 -15.79 -1.73 -6.98
C GLU A 46 -17.11 -1.58 -7.76
N ASN A 47 -18.24 -1.54 -7.04
CA ASN A 47 -19.60 -1.36 -7.56
C ASN A 47 -20.42 -0.22 -6.92
N GLY A 48 -20.11 0.17 -5.68
CA GLY A 48 -20.86 1.17 -4.91
C GLY A 48 -21.68 0.61 -3.72
N MET A 49 -21.33 -0.57 -3.20
CA MET A 49 -21.97 -1.16 -2.00
C MET A 49 -21.88 -0.24 -0.78
N ARG A 50 -22.76 -0.48 0.20
CA ARG A 50 -22.89 0.32 1.43
C ARG A 50 -22.42 -0.50 2.64
N ILE A 51 -21.25 -0.17 3.18
CA ILE A 51 -20.71 -0.79 4.41
C ILE A 51 -20.87 0.21 5.57
N MET A 52 -20.88 -0.31 6.80
CA MET A 52 -20.92 0.49 8.04
C MET A 52 -19.84 -0.02 9.01
N ILE A 53 -18.96 0.87 9.48
CA ILE A 53 -17.82 0.56 10.35
C ILE A 53 -17.90 1.38 11.65
N PRO A 54 -17.90 0.76 12.84
CA PRO A 54 -18.04 1.48 14.12
C PRO A 54 -16.84 2.37 14.40
N ILE A 55 -17.04 3.69 14.52
CA ILE A 55 -15.94 4.62 14.81
C ILE A 55 -15.33 4.40 16.22
N ASN A 56 -16.15 3.93 17.17
CA ASN A 56 -15.76 3.70 18.56
C ASN A 56 -14.76 2.55 18.72
N LYS A 57 -14.85 1.55 17.84
CA LYS A 57 -13.96 0.39 17.76
C LYS A 57 -13.25 0.37 16.40
N VAL A 58 -12.13 1.09 16.30
CA VAL A 58 -11.23 1.13 15.11
C VAL A 58 -9.83 0.57 15.40
N GLY A 59 -9.75 -0.44 16.28
CA GLY A 59 -8.51 -1.14 16.62
C GLY A 59 -8.72 -2.66 16.67
N SER A 60 -9.57 -3.12 17.58
CA SER A 60 -9.84 -4.56 17.79
C SER A 60 -10.63 -5.22 16.65
N VAL A 61 -11.41 -4.44 15.89
CA VAL A 61 -12.16 -4.90 14.71
C VAL A 61 -11.27 -5.17 13.48
N GLY A 62 -9.98 -4.80 13.53
CA GLY A 62 -9.03 -4.92 12.41
C GLY A 62 -9.01 -3.72 11.46
N LEU A 63 -9.73 -2.63 11.77
CA LEU A 63 -9.76 -1.40 10.97
C LEU A 63 -8.35 -0.79 10.83
N ARG A 64 -7.88 -0.74 9.60
CA ARG A 64 -6.61 -0.16 9.18
C ARG A 64 -6.84 0.91 8.12
N GLU A 65 -5.75 1.50 7.64
CA GLU A 65 -5.72 2.47 6.55
C GLU A 65 -4.49 2.19 5.68
N ILE A 66 -4.52 2.70 4.45
CA ILE A 66 -3.44 2.65 3.48
C ILE A 66 -2.79 4.04 3.33
N ILE A 67 -1.63 4.08 2.67
CA ILE A 67 -0.94 5.33 2.35
C ILE A 67 -1.66 6.14 1.26
N SER A 68 -1.30 7.41 1.14
CA SER A 68 -1.83 8.32 0.11
C SER A 68 -0.78 8.64 -0.96
N GLU A 69 -1.14 9.41 -2.00
CA GLU A 69 -0.21 9.88 -3.03
C GLU A 69 1.06 10.58 -2.46
N GLU A 70 0.97 11.21 -1.27
CA GLU A 70 2.12 11.81 -0.58
C GLU A 70 3.27 10.82 -0.39
N ASP A 71 2.98 9.66 0.18
CA ASP A 71 3.93 8.58 0.35
C ASP A 71 4.46 8.12 -1.01
N VAL A 72 3.58 7.93 -2.00
CA VAL A 72 3.95 7.42 -3.34
C VAL A 72 5.12 8.24 -3.90
N LYS A 73 5.06 9.58 -3.77
CA LYS A 73 6.13 10.50 -4.16
C LYS A 73 7.45 10.27 -3.39
N GLN A 74 7.39 10.16 -2.05
CA GLN A 74 8.57 9.90 -1.23
C GLN A 74 9.21 8.55 -1.59
N VAL A 75 8.43 7.47 -1.63
CA VAL A 75 8.86 6.11 -1.98
C VAL A 75 9.73 6.10 -3.23
N TYR A 76 9.24 6.69 -4.33
CA TYR A 76 10.01 6.79 -5.58
C TYR A 76 11.40 7.38 -5.33
N SER A 77 11.52 8.45 -4.55
CA SER A 77 12.79 9.08 -4.16
C SER A 77 13.76 8.15 -3.40
N ILE A 78 13.24 7.17 -2.66
CA ILE A 78 14.03 6.15 -1.93
C ILE A 78 14.71 5.17 -2.91
N LEU A 79 14.05 4.89 -4.04
CA LEU A 79 14.54 3.97 -5.06
C LEU A 79 15.17 4.66 -6.29
N LYS A 80 14.96 5.97 -6.43
CA LYS A 80 15.46 6.83 -7.52
C LYS A 80 16.99 6.85 -7.64
N GLU A 81 17.68 6.43 -6.58
CA GLU A 81 19.12 6.28 -6.50
C GLU A 81 19.58 4.89 -6.97
N LYS A 82 20.22 4.83 -8.15
CA LYS A 82 20.81 3.60 -8.70
C LYS A 82 22.15 3.19 -8.08
N ASP A 83 22.65 3.95 -7.10
CA ASP A 83 23.90 3.69 -6.37
C ASP A 83 23.75 2.71 -5.18
N ILE A 84 22.51 2.29 -4.86
CA ILE A 84 22.21 1.33 -3.80
C ILE A 84 22.66 -0.11 -4.11
N SER A 85 23.07 -0.40 -5.36
CA SER A 85 23.45 -1.72 -5.87
C SER A 85 24.31 -2.53 -4.89
N VAL A 86 23.70 -3.53 -4.26
CA VAL A 86 24.34 -4.41 -3.29
C VAL A 86 25.26 -5.40 -4.00
N ASP A 87 26.44 -5.63 -3.45
CA ASP A 87 27.43 -6.57 -3.99
C ASP A 87 26.93 -8.02 -3.95
N SER A 88 27.23 -8.82 -4.97
CA SER A 88 26.74 -10.22 -5.10
C SER A 88 27.15 -11.12 -3.93
N THR A 89 28.27 -10.81 -3.25
CA THR A 89 28.74 -11.50 -2.05
C THR A 89 27.85 -11.20 -0.85
N THR A 90 27.56 -9.91 -0.60
CA THR A 90 26.66 -9.45 0.48
C THR A 90 25.20 -9.78 0.19
N TRP A 91 24.81 -9.95 -1.08
CA TRP A 91 23.43 -10.23 -1.49
C TRP A 91 22.77 -11.34 -0.66
N ASN A 92 23.47 -12.46 -0.46
CA ASN A 92 22.99 -13.59 0.35
C ASN A 92 22.53 -13.15 1.76
N ARG A 93 23.29 -12.27 2.42
CA ARG A 93 22.99 -11.65 3.72
C ARG A 93 21.86 -10.62 3.60
N ARG A 94 21.93 -9.75 2.59
CA ARG A 94 20.89 -8.76 2.26
C ARG A 94 19.52 -9.39 2.03
N TYR A 95 19.47 -10.64 1.57
CA TYR A 95 18.24 -11.39 1.39
C TYR A 95 17.47 -11.49 2.72
N ARG A 96 18.17 -11.83 3.82
CA ARG A 96 17.61 -12.04 5.17
C ARG A 96 16.91 -10.80 5.72
N GLU A 97 17.60 -9.66 5.71
CA GLU A 97 17.01 -8.37 6.10
C GLU A 97 15.76 -8.08 5.25
N TYR A 98 15.87 -8.10 3.91
CA TYR A 98 14.74 -7.86 3.03
C TYR A 98 13.59 -8.85 3.19
N MET A 99 13.87 -10.09 3.57
CA MET A 99 12.86 -11.12 3.87
C MET A 99 11.88 -10.64 4.94
N GLU A 100 12.37 -9.92 5.97
CA GLU A 100 11.53 -9.34 7.02
C GLU A 100 10.60 -8.22 6.50
N LYS A 101 11.09 -7.40 5.55
CA LYS A 101 10.37 -6.28 4.95
C LYS A 101 9.12 -6.77 4.18
N ILE A 102 9.17 -7.98 3.64
CA ILE A 102 8.05 -8.63 2.93
C ILE A 102 6.91 -9.00 3.90
N LYS A 103 7.24 -9.40 5.12
CA LYS A 103 6.28 -9.78 6.18
C LYS A 103 5.37 -8.62 6.56
N THR A 104 5.97 -7.43 6.74
CA THR A 104 5.24 -6.20 7.05
C THR A 104 4.55 -5.66 5.80
N GLY A 105 5.20 -5.86 4.64
CA GLY A 105 4.88 -5.26 3.36
C GLY A 105 4.77 -3.73 3.40
N SER A 106 5.48 -3.08 4.34
CA SER A 106 5.55 -1.63 4.45
C SER A 106 5.93 -1.05 3.08
N VAL A 107 5.15 -0.10 2.60
CA VAL A 107 5.35 0.56 1.30
C VAL A 107 6.79 1.08 1.10
N PHE A 108 7.33 1.81 2.07
CA PHE A 108 8.69 2.34 2.08
C PHE A 108 9.76 1.24 2.12
N GLU A 109 9.41 0.07 2.66
CA GLU A 109 10.23 -1.14 2.76
C GLU A 109 10.20 -1.96 1.47
N ILE A 110 9.05 -2.41 1.01
CA ILE A 110 8.84 -3.21 -0.22
C ILE A 110 9.51 -2.57 -1.42
N ALA A 111 9.27 -1.28 -1.61
CA ALA A 111 9.89 -0.54 -2.68
C ALA A 111 11.44 -0.62 -2.57
N GLU A 112 12.01 -0.50 -1.37
CA GLU A 112 13.46 -0.66 -1.17
C GLU A 112 13.91 -2.11 -1.42
N VAL A 113 13.11 -3.10 -1.03
CA VAL A 113 13.42 -4.52 -1.21
C VAL A 113 13.57 -4.82 -2.68
N LEU A 114 12.49 -4.65 -3.44
CA LEU A 114 12.45 -5.02 -4.86
C LEU A 114 13.54 -4.28 -5.64
N ARG A 115 13.74 -2.98 -5.34
CA ARG A 115 14.75 -2.09 -5.91
C ARG A 115 16.13 -2.72 -5.84
N ASP A 116 16.46 -3.24 -4.67
CA ASP A 116 17.74 -3.88 -4.46
C ASP A 116 17.95 -5.05 -5.42
N LEU A 117 16.98 -5.97 -5.49
CA LEU A 117 17.03 -7.11 -6.41
C LEU A 117 17.07 -6.65 -7.89
N TYR A 118 16.31 -5.62 -8.23
CA TYR A 118 16.28 -5.00 -9.56
C TYR A 118 17.67 -4.51 -10.00
N LEU A 119 18.36 -3.75 -9.16
CA LEU A 119 19.71 -3.28 -9.48
C LEU A 119 20.78 -4.38 -9.38
N LEU A 120 20.56 -5.40 -8.54
CA LEU A 120 21.44 -6.58 -8.42
C LEU A 120 21.63 -7.31 -9.77
N LYS A 121 20.61 -7.29 -10.64
CA LYS A 121 20.64 -7.84 -12.01
C LYS A 121 20.76 -6.74 -13.09
N GLY A 122 20.54 -5.48 -12.73
CA GLY A 122 20.48 -4.32 -13.64
C GLY A 122 19.16 -4.23 -14.42
N ASP A 123 18.71 -5.32 -15.01
CA ASP A 123 17.43 -5.45 -15.74
C ASP A 123 16.25 -5.86 -14.84
N LYS A 124 15.06 -6.06 -15.44
CA LYS A 124 13.83 -6.50 -14.76
C LYS A 124 13.71 -8.01 -14.58
N ASP A 125 14.21 -8.78 -15.55
CA ASP A 125 14.13 -10.24 -15.57
C ASP A 125 15.26 -10.83 -14.72
N LEU A 126 15.05 -10.86 -13.39
CA LEU A 126 16.03 -11.30 -12.40
C LEU A 126 16.29 -12.82 -12.46
N SER A 127 17.25 -13.31 -11.67
CA SER A 127 17.53 -14.76 -11.56
C SER A 127 16.41 -15.51 -10.82
N PHE A 128 16.42 -16.84 -10.79
CA PHE A 128 15.37 -17.66 -10.14
C PHE A 128 15.15 -17.28 -8.65
N GLY A 129 16.24 -17.22 -7.87
CA GLY A 129 16.18 -16.92 -6.42
C GLY A 129 15.82 -15.47 -6.12
N GLU A 130 16.22 -14.55 -7.01
CA GLU A 130 15.87 -13.14 -6.92
C GLU A 130 14.40 -12.91 -7.28
N ARG A 131 13.95 -13.45 -8.43
CA ARG A 131 12.56 -13.43 -8.89
C ARG A 131 11.60 -13.97 -7.83
N LYS A 132 11.99 -14.94 -6.99
CA LYS A 132 11.17 -15.43 -5.87
C LYS A 132 10.81 -14.35 -4.85
N MET A 133 11.78 -13.57 -4.39
CA MET A 133 11.51 -12.46 -3.46
C MET A 133 10.80 -11.31 -4.20
N LEU A 134 11.30 -10.97 -5.40
CA LEU A 134 10.77 -9.91 -6.25
C LEU A 134 9.30 -10.13 -6.61
N ASP A 135 8.87 -11.34 -6.96
CA ASP A 135 7.48 -11.66 -7.30
C ASP A 135 6.51 -11.30 -6.17
N THR A 136 6.89 -11.59 -4.91
CA THR A 136 6.09 -11.24 -3.73
C THR A 136 6.16 -9.74 -3.45
N ALA A 137 7.34 -9.13 -3.52
CA ALA A 137 7.53 -7.70 -3.33
C ALA A 137 6.82 -6.84 -4.41
N ARG A 138 6.91 -7.20 -5.69
CA ARG A 138 6.20 -6.55 -6.83
C ARG A 138 4.70 -6.49 -6.62
N SER A 139 4.09 -7.61 -6.21
CA SER A 139 2.66 -7.69 -5.85
C SER A 139 2.24 -6.67 -4.79
N LEU A 140 3.17 -6.23 -3.93
CA LEU A 140 2.96 -5.19 -2.92
C LEU A 140 3.39 -3.79 -3.42
N LEU A 141 4.41 -3.69 -4.29
CA LEU A 141 4.87 -2.43 -4.88
C LEU A 141 3.72 -1.70 -5.56
N ILE A 142 3.05 -2.36 -6.50
CA ILE A 142 1.97 -1.76 -7.27
C ILE A 142 0.69 -1.61 -6.46
N LYS A 143 0.53 -2.36 -5.36
CA LYS A 143 -0.61 -2.35 -4.44
C LYS A 143 -0.61 -1.09 -3.60
N GLU A 144 0.51 -0.77 -2.98
CA GLU A 144 0.67 0.44 -2.18
C GLU A 144 0.74 1.68 -3.08
N LEU A 145 1.56 1.66 -4.14
CA LEU A 145 1.68 2.75 -5.10
C LEU A 145 0.42 2.91 -5.98
N SER A 146 -0.50 1.94 -5.95
CA SER A 146 -1.77 1.93 -6.70
C SER A 146 -2.57 3.25 -6.61
N LEU A 147 -2.38 3.99 -5.52
CA LEU A 147 -2.97 5.30 -5.26
C LEU A 147 -2.73 6.28 -6.41
N ALA A 148 -1.47 6.56 -6.73
CA ALA A 148 -1.08 7.44 -7.83
C ALA A 148 -1.30 6.79 -9.21
N LYS A 149 -1.19 5.46 -9.29
CA LYS A 149 -1.47 4.66 -10.51
C LYS A 149 -2.90 4.86 -10.99
N ASP A 150 -3.88 4.56 -10.13
CA ASP A 150 -5.33 4.49 -10.38
C ASP A 150 -5.72 3.84 -11.74
N CYS A 151 -4.92 2.87 -12.18
CA CYS A 151 -4.92 2.24 -13.51
C CYS A 151 -4.38 0.79 -13.47
N SER A 152 -4.08 0.21 -14.63
CA SER A 152 -3.46 -1.12 -14.80
C SER A 152 -2.14 -1.25 -14.04
N GLU A 153 -1.74 -2.47 -13.60
CA GLU A 153 -0.46 -2.70 -12.91
C GLU A 153 0.75 -2.20 -13.70
N ASP A 154 0.66 -2.23 -15.03
CA ASP A 154 1.65 -1.70 -15.97
C ASP A 154 2.07 -0.26 -15.65
N GLU A 155 1.21 0.58 -15.04
CA GLU A 155 1.57 1.93 -14.63
C GLU A 155 2.79 1.91 -13.70
N ILE A 156 2.68 1.24 -12.54
CA ILE A 156 3.75 1.11 -11.56
C ILE A 156 4.85 0.15 -12.02
N GLU A 157 4.48 -1.02 -12.58
CA GLU A 157 5.43 -2.03 -13.08
C GLU A 157 6.38 -1.40 -14.12
N SER A 158 5.85 -0.61 -15.07
CA SER A 158 6.66 0.12 -16.05
C SER A 158 7.34 1.33 -15.44
N ASP A 159 6.72 2.06 -14.49
CA ASP A 159 7.37 3.18 -13.81
C ASP A 159 8.72 2.78 -13.19
N LEU A 160 8.92 1.49 -12.82
CA LEU A 160 10.21 1.00 -12.32
C LEU A 160 11.36 1.31 -13.29
N LYS A 161 11.08 1.40 -14.60
CA LYS A 161 12.05 1.79 -15.65
C LYS A 161 12.65 3.16 -15.42
N LYS A 162 11.89 4.13 -14.90
CA LYS A 162 12.35 5.50 -14.62
C LYS A 162 13.08 5.59 -13.27
N ILE A 163 12.84 4.63 -12.38
CA ILE A 163 13.37 4.59 -11.02
C ILE A 163 14.72 3.87 -10.97
N PHE A 164 14.76 2.62 -11.48
CA PHE A 164 15.94 1.76 -11.54
C PHE A 164 16.73 1.91 -12.86
N ASN A 165 16.25 2.76 -13.78
CA ASN A 165 16.84 3.06 -15.09
C ASN A 165 16.95 1.84 -16.04
N LEU A 166 15.90 1.02 -16.07
CA LEU A 166 15.80 -0.23 -16.86
C LEU A 166 15.71 0.05 -18.37
N ALA A 167 14.91 1.05 -18.74
CA ALA A 167 14.53 1.44 -20.10
C ALA A 167 14.15 0.23 -21.00
N GLY A 1 -28.35 9.74 9.29
CA GLY A 1 -28.68 11.16 9.54
C GLY A 1 -27.70 12.10 8.87
N SER A 2 -27.77 13.38 9.23
CA SER A 2 -26.97 14.48 8.68
C SER A 2 -26.38 15.35 9.80
N HIS A 3 -25.06 15.24 10.01
CA HIS A 3 -24.28 15.95 11.04
C HIS A 3 -22.91 16.39 10.50
N MET A 4 -22.22 17.22 11.30
CA MET A 4 -20.95 17.88 10.96
C MET A 4 -19.85 17.71 12.05
N GLN A 5 -20.08 16.86 13.04
CA GLN A 5 -19.15 16.57 14.15
C GLN A 5 -19.25 15.12 14.63
N THR A 6 -18.23 14.31 14.35
CA THR A 6 -18.07 12.92 14.81
C THR A 6 -16.58 12.61 15.02
N SER A 7 -15.85 12.37 13.91
CA SER A 7 -14.44 11.95 13.89
C SER A 7 -13.73 12.46 12.62
N PHE A 8 -14.08 11.95 11.43
CA PHE A 8 -13.48 12.32 10.15
C PHE A 8 -14.50 12.21 8.98
N LYS A 9 -14.89 13.34 8.38
CA LYS A 9 -15.77 13.46 7.19
C LYS A 9 -15.08 12.97 5.90
N THR A 10 -15.80 13.02 4.76
CA THR A 10 -15.30 12.68 3.42
C THR A 10 -13.96 13.34 3.11
N GLY A 11 -12.96 12.51 2.80
CA GLY A 11 -11.62 12.95 2.39
C GLY A 11 -10.50 11.94 2.62
N ASP A 12 -10.74 10.96 3.49
CA ASP A 12 -9.83 9.86 3.82
C ASP A 12 -10.36 8.51 3.32
N LYS A 13 -9.46 7.52 3.23
CA LYS A 13 -9.80 6.13 2.87
C LYS A 13 -9.37 5.21 4.01
N ALA A 14 -10.30 4.35 4.44
CA ALA A 14 -10.10 3.38 5.51
C ALA A 14 -10.20 1.94 4.97
N VAL A 15 -9.57 1.00 5.69
CA VAL A 15 -9.41 -0.40 5.29
C VAL A 15 -9.81 -1.31 6.44
N TYR A 16 -10.96 -1.96 6.29
CA TYR A 16 -11.48 -2.95 7.24
C TYR A 16 -10.96 -4.37 6.93
N PRO A 17 -11.05 -5.33 7.88
CA PRO A 17 -10.59 -6.71 7.70
C PRO A 17 -11.51 -7.52 6.77
N GLY A 18 -11.17 -7.58 5.49
CA GLY A 18 -11.88 -8.37 4.48
C GLY A 18 -11.75 -7.81 3.06
N GLN A 19 -11.80 -6.47 2.93
CA GLN A 19 -11.68 -5.79 1.63
C GLN A 19 -10.83 -4.50 1.71
N GLY A 20 -11.42 -3.39 2.18
CA GLY A 20 -10.80 -2.06 2.21
C GLY A 20 -10.96 -1.20 0.95
N VAL A 21 -11.59 -1.72 -0.10
CA VAL A 21 -11.90 -0.98 -1.34
C VAL A 21 -13.06 0.00 -1.10
N GLY A 22 -12.81 1.10 -0.39
CA GLY A 22 -13.84 2.11 -0.08
C GLY A 22 -13.27 3.48 0.27
N GLU A 23 -14.12 4.50 0.18
CA GLU A 23 -13.85 5.90 0.54
C GLU A 23 -14.92 6.43 1.52
N VAL A 24 -14.46 7.11 2.57
CA VAL A 24 -15.34 7.76 3.55
C VAL A 24 -16.22 8.78 2.82
N MET A 25 -17.55 8.66 2.95
CA MET A 25 -18.57 9.55 2.36
C MET A 25 -19.39 10.30 3.44
N GLY A 26 -18.96 10.24 4.70
CA GLY A 26 -19.60 10.87 5.84
C GLY A 26 -19.75 9.91 7.03
N ILE A 27 -20.58 10.30 8.00
CA ILE A 27 -20.94 9.48 9.17
C ILE A 27 -22.46 9.32 9.27
N GLU A 28 -22.91 8.09 9.54
CA GLU A 28 -24.28 7.67 9.79
C GLU A 28 -24.45 7.52 11.31
N HIS A 29 -25.55 8.06 11.85
CA HIS A 29 -25.91 7.96 13.27
C HIS A 29 -27.15 7.06 13.41
N THR A 30 -27.01 5.92 14.08
CA THR A 30 -28.11 4.96 14.32
C THR A 30 -28.34 4.75 15.83
N GLU A 31 -29.28 3.86 16.13
CA GLU A 31 -29.60 3.43 17.49
C GLU A 31 -29.16 1.97 17.70
N VAL A 32 -28.45 1.70 18.79
CA VAL A 32 -27.93 0.37 19.18
C VAL A 32 -28.19 0.15 20.67
N ALA A 33 -28.91 -0.91 21.05
CA ALA A 33 -29.29 -1.23 22.43
C ALA A 33 -30.03 -0.09 23.19
N GLY A 34 -30.74 0.78 22.46
CA GLY A 34 -31.43 1.96 23.00
C GLY A 34 -30.52 3.19 23.21
N GLN A 35 -29.25 3.11 22.79
CA GLN A 35 -28.22 4.14 22.92
C GLN A 35 -27.83 4.67 21.53
N ARG A 36 -27.35 5.92 21.46
CA ARG A 36 -26.85 6.54 20.21
C ARG A 36 -25.50 5.93 19.82
N GLN A 37 -25.28 5.68 18.54
CA GLN A 37 -24.01 5.20 17.99
C GLN A 37 -23.74 5.77 16.59
N SER A 38 -22.48 6.08 16.31
CA SER A 38 -22.04 6.60 15.00
C SER A 38 -21.31 5.53 14.18
N PHE A 39 -21.25 5.73 12.86
CA PHE A 39 -20.61 4.80 11.92
C PHE A 39 -20.07 5.52 10.68
N TYR A 40 -18.86 5.18 10.23
CA TYR A 40 -18.30 5.72 8.99
C TYR A 40 -19.08 5.17 7.80
N VAL A 41 -19.60 6.06 6.94
CA VAL A 41 -20.28 5.73 5.69
C VAL A 41 -19.20 5.43 4.66
N LEU A 42 -18.66 4.21 4.68
CA LEU A 42 -17.66 3.81 3.71
C LEU A 42 -18.39 3.39 2.42
N ARG A 43 -18.16 4.10 1.31
CA ARG A 43 -18.70 3.75 -0.01
C ARG A 43 -17.66 3.03 -0.84
N ILE A 44 -18.01 1.84 -1.29
CA ILE A 44 -17.13 0.96 -2.06
C ILE A 44 -16.88 1.52 -3.46
N LEU A 45 -15.63 1.80 -3.80
CA LEU A 45 -15.21 2.34 -5.11
C LEU A 45 -15.40 1.34 -6.27
N GLU A 46 -15.50 0.04 -5.97
CA GLU A 46 -15.64 -1.08 -6.92
C GLU A 46 -16.95 -0.99 -7.73
N ASN A 47 -18.09 -0.93 -7.03
CA ASN A 47 -19.46 -0.84 -7.57
C ASN A 47 -20.33 0.32 -7.02
N GLY A 48 -20.08 0.78 -5.79
CA GLY A 48 -20.89 1.78 -5.07
C GLY A 48 -21.62 1.28 -3.82
N MET A 49 -21.34 0.06 -3.33
CA MET A 49 -21.94 -0.51 -2.10
C MET A 49 -21.73 0.37 -0.85
N ARG A 50 -22.55 0.13 0.18
CA ARG A 50 -22.61 0.87 1.45
C ARG A 50 -22.17 -0.02 2.63
N ILE A 51 -20.98 0.23 3.16
CA ILE A 51 -20.40 -0.49 4.31
C ILE A 51 -20.39 0.44 5.53
N MET A 52 -21.07 0.06 6.62
CA MET A 52 -21.05 0.80 7.88
C MET A 52 -19.94 0.27 8.79
N ILE A 53 -19.22 1.16 9.47
CA ILE A 53 -18.08 0.83 10.36
C ILE A 53 -18.20 1.59 11.69
N PRO A 54 -18.24 0.92 12.86
CA PRO A 54 -18.38 1.58 14.16
C PRO A 54 -17.16 2.45 14.52
N ILE A 55 -17.33 3.76 14.71
CA ILE A 55 -16.22 4.68 15.03
C ILE A 55 -15.58 4.46 16.41
N ASN A 56 -16.18 3.63 17.27
CA ASN A 56 -15.75 3.30 18.64
C ASN A 56 -14.94 2.00 18.71
N LYS A 57 -15.23 1.03 17.82
CA LYS A 57 -14.54 -0.27 17.73
C LYS A 57 -13.19 -0.17 17.02
N VAL A 58 -12.92 0.94 16.32
CA VAL A 58 -11.69 1.24 15.56
C VAL A 58 -10.41 0.88 16.32
N GLY A 59 -9.41 0.39 15.60
CA GLY A 59 -8.22 -0.25 16.17
C GLY A 59 -8.46 -1.74 16.45
N SER A 60 -9.23 -2.08 17.49
CA SER A 60 -9.42 -3.48 17.92
C SER A 60 -10.24 -4.33 16.93
N VAL A 61 -11.19 -3.71 16.21
CA VAL A 61 -12.02 -4.35 15.16
C VAL A 61 -11.23 -4.73 13.90
N GLY A 62 -10.02 -4.18 13.71
CA GLY A 62 -9.18 -4.36 12.52
C GLY A 62 -9.19 -3.17 11.55
N LEU A 63 -9.90 -2.08 11.88
CA LEU A 63 -9.90 -0.84 11.09
C LEU A 63 -8.49 -0.22 11.02
N ARG A 64 -7.97 -0.17 9.79
CA ARG A 64 -6.68 0.41 9.39
C ARG A 64 -6.88 1.46 8.30
N GLU A 65 -5.78 2.01 7.82
CA GLU A 65 -5.70 2.96 6.72
C GLU A 65 -4.55 2.56 5.78
N ILE A 66 -4.62 3.02 4.54
CA ILE A 66 -3.59 2.85 3.50
C ILE A 66 -2.84 4.16 3.25
N ILE A 67 -1.71 4.07 2.55
CA ILE A 67 -0.94 5.25 2.14
C ILE A 67 -1.63 6.04 1.03
N SER A 68 -1.26 7.32 0.90
CA SER A 68 -1.76 8.25 -0.11
C SER A 68 -0.70 8.59 -1.17
N GLU A 69 -1.06 9.38 -2.20
CA GLU A 69 -0.12 9.84 -3.23
C GLU A 69 1.11 10.57 -2.66
N GLU A 70 1.01 11.22 -1.49
CA GLU A 70 2.16 11.84 -0.81
C GLU A 70 3.30 10.84 -0.57
N ASP A 71 2.96 9.70 0.03
CA ASP A 71 3.87 8.58 0.25
C ASP A 71 4.41 8.08 -1.09
N VAL A 72 3.53 7.87 -2.09
CA VAL A 72 3.93 7.32 -3.39
C VAL A 72 5.10 8.12 -3.99
N LYS A 73 4.99 9.46 -4.03
CA LYS A 73 6.05 10.36 -4.48
C LYS A 73 7.35 10.21 -3.68
N GLN A 74 7.27 10.05 -2.34
CA GLN A 74 8.44 9.79 -1.49
C GLN A 74 9.10 8.45 -1.83
N VAL A 75 8.33 7.35 -1.87
CA VAL A 75 8.80 5.99 -2.18
C VAL A 75 9.66 5.96 -3.43
N TYR A 76 9.18 6.54 -4.53
CA TYR A 76 9.91 6.60 -5.79
C TYR A 76 11.32 7.16 -5.58
N SER A 77 11.45 8.28 -4.86
CA SER A 77 12.72 8.91 -4.49
C SER A 77 13.70 7.99 -3.73
N ILE A 78 13.18 7.05 -2.93
CA ILE A 78 13.98 6.06 -2.17
C ILE A 78 14.66 5.06 -3.12
N LEU A 79 14.01 4.74 -4.25
CA LEU A 79 14.53 3.82 -5.25
C LEU A 79 15.14 4.50 -6.48
N LYS A 80 14.89 5.79 -6.67
CA LYS A 80 15.37 6.65 -7.78
C LYS A 80 16.90 6.74 -7.87
N GLU A 81 17.59 6.38 -6.79
CA GLU A 81 19.04 6.29 -6.67
C GLU A 81 19.56 4.91 -7.11
N LYS A 82 20.21 4.84 -8.27
CA LYS A 82 20.85 3.62 -8.80
C LYS A 82 22.20 3.27 -8.15
N ASP A 83 22.68 4.09 -7.20
CA ASP A 83 23.92 3.86 -6.44
C ASP A 83 23.76 2.89 -5.24
N ILE A 84 22.55 2.38 -5.00
CA ILE A 84 22.24 1.45 -3.90
C ILE A 84 22.75 0.02 -4.12
N SER A 85 23.20 -0.33 -5.34
CA SER A 85 23.63 -1.66 -5.80
C SER A 85 24.47 -2.42 -4.76
N VAL A 86 23.87 -3.44 -4.14
CA VAL A 86 24.50 -4.32 -3.14
C VAL A 86 25.47 -5.29 -3.82
N ASP A 87 26.62 -5.54 -3.20
CA ASP A 87 27.61 -6.51 -3.66
C ASP A 87 27.05 -7.95 -3.65
N SER A 88 27.38 -8.76 -4.66
CA SER A 88 26.94 -10.16 -4.78
C SER A 88 27.35 -11.05 -3.60
N THR A 89 28.44 -10.70 -2.90
CA THR A 89 28.91 -11.39 -1.68
C THR A 89 28.00 -11.10 -0.48
N THR A 90 27.67 -9.82 -0.26
CA THR A 90 26.74 -9.38 0.80
C THR A 90 25.30 -9.75 0.46
N TRP A 91 24.94 -9.91 -0.82
CA TRP A 91 23.57 -10.22 -1.27
C TRP A 91 22.91 -11.34 -0.47
N ASN A 92 23.61 -12.45 -0.24
CA ASN A 92 23.10 -13.59 0.54
C ASN A 92 22.61 -13.16 1.94
N ARG A 93 23.36 -12.27 2.61
CA ARG A 93 23.01 -11.65 3.91
C ARG A 93 21.88 -10.63 3.77
N ARG A 94 21.97 -9.76 2.75
CA ARG A 94 20.93 -8.77 2.39
C ARG A 94 19.56 -9.43 2.14
N TYR A 95 19.54 -10.68 1.67
CA TYR A 95 18.31 -11.46 1.48
C TYR A 95 17.53 -11.55 2.80
N ARG A 96 18.22 -11.87 3.90
CA ARG A 96 17.64 -12.10 5.26
C ARG A 96 16.91 -10.86 5.77
N GLU A 97 17.56 -9.69 5.74
CA GLU A 97 16.92 -8.42 6.11
C GLU A 97 15.71 -8.16 5.23
N TYR A 98 15.85 -8.19 3.90
CA TYR A 98 14.73 -7.96 2.98
C TYR A 98 13.59 -8.97 3.13
N MET A 99 13.86 -10.20 3.54
CA MET A 99 12.85 -11.22 3.84
C MET A 99 11.84 -10.73 4.88
N GLU A 100 12.29 -10.00 5.91
CA GLU A 100 11.41 -9.43 6.94
C GLU A 100 10.51 -8.30 6.40
N LYS A 101 11.03 -7.47 5.49
CA LYS A 101 10.31 -6.35 4.85
C LYS A 101 9.08 -6.86 4.07
N ILE A 102 9.12 -8.09 3.56
CA ILE A 102 8.01 -8.75 2.85
C ILE A 102 6.86 -9.14 3.79
N LYS A 103 7.19 -9.51 5.04
CA LYS A 103 6.20 -9.90 6.08
C LYS A 103 5.29 -8.73 6.45
N THR A 104 5.88 -7.55 6.63
CA THR A 104 5.14 -6.31 6.91
C THR A 104 4.47 -5.80 5.65
N GLY A 105 5.15 -5.97 4.51
CA GLY A 105 4.84 -5.38 3.22
C GLY A 105 4.70 -3.86 3.24
N SER A 106 5.39 -3.20 4.18
CA SER A 106 5.45 -1.74 4.27
C SER A 106 5.87 -1.18 2.92
N VAL A 107 5.11 -0.21 2.40
CA VAL A 107 5.35 0.42 1.09
C VAL A 107 6.79 0.92 0.88
N PHE A 108 7.32 1.70 1.84
CA PHE A 108 8.69 2.21 1.83
C PHE A 108 9.75 1.10 1.89
N GLU A 109 9.38 -0.06 2.45
CA GLU A 109 10.20 -1.27 2.59
C GLU A 109 10.17 -2.14 1.33
N ILE A 110 9.00 -2.59 0.87
CA ILE A 110 8.80 -3.38 -0.36
C ILE A 110 9.49 -2.76 -1.56
N ALA A 111 9.28 -1.46 -1.75
CA ALA A 111 9.92 -0.74 -2.82
C ALA A 111 11.47 -0.80 -2.69
N GLU A 112 12.02 -0.63 -1.49
CA GLU A 112 13.47 -0.79 -1.26
C GLU A 112 13.94 -2.23 -1.50
N VAL A 113 13.13 -3.22 -1.13
CA VAL A 113 13.48 -4.63 -1.33
C VAL A 113 13.63 -4.93 -2.81
N LEU A 114 12.55 -4.75 -3.58
CA LEU A 114 12.54 -5.15 -4.98
C LEU A 114 13.62 -4.40 -5.77
N ARG A 115 13.81 -3.11 -5.47
CA ARG A 115 14.85 -2.22 -6.01
C ARG A 115 16.22 -2.86 -5.90
N ASP A 116 16.54 -3.34 -4.70
CA ASP A 116 17.82 -3.97 -4.44
C ASP A 116 18.05 -5.16 -5.39
N LEU A 117 17.08 -6.08 -5.49
CA LEU A 117 17.16 -7.23 -6.40
C LEU A 117 17.25 -6.80 -7.88
N TYR A 118 16.49 -5.77 -8.27
CA TYR A 118 16.51 -5.19 -9.62
C TYR A 118 17.91 -4.68 -10.01
N LEU A 119 18.54 -3.88 -9.15
CA LEU A 119 19.89 -3.37 -9.37
C LEU A 119 20.99 -4.43 -9.22
N LEU A 120 20.77 -5.47 -8.41
CA LEU A 120 21.67 -6.62 -8.23
C LEU A 120 21.93 -7.39 -9.55
N LYS A 121 20.96 -7.39 -10.48
CA LYS A 121 21.07 -7.98 -11.82
C LYS A 121 21.25 -6.93 -12.94
N GLY A 122 21.09 -5.64 -12.62
CA GLY A 122 21.09 -4.53 -13.58
C GLY A 122 19.93 -4.53 -14.59
N ASP A 123 18.87 -5.31 -14.34
CA ASP A 123 17.77 -5.57 -15.28
C ASP A 123 16.49 -6.05 -14.55
N LYS A 124 15.41 -6.35 -15.29
CA LYS A 124 14.13 -6.86 -14.77
C LYS A 124 14.06 -8.39 -14.67
N ASP A 125 14.74 -9.09 -15.58
CA ASP A 125 14.73 -10.55 -15.67
C ASP A 125 15.79 -11.17 -14.74
N LEU A 126 15.50 -11.16 -13.43
CA LEU A 126 16.43 -11.59 -12.37
C LEU A 126 16.68 -13.12 -12.37
N SER A 127 17.69 -13.58 -11.60
CA SER A 127 17.99 -15.02 -11.41
C SER A 127 16.82 -15.74 -10.69
N PHE A 128 16.77 -17.07 -10.69
CA PHE A 128 15.70 -17.85 -10.04
C PHE A 128 15.45 -17.45 -8.57
N GLY A 129 16.49 -17.41 -7.75
CA GLY A 129 16.39 -17.09 -6.31
C GLY A 129 16.03 -15.63 -6.04
N GLU A 130 16.45 -14.73 -6.91
CA GLU A 130 16.11 -13.31 -6.88
C GLU A 130 14.65 -13.08 -7.29
N ARG A 131 14.23 -13.66 -8.43
CA ARG A 131 12.85 -13.66 -8.93
C ARG A 131 11.86 -14.18 -7.90
N LYS A 132 12.24 -15.14 -7.05
CA LYS A 132 11.39 -15.63 -5.94
C LYS A 132 11.01 -14.54 -4.93
N MET A 133 11.96 -13.76 -4.44
CA MET A 133 11.66 -12.64 -3.54
C MET A 133 10.97 -11.49 -4.31
N LEU A 134 11.50 -11.16 -5.49
CA LEU A 134 10.98 -10.11 -6.36
C LEU A 134 9.51 -10.32 -6.73
N ASP A 135 9.09 -11.52 -7.14
CA ASP A 135 7.71 -11.84 -7.52
C ASP A 135 6.70 -11.46 -6.41
N THR A 136 7.04 -11.74 -5.15
CA THR A 136 6.21 -11.38 -3.99
C THR A 136 6.26 -9.87 -3.74
N ALA A 137 7.46 -9.27 -3.74
CA ALA A 137 7.63 -7.83 -3.55
C ALA A 137 6.97 -6.99 -4.66
N ARG A 138 7.05 -7.38 -5.94
CA ARG A 138 6.39 -6.76 -7.11
C ARG A 138 4.88 -6.72 -6.93
N SER A 139 4.28 -7.85 -6.53
CA SER A 139 2.85 -7.96 -6.26
C SER A 139 2.37 -6.95 -5.20
N LEU A 140 3.26 -6.49 -4.32
CA LEU A 140 3.02 -5.46 -3.30
C LEU A 140 3.42 -4.05 -3.78
N LEU A 141 4.47 -3.91 -4.61
CA LEU A 141 4.95 -2.63 -5.15
C LEU A 141 3.81 -1.88 -5.83
N ILE A 142 3.18 -2.53 -6.81
CA ILE A 142 2.10 -1.91 -7.59
C ILE A 142 0.82 -1.75 -6.77
N LYS A 143 0.69 -2.48 -5.65
CA LYS A 143 -0.47 -2.55 -4.76
C LYS A 143 -0.58 -1.30 -3.89
N GLU A 144 0.54 -0.94 -3.28
CA GLU A 144 0.66 0.28 -2.48
C GLU A 144 0.78 1.52 -3.39
N LEU A 145 1.65 1.48 -4.41
CA LEU A 145 1.82 2.58 -5.36
C LEU A 145 0.62 2.76 -6.29
N SER A 146 -0.32 1.79 -6.33
CA SER A 146 -1.60 1.81 -7.06
C SER A 146 -2.34 3.14 -7.00
N LEU A 147 -2.21 3.86 -5.89
CA LEU A 147 -2.79 5.17 -5.65
C LEU A 147 -2.50 6.17 -6.79
N ALA A 148 -1.22 6.43 -7.06
CA ALA A 148 -0.80 7.32 -8.16
C ALA A 148 -1.04 6.70 -9.55
N LYS A 149 -1.06 5.36 -9.64
CA LYS A 149 -1.38 4.59 -10.85
C LYS A 149 -2.82 4.85 -11.33
N ASP A 150 -3.82 4.52 -10.49
CA ASP A 150 -5.26 4.46 -10.78
C ASP A 150 -5.61 3.85 -12.16
N CYS A 151 -4.84 2.83 -12.57
CA CYS A 151 -4.79 2.22 -13.91
C CYS A 151 -4.29 0.76 -13.86
N SER A 152 -3.98 0.17 -15.02
CA SER A 152 -3.39 -1.18 -15.15
C SER A 152 -2.02 -1.29 -14.45
N GLU A 153 -1.65 -2.48 -13.97
CA GLU A 153 -0.38 -2.74 -13.26
C GLU A 153 0.85 -2.26 -14.03
N ASP A 154 0.79 -2.31 -15.37
CA ASP A 154 1.80 -1.82 -16.29
C ASP A 154 2.22 -0.36 -16.00
N GLU A 155 1.38 0.48 -15.39
CA GLU A 155 1.77 1.83 -14.99
C GLU A 155 2.96 1.80 -14.02
N ILE A 156 2.83 1.10 -12.89
CA ILE A 156 3.89 0.95 -11.88
C ILE A 156 4.97 -0.03 -12.35
N GLU A 157 4.58 -1.20 -12.90
CA GLU A 157 5.52 -2.21 -13.37
C GLU A 157 6.51 -1.61 -14.40
N SER A 158 6.02 -0.80 -15.36
CA SER A 158 6.87 -0.09 -16.32
C SER A 158 7.57 1.11 -15.71
N ASP A 159 6.99 1.86 -14.77
CA ASP A 159 7.68 2.96 -14.09
C ASP A 159 9.05 2.56 -13.54
N LEU A 160 9.19 1.32 -13.10
CA LEU A 160 10.46 0.73 -12.65
C LEU A 160 11.63 1.01 -13.61
N LYS A 161 11.35 1.18 -14.91
CA LYS A 161 12.33 1.54 -15.95
C LYS A 161 12.94 2.93 -15.76
N LYS A 162 12.19 3.88 -15.21
CA LYS A 162 12.62 5.25 -14.88
C LYS A 162 13.28 5.32 -13.49
N ILE A 163 12.99 4.37 -12.62
CA ILE A 163 13.49 4.32 -11.24
C ILE A 163 14.85 3.61 -11.17
N PHE A 164 14.93 2.37 -11.67
CA PHE A 164 16.15 1.55 -11.69
C PHE A 164 16.95 1.69 -13.00
N ASN A 165 16.48 2.54 -13.93
CA ASN A 165 17.09 2.84 -15.24
C ASN A 165 17.14 1.62 -16.21
N LEU A 166 16.12 0.75 -16.16
CA LEU A 166 16.00 -0.47 -16.99
C LEU A 166 15.89 -0.18 -18.50
N ALA A 167 15.17 0.90 -18.85
CA ALA A 167 14.80 1.33 -20.21
C ALA A 167 14.21 0.18 -21.07
N GLY A 1 -16.63 21.27 10.09
CA GLY A 1 -17.09 20.15 10.94
C GLY A 1 -17.09 20.53 12.41
N SER A 2 -15.92 20.45 13.07
CA SER A 2 -15.68 20.79 14.49
C SER A 2 -16.46 19.89 15.48
N HIS A 3 -15.90 18.72 15.82
CA HIS A 3 -16.48 17.74 16.75
C HIS A 3 -15.47 17.17 17.75
N MET A 4 -15.97 16.41 18.73
CA MET A 4 -15.20 15.74 19.79
C MET A 4 -15.01 14.24 19.52
N GLN A 5 -16.06 13.53 19.10
CA GLN A 5 -16.00 12.12 18.70
C GLN A 5 -15.34 11.96 17.31
N THR A 6 -14.92 10.72 16.98
CA THR A 6 -14.36 10.36 15.67
C THR A 6 -15.40 10.53 14.56
N SER A 7 -15.09 11.40 13.59
CA SER A 7 -15.91 11.69 12.40
C SER A 7 -15.09 12.48 11.37
N PHE A 8 -14.46 11.78 10.41
CA PHE A 8 -13.74 12.39 9.29
C PHE A 8 -14.61 12.45 8.02
N LYS A 9 -15.01 13.65 7.58
CA LYS A 9 -15.87 13.84 6.39
C LYS A 9 -15.25 13.28 5.10
N THR A 10 -16.05 13.12 4.05
CA THR A 10 -15.62 12.64 2.72
C THR A 10 -14.32 13.30 2.26
N GLY A 11 -13.35 12.47 1.90
CA GLY A 11 -12.01 12.91 1.47
C GLY A 11 -10.87 11.94 1.76
N ASP A 12 -11.16 10.83 2.43
CA ASP A 12 -10.22 9.77 2.78
C ASP A 12 -10.72 8.38 2.32
N LYS A 13 -9.83 7.38 2.34
CA LYS A 13 -10.10 5.97 2.04
C LYS A 13 -9.82 5.12 3.28
N ALA A 14 -10.78 4.28 3.65
CA ALA A 14 -10.65 3.32 4.76
C ALA A 14 -10.67 1.87 4.24
N VAL A 15 -10.13 0.93 5.03
CA VAL A 15 -9.93 -0.48 4.67
C VAL A 15 -10.43 -1.38 5.80
N TYR A 16 -11.54 -2.08 5.55
CA TYR A 16 -12.14 -3.03 6.49
C TYR A 16 -11.61 -4.47 6.28
N PRO A 17 -11.74 -5.36 7.29
CA PRO A 17 -11.32 -6.76 7.22
C PRO A 17 -12.21 -7.59 6.28
N GLY A 18 -11.88 -7.59 4.98
CA GLY A 18 -12.57 -8.37 3.95
C GLY A 18 -12.26 -7.90 2.53
N GLN A 19 -12.22 -6.59 2.29
CA GLN A 19 -11.89 -5.99 0.98
C GLN A 19 -11.05 -4.71 1.12
N GLY A 20 -11.69 -3.60 1.50
CA GLY A 20 -11.11 -2.25 1.57
C GLY A 20 -11.31 -1.38 0.33
N VAL A 21 -11.97 -1.87 -0.72
CA VAL A 21 -12.28 -1.09 -1.94
C VAL A 21 -13.47 -0.15 -1.68
N GLY A 22 -13.31 0.85 -0.81
CA GLY A 22 -14.32 1.86 -0.52
C GLY A 22 -13.76 3.25 -0.24
N GLU A 23 -14.53 4.28 -0.54
CA GLU A 23 -14.24 5.70 -0.28
C GLU A 23 -15.24 6.23 0.78
N VAL A 24 -14.73 6.94 1.78
CA VAL A 24 -15.55 7.54 2.85
C VAL A 24 -16.58 8.50 2.25
N MET A 25 -17.86 8.38 2.64
CA MET A 25 -18.95 9.26 2.19
C MET A 25 -19.60 10.09 3.32
N GLY A 26 -18.92 10.18 4.46
CA GLY A 26 -19.39 10.87 5.66
C GLY A 26 -19.51 9.93 6.86
N ILE A 27 -20.16 10.42 7.91
CA ILE A 27 -20.38 9.70 9.17
C ILE A 27 -21.86 9.79 9.57
N GLU A 28 -22.47 8.63 9.76
CA GLU A 28 -23.86 8.51 10.25
C GLU A 28 -23.84 8.32 11.77
N HIS A 29 -24.88 8.81 12.46
CA HIS A 29 -25.04 8.69 13.91
C HIS A 29 -26.31 7.88 14.23
N THR A 30 -26.15 6.73 14.90
CA THR A 30 -27.27 5.86 15.30
C THR A 30 -27.41 5.78 16.82
N GLU A 31 -28.30 4.90 17.27
CA GLU A 31 -28.56 4.62 18.69
C GLU A 31 -28.36 3.12 18.97
N VAL A 32 -27.34 2.79 19.78
CA VAL A 32 -26.96 1.41 20.16
C VAL A 32 -26.92 1.28 21.68
N ALA A 33 -27.42 0.17 22.24
CA ALA A 33 -27.53 -0.05 23.69
C ALA A 33 -28.22 1.10 24.47
N GLY A 34 -29.11 1.87 23.82
CA GLY A 34 -29.76 3.05 24.40
C GLY A 34 -28.88 4.31 24.46
N GLN A 35 -27.75 4.34 23.74
CA GLN A 35 -26.73 5.39 23.74
C GLN A 35 -26.36 5.82 22.30
N ARG A 36 -25.92 7.07 22.14
CA ARG A 36 -25.47 7.63 20.84
C ARG A 36 -24.16 7.00 20.40
N GLN A 37 -24.03 6.68 19.10
CA GLN A 37 -22.79 6.18 18.48
C GLN A 37 -22.66 6.68 17.04
N SER A 38 -21.42 6.79 16.56
CA SER A 38 -21.10 7.16 15.17
C SER A 38 -20.62 5.95 14.34
N PHE A 39 -20.66 6.07 13.01
CA PHE A 39 -20.24 5.02 12.07
C PHE A 39 -19.57 5.62 10.83
N TYR A 40 -18.89 4.80 10.05
CA TYR A 40 -18.27 5.18 8.79
C TYR A 40 -19.07 4.64 7.60
N VAL A 41 -19.73 5.53 6.84
CA VAL A 41 -20.45 5.17 5.60
C VAL A 41 -19.44 4.97 4.46
N LEU A 42 -18.80 3.80 4.46
CA LEU A 42 -17.82 3.47 3.43
C LEU A 42 -18.56 3.01 2.17
N ARG A 43 -18.38 3.75 1.08
CA ARG A 43 -19.05 3.50 -0.20
C ARG A 43 -18.10 2.80 -1.16
N ILE A 44 -18.41 1.55 -1.49
CA ILE A 44 -17.57 0.70 -2.33
C ILE A 44 -17.44 1.27 -3.76
N LEU A 45 -16.21 1.46 -4.25
CA LEU A 45 -15.96 1.97 -5.62
C LEU A 45 -16.29 0.94 -6.73
N GLU A 46 -16.34 -0.34 -6.39
CA GLU A 46 -16.57 -1.45 -7.33
C GLU A 46 -17.96 -1.38 -7.98
N ASN A 47 -19.01 -1.36 -7.14
CA ASN A 47 -20.43 -1.23 -7.53
C ASN A 47 -21.21 -0.10 -6.82
N GLY A 48 -20.88 0.22 -5.56
CA GLY A 48 -21.60 1.17 -4.70
C GLY A 48 -22.25 0.55 -3.45
N MET A 49 -21.86 -0.66 -3.04
CA MET A 49 -22.35 -1.31 -1.81
C MET A 49 -22.19 -0.42 -0.57
N ARG A 50 -23.04 -0.65 0.43
CA ARG A 50 -23.07 0.07 1.71
C ARG A 50 -22.40 -0.75 2.82
N ILE A 51 -21.20 -0.33 3.23
CA ILE A 51 -20.47 -0.93 4.34
C ILE A 51 -20.35 0.09 5.48
N MET A 52 -21.03 -0.16 6.59
CA MET A 52 -20.99 0.67 7.81
C MET A 52 -20.03 0.05 8.84
N ILE A 53 -19.21 0.88 9.51
CA ILE A 53 -18.29 0.45 10.57
C ILE A 53 -18.39 1.36 11.81
N PRO A 54 -18.55 0.82 13.03
CA PRO A 54 -18.55 1.60 14.26
C PRO A 54 -17.18 2.22 14.55
N ILE A 55 -17.11 3.54 14.76
CA ILE A 55 -15.83 4.23 15.04
C ILE A 55 -15.22 3.85 16.41
N ASN A 56 -16.02 3.30 17.31
CA ASN A 56 -15.70 3.06 18.72
C ASN A 56 -14.79 1.84 18.94
N LYS A 57 -14.45 1.14 17.86
CA LYS A 57 -13.66 -0.10 17.80
C LYS A 57 -12.86 -0.24 16.51
N VAL A 58 -12.50 0.84 15.81
CA VAL A 58 -11.72 0.80 14.55
C VAL A 58 -10.51 -0.15 14.63
N GLY A 59 -9.72 -0.09 15.70
CA GLY A 59 -8.59 -1.00 15.93
C GLY A 59 -8.96 -2.44 16.35
N SER A 60 -10.11 -2.64 16.98
CA SER A 60 -10.64 -3.94 17.43
C SER A 60 -11.33 -4.73 16.31
N VAL A 61 -12.18 -4.08 15.50
CA VAL A 61 -12.85 -4.68 14.33
C VAL A 61 -11.82 -5.04 13.25
N GLY A 62 -10.82 -4.17 13.02
CA GLY A 62 -9.82 -4.29 11.95
C GLY A 62 -9.82 -3.14 10.93
N LEU A 63 -10.62 -2.08 11.17
CA LEU A 63 -10.65 -0.88 10.34
C LEU A 63 -9.32 -0.13 10.43
N ARG A 64 -8.61 -0.08 9.31
CA ARG A 64 -7.36 0.68 9.17
C ARG A 64 -7.39 1.49 7.89
N GLU A 65 -6.48 2.46 7.76
CA GLU A 65 -6.33 3.25 6.53
C GLU A 65 -5.10 2.74 5.77
N ILE A 66 -5.06 3.02 4.47
CA ILE A 66 -3.91 2.72 3.59
C ILE A 66 -3.14 3.98 3.23
N ILE A 67 -1.97 3.78 2.62
CA ILE A 67 -1.15 4.88 2.11
C ILE A 67 -1.82 5.60 0.94
N SER A 68 -1.58 6.91 0.87
CA SER A 68 -2.10 7.79 -0.19
C SER A 68 -0.99 8.16 -1.20
N GLU A 69 -1.35 8.93 -2.23
CA GLU A 69 -0.39 9.45 -3.23
C GLU A 69 0.83 10.13 -2.59
N GLU A 70 0.66 10.80 -1.44
CA GLU A 70 1.76 11.42 -0.68
C GLU A 70 2.90 10.44 -0.40
N ASP A 71 2.59 9.28 0.16
CA ASP A 71 3.56 8.23 0.46
C ASP A 71 4.13 7.68 -0.85
N VAL A 72 3.32 7.43 -1.88
CA VAL A 72 3.79 6.99 -3.21
C VAL A 72 4.93 7.88 -3.73
N LYS A 73 4.77 9.21 -3.65
CA LYS A 73 5.80 10.19 -4.03
C LYS A 73 7.11 10.01 -3.23
N GLN A 74 7.02 9.86 -1.92
CA GLN A 74 8.18 9.62 -1.05
C GLN A 74 8.86 8.30 -1.40
N VAL A 75 8.10 7.20 -1.52
CA VAL A 75 8.61 5.86 -1.85
C VAL A 75 9.51 5.90 -3.06
N TYR A 76 9.06 6.49 -4.18
CA TYR A 76 9.87 6.62 -5.39
C TYR A 76 11.24 7.24 -5.09
N SER A 77 11.31 8.31 -4.28
CA SER A 77 12.56 8.96 -3.84
C SER A 77 13.53 8.03 -3.10
N ILE A 78 13.01 7.02 -2.38
CA ILE A 78 13.81 6.00 -1.64
C ILE A 78 14.54 5.07 -2.62
N LEU A 79 13.94 4.80 -3.77
CA LEU A 79 14.48 3.92 -4.80
C LEU A 79 15.12 4.67 -5.98
N LYS A 80 14.89 5.98 -6.10
CA LYS A 80 15.39 6.89 -7.14
C LYS A 80 16.92 6.96 -7.21
N GLU A 81 17.60 6.55 -6.13
CA GLU A 81 19.04 6.43 -6.01
C GLU A 81 19.55 5.07 -6.52
N LYS A 82 20.21 5.08 -7.67
CA LYS A 82 20.87 3.89 -8.26
C LYS A 82 22.21 3.51 -7.61
N ASP A 83 22.61 4.22 -6.54
CA ASP A 83 23.87 4.00 -5.81
C ASP A 83 23.74 2.99 -4.64
N ILE A 84 22.55 2.39 -4.48
CA ILE A 84 22.22 1.41 -3.42
C ILE A 84 22.71 -0.02 -3.71
N SER A 85 23.21 -0.29 -4.93
CA SER A 85 23.66 -1.60 -5.43
C SER A 85 24.49 -2.38 -4.40
N VAL A 86 23.88 -3.41 -3.82
CA VAL A 86 24.51 -4.29 -2.83
C VAL A 86 25.52 -5.23 -3.50
N ASP A 87 26.68 -5.43 -2.87
CA ASP A 87 27.70 -6.38 -3.33
C ASP A 87 27.17 -7.81 -3.36
N SER A 88 27.52 -8.58 -4.41
CA SER A 88 27.15 -9.99 -4.57
C SER A 88 27.56 -10.90 -3.40
N THR A 89 28.63 -10.55 -2.67
CA THR A 89 29.07 -11.26 -1.45
C THR A 89 28.11 -11.01 -0.27
N THR A 90 27.75 -9.74 -0.05
CA THR A 90 26.78 -9.35 1.00
C THR A 90 25.35 -9.73 0.63
N TRP A 91 25.02 -9.86 -0.67
CA TRP A 91 23.68 -10.15 -1.17
C TRP A 91 23.00 -11.31 -0.41
N ASN A 92 23.71 -12.41 -0.21
CA ASN A 92 23.20 -13.58 0.52
C ASN A 92 22.65 -13.21 1.92
N ARG A 93 23.38 -12.35 2.65
CA ARG A 93 22.99 -11.79 3.96
C ARG A 93 21.86 -10.78 3.82
N ARG A 94 21.96 -9.87 2.84
CA ARG A 94 20.93 -8.89 2.48
C ARG A 94 19.57 -9.55 2.17
N TYR A 95 19.57 -10.78 1.66
CA TYR A 95 18.36 -11.56 1.40
C TYR A 95 17.54 -11.72 2.68
N ARG A 96 18.18 -12.08 3.80
CA ARG A 96 17.55 -12.35 5.12
C ARG A 96 16.82 -11.14 5.67
N GLU A 97 17.51 -9.99 5.73
CA GLU A 97 16.89 -8.73 6.14
C GLU A 97 15.72 -8.37 5.24
N TYR A 98 15.85 -8.47 3.92
CA TYR A 98 14.75 -8.19 2.98
C TYR A 98 13.59 -9.19 3.07
N MET A 99 13.85 -10.45 3.42
CA MET A 99 12.85 -11.49 3.64
C MET A 99 11.80 -11.05 4.69
N GLU A 100 12.22 -10.34 5.73
CA GLU A 100 11.32 -9.79 6.76
C GLU A 100 10.40 -8.69 6.21
N LYS A 101 10.91 -7.83 5.32
CA LYS A 101 10.17 -6.72 4.69
C LYS A 101 9.02 -7.23 3.78
N ILE A 102 9.12 -8.46 3.31
CA ILE A 102 8.06 -9.11 2.51
C ILE A 102 6.88 -9.55 3.39
N LYS A 103 7.15 -9.99 4.64
CA LYS A 103 6.11 -10.41 5.60
C LYS A 103 5.20 -9.24 5.98
N THR A 104 5.81 -8.07 6.19
CA THR A 104 5.14 -6.81 6.55
C THR A 104 4.52 -6.17 5.32
N GLY A 105 5.19 -6.33 4.18
CA GLY A 105 4.86 -5.74 2.88
C GLY A 105 4.67 -4.23 2.91
N SER A 106 5.34 -3.56 3.86
CA SER A 106 5.29 -2.11 4.05
C SER A 106 5.66 -1.42 2.74
N VAL A 107 4.86 -0.46 2.28
CA VAL A 107 5.09 0.24 1.00
C VAL A 107 6.52 0.77 0.86
N PHE A 108 7.03 1.43 1.90
CA PHE A 108 8.37 2.01 1.97
C PHE A 108 9.47 0.94 2.00
N GLU A 109 9.15 -0.26 2.48
CA GLU A 109 10.04 -1.41 2.57
C GLU A 109 10.07 -2.25 1.29
N ILE A 110 8.92 -2.70 0.77
CA ILE A 110 8.78 -3.49 -0.45
C ILE A 110 9.48 -2.82 -1.62
N ALA A 111 9.20 -1.53 -1.81
CA ALA A 111 9.85 -0.75 -2.85
C ALA A 111 11.38 -0.74 -2.65
N GLU A 112 11.87 -0.68 -1.41
CA GLU A 112 13.30 -0.77 -1.08
C GLU A 112 13.89 -2.16 -1.32
N VAL A 113 13.12 -3.21 -1.02
CA VAL A 113 13.53 -4.60 -1.22
C VAL A 113 13.72 -4.85 -2.70
N LEU A 114 12.66 -4.72 -3.50
CA LEU A 114 12.71 -5.10 -4.91
C LEU A 114 13.79 -4.31 -5.65
N ARG A 115 13.95 -3.02 -5.31
CA ARG A 115 14.95 -2.09 -5.82
C ARG A 115 16.33 -2.70 -5.70
N ASP A 116 16.64 -3.23 -4.53
CA ASP A 116 17.91 -3.86 -4.26
C ASP A 116 18.20 -5.00 -5.25
N LEU A 117 17.26 -5.94 -5.41
CA LEU A 117 17.40 -7.05 -6.36
C LEU A 117 17.47 -6.55 -7.82
N TYR A 118 16.68 -5.53 -8.16
CA TYR A 118 16.67 -4.89 -9.48
C TYR A 118 18.05 -4.35 -9.87
N LEU A 119 18.68 -3.57 -8.98
CA LEU A 119 20.01 -3.04 -9.19
C LEU A 119 21.12 -4.11 -9.09
N LEU A 120 20.93 -5.14 -8.27
CA LEU A 120 21.85 -6.30 -8.14
C LEU A 120 22.09 -7.02 -9.48
N LYS A 121 21.12 -6.99 -10.41
CA LYS A 121 21.22 -7.53 -11.78
C LYS A 121 21.40 -6.44 -12.85
N GLY A 122 21.21 -5.16 -12.50
CA GLY A 122 21.17 -4.01 -13.41
C GLY A 122 20.00 -4.02 -14.41
N ASP A 123 18.99 -4.86 -14.18
CA ASP A 123 17.87 -5.11 -15.10
C ASP A 123 16.63 -5.68 -14.38
N LYS A 124 15.54 -5.92 -15.12
CA LYS A 124 14.28 -6.50 -14.63
C LYS A 124 14.26 -8.03 -14.64
N ASP A 125 15.02 -8.64 -15.55
CA ASP A 125 15.10 -10.09 -15.74
C ASP A 125 16.10 -10.73 -14.74
N LEU A 126 15.73 -10.68 -13.45
CA LEU A 126 16.49 -11.24 -12.33
C LEU A 126 16.73 -12.75 -12.46
N SER A 127 17.75 -13.25 -11.76
CA SER A 127 18.08 -14.68 -11.69
C SER A 127 16.99 -15.50 -10.99
N PHE A 128 17.05 -16.83 -10.99
CA PHE A 128 16.03 -17.70 -10.37
C PHE A 128 15.77 -17.35 -8.88
N GLY A 129 16.84 -17.26 -8.08
CA GLY A 129 16.77 -16.96 -6.64
C GLY A 129 16.37 -15.51 -6.34
N GLU A 130 16.78 -14.57 -7.20
CA GLU A 130 16.38 -13.17 -7.09
C GLU A 130 14.91 -12.96 -7.47
N ARG A 131 14.47 -13.53 -8.60
CA ARG A 131 13.08 -13.51 -9.06
C ARG A 131 12.12 -14.08 -8.01
N LYS A 132 12.53 -15.07 -7.21
CA LYS A 132 11.71 -15.61 -6.10
C LYS A 132 11.28 -14.55 -5.09
N MET A 133 12.21 -13.73 -4.61
CA MET A 133 11.88 -12.62 -3.69
C MET A 133 11.19 -11.48 -4.44
N LEU A 134 11.74 -11.09 -5.60
CA LEU A 134 11.22 -10.01 -6.44
C LEU A 134 9.75 -10.24 -6.84
N ASP A 135 9.36 -11.46 -7.23
CA ASP A 135 7.98 -11.81 -7.58
C ASP A 135 6.99 -11.48 -6.44
N THR A 136 7.35 -11.78 -5.20
CA THR A 136 6.52 -11.49 -4.03
C THR A 136 6.51 -9.98 -3.74
N ALA A 137 7.66 -9.33 -3.79
CA ALA A 137 7.79 -7.89 -3.60
C ALA A 137 7.07 -7.06 -4.68
N ARG A 138 7.25 -7.36 -5.97
CA ARG A 138 6.57 -6.75 -7.12
C ARG A 138 5.06 -6.77 -6.96
N SER A 139 4.51 -7.92 -6.58
CA SER A 139 3.07 -8.09 -6.33
C SER A 139 2.53 -7.12 -5.27
N LEU A 140 3.39 -6.65 -4.35
CA LEU A 140 3.08 -5.64 -3.34
C LEU A 140 3.45 -4.21 -3.76
N LEU A 141 4.49 -4.03 -4.59
CA LEU A 141 4.96 -2.74 -5.09
C LEU A 141 3.81 -1.97 -5.75
N ILE A 142 3.19 -2.59 -6.75
CA ILE A 142 2.09 -2.01 -7.52
C ILE A 142 0.77 -1.97 -6.76
N LYS A 143 0.69 -2.67 -5.63
CA LYS A 143 -0.46 -2.83 -4.73
C LYS A 143 -0.59 -1.63 -3.79
N GLU A 144 0.54 -1.22 -3.22
CA GLU A 144 0.62 -0.03 -2.38
C GLU A 144 0.67 1.24 -3.26
N LEU A 145 1.59 1.27 -4.25
CA LEU A 145 1.74 2.40 -5.18
C LEU A 145 0.56 2.54 -6.15
N SER A 146 -0.36 1.55 -6.18
CA SER A 146 -1.60 1.50 -6.98
C SER A 146 -2.41 2.81 -7.00
N LEU A 147 -2.31 3.59 -5.92
CA LEU A 147 -2.94 4.89 -5.72
C LEU A 147 -2.61 5.88 -6.86
N ALA A 148 -1.32 6.17 -7.05
CA ALA A 148 -0.85 7.07 -8.12
C ALA A 148 -1.02 6.47 -9.52
N LYS A 149 -1.16 5.14 -9.62
CA LYS A 149 -1.43 4.37 -10.83
C LYS A 149 -2.86 4.60 -11.34
N ASP A 150 -3.87 4.18 -10.57
CA ASP A 150 -5.31 4.14 -10.94
C ASP A 150 -5.56 3.60 -12.38
N CYS A 151 -4.74 2.63 -12.81
CA CYS A 151 -4.65 2.09 -14.16
C CYS A 151 -4.08 0.65 -14.17
N SER A 152 -3.70 0.12 -15.33
CA SER A 152 -3.05 -1.18 -15.51
C SER A 152 -1.76 -1.30 -14.66
N GLU A 153 -1.37 -2.52 -14.27
CA GLU A 153 -0.12 -2.76 -13.51
C GLU A 153 1.12 -2.20 -14.20
N ASP A 154 1.12 -2.15 -15.54
CA ASP A 154 2.17 -1.56 -16.36
C ASP A 154 2.52 -0.13 -15.93
N GLU A 155 1.62 0.63 -15.30
CA GLU A 155 1.91 1.98 -14.81
C GLU A 155 3.07 1.97 -13.80
N ILE A 156 2.96 1.16 -12.75
CA ILE A 156 4.00 1.00 -11.71
C ILE A 156 5.12 0.05 -12.18
N GLU A 157 4.77 -1.08 -12.80
CA GLU A 157 5.76 -2.08 -13.27
C GLU A 157 6.75 -1.45 -14.27
N SER A 158 6.24 -0.62 -15.20
CA SER A 158 7.05 0.14 -16.15
C SER A 158 7.72 1.32 -15.47
N ASP A 159 7.06 2.04 -14.56
CA ASP A 159 7.69 3.15 -13.82
C ASP A 159 9.02 2.76 -13.17
N LEU A 160 9.24 1.48 -12.81
CA LEU A 160 10.51 1.00 -12.28
C LEU A 160 11.69 1.35 -13.19
N LYS A 161 11.45 1.50 -14.50
CA LYS A 161 12.43 1.92 -15.51
C LYS A 161 12.99 3.32 -15.25
N LYS A 162 12.18 4.25 -14.75
CA LYS A 162 12.59 5.62 -14.41
C LYS A 162 13.27 5.70 -13.04
N ILE A 163 13.07 4.67 -12.20
CA ILE A 163 13.56 4.60 -10.83
C ILE A 163 14.92 3.89 -10.75
N PHE A 164 15.00 2.66 -11.28
CA PHE A 164 16.21 1.83 -11.33
C PHE A 164 17.02 2.02 -12.63
N ASN A 165 16.56 2.88 -13.54
CA ASN A 165 17.18 3.24 -14.82
C ASN A 165 17.27 2.06 -15.83
N LEU A 166 16.22 1.23 -15.89
CA LEU A 166 16.12 0.03 -16.74
C LEU A 166 16.04 0.36 -18.24
N ALA A 167 15.22 1.37 -18.58
CA ALA A 167 14.94 1.88 -19.93
C ALA A 167 14.76 3.42 -19.94
N GLY A 1 -33.12 18.54 13.02
CA GLY A 1 -32.57 17.17 12.98
C GLY A 1 -31.25 17.04 13.72
N SER A 2 -30.60 15.88 13.62
CA SER A 2 -29.28 15.61 14.24
C SER A 2 -28.11 16.34 13.56
N HIS A 3 -26.93 16.35 14.21
CA HIS A 3 -25.68 16.92 13.67
C HIS A 3 -25.01 16.03 12.61
N MET A 4 -24.18 16.65 11.77
CA MET A 4 -23.39 16.01 10.71
C MET A 4 -21.93 15.70 11.12
N GLN A 5 -21.32 16.54 11.96
CA GLN A 5 -19.96 16.32 12.49
C GLN A 5 -19.95 15.22 13.56
N THR A 6 -18.88 14.41 13.53
CA THR A 6 -18.66 13.30 14.47
C THR A 6 -17.16 13.13 14.76
N SER A 7 -16.39 12.62 13.78
CA SER A 7 -14.97 12.27 13.91
C SER A 7 -14.15 12.75 12.71
N PHE A 8 -14.44 12.23 11.50
CA PHE A 8 -13.80 12.65 10.25
C PHE A 8 -14.79 12.57 9.07
N LYS A 9 -15.19 13.72 8.51
CA LYS A 9 -16.05 13.83 7.31
C LYS A 9 -15.34 13.36 6.03
N THR A 10 -16.04 13.36 4.90
CA THR A 10 -15.52 13.03 3.56
C THR A 10 -14.18 13.70 3.27
N GLY A 11 -13.18 12.88 2.91
CA GLY A 11 -11.82 13.34 2.61
C GLY A 11 -10.69 12.35 2.95
N ASP A 12 -11.03 11.21 3.54
CA ASP A 12 -10.13 10.12 3.93
C ASP A 12 -10.63 8.76 3.39
N LYS A 13 -9.71 7.79 3.31
CA LYS A 13 -10.00 6.41 2.93
C LYS A 13 -9.59 5.48 4.09
N ALA A 14 -10.49 4.61 4.50
CA ALA A 14 -10.27 3.60 5.53
C ALA A 14 -10.41 2.18 4.95
N VAL A 15 -9.80 1.21 5.63
CA VAL A 15 -9.69 -0.19 5.21
C VAL A 15 -10.16 -1.10 6.35
N TYR A 16 -11.26 -1.80 6.10
CA TYR A 16 -11.86 -2.76 7.03
C TYR A 16 -11.45 -4.22 6.69
N PRO A 17 -11.71 -5.20 7.58
CA PRO A 17 -11.40 -6.62 7.36
C PRO A 17 -12.35 -7.27 6.33
N GLY A 18 -11.95 -7.25 5.06
CA GLY A 18 -12.68 -7.91 3.96
C GLY A 18 -12.30 -7.38 2.58
N GLN A 19 -12.19 -6.06 2.43
CA GLN A 19 -11.81 -5.38 1.17
C GLN A 19 -10.94 -4.14 1.41
N GLY A 20 -11.56 -3.02 1.78
CA GLY A 20 -10.92 -1.70 1.96
C GLY A 20 -10.99 -0.76 0.76
N VAL A 21 -11.58 -1.19 -0.37
CA VAL A 21 -11.82 -0.35 -1.56
C VAL A 21 -13.01 0.59 -1.30
N GLY A 22 -12.82 1.64 -0.51
CA GLY A 22 -13.86 2.60 -0.16
C GLY A 22 -13.35 3.97 0.24
N GLU A 23 -14.21 4.99 0.14
CA GLU A 23 -13.99 6.37 0.56
C GLU A 23 -15.07 6.82 1.53
N VAL A 24 -14.66 7.47 2.63
CA VAL A 24 -15.55 8.07 3.63
C VAL A 24 -16.49 9.07 2.94
N MET A 25 -17.80 8.92 3.10
CA MET A 25 -18.83 9.83 2.57
C MET A 25 -19.59 10.60 3.67
N GLY A 26 -19.08 10.56 4.90
CA GLY A 26 -19.70 11.14 6.10
C GLY A 26 -19.82 10.15 7.25
N ILE A 27 -20.68 10.47 8.21
CA ILE A 27 -20.99 9.63 9.37
C ILE A 27 -22.51 9.46 9.52
N GLU A 28 -22.92 8.21 9.74
CA GLU A 28 -24.30 7.80 10.02
C GLU A 28 -24.45 7.58 11.54
N HIS A 29 -25.65 7.77 12.08
CA HIS A 29 -25.98 7.54 13.49
C HIS A 29 -27.03 6.42 13.61
N THR A 30 -26.72 5.35 14.34
CA THR A 30 -27.64 4.22 14.60
C THR A 30 -28.02 4.14 16.08
N GLU A 31 -28.72 3.07 16.47
CA GLU A 31 -29.10 2.76 17.85
C GLU A 31 -28.66 1.32 18.20
N VAL A 32 -27.69 1.16 19.10
CA VAL A 32 -27.13 -0.11 19.58
C VAL A 32 -27.02 -0.13 21.11
N ALA A 33 -27.35 -1.26 21.73
CA ALA A 33 -27.42 -1.43 23.20
C ALA A 33 -28.27 -0.35 23.93
N GLY A 34 -29.26 0.22 23.24
CA GLY A 34 -30.14 1.31 23.73
C GLY A 34 -29.55 2.72 23.64
N GLN A 35 -28.26 2.87 23.32
CA GLN A 35 -27.59 4.16 23.10
C GLN A 35 -27.39 4.42 21.60
N ARG A 36 -27.13 5.68 21.21
CA ARG A 36 -26.83 6.04 19.82
C ARG A 36 -25.32 6.06 19.56
N GLN A 37 -24.86 5.14 18.70
CA GLN A 37 -23.47 5.06 18.24
C GLN A 37 -23.37 5.57 16.80
N SER A 38 -22.21 6.14 16.46
CA SER A 38 -21.90 6.61 15.11
C SER A 38 -21.09 5.61 14.28
N PHE A 39 -21.13 5.74 12.96
CA PHE A 39 -20.43 4.85 12.03
C PHE A 39 -20.01 5.59 10.75
N TYR A 40 -18.81 5.35 10.24
CA TYR A 40 -18.34 5.93 8.98
C TYR A 40 -19.10 5.31 7.80
N VAL A 41 -19.74 6.13 6.97
CA VAL A 41 -20.41 5.68 5.73
C VAL A 41 -19.36 5.48 4.64
N LEU A 42 -18.69 4.33 4.66
CA LEU A 42 -17.69 4.01 3.64
C LEU A 42 -18.44 3.60 2.36
N ARG A 43 -18.25 4.37 1.28
CA ARG A 43 -18.79 4.08 -0.05
C ARG A 43 -17.72 3.45 -0.92
N ILE A 44 -18.00 2.25 -1.41
CA ILE A 44 -17.09 1.50 -2.28
C ILE A 44 -16.99 2.15 -3.67
N LEU A 45 -15.78 2.45 -4.14
CA LEU A 45 -15.55 3.01 -5.48
C LEU A 45 -15.80 2.02 -6.62
N GLU A 46 -15.76 0.70 -6.35
CA GLU A 46 -15.91 -0.36 -7.34
C GLU A 46 -17.33 -0.35 -7.98
N ASN A 47 -18.37 -0.45 -7.13
CA ASN A 47 -19.78 -0.47 -7.50
C ASN A 47 -20.67 0.56 -6.77
N GLY A 48 -20.34 0.93 -5.53
CA GLY A 48 -21.16 1.79 -4.66
C GLY A 48 -21.79 1.08 -3.45
N MET A 49 -21.31 -0.12 -3.05
CA MET A 49 -21.78 -0.83 -1.84
C MET A 49 -21.66 0.03 -0.58
N ARG A 50 -22.40 -0.35 0.46
CA ARG A 50 -22.53 0.37 1.74
C ARG A 50 -21.79 -0.41 2.83
N ILE A 51 -20.62 0.08 3.26
CA ILE A 51 -19.84 -0.49 4.36
C ILE A 51 -19.89 0.48 5.56
N MET A 52 -20.41 0.02 6.71
CA MET A 52 -20.43 0.79 7.96
C MET A 52 -19.27 0.36 8.86
N ILE A 53 -18.67 1.31 9.58
CA ILE A 53 -17.50 1.10 10.45
C ILE A 53 -17.68 1.84 11.78
N PRO A 54 -17.54 1.18 12.95
CA PRO A 54 -17.72 1.82 14.26
C PRO A 54 -16.59 2.82 14.55
N ILE A 55 -16.91 4.11 14.73
CA ILE A 55 -15.90 5.14 15.03
C ILE A 55 -15.19 4.93 16.40
N ASN A 56 -15.82 4.16 17.30
CA ASN A 56 -15.36 3.87 18.66
C ASN A 56 -14.33 2.72 18.75
N LYS A 57 -14.25 1.88 17.71
CA LYS A 57 -13.44 0.64 17.69
C LYS A 57 -12.54 0.52 16.45
N VAL A 58 -12.08 1.65 15.89
CA VAL A 58 -11.19 1.79 14.70
C VAL A 58 -9.75 1.23 14.87
N GLY A 59 -9.62 0.08 15.53
CA GLY A 59 -8.37 -0.67 15.72
C GLY A 59 -8.65 -2.17 15.90
N SER A 60 -9.46 -2.52 16.90
CA SER A 60 -9.80 -3.91 17.24
C SER A 60 -10.68 -4.60 16.18
N VAL A 61 -11.48 -3.84 15.42
CA VAL A 61 -12.29 -4.33 14.30
C VAL A 61 -11.46 -4.52 13.01
N GLY A 62 -10.12 -4.53 13.09
CA GLY A 62 -9.23 -4.64 11.91
C GLY A 62 -9.19 -3.39 11.03
N LEU A 63 -9.74 -2.27 11.51
CA LEU A 63 -9.72 -0.98 10.83
C LEU A 63 -8.30 -0.40 10.80
N ARG A 64 -7.88 0.00 9.61
CA ARG A 64 -6.60 0.67 9.36
C ARG A 64 -6.72 1.61 8.16
N GLU A 65 -5.77 2.50 7.98
CA GLU A 65 -5.72 3.38 6.80
C GLU A 65 -4.61 2.91 5.85
N ILE A 66 -4.78 3.21 4.56
CA ILE A 66 -3.80 2.94 3.50
C ILE A 66 -3.01 4.20 3.13
N ILE A 67 -1.90 3.99 2.43
CA ILE A 67 -1.08 5.07 1.89
C ILE A 67 -1.80 5.80 0.75
N SER A 68 -1.48 7.08 0.56
CA SER A 68 -2.01 7.93 -0.52
C SER A 68 -0.93 8.25 -1.56
N GLU A 69 -1.29 8.99 -2.61
CA GLU A 69 -0.36 9.47 -3.64
C GLU A 69 0.86 10.20 -3.05
N GLU A 70 0.70 10.86 -1.90
CA GLU A 70 1.79 11.53 -1.15
C GLU A 70 2.93 10.56 -0.81
N ASP A 71 2.60 9.41 -0.23
CA ASP A 71 3.56 8.35 0.06
C ASP A 71 4.16 7.80 -1.23
N VAL A 72 3.36 7.52 -2.27
CA VAL A 72 3.83 7.03 -3.58
C VAL A 72 5.00 7.87 -4.12
N LYS A 73 4.88 9.20 -4.09
CA LYS A 73 5.96 10.13 -4.47
C LYS A 73 7.23 9.96 -3.63
N GLN A 74 7.11 9.87 -2.29
CA GLN A 74 8.25 9.63 -1.41
C GLN A 74 8.92 8.28 -1.71
N VAL A 75 8.14 7.21 -1.84
CA VAL A 75 8.61 5.84 -2.12
C VAL A 75 9.54 5.82 -3.33
N TYR A 76 9.09 6.38 -4.46
CA TYR A 76 9.91 6.47 -5.67
C TYR A 76 11.28 7.09 -5.39
N SER A 77 11.34 8.18 -4.60
CA SER A 77 12.59 8.85 -4.17
C SER A 77 13.55 7.93 -3.39
N ILE A 78 13.04 6.91 -2.69
CA ILE A 78 13.84 5.92 -1.93
C ILE A 78 14.58 4.98 -2.88
N LEU A 79 14.00 4.70 -4.06
CA LEU A 79 14.55 3.80 -5.07
C LEU A 79 15.20 4.54 -6.25
N LYS A 80 14.94 5.84 -6.39
CA LYS A 80 15.45 6.75 -7.45
C LYS A 80 16.98 6.83 -7.48
N GLU A 81 17.63 6.53 -6.35
CA GLU A 81 19.08 6.45 -6.21
C GLU A 81 19.64 5.12 -6.75
N LYS A 82 20.45 5.22 -7.82
CA LYS A 82 21.14 4.09 -8.45
C LYS A 82 22.39 3.59 -7.70
N ASP A 83 22.73 4.23 -6.58
CA ASP A 83 23.94 3.98 -5.78
C ASP A 83 23.71 3.03 -4.59
N ILE A 84 22.68 2.18 -4.68
CA ILE A 84 22.26 1.23 -3.63
C ILE A 84 22.70 -0.22 -3.90
N SER A 85 23.19 -0.52 -5.12
CA SER A 85 23.55 -1.87 -5.62
C SER A 85 24.42 -2.66 -4.65
N VAL A 86 23.81 -3.53 -3.84
CA VAL A 86 24.51 -4.32 -2.81
C VAL A 86 25.53 -5.26 -3.45
N ASP A 87 26.67 -5.49 -2.78
CA ASP A 87 27.68 -6.46 -3.23
C ASP A 87 27.13 -7.88 -3.30
N SER A 88 27.60 -8.69 -4.26
CA SER A 88 27.16 -10.08 -4.46
C SER A 88 27.42 -10.99 -3.25
N THR A 89 28.49 -10.73 -2.49
CA THR A 89 28.82 -11.44 -1.24
C THR A 89 27.85 -11.03 -0.12
N THR A 90 27.62 -9.72 0.04
CA THR A 90 26.69 -9.16 1.03
C THR A 90 25.22 -9.42 0.68
N TRP A 91 24.89 -9.72 -0.59
CA TRP A 91 23.53 -9.96 -1.05
C TRP A 91 22.81 -11.02 -0.22
N ASN A 92 23.41 -12.21 -0.06
CA ASN A 92 22.86 -13.31 0.73
C ASN A 92 22.47 -12.86 2.17
N ARG A 93 23.23 -11.91 2.73
CA ARG A 93 23.01 -11.27 4.03
C ARG A 93 21.81 -10.32 3.97
N ARG A 94 21.77 -9.42 2.97
CA ARG A 94 20.65 -8.50 2.71
C ARG A 94 19.34 -9.24 2.46
N TYR A 95 19.39 -10.47 1.92
CA TYR A 95 18.22 -11.31 1.71
C TYR A 95 17.42 -11.47 3.01
N ARG A 96 18.11 -11.77 4.13
CA ARG A 96 17.54 -12.02 5.46
C ARG A 96 16.73 -10.82 5.98
N GLU A 97 17.32 -9.64 6.00
CA GLU A 97 16.62 -8.41 6.38
C GLU A 97 15.43 -8.19 5.46
N TYR A 98 15.62 -8.18 4.14
CA TYR A 98 14.55 -7.98 3.16
C TYR A 98 13.42 -9.01 3.25
N MET A 99 13.70 -10.24 3.66
CA MET A 99 12.71 -11.30 3.89
C MET A 99 11.61 -10.87 4.89
N GLU A 100 11.98 -10.13 5.94
CA GLU A 100 11.03 -9.59 6.93
C GLU A 100 10.10 -8.51 6.32
N LYS A 101 10.63 -7.68 5.42
CA LYS A 101 9.91 -6.59 4.74
C LYS A 101 8.77 -7.14 3.86
N ILE A 102 8.93 -8.35 3.33
CA ILE A 102 7.91 -9.04 2.53
C ILE A 102 6.71 -9.47 3.39
N LYS A 103 6.95 -9.85 4.66
CA LYS A 103 5.90 -10.23 5.63
C LYS A 103 4.92 -9.07 5.87
N THR A 104 5.48 -7.87 6.08
CA THR A 104 4.68 -6.65 6.35
C THR A 104 4.05 -6.15 5.05
N GLY A 105 4.80 -6.29 3.96
CA GLY A 105 4.55 -5.70 2.66
C GLY A 105 4.34 -4.18 2.67
N SER A 106 4.96 -3.49 3.64
CA SER A 106 4.95 -2.03 3.74
C SER A 106 5.40 -1.40 2.41
N VAL A 107 4.74 -0.32 1.99
CA VAL A 107 5.05 0.38 0.75
C VAL A 107 6.51 0.84 0.68
N PHE A 108 7.00 1.51 1.73
CA PHE A 108 8.35 2.04 1.82
C PHE A 108 9.41 0.91 1.91
N GLU A 109 9.02 -0.23 2.48
CA GLU A 109 9.83 -1.43 2.59
C GLU A 109 9.91 -2.23 1.29
N ILE A 110 8.78 -2.67 0.72
CA ILE A 110 8.69 -3.47 -0.51
C ILE A 110 9.42 -2.83 -1.67
N ALA A 111 9.20 -1.53 -1.86
CA ALA A 111 9.88 -0.77 -2.88
C ALA A 111 11.41 -0.84 -2.67
N GLU A 112 11.91 -0.69 -1.44
CA GLU A 112 13.34 -0.85 -1.15
C GLU A 112 13.84 -2.29 -1.39
N VAL A 113 13.02 -3.29 -1.04
CA VAL A 113 13.37 -4.70 -1.21
C VAL A 113 13.57 -5.02 -2.68
N LEU A 114 12.51 -4.86 -3.49
CA LEU A 114 12.54 -5.21 -4.90
C LEU A 114 13.64 -4.45 -5.63
N ARG A 115 13.83 -3.16 -5.29
CA ARG A 115 14.87 -2.26 -5.79
C ARG A 115 16.23 -2.90 -5.68
N ASP A 116 16.59 -3.34 -4.48
CA ASP A 116 17.87 -4.00 -4.23
C ASP A 116 18.09 -5.17 -5.20
N LEU A 117 17.13 -6.09 -5.31
CA LEU A 117 17.23 -7.22 -6.25
C LEU A 117 17.31 -6.74 -7.71
N TYR A 118 16.57 -5.70 -8.08
CA TYR A 118 16.56 -5.12 -9.42
C TYR A 118 17.93 -4.57 -9.83
N LEU A 119 18.56 -3.75 -8.99
CA LEU A 119 19.90 -3.22 -9.25
C LEU A 119 20.99 -4.30 -9.12
N LEU A 120 20.76 -5.34 -8.32
CA LEU A 120 21.67 -6.50 -8.16
C LEU A 120 21.96 -7.20 -9.51
N LYS A 121 20.96 -7.24 -10.39
CA LYS A 121 21.07 -7.77 -11.77
C LYS A 121 21.15 -6.68 -12.85
N GLY A 122 20.91 -5.41 -12.50
CA GLY A 122 20.80 -4.27 -13.39
C GLY A 122 19.49 -4.22 -14.18
N ASP A 123 19.09 -5.34 -14.79
CA ASP A 123 17.86 -5.53 -15.57
C ASP A 123 16.68 -6.06 -14.73
N LYS A 124 15.51 -6.29 -15.35
CA LYS A 124 14.29 -6.83 -14.72
C LYS A 124 14.27 -8.34 -14.60
N ASP A 125 14.95 -9.04 -15.52
CA ASP A 125 15.02 -10.50 -15.58
C ASP A 125 16.09 -11.04 -14.60
N LEU A 126 15.75 -11.01 -13.31
CA LEU A 126 16.57 -11.48 -12.19
C LEU A 126 16.86 -12.99 -12.25
N SER A 127 17.86 -13.45 -11.47
CA SER A 127 18.19 -14.88 -11.34
C SER A 127 17.07 -15.65 -10.62
N PHE A 128 17.13 -16.98 -10.57
CA PHE A 128 16.08 -17.82 -9.95
C PHE A 128 15.79 -17.42 -8.49
N GLY A 129 16.84 -17.31 -7.65
CA GLY A 129 16.70 -16.98 -6.22
C GLY A 129 16.29 -15.52 -5.97
N GLU A 130 16.73 -14.60 -6.82
CA GLU A 130 16.33 -13.19 -6.75
C GLU A 130 14.87 -13.02 -7.21
N ARG A 131 14.50 -13.60 -8.36
CA ARG A 131 13.13 -13.62 -8.88
C ARG A 131 12.13 -14.19 -7.87
N LYS A 132 12.52 -15.15 -7.01
CA LYS A 132 11.66 -15.68 -5.95
C LYS A 132 11.21 -14.62 -4.95
N MET A 133 12.13 -13.80 -4.43
CA MET A 133 11.78 -12.70 -3.52
C MET A 133 11.08 -11.57 -4.29
N LEU A 134 11.63 -11.21 -5.46
CA LEU A 134 11.10 -10.16 -6.34
C LEU A 134 9.65 -10.43 -6.74
N ASP A 135 9.27 -11.64 -7.13
CA ASP A 135 7.91 -12.00 -7.53
C ASP A 135 6.87 -11.65 -6.44
N THR A 136 7.20 -11.92 -5.18
CA THR A 136 6.33 -11.59 -4.04
C THR A 136 6.32 -10.08 -3.79
N ALA A 137 7.49 -9.45 -3.79
CA ALA A 137 7.64 -8.00 -3.61
C ALA A 137 6.94 -7.18 -4.72
N ARG A 138 7.12 -7.52 -6.00
CA ARG A 138 6.45 -6.91 -7.16
C ARG A 138 4.93 -6.90 -7.01
N SER A 139 4.35 -8.03 -6.60
CA SER A 139 2.90 -8.16 -6.37
C SER A 139 2.38 -7.16 -5.32
N LEU A 140 3.25 -6.70 -4.41
CA LEU A 140 2.97 -5.68 -3.39
C LEU A 140 3.39 -4.26 -3.82
N LEU A 141 4.39 -4.13 -4.70
CA LEU A 141 4.89 -2.84 -5.19
C LEU A 141 3.75 -2.07 -5.86
N ILE A 142 3.14 -2.71 -6.87
CA ILE A 142 2.05 -2.12 -7.63
C ILE A 142 0.74 -2.05 -6.85
N LYS A 143 0.63 -2.75 -5.71
CA LYS A 143 -0.54 -2.82 -4.83
C LYS A 143 -0.68 -1.56 -3.99
N GLU A 144 0.42 -1.15 -3.36
CA GLU A 144 0.48 0.10 -2.60
C GLU A 144 0.53 1.29 -3.57
N LEU A 145 1.46 1.30 -4.52
CA LEU A 145 1.63 2.38 -5.50
C LEU A 145 0.45 2.51 -6.46
N SER A 146 -0.47 1.52 -6.50
CA SER A 146 -1.73 1.50 -7.27
C SER A 146 -2.50 2.82 -7.23
N LEU A 147 -2.41 3.56 -6.11
CA LEU A 147 -3.03 4.87 -5.92
C LEU A 147 -2.70 5.86 -7.05
N ALA A 148 -1.41 6.13 -7.29
CA ALA A 148 -0.96 7.03 -8.36
C ALA A 148 -1.17 6.42 -9.77
N LYS A 149 -1.23 5.09 -9.86
CA LYS A 149 -1.53 4.30 -11.07
C LYS A 149 -2.96 4.52 -11.58
N ASP A 150 -3.97 4.12 -10.79
CA ASP A 150 -5.40 4.05 -11.15
C ASP A 150 -5.65 3.50 -12.58
N CYS A 151 -4.83 2.52 -13.00
CA CYS A 151 -4.73 1.94 -14.34
C CYS A 151 -4.18 0.49 -14.29
N SER A 152 -3.79 -0.05 -15.46
CA SER A 152 -3.16 -1.37 -15.63
C SER A 152 -1.87 -1.50 -14.78
N GLU A 153 -1.51 -2.71 -14.35
CA GLU A 153 -0.27 -2.97 -13.59
C GLU A 153 0.98 -2.48 -14.31
N ASP A 154 0.97 -2.51 -15.66
CA ASP A 154 2.01 -1.99 -16.54
C ASP A 154 2.43 -0.56 -16.20
N GLU A 155 1.57 0.27 -15.59
CA GLU A 155 1.91 1.61 -15.13
C GLU A 155 3.08 1.55 -14.13
N ILE A 156 2.89 0.89 -12.98
CA ILE A 156 3.91 0.75 -11.94
C ILE A 156 5.02 -0.22 -12.36
N GLU A 157 4.67 -1.36 -12.97
CA GLU A 157 5.66 -2.35 -13.44
C GLU A 157 6.66 -1.73 -14.42
N SER A 158 6.17 -0.97 -15.41
CA SER A 158 7.03 -0.23 -16.34
C SER A 158 7.66 1.00 -15.70
N ASP A 159 7.01 1.70 -14.77
CA ASP A 159 7.63 2.84 -14.06
C ASP A 159 8.96 2.46 -13.41
N LEU A 160 9.18 1.20 -13.03
CA LEU A 160 10.46 0.73 -12.50
C LEU A 160 11.64 1.06 -13.44
N LYS A 161 11.38 1.19 -14.76
CA LYS A 161 12.38 1.60 -15.77
C LYS A 161 12.91 3.01 -15.57
N LYS A 162 12.12 3.93 -15.00
CA LYS A 162 12.53 5.30 -14.67
C LYS A 162 13.24 5.39 -13.31
N ILE A 163 13.10 4.36 -12.47
CA ILE A 163 13.62 4.32 -11.11
C ILE A 163 14.97 3.59 -11.08
N PHE A 164 15.00 2.35 -11.57
CA PHE A 164 16.19 1.49 -11.66
C PHE A 164 16.93 1.64 -13.00
N ASN A 165 16.51 2.57 -13.87
CA ASN A 165 17.08 2.88 -15.19
C ASN A 165 17.20 1.65 -16.13
N LEU A 166 16.18 0.79 -16.13
CA LEU A 166 16.12 -0.48 -16.89
C LEU A 166 16.09 -0.26 -18.41
N ALA A 167 15.29 0.72 -18.84
CA ALA A 167 14.96 1.11 -20.22
C ALA A 167 14.52 -0.08 -21.11
N GLY A 1 -22.41 25.82 4.23
CA GLY A 1 -22.88 24.85 5.25
C GLY A 1 -21.92 23.67 5.35
N SER A 2 -21.04 23.70 6.34
CA SER A 2 -19.95 22.73 6.56
C SER A 2 -19.42 22.82 8.01
N HIS A 3 -19.62 21.75 8.79
CA HIS A 3 -19.20 21.63 10.20
C HIS A 3 -18.80 20.19 10.55
N MET A 4 -17.74 20.02 11.33
CA MET A 4 -17.30 18.72 11.85
C MET A 4 -18.26 18.21 12.93
N GLN A 5 -18.17 16.92 13.26
CA GLN A 5 -18.93 16.27 14.33
C GLN A 5 -18.14 15.11 14.94
N THR A 6 -17.95 14.04 14.15
CA THR A 6 -17.23 12.81 14.53
C THR A 6 -15.73 12.95 14.25
N SER A 7 -14.95 11.86 14.36
CA SER A 7 -13.50 11.83 14.11
C SER A 7 -13.10 12.43 12.75
N PHE A 8 -13.61 11.90 11.63
CA PHE A 8 -13.27 12.36 10.28
C PHE A 8 -14.46 12.26 9.31
N LYS A 9 -14.92 13.41 8.79
CA LYS A 9 -16.00 13.53 7.79
C LYS A 9 -15.53 13.17 6.37
N THR A 10 -16.43 13.26 5.39
CA THR A 10 -16.17 13.06 3.96
C THR A 10 -14.91 13.76 3.48
N GLY A 11 -13.99 12.99 2.88
CA GLY A 11 -12.76 13.51 2.28
C GLY A 11 -11.57 12.55 2.30
N ASP A 12 -11.59 11.59 3.23
CA ASP A 12 -10.60 10.52 3.35
C ASP A 12 -11.13 9.18 2.80
N LYS A 13 -10.22 8.25 2.50
CA LYS A 13 -10.53 6.88 2.06
C LYS A 13 -9.91 5.91 3.07
N ALA A 14 -10.72 4.98 3.54
CA ALA A 14 -10.32 3.93 4.48
C ALA A 14 -10.29 2.56 3.78
N VAL A 15 -9.38 1.70 4.23
CA VAL A 15 -9.18 0.36 3.67
C VAL A 15 -9.27 -0.69 4.78
N TYR A 16 -10.26 -1.58 4.65
CA TYR A 16 -10.51 -2.67 5.57
C TYR A 16 -9.94 -4.00 5.01
N PRO A 17 -9.79 -5.05 5.85
CA PRO A 17 -9.26 -6.35 5.43
C PRO A 17 -10.27 -7.14 4.60
N GLY A 18 -10.23 -6.95 3.29
CA GLY A 18 -11.08 -7.65 2.33
C GLY A 18 -11.22 -6.91 1.00
N GLN A 19 -11.37 -5.58 1.05
CA GLN A 19 -11.52 -4.73 -0.16
C GLN A 19 -10.78 -3.39 -0.03
N GLY A 20 -11.42 -2.37 0.57
CA GLY A 20 -10.95 -0.99 0.65
C GLY A 20 -11.37 -0.06 -0.50
N VAL A 21 -12.13 -0.56 -1.48
CA VAL A 21 -12.69 0.26 -2.57
C VAL A 21 -13.86 1.12 -2.08
N GLY A 22 -13.58 2.15 -1.28
CA GLY A 22 -14.61 3.05 -0.75
C GLY A 22 -14.07 4.43 -0.39
N GLU A 23 -14.99 5.39 -0.26
CA GLU A 23 -14.76 6.77 0.18
C GLU A 23 -15.70 7.12 1.33
N VAL A 24 -15.17 7.70 2.42
CA VAL A 24 -15.96 8.19 3.56
C VAL A 24 -16.98 9.22 3.05
N MET A 25 -18.26 9.03 3.37
CA MET A 25 -19.40 9.90 3.01
C MET A 25 -20.09 10.52 4.25
N GLY A 26 -19.42 10.47 5.39
CA GLY A 26 -19.91 10.97 6.68
C GLY A 26 -19.95 9.88 7.74
N ILE A 27 -20.73 10.10 8.79
CA ILE A 27 -20.93 9.17 9.91
C ILE A 27 -22.43 8.96 10.19
N GLU A 28 -22.80 7.71 10.42
CA GLU A 28 -24.14 7.26 10.83
C GLU A 28 -24.13 6.93 12.31
N HIS A 29 -24.91 7.65 13.11
CA HIS A 29 -25.09 7.40 14.56
C HIS A 29 -26.19 6.35 14.75
N THR A 30 -25.86 5.18 15.31
CA THR A 30 -26.82 4.11 15.63
C THR A 30 -26.86 3.82 17.14
N GLU A 31 -27.61 2.78 17.50
CA GLU A 31 -27.73 2.25 18.85
C GLU A 31 -27.25 0.78 18.89
N VAL A 32 -26.12 0.51 19.56
CA VAL A 32 -25.53 -0.83 19.74
C VAL A 32 -25.22 -1.10 21.21
N ALA A 33 -25.39 -2.34 21.67
CA ALA A 33 -25.25 -2.74 23.07
C ALA A 33 -26.10 -1.88 24.07
N GLY A 34 -27.21 -1.30 23.60
CA GLY A 34 -28.06 -0.37 24.36
C GLY A 34 -27.46 1.03 24.57
N GLN A 35 -26.42 1.40 23.82
CA GLN A 35 -25.68 2.66 23.91
C GLN A 35 -25.48 3.32 22.54
N ARG A 36 -25.22 4.63 22.51
CA ARG A 36 -24.90 5.35 21.26
C ARG A 36 -23.53 4.95 20.71
N GLN A 37 -23.44 4.83 19.39
CA GLN A 37 -22.19 4.55 18.68
C GLN A 37 -22.24 5.12 17.26
N SER A 38 -21.11 5.64 16.79
CA SER A 38 -20.94 6.17 15.43
C SER A 38 -20.33 5.13 14.48
N PHE A 39 -20.53 5.31 13.18
CA PHE A 39 -19.98 4.45 12.15
C PHE A 39 -19.64 5.24 10.89
N TYR A 40 -18.42 5.12 10.37
CA TYR A 40 -18.03 5.75 9.10
C TYR A 40 -18.89 5.19 7.98
N VAL A 41 -19.61 6.08 7.30
CA VAL A 41 -20.43 5.79 6.11
C VAL A 41 -19.48 5.60 4.94
N LEU A 42 -18.83 4.45 4.85
CA LEU A 42 -17.96 4.17 3.73
C LEU A 42 -18.83 3.79 2.52
N ARG A 43 -18.77 4.60 1.46
CA ARG A 43 -19.52 4.38 0.22
C ARG A 43 -18.59 3.81 -0.85
N ILE A 44 -18.88 2.60 -1.29
CA ILE A 44 -18.06 1.84 -2.24
C ILE A 44 -18.09 2.50 -3.62
N LEU A 45 -16.93 2.87 -4.17
CA LEU A 45 -16.81 3.52 -5.48
C LEU A 45 -17.15 2.59 -6.66
N GLU A 46 -17.11 1.27 -6.46
CA GLU A 46 -17.38 0.25 -7.49
C GLU A 46 -18.78 0.41 -8.11
N ASN A 47 -19.82 0.30 -7.27
CA ASN A 47 -21.24 0.46 -7.62
C ASN A 47 -22.03 1.47 -6.76
N GLY A 48 -21.56 1.81 -5.54
CA GLY A 48 -22.28 2.67 -4.58
C GLY A 48 -22.82 1.95 -3.33
N MET A 49 -22.27 0.79 -2.95
CA MET A 49 -22.69 0.03 -1.75
C MET A 49 -22.42 0.81 -0.46
N ARG A 50 -23.05 0.41 0.64
CA ARG A 50 -23.00 1.07 1.95
C ARG A 50 -22.32 0.15 2.97
N ILE A 51 -21.08 0.47 3.34
CA ILE A 51 -20.30 -0.24 4.37
C ILE A 51 -20.28 0.64 5.63
N MET A 52 -20.74 0.09 6.75
CA MET A 52 -20.69 0.74 8.07
C MET A 52 -19.47 0.24 8.84
N ILE A 53 -18.56 1.15 9.22
CA ILE A 53 -17.33 0.82 9.97
C ILE A 53 -17.36 1.46 11.37
N PRO A 54 -17.17 0.71 12.47
CA PRO A 54 -17.17 1.25 13.82
C PRO A 54 -15.97 2.19 14.04
N ILE A 55 -16.21 3.47 14.34
CA ILE A 55 -15.12 4.44 14.60
C ILE A 55 -14.29 4.09 15.87
N ASN A 56 -14.84 3.25 16.74
CA ASN A 56 -14.33 2.89 18.07
C ASN A 56 -13.48 1.60 18.06
N LYS A 57 -13.64 0.76 17.03
CA LYS A 57 -12.94 -0.52 16.80
C LYS A 57 -12.11 -0.52 15.51
N VAL A 58 -11.60 0.65 15.10
CA VAL A 58 -10.74 0.78 13.91
C VAL A 58 -9.39 0.04 13.99
N GLY A 59 -9.03 -0.58 15.12
CA GLY A 59 -7.82 -1.39 15.28
C GLY A 59 -8.08 -2.89 15.15
N SER A 60 -9.07 -3.41 15.89
CA SER A 60 -9.46 -4.83 15.94
C SER A 60 -10.11 -5.35 14.64
N VAL A 61 -10.93 -4.53 13.97
CA VAL A 61 -11.56 -4.90 12.68
C VAL A 61 -10.55 -4.92 11.51
N GLY A 62 -9.31 -4.45 11.72
CA GLY A 62 -8.24 -4.37 10.71
C GLY A 62 -8.22 -3.09 9.87
N LEU A 63 -9.03 -2.08 10.24
CA LEU A 63 -9.14 -0.79 9.55
C LEU A 63 -7.79 -0.07 9.47
N ARG A 64 -7.27 0.06 8.24
CA ARG A 64 -5.96 0.66 7.93
C ARG A 64 -6.01 1.35 6.58
N GLU A 65 -6.25 2.65 6.60
CA GLU A 65 -6.24 3.54 5.41
C GLU A 65 -4.97 3.30 4.59
N ILE A 66 -5.15 3.14 3.29
CA ILE A 66 -4.04 2.96 2.34
C ILE A 66 -3.36 4.30 2.08
N ILE A 67 -2.10 4.25 1.66
CA ILE A 67 -1.33 5.42 1.28
C ILE A 67 -1.94 6.11 0.05
N SER A 68 -1.66 7.41 -0.10
CA SER A 68 -2.08 8.21 -1.25
C SER A 68 -0.91 8.51 -2.20
N GLU A 69 -1.18 9.15 -3.34
CA GLU A 69 -0.18 9.61 -4.32
C GLU A 69 0.97 10.41 -3.66
N GLU A 70 0.69 11.12 -2.56
CA GLU A 70 1.69 11.85 -1.76
C GLU A 70 2.86 10.95 -1.34
N ASP A 71 2.56 9.77 -0.77
CA ASP A 71 3.54 8.77 -0.38
C ASP A 71 4.17 8.13 -1.63
N VAL A 72 3.40 7.84 -2.69
CA VAL A 72 3.93 7.30 -3.97
C VAL A 72 5.12 8.12 -4.48
N LYS A 73 4.99 9.44 -4.53
CA LYS A 73 6.07 10.36 -4.94
C LYS A 73 7.33 10.20 -4.08
N GLN A 74 7.16 10.09 -2.74
CA GLN A 74 8.26 9.85 -1.81
C GLN A 74 8.90 8.49 -2.03
N VAL A 75 8.11 7.40 -2.13
CA VAL A 75 8.56 6.03 -2.36
C VAL A 75 9.52 5.95 -3.54
N TYR A 76 9.14 6.50 -4.70
CA TYR A 76 9.99 6.54 -5.88
C TYR A 76 11.36 7.13 -5.56
N SER A 77 11.42 8.26 -4.84
CA SER A 77 12.66 8.90 -4.35
C SER A 77 13.57 7.99 -3.49
N ILE A 78 13.01 7.00 -2.79
CA ILE A 78 13.76 6.02 -1.97
C ILE A 78 14.50 5.01 -2.87
N LEU A 79 13.93 4.70 -4.04
CA LEU A 79 14.48 3.74 -5.00
C LEU A 79 15.19 4.39 -6.20
N LYS A 80 14.98 5.71 -6.41
CA LYS A 80 15.54 6.54 -7.50
C LYS A 80 17.07 6.56 -7.51
N GLU A 81 17.70 6.18 -6.40
CA GLU A 81 19.15 6.06 -6.23
C GLU A 81 19.64 4.66 -6.65
N LYS A 82 20.29 4.59 -7.82
CA LYS A 82 20.94 3.37 -8.34
C LYS A 82 22.26 3.00 -7.64
N ASP A 83 22.66 3.74 -6.61
CA ASP A 83 23.90 3.52 -5.83
C ASP A 83 23.73 2.55 -4.65
N ILE A 84 22.49 2.09 -4.40
CA ILE A 84 22.10 1.13 -3.35
C ILE A 84 22.57 -0.31 -3.60
N SER A 85 23.09 -0.60 -4.80
CA SER A 85 23.52 -1.92 -5.31
C SER A 85 24.32 -2.73 -4.27
N VAL A 86 23.65 -3.65 -3.55
CA VAL A 86 24.28 -4.47 -2.50
C VAL A 86 25.33 -5.41 -3.10
N ASP A 87 26.33 -5.78 -2.30
CA ASP A 87 27.35 -6.76 -2.69
C ASP A 87 26.77 -8.18 -2.65
N SER A 88 27.23 -9.04 -3.56
CA SER A 88 26.84 -10.47 -3.65
C SER A 88 27.10 -11.27 -2.36
N THR A 89 28.07 -10.85 -1.54
CA THR A 89 28.36 -11.46 -0.22
C THR A 89 27.30 -11.05 0.80
N THR A 90 27.19 -9.74 1.08
CA THR A 90 26.21 -9.18 2.02
C THR A 90 24.77 -9.50 1.62
N TRP A 91 24.50 -9.72 0.33
CA TRP A 91 23.18 -10.11 -0.19
C TRP A 91 22.49 -11.19 0.65
N ASN A 92 23.20 -12.26 1.02
CA ASN A 92 22.66 -13.36 1.83
C ASN A 92 22.03 -12.85 3.14
N ARG A 93 22.71 -11.92 3.82
CA ARG A 93 22.25 -11.23 5.05
C ARG A 93 21.14 -10.23 4.73
N ARG A 94 21.30 -9.43 3.66
CA ARG A 94 20.31 -8.48 3.16
C ARG A 94 18.96 -9.14 2.84
N TYR A 95 18.97 -10.43 2.49
CA TYR A 95 17.75 -11.21 2.26
C TYR A 95 16.84 -11.20 3.50
N ARG A 96 17.39 -11.35 4.71
CA ARG A 96 16.66 -11.39 6.00
C ARG A 96 15.91 -10.09 6.30
N GLU A 97 16.61 -8.96 6.30
CA GLU A 97 16.03 -7.62 6.51
C GLU A 97 14.96 -7.25 5.47
N TYR A 98 15.01 -7.87 4.30
CA TYR A 98 14.01 -7.72 3.25
C TYR A 98 12.86 -8.71 3.41
N MET A 99 13.12 -9.95 3.83
CA MET A 99 12.13 -10.98 4.14
C MET A 99 11.10 -10.48 5.15
N GLU A 100 11.55 -9.81 6.21
CA GLU A 100 10.67 -9.22 7.22
C GLU A 100 9.79 -8.08 6.65
N LYS A 101 10.32 -7.25 5.74
CA LYS A 101 9.59 -6.18 5.05
C LYS A 101 8.41 -6.71 4.21
N ILE A 102 8.54 -7.93 3.68
CA ILE A 102 7.45 -8.59 2.93
C ILE A 102 6.25 -8.91 3.85
N LYS A 103 6.51 -9.27 5.11
CA LYS A 103 5.47 -9.56 6.12
C LYS A 103 4.58 -8.34 6.38
N THR A 104 5.18 -7.15 6.47
CA THR A 104 4.48 -5.88 6.73
C THR A 104 3.79 -5.41 5.45
N GLY A 105 4.47 -5.63 4.31
CA GLY A 105 4.19 -5.08 3.00
C GLY A 105 4.06 -3.56 2.96
N SER A 106 4.69 -2.86 3.92
CA SER A 106 4.76 -1.39 3.96
C SER A 106 5.24 -0.85 2.63
N VAL A 107 4.54 0.12 2.07
CA VAL A 107 4.85 0.72 0.76
C VAL A 107 6.31 1.17 0.63
N PHE A 108 6.81 1.90 1.64
CA PHE A 108 8.17 2.41 1.73
C PHE A 108 9.21 1.31 1.92
N GLU A 109 8.79 0.17 2.48
CA GLU A 109 9.60 -1.03 2.71
C GLU A 109 9.69 -1.90 1.46
N ILE A 110 8.57 -2.35 0.91
CA ILE A 110 8.46 -3.21 -0.28
C ILE A 110 9.19 -2.64 -1.49
N ALA A 111 8.97 -1.35 -1.74
CA ALA A 111 9.65 -0.67 -2.82
C ALA A 111 11.17 -0.75 -2.62
N GLU A 112 11.68 -0.60 -1.40
CA GLU A 112 13.10 -0.77 -1.09
C GLU A 112 13.56 -2.23 -1.26
N VAL A 113 12.72 -3.19 -0.88
CA VAL A 113 13.03 -4.62 -0.99
C VAL A 113 13.26 -4.98 -2.45
N LEU A 114 12.23 -4.80 -3.28
CA LEU A 114 12.30 -5.21 -4.67
C LEU A 114 13.41 -4.45 -5.41
N ARG A 115 13.63 -3.17 -5.09
CA ARG A 115 14.69 -2.31 -5.63
C ARG A 115 16.05 -2.94 -5.46
N ASP A 116 16.36 -3.33 -4.24
CA ASP A 116 17.65 -3.92 -3.92
C ASP A 116 17.92 -5.16 -4.79
N LEU A 117 16.91 -6.05 -4.88
CA LEU A 117 16.92 -7.23 -5.74
C LEU A 117 17.01 -6.89 -7.23
N TYR A 118 16.35 -5.81 -7.67
CA TYR A 118 16.41 -5.33 -9.05
C TYR A 118 17.81 -4.87 -9.46
N LEU A 119 18.44 -4.01 -8.65
CA LEU A 119 19.80 -3.54 -8.90
C LEU A 119 20.87 -4.63 -8.69
N LEU A 120 20.58 -5.66 -7.90
CA LEU A 120 21.44 -6.84 -7.67
C LEU A 120 21.81 -7.58 -8.97
N LYS A 121 20.91 -7.58 -9.96
CA LYS A 121 21.12 -8.17 -11.29
C LYS A 121 21.36 -7.12 -12.39
N GLY A 122 21.15 -5.84 -12.08
CA GLY A 122 21.20 -4.72 -13.04
C GLY A 122 20.07 -4.73 -14.08
N ASP A 123 19.01 -5.52 -13.87
CA ASP A 123 17.90 -5.75 -14.80
C ASP A 123 16.64 -6.26 -14.06
N LYS A 124 15.57 -6.59 -14.80
CA LYS A 124 14.29 -7.12 -14.26
C LYS A 124 14.22 -8.63 -14.14
N ASP A 125 14.91 -9.35 -15.04
CA ASP A 125 14.97 -10.81 -15.12
C ASP A 125 15.96 -11.38 -14.11
N LEU A 126 15.66 -11.24 -12.81
CA LEU A 126 16.53 -11.67 -11.71
C LEU A 126 16.75 -13.19 -11.68
N SER A 127 17.74 -13.65 -10.90
CA SER A 127 18.00 -15.09 -10.69
C SER A 127 16.84 -15.77 -9.95
N PHE A 128 16.78 -17.10 -9.92
CA PHE A 128 15.68 -17.86 -9.30
C PHE A 128 15.39 -17.44 -7.83
N GLY A 129 16.43 -17.40 -6.99
CA GLY A 129 16.31 -17.06 -5.56
C GLY A 129 15.92 -15.59 -5.32
N GLU A 130 16.38 -14.69 -6.18
CA GLU A 130 16.00 -13.27 -6.16
C GLU A 130 14.56 -13.07 -6.63
N ARG A 131 14.19 -13.67 -7.78
CA ARG A 131 12.84 -13.67 -8.35
C ARG A 131 11.80 -14.18 -7.35
N LYS A 132 12.13 -15.14 -6.48
CA LYS A 132 11.23 -15.63 -5.41
C LYS A 132 10.78 -14.54 -4.44
N MET A 133 11.70 -13.74 -3.91
CA MET A 133 11.35 -12.64 -3.00
C MET A 133 10.74 -11.47 -3.81
N LEU A 134 11.33 -11.15 -4.96
CA LEU A 134 10.87 -10.10 -5.87
C LEU A 134 9.43 -10.31 -6.34
N ASP A 135 9.04 -11.52 -6.74
CA ASP A 135 7.67 -11.85 -7.17
C ASP A 135 6.60 -11.45 -6.13
N THR A 136 6.88 -11.71 -4.85
CA THR A 136 5.99 -11.34 -3.76
C THR A 136 6.00 -9.82 -3.54
N ALA A 137 7.19 -9.20 -3.51
CA ALA A 137 7.35 -7.76 -3.38
C ALA A 137 6.74 -6.96 -4.56
N ARG A 138 6.83 -7.45 -5.81
CA ARG A 138 6.21 -6.86 -7.02
C ARG A 138 4.71 -6.75 -6.87
N SER A 139 4.04 -7.83 -6.45
CA SER A 139 2.59 -7.85 -6.19
C SER A 139 2.16 -6.83 -5.12
N LEU A 140 3.08 -6.40 -4.25
CA LEU A 140 2.85 -5.36 -3.24
C LEU A 140 3.28 -3.96 -3.71
N LEU A 141 4.28 -3.85 -4.60
CA LEU A 141 4.77 -2.60 -5.16
C LEU A 141 3.64 -1.87 -5.89
N ILE A 142 3.03 -2.54 -6.86
CA ILE A 142 1.97 -1.98 -7.69
C ILE A 142 0.64 -1.84 -6.94
N LYS A 143 0.47 -2.55 -5.81
CA LYS A 143 -0.71 -2.54 -4.94
C LYS A 143 -0.77 -1.26 -4.11
N GLU A 144 0.33 -0.91 -3.47
CA GLU A 144 0.44 0.33 -2.72
C GLU A 144 0.51 1.54 -3.66
N LEU A 145 1.43 1.50 -4.64
CA LEU A 145 1.61 2.57 -5.63
C LEU A 145 0.44 2.67 -6.62
N SER A 146 -0.50 1.70 -6.60
CA SER A 146 -1.70 1.63 -7.46
C SER A 146 -2.48 2.93 -7.57
N LEU A 147 -2.40 3.78 -6.55
CA LEU A 147 -3.01 5.10 -6.47
C LEU A 147 -2.61 6.00 -7.64
N ALA A 148 -1.31 6.25 -7.81
CA ALA A 148 -0.78 7.06 -8.91
C ALA A 148 -0.93 6.37 -10.28
N LYS A 149 -1.09 5.03 -10.29
CA LYS A 149 -1.36 4.20 -11.47
C LYS A 149 -2.78 4.44 -12.00
N ASP A 150 -3.81 4.09 -11.23
CA ASP A 150 -5.23 4.05 -11.61
C ASP A 150 -5.53 3.38 -12.98
N CYS A 151 -4.64 2.46 -13.40
CA CYS A 151 -4.55 1.85 -14.74
C CYS A 151 -4.00 0.41 -14.69
N SER A 152 -3.59 -0.15 -15.83
CA SER A 152 -2.95 -1.48 -15.92
C SER A 152 -1.69 -1.59 -15.05
N GLU A 153 -1.35 -2.78 -14.52
CA GLU A 153 -0.13 -3.00 -13.71
C GLU A 153 1.14 -2.52 -14.40
N ASP A 154 1.17 -2.54 -15.74
CA ASP A 154 2.26 -2.02 -16.57
C ASP A 154 2.63 -0.57 -16.20
N GLU A 155 1.73 0.25 -15.65
CA GLU A 155 2.01 1.60 -15.22
C GLU A 155 3.14 1.64 -14.16
N ILE A 156 2.98 0.91 -13.05
CA ILE A 156 4.00 0.80 -11.99
C ILE A 156 5.10 -0.19 -12.38
N GLU A 157 4.76 -1.33 -12.99
CA GLU A 157 5.74 -2.34 -13.39
C GLU A 157 6.76 -1.78 -14.39
N SER A 158 6.31 -1.01 -15.40
CA SER A 158 7.20 -0.32 -16.34
C SER A 158 7.86 0.90 -15.71
N ASP A 159 7.19 1.62 -14.79
CA ASP A 159 7.82 2.74 -14.09
C ASP A 159 9.13 2.32 -13.39
N LEU A 160 9.28 1.06 -12.99
CA LEU A 160 10.53 0.55 -12.42
C LEU A 160 11.75 0.81 -13.33
N LYS A 161 11.53 0.93 -14.65
CA LYS A 161 12.56 1.29 -15.64
C LYS A 161 13.19 2.65 -15.39
N LYS A 162 12.39 3.64 -14.93
CA LYS A 162 12.86 5.01 -14.65
C LYS A 162 13.50 5.13 -13.27
N ILE A 163 13.22 4.16 -12.40
CA ILE A 163 13.67 4.14 -11.00
C ILE A 163 15.01 3.39 -10.87
N PHE A 164 15.07 2.14 -11.34
CA PHE A 164 16.25 1.27 -11.32
C PHE A 164 17.13 1.39 -12.58
N ASN A 165 16.74 2.27 -13.52
CA ASN A 165 17.39 2.50 -14.83
C ASN A 165 17.50 1.23 -15.69
N LEU A 166 16.39 0.48 -15.80
CA LEU A 166 16.30 -0.77 -16.57
C LEU A 166 16.35 -0.52 -18.10
N ALA A 167 15.55 0.45 -18.54
CA ALA A 167 15.28 0.88 -19.92
C ALA A 167 14.63 -0.19 -20.85
N GLY A 1 -24.49 17.54 0.32
CA GLY A 1 -25.04 16.49 1.21
C GLY A 1 -25.25 17.00 2.62
N SER A 2 -24.94 16.18 3.62
CA SER A 2 -25.00 16.51 5.07
C SER A 2 -23.81 17.37 5.54
N HIS A 3 -23.90 17.93 6.77
CA HIS A 3 -22.86 18.76 7.40
C HIS A 3 -22.80 18.58 8.93
N MET A 4 -22.20 17.48 9.39
CA MET A 4 -22.02 17.15 10.82
C MET A 4 -20.61 16.62 11.10
N GLN A 5 -19.91 17.21 12.08
CA GLN A 5 -18.59 16.76 12.55
C GLN A 5 -18.69 15.48 13.40
N THR A 6 -17.66 14.63 13.32
CA THR A 6 -17.53 13.38 14.10
C THR A 6 -16.07 13.08 14.41
N SER A 7 -15.31 12.64 13.39
CA SER A 7 -13.94 12.11 13.49
C SER A 7 -13.12 12.48 12.26
N PHE A 8 -13.47 11.94 11.08
CA PHE A 8 -12.80 12.23 9.80
C PHE A 8 -13.80 12.15 8.62
N LYS A 9 -14.05 13.29 7.96
CA LYS A 9 -14.94 13.41 6.77
C LYS A 9 -14.33 12.77 5.51
N THR A 10 -15.03 12.87 4.38
CA THR A 10 -14.54 12.39 3.06
C THR A 10 -13.14 12.89 2.74
N GLY A 11 -12.24 11.96 2.43
CA GLY A 11 -10.87 12.24 2.03
C GLY A 11 -9.84 11.17 2.39
N ASP A 12 -10.20 10.25 3.28
CA ASP A 12 -9.41 9.09 3.70
C ASP A 12 -10.04 7.78 3.24
N LYS A 13 -9.26 6.70 3.23
CA LYS A 13 -9.70 5.34 2.92
C LYS A 13 -9.43 4.45 4.14
N ALA A 14 -10.45 3.70 4.56
CA ALA A 14 -10.37 2.74 5.65
C ALA A 14 -10.40 1.30 5.11
N VAL A 15 -9.86 0.37 5.89
CA VAL A 15 -9.72 -1.05 5.55
C VAL A 15 -10.25 -1.90 6.71
N TYR A 16 -11.38 -2.57 6.45
CA TYR A 16 -12.02 -3.49 7.40
C TYR A 16 -11.56 -4.95 7.15
N PRO A 17 -11.79 -5.88 8.10
CA PRO A 17 -11.40 -7.29 7.99
C PRO A 17 -12.31 -8.07 7.01
N GLY A 18 -11.91 -8.12 5.75
CA GLY A 18 -12.61 -8.87 4.70
C GLY A 18 -12.30 -8.36 3.29
N GLN A 19 -12.29 -7.03 3.11
CA GLN A 19 -12.01 -6.38 1.81
C GLN A 19 -11.16 -5.11 1.97
N GLY A 20 -11.77 -3.99 2.39
CA GLY A 20 -11.15 -2.66 2.43
C GLY A 20 -11.26 -1.84 1.13
N VAL A 21 -11.96 -2.31 0.09
CA VAL A 21 -12.17 -1.58 -1.17
C VAL A 21 -13.27 -0.52 -0.99
N GLY A 22 -13.02 0.50 -0.17
CA GLY A 22 -13.97 1.58 0.11
C GLY A 22 -13.31 2.93 0.43
N GLU A 23 -14.05 4.01 0.19
CA GLU A 23 -13.68 5.39 0.50
C GLU A 23 -14.69 6.03 1.45
N VAL A 24 -14.20 6.73 2.48
CA VAL A 24 -15.02 7.49 3.42
C VAL A 24 -15.83 8.53 2.64
N MET A 25 -17.15 8.54 2.79
CA MET A 25 -18.09 9.48 2.14
C MET A 25 -18.86 10.35 3.14
N GLY A 26 -18.37 10.44 4.38
CA GLY A 26 -18.98 11.15 5.50
C GLY A 26 -19.27 10.21 6.67
N ILE A 27 -20.08 10.67 7.62
CA ILE A 27 -20.54 9.89 8.77
C ILE A 27 -22.08 9.86 8.85
N GLU A 28 -22.62 8.72 9.25
CA GLU A 28 -24.04 8.47 9.50
C GLU A 28 -24.30 8.41 11.01
N HIS A 29 -25.22 9.23 11.51
CA HIS A 29 -25.67 9.24 12.90
C HIS A 29 -26.93 8.40 13.07
N THR A 30 -26.86 7.37 13.91
CA THR A 30 -27.96 6.44 14.21
C THR A 30 -28.11 6.22 15.73
N GLU A 31 -29.25 5.69 16.14
CA GLU A 31 -29.57 5.41 17.55
C GLU A 31 -29.32 3.93 17.86
N VAL A 32 -28.31 3.64 18.68
CA VAL A 32 -27.86 2.29 19.05
C VAL A 32 -27.96 2.13 20.57
N ALA A 33 -28.64 1.07 21.03
CA ALA A 33 -28.92 0.78 22.44
C ALA A 33 -29.65 1.95 23.19
N GLY A 34 -30.44 2.75 22.46
CA GLY A 34 -31.13 3.93 23.00
C GLY A 34 -30.24 5.17 23.17
N GLN A 35 -29.01 5.14 22.62
CA GLN A 35 -28.01 6.21 22.67
C GLN A 35 -27.57 6.64 21.26
N ARG A 36 -27.02 7.85 21.14
CA ARG A 36 -26.45 8.34 19.87
C ARG A 36 -25.13 7.65 19.56
N GLN A 37 -24.95 7.21 18.30
CA GLN A 37 -23.70 6.62 17.82
C GLN A 37 -23.48 7.03 16.36
N SER A 38 -22.21 7.19 15.99
CA SER A 38 -21.80 7.53 14.63
C SER A 38 -21.17 6.33 13.90
N PHE A 39 -21.20 6.36 12.58
CA PHE A 39 -20.65 5.32 11.72
C PHE A 39 -20.02 5.91 10.46
N TYR A 40 -18.79 5.52 10.14
CA TYR A 40 -18.13 5.92 8.90
C TYR A 40 -18.92 5.39 7.72
N VAL A 41 -19.40 6.29 6.86
CA VAL A 41 -20.12 5.98 5.61
C VAL A 41 -19.08 5.54 4.59
N LEU A 42 -18.62 4.29 4.69
CA LEU A 42 -17.66 3.75 3.74
C LEU A 42 -18.42 3.33 2.48
N ARG A 43 -18.11 3.95 1.33
CA ARG A 43 -18.69 3.61 0.03
C ARG A 43 -17.69 2.81 -0.78
N ILE A 44 -18.10 1.60 -1.16
CA ILE A 44 -17.28 0.64 -1.91
C ILE A 44 -17.09 1.11 -3.34
N LEU A 45 -15.84 1.29 -3.77
CA LEU A 45 -15.49 1.75 -5.12
C LEU A 45 -15.78 0.71 -6.22
N GLU A 46 -15.90 -0.57 -5.85
CA GLU A 46 -16.14 -1.71 -6.74
C GLU A 46 -17.43 -1.53 -7.58
N ASN A 47 -18.57 -1.39 -6.89
CA ASN A 47 -19.90 -1.17 -7.50
C ASN A 47 -20.67 0.06 -6.96
N GLY A 48 -20.31 0.58 -5.78
CA GLY A 48 -21.03 1.65 -5.07
C GLY A 48 -21.74 1.25 -3.76
N MET A 49 -21.52 0.03 -3.25
CA MET A 49 -22.14 -0.51 -2.01
C MET A 49 -21.88 0.39 -0.78
N ARG A 50 -22.71 0.23 0.26
CA ARG A 50 -22.69 1.07 1.47
C ARG A 50 -22.35 0.22 2.71
N ILE A 51 -21.14 0.36 3.23
CA ILE A 51 -20.66 -0.33 4.44
C ILE A 51 -20.65 0.67 5.61
N MET A 52 -21.33 0.34 6.71
CA MET A 52 -21.34 1.15 7.94
C MET A 52 -20.34 0.58 8.96
N ILE A 53 -19.47 1.43 9.53
CA ILE A 53 -18.41 1.05 10.47
C ILE A 53 -18.47 1.92 11.74
N PRO A 54 -18.58 1.34 12.95
CA PRO A 54 -18.69 2.12 14.18
C PRO A 54 -17.40 2.89 14.46
N ILE A 55 -17.42 4.23 14.55
CA ILE A 55 -16.21 5.02 14.84
C ILE A 55 -15.65 4.77 16.26
N ASN A 56 -16.47 4.16 17.14
CA ASN A 56 -16.22 3.98 18.56
C ASN A 56 -15.22 2.84 18.83
N LYS A 57 -15.45 1.68 18.20
CA LYS A 57 -14.68 0.43 18.36
C LYS A 57 -13.81 0.12 17.13
N VAL A 58 -13.11 1.13 16.62
CA VAL A 58 -12.19 0.98 15.45
C VAL A 58 -10.92 0.15 15.71
N GLY A 59 -10.67 -0.29 16.95
CA GLY A 59 -9.55 -1.16 17.31
C GLY A 59 -9.94 -2.64 17.31
N SER A 60 -10.91 -3.02 18.14
CA SER A 60 -11.31 -4.42 18.35
C SER A 60 -12.07 -5.03 17.15
N VAL A 61 -12.76 -4.20 16.35
CA VAL A 61 -13.46 -4.63 15.13
C VAL A 61 -12.50 -5.13 14.04
N GLY A 62 -11.24 -4.65 14.03
CA GLY A 62 -10.23 -4.93 13.00
C GLY A 62 -10.03 -3.81 11.97
N LEU A 63 -10.61 -2.61 12.19
CA LEU A 63 -10.45 -1.44 11.33
C LEU A 63 -8.99 -0.97 11.26
N ARG A 64 -8.61 -0.55 10.06
CA ARG A 64 -7.26 -0.14 9.66
C ARG A 64 -7.32 0.91 8.56
N GLU A 65 -6.16 1.36 8.11
CA GLU A 65 -5.99 2.29 6.98
C GLU A 65 -4.84 1.82 6.08
N ILE A 66 -4.86 2.25 4.82
CA ILE A 66 -3.82 2.01 3.82
C ILE A 66 -3.09 3.32 3.48
N ILE A 67 -1.96 3.19 2.80
CA ILE A 67 -1.20 4.34 2.30
C ILE A 67 -1.91 5.05 1.14
N SER A 68 -1.71 6.36 1.08
CA SER A 68 -2.26 7.27 0.08
C SER A 68 -1.18 7.71 -0.94
N GLU A 69 -1.57 8.49 -1.95
CA GLU A 69 -0.66 9.05 -2.96
C GLU A 69 0.54 9.81 -2.34
N GLU A 70 0.37 10.42 -1.16
CA GLU A 70 1.45 11.09 -0.42
C GLU A 70 2.64 10.14 -0.15
N ASP A 71 2.36 8.95 0.39
CA ASP A 71 3.36 7.93 0.65
C ASP A 71 3.95 7.40 -0.67
N VAL A 72 3.12 7.16 -1.70
CA VAL A 72 3.59 6.73 -3.04
C VAL A 72 4.70 7.65 -3.57
N LYS A 73 4.51 8.98 -3.51
CA LYS A 73 5.54 9.97 -3.89
C LYS A 73 6.83 9.82 -3.07
N GLN A 74 6.74 9.62 -1.75
CA GLN A 74 7.92 9.39 -0.90
C GLN A 74 8.64 8.10 -1.28
N VAL A 75 7.91 6.99 -1.42
CA VAL A 75 8.44 5.65 -1.77
C VAL A 75 9.34 5.72 -3.00
N TYR A 76 8.86 6.32 -4.09
CA TYR A 76 9.64 6.49 -5.32
C TYR A 76 11.00 7.14 -5.03
N SER A 77 11.04 8.19 -4.21
CA SER A 77 12.27 8.88 -3.77
C SER A 77 13.28 7.98 -3.05
N ILE A 78 12.82 6.92 -2.38
CA ILE A 78 13.66 5.93 -1.67
C ILE A 78 14.40 5.02 -2.66
N LEU A 79 13.79 4.75 -3.81
CA LEU A 79 14.34 3.90 -4.86
C LEU A 79 14.95 4.69 -6.03
N LYS A 80 14.67 5.99 -6.13
CA LYS A 80 15.15 6.94 -7.17
C LYS A 80 16.67 7.06 -7.23
N GLU A 81 17.37 6.65 -6.16
CA GLU A 81 18.81 6.59 -6.06
C GLU A 81 19.36 5.25 -6.58
N LYS A 82 20.01 5.29 -7.75
CA LYS A 82 20.69 4.13 -8.36
C LYS A 82 22.04 3.77 -7.71
N ASP A 83 22.47 4.51 -6.69
CA ASP A 83 23.75 4.30 -5.96
C ASP A 83 23.65 3.23 -4.84
N ILE A 84 22.45 2.68 -4.60
CA ILE A 84 22.16 1.64 -3.61
C ILE A 84 22.72 0.26 -3.97
N SER A 85 23.18 0.07 -5.21
CA SER A 85 23.73 -1.16 -5.81
C SER A 85 24.62 -1.95 -4.83
N VAL A 86 24.04 -3.00 -4.23
CA VAL A 86 24.73 -3.86 -3.25
C VAL A 86 25.78 -4.74 -3.94
N ASP A 87 26.90 -5.00 -3.25
CA ASP A 87 27.95 -5.91 -3.72
C ASP A 87 27.44 -7.36 -3.81
N SER A 88 27.89 -8.12 -4.82
CA SER A 88 27.48 -9.52 -5.02
C SER A 88 27.90 -10.45 -3.86
N THR A 89 28.97 -10.11 -3.13
CA THR A 89 29.43 -10.83 -1.92
C THR A 89 28.48 -10.58 -0.76
N THR A 90 28.14 -9.32 -0.48
CA THR A 90 27.18 -8.92 0.56
C THR A 90 25.74 -9.33 0.21
N TRP A 91 25.40 -9.49 -1.07
CA TRP A 91 24.05 -9.83 -1.54
C TRP A 91 23.42 -10.99 -0.77
N ASN A 92 24.14 -12.10 -0.60
CA ASN A 92 23.67 -13.25 0.18
C ASN A 92 23.19 -12.86 1.60
N ARG A 93 23.92 -11.97 2.29
CA ARG A 93 23.55 -11.42 3.60
C ARG A 93 22.37 -10.45 3.49
N ARG A 94 22.40 -9.56 2.49
CA ARG A 94 21.30 -8.62 2.17
C ARG A 94 19.97 -9.35 1.88
N TYR A 95 20.02 -10.58 1.36
CA TYR A 95 18.83 -11.40 1.13
C TYR A 95 18.05 -11.61 2.43
N ARG A 96 18.75 -11.95 3.53
CA ARG A 96 18.17 -12.26 4.86
C ARG A 96 17.39 -11.08 5.43
N GLU A 97 17.99 -9.90 5.48
CA GLU A 97 17.29 -8.69 5.91
C GLU A 97 16.05 -8.44 5.03
N TYR A 98 16.20 -8.40 3.71
CA TYR A 98 15.08 -8.20 2.78
C TYR A 98 13.98 -9.27 2.89
N MET A 99 14.32 -10.50 3.24
CA MET A 99 13.37 -11.59 3.49
C MET A 99 12.31 -11.23 4.54
N GLU A 100 12.70 -10.50 5.61
CA GLU A 100 11.77 -10.03 6.65
C GLU A 100 10.80 -8.94 6.11
N LYS A 101 11.27 -8.07 5.21
CA LYS A 101 10.50 -6.98 4.60
C LYS A 101 9.34 -7.52 3.76
N ILE A 102 9.50 -8.71 3.18
CA ILE A 102 8.46 -9.42 2.42
C ILE A 102 7.33 -9.93 3.34
N LYS A 103 7.65 -10.33 4.57
CA LYS A 103 6.67 -10.77 5.58
C LYS A 103 5.68 -9.65 5.92
N THR A 104 6.19 -8.43 6.13
CA THR A 104 5.37 -7.27 6.50
C THR A 104 4.66 -6.72 5.25
N GLY A 105 5.35 -6.81 4.11
CA GLY A 105 5.03 -6.17 2.85
C GLY A 105 4.81 -4.66 2.96
N SER A 106 5.43 -4.00 3.94
CA SER A 106 5.40 -2.56 4.10
C SER A 106 5.79 -1.87 2.80
N VAL A 107 4.99 -0.90 2.35
CA VAL A 107 5.20 -0.18 1.08
C VAL A 107 6.62 0.38 0.93
N PHE A 108 7.11 1.07 1.95
CA PHE A 108 8.43 1.68 2.02
C PHE A 108 9.56 0.63 2.06
N GLU A 109 9.25 -0.57 2.55
CA GLU A 109 10.15 -1.73 2.63
C GLU A 109 10.21 -2.50 1.31
N ILE A 110 9.08 -2.99 0.79
CA ILE A 110 8.96 -3.75 -0.46
C ILE A 110 9.62 -3.03 -1.63
N ALA A 111 9.31 -1.75 -1.78
CA ALA A 111 9.91 -0.94 -2.81
C ALA A 111 11.45 -0.92 -2.67
N GLU A 112 12.00 -0.83 -1.46
CA GLU A 112 13.45 -0.91 -1.21
C GLU A 112 14.01 -2.30 -1.50
N VAL A 113 13.27 -3.36 -1.17
CA VAL A 113 13.67 -4.74 -1.40
C VAL A 113 13.83 -5.00 -2.89
N LEU A 114 12.75 -4.85 -3.66
CA LEU A 114 12.75 -5.16 -5.08
C LEU A 114 13.79 -4.32 -5.83
N ARG A 115 13.95 -3.04 -5.44
CA ARG A 115 14.94 -2.08 -5.96
C ARG A 115 16.34 -2.67 -5.88
N ASP A 116 16.71 -3.18 -4.71
CA ASP A 116 18.01 -3.81 -4.49
C ASP A 116 18.26 -4.93 -5.50
N LEU A 117 17.32 -5.87 -5.64
CA LEU A 117 17.42 -6.96 -6.61
C LEU A 117 17.44 -6.45 -8.07
N TYR A 118 16.68 -5.40 -8.37
CA TYR A 118 16.64 -4.75 -9.67
C TYR A 118 18.00 -4.18 -10.11
N LEU A 119 18.63 -3.40 -9.23
CA LEU A 119 19.96 -2.84 -9.49
C LEU A 119 21.08 -3.88 -9.45
N LEU A 120 20.89 -4.98 -8.71
CA LEU A 120 21.82 -6.12 -8.63
C LEU A 120 22.16 -6.74 -9.99
N LYS A 121 21.19 -6.74 -10.92
CA LYS A 121 21.33 -7.20 -12.32
C LYS A 121 21.33 -6.05 -13.34
N GLY A 122 20.99 -4.83 -12.92
CA GLY A 122 20.82 -3.63 -13.74
C GLY A 122 19.50 -3.61 -14.53
N ASP A 123 19.11 -4.72 -15.15
CA ASP A 123 17.87 -4.91 -15.92
C ASP A 123 16.69 -5.43 -15.07
N LYS A 124 15.53 -5.70 -15.69
CA LYS A 124 14.32 -6.25 -15.04
C LYS A 124 14.29 -7.77 -14.97
N ASP A 125 14.90 -8.45 -15.94
CA ASP A 125 14.94 -9.91 -16.03
C ASP A 125 16.05 -10.49 -15.13
N LEU A 126 15.76 -10.53 -13.83
CA LEU A 126 16.70 -10.97 -12.79
C LEU A 126 17.06 -12.47 -12.88
N SER A 127 18.08 -12.91 -12.12
CA SER A 127 18.46 -14.33 -12.04
C SER A 127 17.37 -15.15 -11.32
N PHE A 128 17.43 -16.49 -11.34
CA PHE A 128 16.41 -17.36 -10.72
C PHE A 128 16.15 -17.05 -9.23
N GLY A 129 17.23 -16.99 -8.43
CA GLY A 129 17.14 -16.73 -6.98
C GLY A 129 16.69 -15.31 -6.64
N GLU A 130 17.06 -14.34 -7.48
CA GLU A 130 16.64 -12.94 -7.36
C GLU A 130 15.16 -12.79 -7.75
N ARG A 131 14.76 -13.32 -8.92
CA ARG A 131 13.38 -13.37 -9.42
C ARG A 131 12.42 -13.99 -8.40
N LYS A 132 12.85 -14.97 -7.60
CA LYS A 132 12.03 -15.56 -6.52
C LYS A 132 11.60 -14.54 -5.46
N MET A 133 12.54 -13.74 -4.94
CA MET A 133 12.20 -12.69 -3.96
C MET A 133 11.46 -11.54 -4.65
N LEU A 134 11.96 -11.12 -5.82
CA LEU A 134 11.40 -10.04 -6.62
C LEU A 134 9.95 -10.30 -7.04
N ASP A 135 9.58 -11.50 -7.48
CA ASP A 135 8.20 -11.88 -7.84
C ASP A 135 7.20 -11.59 -6.70
N THR A 136 7.57 -11.93 -5.47
CA THR A 136 6.74 -11.68 -4.28
C THR A 136 6.74 -10.19 -3.90
N ALA A 137 7.88 -9.51 -4.02
CA ALA A 137 7.95 -8.07 -3.79
C ALA A 137 7.22 -7.24 -4.85
N ARG A 138 7.29 -7.60 -6.14
CA ARG A 138 6.56 -6.98 -7.27
C ARG A 138 5.07 -7.00 -7.04
N SER A 139 4.51 -8.16 -6.67
CA SER A 139 3.07 -8.30 -6.39
C SER A 139 2.59 -7.37 -5.26
N LEU A 140 3.49 -6.92 -4.39
CA LEU A 140 3.24 -5.94 -3.31
C LEU A 140 3.56 -4.49 -3.72
N LEU A 141 4.56 -4.27 -4.56
CA LEU A 141 4.98 -2.96 -5.06
C LEU A 141 3.79 -2.23 -5.70
N ILE A 142 3.18 -2.86 -6.71
CA ILE A 142 2.07 -2.29 -7.45
C ILE A 142 0.76 -2.25 -6.66
N LYS A 143 0.69 -3.01 -5.56
CA LYS A 143 -0.45 -3.21 -4.65
C LYS A 143 -0.59 -2.02 -3.71
N GLU A 144 0.53 -1.60 -3.14
CA GLU A 144 0.61 -0.41 -2.29
C GLU A 144 0.61 0.85 -3.15
N LEU A 145 1.52 0.94 -4.14
CA LEU A 145 1.63 2.08 -5.04
C LEU A 145 0.42 2.22 -5.99
N SER A 146 -0.47 1.22 -6.02
CA SER A 146 -1.73 1.15 -6.79
C SER A 146 -2.55 2.44 -6.76
N LEU A 147 -2.44 3.20 -5.67
CA LEU A 147 -3.11 4.48 -5.44
C LEU A 147 -2.82 5.49 -6.55
N ALA A 148 -1.55 5.82 -6.79
CA ALA A 148 -1.13 6.74 -7.86
C ALA A 148 -1.33 6.13 -9.27
N LYS A 149 -1.38 4.79 -9.36
CA LYS A 149 -1.66 4.03 -10.58
C LYS A 149 -3.10 4.25 -11.07
N ASP A 150 -4.10 3.85 -10.27
CA ASP A 150 -5.54 3.78 -10.61
C ASP A 150 -5.83 3.20 -12.02
N CYS A 151 -5.01 2.23 -12.45
CA CYS A 151 -4.94 1.66 -13.80
C CYS A 151 -4.35 0.23 -13.81
N SER A 152 -3.96 -0.26 -15.00
CA SER A 152 -3.28 -1.56 -15.21
C SER A 152 -1.96 -1.64 -14.45
N GLU A 153 -1.52 -2.83 -14.02
CA GLU A 153 -0.25 -3.05 -13.29
C GLU A 153 0.96 -2.43 -14.00
N ASP A 154 0.92 -2.38 -15.33
CA ASP A 154 1.92 -1.74 -16.20
C ASP A 154 2.25 -0.31 -15.76
N GLU A 155 1.33 0.42 -15.12
CA GLU A 155 1.58 1.78 -14.63
C GLU A 155 2.74 1.80 -13.63
N ILE A 156 2.69 0.97 -12.58
CA ILE A 156 3.77 0.83 -11.58
C ILE A 156 4.90 -0.06 -12.10
N GLU A 157 4.58 -1.21 -12.73
CA GLU A 157 5.57 -2.16 -13.25
C GLU A 157 6.52 -1.48 -14.25
N SER A 158 5.99 -0.69 -15.19
CA SER A 158 6.79 0.10 -16.13
C SER A 158 7.40 1.32 -15.47
N ASP A 159 6.75 1.98 -14.49
CA ASP A 159 7.35 3.11 -13.77
C ASP A 159 8.72 2.74 -13.17
N LEU A 160 8.97 1.46 -12.84
CA LEU A 160 10.27 1.00 -12.34
C LEU A 160 11.41 1.40 -13.28
N LYS A 161 11.14 1.58 -14.59
CA LYS A 161 12.09 2.06 -15.59
C LYS A 161 12.63 3.45 -15.32
N LYS A 162 11.82 4.34 -14.74
CA LYS A 162 12.19 5.72 -14.37
C LYS A 162 12.90 5.79 -13.01
N ILE A 163 12.75 4.73 -12.20
CA ILE A 163 13.27 4.66 -10.83
C ILE A 163 14.65 3.99 -10.80
N PHE A 164 14.75 2.77 -11.36
CA PHE A 164 15.99 1.98 -11.45
C PHE A 164 16.78 2.22 -12.75
N ASN A 165 16.27 3.11 -13.63
CA ASN A 165 16.85 3.49 -14.93
C ASN A 165 17.00 2.31 -15.93
N LEU A 166 15.96 1.47 -16.02
CA LEU A 166 15.89 0.26 -16.87
C LEU A 166 15.78 0.59 -18.38
N ALA A 167 14.99 1.62 -18.69
CA ALA A 167 14.60 2.10 -20.02
C ALA A 167 14.02 0.98 -20.93
N GLY A 1 -27.78 14.10 1.05
CA GLY A 1 -28.42 13.12 1.97
C GLY A 1 -28.00 13.32 3.42
N SER A 2 -28.37 14.46 4.03
CA SER A 2 -28.05 14.88 5.42
C SER A 2 -26.56 14.85 5.81
N HIS A 3 -25.88 15.99 5.67
CA HIS A 3 -24.46 16.17 6.05
C HIS A 3 -24.30 16.73 7.48
N MET A 4 -23.57 16.00 8.33
CA MET A 4 -23.18 16.36 9.71
C MET A 4 -21.71 16.00 10.00
N GLN A 5 -21.17 16.54 11.10
CA GLN A 5 -19.83 16.25 11.62
C GLN A 5 -19.86 15.17 12.71
N THR A 6 -18.76 14.44 12.86
CA THR A 6 -18.56 13.38 13.87
C THR A 6 -17.09 13.26 14.27
N SER A 7 -16.24 12.82 13.34
CA SER A 7 -14.83 12.51 13.56
C SER A 7 -13.96 12.93 12.35
N PHE A 8 -14.22 12.36 11.17
CA PHE A 8 -13.53 12.70 9.92
C PHE A 8 -14.48 12.60 8.71
N LYS A 9 -14.82 13.75 8.09
CA LYS A 9 -15.64 13.85 6.87
C LYS A 9 -14.92 13.29 5.61
N THR A 10 -15.61 13.27 4.47
CA THR A 10 -15.06 12.85 3.17
C THR A 10 -13.70 13.45 2.87
N GLY A 11 -12.72 12.59 2.58
CA GLY A 11 -11.34 12.98 2.28
C GLY A 11 -10.27 11.99 2.75
N ASP A 12 -10.67 10.94 3.47
CA ASP A 12 -9.83 9.83 3.94
C ASP A 12 -10.32 8.49 3.38
N LYS A 13 -9.45 7.48 3.46
CA LYS A 13 -9.70 6.10 3.06
C LYS A 13 -9.34 5.17 4.24
N ALA A 14 -10.27 4.27 4.59
CA ALA A 14 -10.11 3.31 5.69
C ALA A 14 -10.19 1.87 5.18
N VAL A 15 -9.63 0.94 5.95
CA VAL A 15 -9.47 -0.48 5.59
C VAL A 15 -9.97 -1.36 6.73
N TYR A 16 -11.06 -2.09 6.49
CA TYR A 16 -11.67 -3.04 7.43
C TYR A 16 -11.23 -4.50 7.12
N PRO A 17 -11.40 -5.45 8.05
CA PRO A 17 -11.06 -6.86 7.84
C PRO A 17 -12.03 -7.57 6.87
N GLY A 18 -11.68 -7.54 5.59
CA GLY A 18 -12.41 -8.24 4.53
C GLY A 18 -12.06 -7.73 3.12
N GLN A 19 -12.02 -6.40 2.93
CA GLN A 19 -11.68 -5.76 1.65
C GLN A 19 -10.81 -4.50 1.85
N GLY A 20 -11.43 -3.38 2.23
CA GLY A 20 -10.80 -2.05 2.33
C GLY A 20 -10.90 -1.17 1.07
N VAL A 21 -11.54 -1.65 0.00
CA VAL A 21 -11.76 -0.88 -1.25
C VAL A 21 -12.92 0.11 -1.08
N GLY A 22 -12.75 1.14 -0.25
CA GLY A 22 -13.78 2.16 -0.01
C GLY A 22 -13.20 3.51 0.39
N GLU A 23 -13.97 4.58 0.15
CA GLU A 23 -13.65 5.97 0.55
C GLU A 23 -14.74 6.52 1.48
N VAL A 24 -14.32 7.22 2.54
CA VAL A 24 -15.21 7.88 3.51
C VAL A 24 -16.09 8.88 2.76
N MET A 25 -17.42 8.76 2.88
CA MET A 25 -18.43 9.63 2.26
C MET A 25 -19.26 10.43 3.28
N GLY A 26 -18.84 10.43 4.55
CA GLY A 26 -19.53 11.04 5.68
C GLY A 26 -19.73 10.06 6.84
N ILE A 27 -20.58 10.43 7.78
CA ILE A 27 -20.95 9.60 8.93
C ILE A 27 -22.48 9.49 9.06
N GLU A 28 -22.96 8.28 9.34
CA GLU A 28 -24.36 7.94 9.61
C GLU A 28 -24.56 7.78 11.12
N HIS A 29 -25.74 8.17 11.63
CA HIS A 29 -26.11 8.06 13.04
C HIS A 29 -27.26 7.05 13.19
N THR A 30 -27.02 5.93 13.87
CA THR A 30 -28.03 4.89 14.14
C THR A 30 -28.33 4.76 15.63
N GLU A 31 -29.15 3.77 15.98
CA GLU A 31 -29.52 3.41 17.35
C GLU A 31 -29.20 1.93 17.61
N VAL A 32 -28.18 1.66 18.42
CA VAL A 32 -27.75 0.31 18.84
C VAL A 32 -28.05 0.10 20.33
N ALA A 33 -28.76 -0.98 20.66
CA ALA A 33 -29.18 -1.32 22.03
C ALA A 33 -29.92 -0.18 22.78
N GLY A 34 -30.66 0.68 22.04
CA GLY A 34 -31.36 1.86 22.59
C GLY A 34 -30.45 3.06 22.90
N GLN A 35 -29.22 3.06 22.38
CA GLN A 35 -28.23 4.13 22.51
C GLN A 35 -27.78 4.66 21.13
N ARG A 36 -27.46 5.95 21.06
CA ARG A 36 -26.97 6.62 19.85
C ARG A 36 -25.54 6.19 19.54
N GLN A 37 -25.27 5.85 18.28
CA GLN A 37 -23.92 5.50 17.80
C GLN A 37 -23.73 5.96 16.36
N SER A 38 -22.52 6.43 16.05
CA SER A 38 -22.13 6.85 14.71
C SER A 38 -21.39 5.75 13.94
N PHE A 39 -21.35 5.87 12.62
CA PHE A 39 -20.68 4.91 11.73
C PHE A 39 -20.12 5.61 10.49
N TYR A 40 -18.84 5.38 10.17
CA TYR A 40 -18.24 5.90 8.94
C TYR A 40 -18.99 5.30 7.74
N VAL A 41 -19.54 6.18 6.90
CA VAL A 41 -20.20 5.84 5.64
C VAL A 41 -19.11 5.52 4.63
N LEU A 42 -18.57 4.32 4.71
CA LEU A 42 -17.55 3.90 3.76
C LEU A 42 -18.24 3.44 2.48
N ARG A 43 -17.96 4.14 1.38
CA ARG A 43 -18.55 3.88 0.06
C ARG A 43 -17.53 3.17 -0.82
N ILE A 44 -17.85 1.94 -1.21
CA ILE A 44 -16.96 1.06 -1.97
C ILE A 44 -16.75 1.61 -3.39
N LEU A 45 -15.49 1.86 -3.76
CA LEU A 45 -15.10 2.40 -5.08
C LEU A 45 -15.27 1.38 -6.23
N GLU A 46 -15.32 0.08 -5.90
CA GLU A 46 -15.43 -1.03 -6.88
C GLU A 46 -16.74 -0.99 -7.68
N ASN A 47 -17.88 -0.99 -6.97
CA ASN A 47 -19.25 -1.00 -7.51
C ASN A 47 -20.17 0.12 -6.95
N GLY A 48 -19.93 0.58 -5.73
CA GLY A 48 -20.74 1.58 -5.02
C GLY A 48 -21.44 1.08 -3.74
N MET A 49 -21.11 -0.11 -3.23
CA MET A 49 -21.67 -0.67 -1.98
C MET A 49 -21.48 0.26 -0.77
N ARG A 50 -22.26 0.00 0.29
CA ARG A 50 -22.33 0.77 1.54
C ARG A 50 -21.89 -0.08 2.74
N ILE A 51 -20.69 0.19 3.26
CA ILE A 51 -20.15 -0.45 4.46
C ILE A 51 -20.26 0.54 5.64
N MET A 52 -20.91 0.12 6.73
CA MET A 52 -21.04 0.91 7.97
C MET A 52 -20.00 0.44 9.00
N ILE A 53 -19.05 1.31 9.34
CA ILE A 53 -17.95 1.01 10.27
C ILE A 53 -18.13 1.78 11.59
N PRO A 54 -18.11 1.13 12.76
CA PRO A 54 -18.25 1.81 14.06
C PRO A 54 -17.06 2.76 14.33
N ILE A 55 -17.29 4.07 14.49
CA ILE A 55 -16.21 5.03 14.82
C ILE A 55 -15.63 4.85 16.24
N ASN A 56 -16.29 4.05 17.07
CA ASN A 56 -15.96 3.84 18.48
C ASN A 56 -14.77 2.87 18.63
N LYS A 57 -14.89 1.69 18.01
CA LYS A 57 -13.93 0.57 18.02
C LYS A 57 -12.91 0.62 16.88
N VAL A 58 -12.42 1.81 16.50
CA VAL A 58 -11.45 2.09 15.41
C VAL A 58 -10.02 1.53 15.65
N GLY A 59 -9.92 0.22 15.87
CA GLY A 59 -8.69 -0.51 16.13
C GLY A 59 -8.96 -1.99 16.46
N SER A 60 -9.87 -2.26 17.40
CA SER A 60 -10.27 -3.62 17.81
C SER A 60 -11.07 -4.36 16.73
N VAL A 61 -11.80 -3.66 15.86
CA VAL A 61 -12.52 -4.27 14.73
C VAL A 61 -11.61 -4.53 13.51
N GLY A 62 -10.29 -4.39 13.65
CA GLY A 62 -9.33 -4.49 12.54
C GLY A 62 -9.29 -3.26 11.61
N LEU A 63 -9.99 -2.18 11.98
CA LEU A 63 -9.98 -0.91 11.25
C LEU A 63 -8.58 -0.29 11.24
N ARG A 64 -8.05 -0.10 10.04
CA ARG A 64 -6.74 0.49 9.74
C ARG A 64 -6.87 1.48 8.59
N GLU A 65 -5.74 2.04 8.16
CA GLU A 65 -5.67 2.93 7.01
C GLU A 65 -4.54 2.49 6.07
N ILE A 66 -4.63 2.88 4.81
CA ILE A 66 -3.61 2.67 3.77
C ILE A 66 -2.88 3.96 3.44
N ILE A 67 -1.78 3.85 2.71
CA ILE A 67 -1.02 5.00 2.23
C ILE A 67 -1.73 5.73 1.08
N SER A 68 -1.42 7.01 0.95
CA SER A 68 -1.95 7.89 -0.10
C SER A 68 -0.88 8.27 -1.13
N GLU A 69 -1.23 9.04 -2.15
CA GLU A 69 -0.29 9.54 -3.17
C GLU A 69 0.94 10.26 -2.55
N GLU A 70 0.82 10.88 -1.37
CA GLU A 70 1.94 11.50 -0.65
C GLU A 70 3.11 10.52 -0.43
N ASP A 71 2.80 9.34 0.13
CA ASP A 71 3.74 8.25 0.32
C ASP A 71 4.30 7.81 -1.03
N VAL A 72 3.44 7.59 -2.04
CA VAL A 72 3.85 7.09 -3.36
C VAL A 72 5.01 7.92 -3.92
N LYS A 73 4.93 9.25 -3.80
CA LYS A 73 5.98 10.19 -4.19
C LYS A 73 7.29 9.98 -3.41
N GLN A 74 7.23 9.91 -2.08
CA GLN A 74 8.41 9.64 -1.25
C GLN A 74 9.06 8.30 -1.60
N VAL A 75 8.28 7.22 -1.68
CA VAL A 75 8.75 5.87 -2.02
C VAL A 75 9.63 5.87 -3.26
N TYR A 76 9.14 6.45 -4.37
CA TYR A 76 9.91 6.56 -5.61
C TYR A 76 11.29 7.17 -5.35
N SER A 77 11.37 8.25 -4.57
CA SER A 77 12.62 8.91 -4.16
C SER A 77 13.61 7.99 -3.41
N ILE A 78 13.11 6.98 -2.68
CA ILE A 78 13.93 5.98 -1.95
C ILE A 78 14.65 5.05 -2.93
N LEU A 79 14.02 4.75 -4.07
CA LEU A 79 14.55 3.86 -5.10
C LEU A 79 15.18 4.59 -6.31
N LYS A 80 14.91 5.90 -6.44
CA LYS A 80 15.40 6.78 -7.51
C LYS A 80 16.94 6.86 -7.58
N GLU A 81 17.60 6.57 -6.48
CA GLU A 81 19.06 6.48 -6.36
C GLU A 81 19.60 5.16 -6.92
N LYS A 82 20.39 5.23 -8.01
CA LYS A 82 21.04 4.09 -8.64
C LYS A 82 22.34 3.61 -7.94
N ASP A 83 22.68 4.21 -6.80
CA ASP A 83 23.92 3.99 -6.04
C ASP A 83 23.73 3.06 -4.83
N ILE A 84 22.70 2.20 -4.88
CA ILE A 84 22.30 1.27 -3.81
C ILE A 84 22.73 -0.19 -4.08
N SER A 85 23.15 -0.51 -5.32
CA SER A 85 23.41 -1.88 -5.83
C SER A 85 24.37 -2.68 -4.94
N VAL A 86 23.87 -3.74 -4.31
CA VAL A 86 24.67 -4.59 -3.40
C VAL A 86 25.45 -5.65 -4.20
N ASP A 87 26.74 -5.80 -3.90
CA ASP A 87 27.61 -6.84 -4.49
C ASP A 87 27.14 -8.27 -4.12
N SER A 88 27.41 -9.26 -4.97
CA SER A 88 26.98 -10.66 -4.76
C SER A 88 27.49 -11.28 -3.45
N THR A 89 28.61 -10.81 -2.91
CA THR A 89 29.19 -11.22 -1.62
C THR A 89 28.25 -10.86 -0.45
N THR A 90 27.88 -9.58 -0.33
CA THR A 90 26.93 -9.10 0.70
C THR A 90 25.48 -9.44 0.34
N TRP A 91 25.15 -9.71 -0.92
CA TRP A 91 23.80 -10.03 -1.38
C TRP A 91 23.14 -11.16 -0.57
N ASN A 92 23.82 -12.29 -0.39
CA ASN A 92 23.28 -13.42 0.37
C ASN A 92 22.85 -13.01 1.81
N ARG A 93 23.60 -12.08 2.41
CA ARG A 93 23.37 -11.46 3.72
C ARG A 93 22.17 -10.50 3.67
N ARG A 94 22.14 -9.63 2.65
CA ARG A 94 21.06 -8.70 2.32
C ARG A 94 19.72 -9.39 2.05
N TYR A 95 19.75 -10.63 1.55
CA TYR A 95 18.54 -11.44 1.36
C TYR A 95 17.78 -11.58 2.68
N ARG A 96 18.48 -11.87 3.78
CA ARG A 96 17.92 -12.11 5.13
C ARG A 96 17.15 -10.90 5.68
N GLU A 97 17.79 -9.73 5.70
CA GLU A 97 17.13 -8.48 6.09
C GLU A 97 15.93 -8.19 5.19
N TYR A 98 16.08 -8.25 3.86
CA TYR A 98 14.97 -8.01 2.93
C TYR A 98 13.84 -9.02 3.07
N MET A 99 14.12 -10.27 3.43
CA MET A 99 13.13 -11.30 3.70
C MET A 99 12.10 -10.85 4.75
N GLU A 100 12.55 -10.15 5.80
CA GLU A 100 11.66 -9.62 6.84
C GLU A 100 10.70 -8.54 6.32
N LYS A 101 11.18 -7.67 5.41
CA LYS A 101 10.40 -6.57 4.80
C LYS A 101 9.23 -7.11 3.96
N ILE A 102 9.34 -8.32 3.43
CA ILE A 102 8.28 -9.00 2.67
C ILE A 102 7.12 -9.43 3.59
N LYS A 103 7.43 -9.86 4.82
CA LYS A 103 6.44 -10.26 5.84
C LYS A 103 5.53 -9.11 6.22
N THR A 104 6.12 -7.94 6.47
CA THR A 104 5.37 -6.71 6.80
C THR A 104 4.68 -6.15 5.55
N GLY A 105 5.35 -6.33 4.40
CA GLY A 105 5.02 -5.74 3.11
C GLY A 105 4.83 -4.24 3.15
N SER A 106 5.49 -3.57 4.10
CA SER A 106 5.49 -2.11 4.20
C SER A 106 5.89 -1.51 2.86
N VAL A 107 5.10 -0.56 2.38
CA VAL A 107 5.33 0.17 1.13
C VAL A 107 6.75 0.72 0.95
N PHE A 108 7.25 1.51 1.91
CA PHE A 108 8.59 2.11 1.91
C PHE A 108 9.70 1.04 1.95
N GLU A 109 9.37 -0.15 2.46
CA GLU A 109 10.24 -1.31 2.61
C GLU A 109 10.27 -2.18 1.35
N ILE A 110 9.13 -2.67 0.87
CA ILE A 110 8.95 -3.46 -0.36
C ILE A 110 9.61 -2.81 -1.55
N ALA A 111 9.34 -1.52 -1.74
CA ALA A 111 9.97 -0.76 -2.80
C ALA A 111 11.51 -0.82 -2.67
N GLU A 112 12.05 -0.65 -1.46
CA GLU A 112 13.48 -0.78 -1.18
C GLU A 112 14.02 -2.20 -1.45
N VAL A 113 13.24 -3.22 -1.09
CA VAL A 113 13.62 -4.62 -1.30
C VAL A 113 13.72 -4.92 -2.78
N LEU A 114 12.63 -4.78 -3.52
CA LEU A 114 12.59 -5.15 -4.94
C LEU A 114 13.64 -4.37 -5.73
N ARG A 115 13.82 -3.09 -5.39
CA ARG A 115 14.85 -2.19 -5.96
C ARG A 115 16.22 -2.81 -5.87
N ASP A 116 16.59 -3.26 -4.68
CA ASP A 116 17.89 -3.87 -4.45
C ASP A 116 18.13 -5.05 -5.40
N LEU A 117 17.18 -5.99 -5.50
CA LEU A 117 17.28 -7.13 -6.44
C LEU A 117 17.31 -6.67 -7.91
N TYR A 118 16.53 -5.64 -8.25
CA TYR A 118 16.49 -5.05 -9.58
C TYR A 118 17.85 -4.52 -10.03
N LEU A 119 18.49 -3.71 -9.19
CA LEU A 119 19.83 -3.17 -9.46
C LEU A 119 20.94 -4.24 -9.39
N LEU A 120 20.74 -5.30 -8.59
CA LEU A 120 21.64 -6.45 -8.48
C LEU A 120 21.89 -7.14 -9.83
N LYS A 121 20.88 -7.15 -10.72
CA LYS A 121 20.96 -7.66 -12.10
C LYS A 121 20.96 -6.57 -13.18
N GLY A 122 20.65 -5.32 -12.81
CA GLY A 122 20.50 -4.17 -13.71
C GLY A 122 19.18 -4.14 -14.47
N ASP A 123 18.77 -5.26 -15.07
CA ASP A 123 17.51 -5.46 -15.82
C ASP A 123 16.35 -5.99 -14.94
N LYS A 124 15.16 -6.21 -15.52
CA LYS A 124 13.96 -6.74 -14.85
C LYS A 124 13.92 -8.27 -14.77
N ASP A 125 14.54 -8.96 -15.72
CA ASP A 125 14.69 -10.42 -15.78
C ASP A 125 15.79 -10.89 -14.80
N LEU A 126 15.44 -10.89 -13.51
CA LEU A 126 16.26 -11.39 -12.40
C LEU A 126 16.52 -12.91 -12.49
N SER A 127 17.54 -13.39 -11.77
CA SER A 127 17.86 -14.83 -11.69
C SER A 127 16.77 -15.61 -10.92
N PHE A 128 16.82 -16.94 -10.88
CA PHE A 128 15.81 -17.78 -10.23
C PHE A 128 15.57 -17.39 -8.75
N GLY A 129 16.63 -17.29 -7.95
CA GLY A 129 16.54 -16.98 -6.52
C GLY A 129 16.18 -15.52 -6.23
N GLU A 130 16.59 -14.61 -7.11
CA GLU A 130 16.25 -13.19 -7.05
C GLU A 130 14.77 -12.98 -7.41
N ARG A 131 14.32 -13.55 -8.55
CA ARG A 131 12.92 -13.53 -8.99
C ARG A 131 11.98 -14.10 -7.94
N LYS A 132 12.39 -15.09 -7.13
CA LYS A 132 11.59 -15.61 -6.02
C LYS A 132 11.20 -14.55 -4.98
N MET A 133 12.17 -13.74 -4.51
CA MET A 133 11.86 -12.65 -3.58
C MET A 133 11.14 -11.51 -4.32
N LEU A 134 11.64 -11.14 -5.50
CA LEU A 134 11.11 -10.06 -6.32
C LEU A 134 9.64 -10.28 -6.71
N ASP A 135 9.23 -11.47 -7.10
CA ASP A 135 7.84 -11.78 -7.46
C ASP A 135 6.86 -11.46 -6.32
N THR A 136 7.23 -11.78 -5.07
CA THR A 136 6.43 -11.46 -3.89
C THR A 136 6.46 -9.95 -3.58
N ALA A 137 7.64 -9.33 -3.70
CA ALA A 137 7.77 -7.87 -3.53
C ALA A 137 7.04 -7.07 -4.62
N ARG A 138 7.05 -7.49 -5.90
CA ARG A 138 6.32 -6.89 -7.04
C ARG A 138 4.82 -6.85 -6.79
N SER A 139 4.23 -7.96 -6.34
CA SER A 139 2.79 -8.02 -6.04
C SER A 139 2.36 -7.04 -4.94
N LEU A 140 3.31 -6.61 -4.09
CA LEU A 140 3.14 -5.61 -3.04
C LEU A 140 3.55 -4.19 -3.48
N LEU A 141 4.50 -4.05 -4.40
CA LEU A 141 4.96 -2.77 -4.94
C LEU A 141 3.78 -2.02 -5.54
N ILE A 142 3.13 -2.66 -6.50
CA ILE A 142 1.98 -2.08 -7.18
C ILE A 142 0.76 -1.99 -6.27
N LYS A 143 0.64 -2.83 -5.23
CA LYS A 143 -0.47 -2.83 -4.26
C LYS A 143 -0.55 -1.52 -3.50
N GLU A 144 0.59 -1.06 -3.00
CA GLU A 144 0.68 0.17 -2.21
C GLU A 144 0.69 1.39 -3.14
N LEU A 145 1.53 1.37 -4.19
CA LEU A 145 1.66 2.45 -5.15
C LEU A 145 0.44 2.59 -6.08
N SER A 146 -0.49 1.62 -6.07
CA SER A 146 -1.76 1.56 -6.82
C SER A 146 -2.55 2.87 -6.83
N LEU A 147 -2.40 3.68 -5.79
CA LEU A 147 -3.02 5.00 -5.63
C LEU A 147 -2.69 5.94 -6.81
N ALA A 148 -1.39 6.18 -7.05
CA ALA A 148 -0.92 7.01 -8.16
C ALA A 148 -1.18 6.38 -9.55
N LYS A 149 -1.33 5.04 -9.58
CA LYS A 149 -1.66 4.24 -10.76
C LYS A 149 -3.11 4.51 -11.22
N ASP A 150 -4.10 4.13 -10.40
CA ASP A 150 -5.54 4.09 -10.70
C ASP A 150 -5.88 3.52 -12.11
N CYS A 151 -5.08 2.55 -12.57
CA CYS A 151 -5.05 1.96 -13.92
C CYS A 151 -4.49 0.51 -13.90
N SER A 152 -4.14 -0.04 -15.07
CA SER A 152 -3.50 -1.35 -15.25
C SER A 152 -2.17 -1.45 -14.47
N GLU A 153 -1.77 -2.65 -14.02
CA GLU A 153 -0.50 -2.87 -13.28
C GLU A 153 0.73 -2.32 -14.00
N ASP A 154 0.71 -2.29 -15.33
CA ASP A 154 1.75 -1.71 -16.19
C ASP A 154 2.10 -0.27 -15.78
N GLU A 155 1.21 0.49 -15.14
CA GLU A 155 1.50 1.84 -14.68
C GLU A 155 2.69 1.85 -13.69
N ILE A 156 2.60 1.05 -12.61
CA ILE A 156 3.68 0.90 -11.62
C ILE A 156 4.78 -0.04 -12.14
N GLU A 157 4.41 -1.19 -12.72
CA GLU A 157 5.38 -2.18 -13.21
C GLU A 157 6.32 -1.56 -14.25
N SER A 158 5.80 -0.77 -15.21
CA SER A 158 6.62 -0.05 -16.17
C SER A 158 7.32 1.16 -15.55
N ASP A 159 6.70 1.87 -14.59
CA ASP A 159 7.36 2.99 -13.90
C ASP A 159 8.70 2.59 -13.27
N LEU A 160 8.91 1.30 -12.93
CA LEU A 160 10.18 0.80 -12.42
C LEU A 160 11.34 1.12 -13.38
N LYS A 161 11.06 1.26 -14.69
CA LYS A 161 12.02 1.67 -15.73
C LYS A 161 12.59 3.07 -15.52
N LYS A 162 11.80 4.00 -14.96
CA LYS A 162 12.25 5.38 -14.65
C LYS A 162 13.00 5.45 -13.32
N ILE A 163 12.83 4.45 -12.46
CA ILE A 163 13.40 4.40 -11.12
C ILE A 163 14.75 3.67 -11.14
N PHE A 164 14.76 2.42 -11.63
CA PHE A 164 15.95 1.57 -11.76
C PHE A 164 16.65 1.73 -13.12
N ASN A 165 16.24 2.71 -13.94
CA ASN A 165 16.78 3.05 -15.27
C ASN A 165 16.87 1.84 -16.24
N LEU A 166 15.86 0.96 -16.22
CA LEU A 166 15.79 -0.29 -17.01
C LEU A 166 15.74 -0.02 -18.51
N ALA A 167 14.85 0.90 -18.91
CA ALA A 167 14.47 1.28 -20.28
C ALA A 167 13.93 0.12 -21.16
N GLY A 1 -22.06 18.17 4.08
CA GLY A 1 -21.50 19.31 3.33
C GLY A 1 -20.45 20.05 4.14
N SER A 2 -20.91 20.93 5.04
CA SER A 2 -20.07 21.83 5.86
C SER A 2 -20.81 22.33 7.11
N HIS A 3 -21.31 21.39 7.93
CA HIS A 3 -22.06 21.69 9.17
C HIS A 3 -21.95 20.57 10.21
N MET A 4 -22.28 19.34 9.82
CA MET A 4 -22.20 18.14 10.66
C MET A 4 -20.76 17.60 10.70
N GLN A 5 -20.28 17.21 11.88
CA GLN A 5 -18.97 16.57 12.11
C GLN A 5 -19.05 15.54 13.23
N THR A 6 -18.11 14.59 13.22
CA THR A 6 -17.97 13.52 14.23
C THR A 6 -16.50 13.19 14.49
N SER A 7 -15.79 12.63 13.49
CA SER A 7 -14.40 12.20 13.60
C SER A 7 -13.58 12.55 12.36
N PHE A 8 -13.89 11.94 11.20
CA PHE A 8 -13.21 12.24 9.92
C PHE A 8 -14.17 12.13 8.72
N LYS A 9 -14.50 13.26 8.09
CA LYS A 9 -15.34 13.34 6.87
C LYS A 9 -14.62 12.82 5.62
N THR A 10 -15.32 12.81 4.48
CA THR A 10 -14.78 12.40 3.16
C THR A 10 -13.41 13.01 2.88
N GLY A 11 -12.44 12.14 2.57
CA GLY A 11 -11.06 12.53 2.27
C GLY A 11 -9.99 11.51 2.69
N ASP A 12 -10.40 10.41 3.33
CA ASP A 12 -9.56 9.32 3.79
C ASP A 12 -10.12 7.96 3.34
N LYS A 13 -9.27 6.93 3.34
CA LYS A 13 -9.62 5.54 3.04
C LYS A 13 -9.30 4.69 4.26
N ALA A 14 -10.27 3.88 4.70
CA ALA A 14 -10.13 2.93 5.80
C ALA A 14 -10.12 1.49 5.27
N VAL A 15 -9.57 0.57 6.06
CA VAL A 15 -9.40 -0.85 5.75
C VAL A 15 -9.97 -1.70 6.89
N TYR A 16 -11.10 -2.34 6.62
CA TYR A 16 -11.75 -3.27 7.55
C TYR A 16 -11.25 -4.72 7.34
N PRO A 17 -11.49 -5.65 8.30
CA PRO A 17 -11.10 -7.05 8.21
C PRO A 17 -11.96 -7.85 7.21
N GLY A 18 -11.51 -7.94 5.97
CA GLY A 18 -12.17 -8.71 4.91
C GLY A 18 -11.82 -8.20 3.51
N GLN A 19 -11.80 -6.88 3.32
CA GLN A 19 -11.48 -6.23 2.03
C GLN A 19 -10.65 -4.95 2.21
N GLY A 20 -11.30 -3.85 2.62
CA GLY A 20 -10.71 -2.50 2.68
C GLY A 20 -10.76 -1.67 1.40
N VAL A 21 -11.33 -2.20 0.31
CA VAL A 21 -11.52 -1.46 -0.96
C VAL A 21 -12.68 -0.48 -0.84
N GLY A 22 -12.48 0.65 -0.16
CA GLY A 22 -13.51 1.69 0.02
C GLY A 22 -12.93 3.06 0.32
N GLU A 23 -13.75 4.09 0.12
CA GLU A 23 -13.48 5.49 0.43
C GLU A 23 -14.57 6.07 1.35
N VAL A 24 -14.16 6.77 2.41
CA VAL A 24 -15.07 7.46 3.34
C VAL A 24 -15.90 8.49 2.55
N MET A 25 -17.23 8.41 2.59
CA MET A 25 -18.16 9.33 1.92
C MET A 25 -19.00 10.16 2.92
N GLY A 26 -18.64 10.12 4.19
CA GLY A 26 -19.30 10.83 5.29
C GLY A 26 -19.54 9.96 6.50
N ILE A 27 -20.27 10.52 7.47
CA ILE A 27 -20.68 9.82 8.68
C ILE A 27 -22.20 9.60 8.67
N GLU A 28 -22.59 8.37 8.99
CA GLU A 28 -23.95 7.87 9.17
C GLU A 28 -24.29 7.85 10.65
N HIS A 29 -25.36 8.52 11.03
CA HIS A 29 -25.89 8.52 12.40
C HIS A 29 -27.06 7.52 12.50
N THR A 30 -27.10 6.72 13.56
CA THR A 30 -28.15 5.72 13.80
C THR A 30 -28.65 5.82 15.25
N GLU A 31 -29.40 4.81 15.70
CA GLU A 31 -29.89 4.67 17.07
C GLU A 31 -29.66 3.23 17.56
N VAL A 32 -28.74 3.03 18.51
CA VAL A 32 -28.38 1.73 19.10
C VAL A 32 -28.38 1.81 20.63
N ALA A 33 -29.03 0.86 21.29
CA ALA A 33 -29.22 0.81 22.75
C ALA A 33 -29.91 2.07 23.34
N GLY A 34 -30.74 2.75 22.53
CA GLY A 34 -31.45 3.99 22.86
C GLY A 34 -30.63 5.28 22.68
N GLN A 35 -29.30 5.18 22.55
CA GLN A 35 -28.41 6.31 22.27
C GLN A 35 -28.12 6.40 20.74
N ARG A 36 -27.58 7.53 20.27
CA ARG A 36 -27.22 7.70 18.86
C ARG A 36 -25.73 7.48 18.66
N GLN A 37 -25.38 6.39 17.97
CA GLN A 37 -24.01 6.07 17.59
C GLN A 37 -23.75 6.48 16.14
N SER A 38 -22.58 7.05 15.88
CA SER A 38 -22.12 7.41 14.53
C SER A 38 -21.36 6.25 13.87
N PHE A 39 -21.22 6.30 12.55
CA PHE A 39 -20.56 5.28 11.73
C PHE A 39 -19.92 5.91 10.50
N TYR A 40 -18.87 5.31 9.97
CA TYR A 40 -18.25 5.77 8.74
C TYR A 40 -18.94 5.15 7.51
N VAL A 41 -19.56 5.99 6.68
CA VAL A 41 -20.19 5.62 5.40
C VAL A 41 -19.06 5.28 4.42
N LEU A 42 -18.49 4.09 4.54
CA LEU A 42 -17.46 3.62 3.65
C LEU A 42 -18.13 3.14 2.35
N ARG A 43 -17.82 3.81 1.23
CA ARG A 43 -18.36 3.49 -0.08
C ARG A 43 -17.32 2.75 -0.90
N ILE A 44 -17.62 1.49 -1.24
CA ILE A 44 -16.71 0.60 -1.97
C ILE A 44 -16.45 1.11 -3.39
N LEU A 45 -15.18 1.25 -3.76
CA LEU A 45 -14.76 1.74 -5.09
C LEU A 45 -15.03 0.74 -6.22
N GLU A 46 -15.20 -0.55 -5.89
CA GLU A 46 -15.41 -1.65 -6.85
C GLU A 46 -16.71 -1.46 -7.65
N ASN A 47 -17.85 -1.36 -6.96
CA ASN A 47 -19.19 -1.14 -7.55
C ASN A 47 -19.97 0.06 -6.96
N GLY A 48 -19.69 0.47 -5.72
CA GLY A 48 -20.45 1.49 -4.96
C GLY A 48 -21.23 0.97 -3.75
N MET A 49 -20.93 -0.23 -3.23
CA MET A 49 -21.57 -0.82 -2.03
C MET A 49 -21.42 0.07 -0.79
N ARG A 50 -22.29 -0.14 0.20
CA ARG A 50 -22.38 0.62 1.45
C ARG A 50 -21.93 -0.21 2.64
N ILE A 51 -20.75 0.10 3.17
CA ILE A 51 -20.17 -0.52 4.37
C ILE A 51 -20.25 0.48 5.53
N MET A 52 -20.85 0.05 6.65
CA MET A 52 -20.95 0.83 7.90
C MET A 52 -19.85 0.37 8.86
N ILE A 53 -19.22 1.31 9.58
CA ILE A 53 -18.12 1.03 10.51
C ILE A 53 -18.28 1.88 11.79
N PRO A 54 -18.31 1.29 13.00
CA PRO A 54 -18.47 2.04 14.26
C PRO A 54 -17.25 2.92 14.57
N ILE A 55 -17.44 4.25 14.66
CA ILE A 55 -16.32 5.17 14.95
C ILE A 55 -15.74 5.00 16.36
N ASN A 56 -16.52 4.38 17.27
CA ASN A 56 -16.22 4.21 18.69
C ASN A 56 -15.47 2.89 18.98
N LYS A 57 -15.10 2.14 17.94
CA LYS A 57 -14.49 0.80 18.03
C LYS A 57 -13.37 0.55 17.01
N VAL A 58 -12.78 1.60 16.43
CA VAL A 58 -11.73 1.60 15.38
C VAL A 58 -10.35 1.05 15.82
N GLY A 59 -10.34 -0.13 16.43
CA GLY A 59 -9.15 -0.81 16.97
C GLY A 59 -9.44 -2.29 17.25
N SER A 60 -10.42 -2.58 18.11
CA SER A 60 -10.82 -3.95 18.46
C SER A 60 -11.58 -4.68 17.34
N VAL A 61 -12.33 -3.96 16.49
CA VAL A 61 -13.03 -4.57 15.34
C VAL A 61 -12.07 -5.07 14.24
N GLY A 62 -10.88 -4.47 14.13
CA GLY A 62 -9.91 -4.72 13.05
C GLY A 62 -9.73 -3.56 12.06
N LEU A 63 -10.34 -2.40 12.30
CA LEU A 63 -10.20 -1.20 11.47
C LEU A 63 -8.74 -0.73 11.40
N ARG A 64 -8.33 -0.35 10.19
CA ARG A 64 -6.99 0.08 9.81
C ARG A 64 -7.06 1.16 8.73
N GLU A 65 -5.91 1.62 8.29
CA GLU A 65 -5.76 2.58 7.19
C GLU A 65 -4.60 2.12 6.28
N ILE A 66 -4.65 2.53 5.02
CA ILE A 66 -3.61 2.29 4.00
C ILE A 66 -2.89 3.60 3.65
N ILE A 67 -1.76 3.47 2.97
CA ILE A 67 -1.00 4.61 2.46
C ILE A 67 -1.74 5.34 1.34
N SER A 68 -1.49 6.65 1.21
CA SER A 68 -2.10 7.51 0.20
C SER A 68 -1.06 7.87 -0.89
N GLU A 69 -1.47 8.65 -1.90
CA GLU A 69 -0.55 9.16 -2.94
C GLU A 69 0.68 9.88 -2.35
N GLU A 70 0.52 10.53 -1.18
CA GLU A 70 1.59 11.18 -0.42
C GLU A 70 2.78 10.24 -0.16
N ASP A 71 2.51 9.06 0.39
CA ASP A 71 3.51 8.02 0.63
C ASP A 71 4.09 7.51 -0.69
N VAL A 72 3.26 7.26 -1.71
CA VAL A 72 3.71 6.83 -3.05
C VAL A 72 4.84 7.74 -3.58
N LYS A 73 4.68 9.07 -3.46
CA LYS A 73 5.70 10.06 -3.85
C LYS A 73 7.02 9.86 -3.09
N GLN A 74 6.95 9.70 -1.76
CA GLN A 74 8.12 9.45 -0.92
C GLN A 74 8.81 8.13 -1.28
N VAL A 75 8.05 7.04 -1.42
CA VAL A 75 8.55 5.70 -1.78
C VAL A 75 9.44 5.76 -3.01
N TYR A 76 8.97 6.38 -4.09
CA TYR A 76 9.76 6.56 -5.32
C TYR A 76 11.12 7.20 -5.03
N SER A 77 11.17 8.27 -4.23
CA SER A 77 12.40 8.94 -3.77
C SER A 77 13.40 7.99 -3.08
N ILE A 78 12.92 6.96 -2.36
CA ILE A 78 13.76 5.95 -1.67
C ILE A 78 14.50 5.06 -2.69
N LEU A 79 13.88 4.79 -3.84
CA LEU A 79 14.43 3.95 -4.90
C LEU A 79 15.06 4.74 -6.07
N LYS A 80 14.75 6.03 -6.18
CA LYS A 80 15.23 6.97 -7.21
C LYS A 80 16.75 7.06 -7.27
N GLU A 81 17.41 6.76 -6.16
CA GLU A 81 18.86 6.67 -6.05
C GLU A 81 19.37 5.31 -6.53
N LYS A 82 20.04 5.32 -7.69
CA LYS A 82 20.70 4.15 -8.29
C LYS A 82 21.95 3.70 -7.51
N ASP A 83 22.47 4.55 -6.62
CA ASP A 83 23.69 4.34 -5.81
C ASP A 83 23.47 3.42 -4.57
N ILE A 84 22.55 2.48 -4.67
CA ILE A 84 22.15 1.52 -3.63
C ILE A 84 22.60 0.08 -3.93
N SER A 85 23.06 -0.19 -5.17
CA SER A 85 23.42 -1.52 -5.68
C SER A 85 24.31 -2.31 -4.72
N VAL A 86 23.78 -3.41 -4.19
CA VAL A 86 24.47 -4.30 -3.25
C VAL A 86 25.51 -5.15 -3.98
N ASP A 87 26.69 -5.32 -3.38
CA ASP A 87 27.76 -6.19 -3.89
C ASP A 87 27.30 -7.65 -4.05
N SER A 88 27.79 -8.37 -5.05
CA SER A 88 27.38 -9.77 -5.34
C SER A 88 27.71 -10.74 -4.19
N THR A 89 28.79 -10.49 -3.44
CA THR A 89 29.18 -11.25 -2.26
C THR A 89 28.27 -10.95 -1.07
N THR A 90 27.98 -9.65 -0.83
CA THR A 90 27.07 -9.19 0.24
C THR A 90 25.60 -9.47 -0.09
N TRP A 91 25.26 -9.72 -1.35
CA TRP A 91 23.88 -9.95 -1.81
C TRP A 91 23.18 -11.04 -0.99
N ASN A 92 23.77 -12.24 -0.92
CA ASN A 92 23.23 -13.38 -0.17
C ASN A 92 22.91 -13.01 1.30
N ARG A 93 23.69 -12.09 1.87
CA ARG A 93 23.54 -11.50 3.22
C ARG A 93 22.34 -10.56 3.28
N ARG A 94 22.27 -9.59 2.34
CA ARG A 94 21.13 -8.66 2.18
C ARG A 94 19.81 -9.38 1.91
N TYR A 95 19.85 -10.58 1.34
CA TYR A 95 18.67 -11.42 1.12
C TYR A 95 17.91 -11.63 2.44
N ARG A 96 18.63 -11.91 3.54
CA ARG A 96 18.07 -12.22 4.88
C ARG A 96 17.24 -11.08 5.45
N GLU A 97 17.79 -9.86 5.51
CA GLU A 97 17.06 -8.66 5.94
C GLU A 97 15.86 -8.42 5.03
N TYR A 98 16.05 -8.37 3.71
CA TYR A 98 14.97 -8.17 2.74
C TYR A 98 13.88 -9.23 2.81
N MET A 99 14.20 -10.48 3.17
CA MET A 99 13.24 -11.57 3.38
C MET A 99 12.18 -11.18 4.43
N GLU A 100 12.60 -10.51 5.51
CA GLU A 100 11.70 -10.02 6.55
C GLU A 100 10.76 -8.90 6.05
N LYS A 101 11.26 -8.00 5.18
CA LYS A 101 10.49 -6.89 4.60
C LYS A 101 9.31 -7.40 3.76
N ILE A 102 9.40 -8.62 3.23
CA ILE A 102 8.33 -9.27 2.45
C ILE A 102 7.15 -9.72 3.35
N LYS A 103 7.45 -10.20 4.56
CA LYS A 103 6.42 -10.60 5.56
C LYS A 103 5.51 -9.45 5.95
N THR A 104 6.10 -8.29 6.23
CA THR A 104 5.35 -7.07 6.58
C THR A 104 4.66 -6.50 5.33
N GLY A 105 5.34 -6.64 4.19
CA GLY A 105 5.02 -6.04 2.91
C GLY A 105 4.81 -4.52 2.97
N SER A 106 5.46 -3.85 3.92
CA SER A 106 5.44 -2.40 4.09
C SER A 106 5.81 -1.71 2.78
N VAL A 107 5.02 -0.74 2.35
CA VAL A 107 5.24 0.00 1.10
C VAL A 107 6.67 0.54 0.94
N PHE A 108 7.17 1.21 1.98
CA PHE A 108 8.51 1.80 2.05
C PHE A 108 9.62 0.73 2.08
N GLU A 109 9.29 -0.47 2.57
CA GLU A 109 10.16 -1.64 2.64
C GLU A 109 10.19 -2.39 1.30
N ILE A 110 9.06 -2.88 0.79
CA ILE A 110 8.92 -3.62 -0.47
C ILE A 110 9.59 -2.92 -1.63
N ALA A 111 9.30 -1.63 -1.78
CA ALA A 111 9.89 -0.82 -2.83
C ALA A 111 11.43 -0.84 -2.70
N GLU A 112 11.98 -0.77 -1.49
CA GLU A 112 13.42 -0.90 -1.27
C GLU A 112 13.90 -2.31 -1.61
N VAL A 113 13.18 -3.35 -1.16
CA VAL A 113 13.57 -4.74 -1.39
C VAL A 113 13.73 -5.01 -2.88
N LEU A 114 12.65 -4.84 -3.65
CA LEU A 114 12.66 -5.15 -5.07
C LEU A 114 13.74 -4.34 -5.81
N ARG A 115 13.92 -3.06 -5.43
CA ARG A 115 14.91 -2.11 -5.96
C ARG A 115 16.31 -2.67 -5.88
N ASP A 116 16.71 -3.17 -4.71
CA ASP A 116 18.02 -3.80 -4.55
C ASP A 116 18.21 -4.94 -5.56
N LEU A 117 17.26 -5.88 -5.66
CA LEU A 117 17.36 -6.98 -6.63
C LEU A 117 17.38 -6.49 -8.09
N TYR A 118 16.57 -5.47 -8.41
CA TYR A 118 16.52 -4.80 -9.71
C TYR A 118 17.89 -4.25 -10.12
N LEU A 119 18.56 -3.49 -9.24
CA LEU A 119 19.89 -2.95 -9.53
C LEU A 119 21.01 -4.00 -9.46
N LEU A 120 20.84 -5.06 -8.67
CA LEU A 120 21.76 -6.20 -8.57
C LEU A 120 22.00 -6.88 -9.94
N LYS A 121 21.00 -6.84 -10.84
CA LYS A 121 21.09 -7.34 -12.23
C LYS A 121 21.08 -6.23 -13.29
N GLY A 122 20.74 -4.99 -12.92
CA GLY A 122 20.59 -3.83 -13.79
C GLY A 122 19.24 -3.80 -14.53
N ASP A 123 18.86 -4.89 -15.20
CA ASP A 123 17.59 -5.07 -15.92
C ASP A 123 16.44 -5.59 -15.02
N LYS A 124 15.24 -5.83 -15.60
CA LYS A 124 14.04 -6.36 -14.92
C LYS A 124 13.99 -7.88 -14.83
N ASP A 125 14.51 -8.58 -15.84
CA ASP A 125 14.64 -10.04 -15.87
C ASP A 125 15.84 -10.48 -15.02
N LEU A 126 15.62 -10.57 -13.71
CA LEU A 126 16.60 -11.04 -12.74
C LEU A 126 16.90 -12.55 -12.88
N SER A 127 17.87 -13.07 -12.13
CA SER A 127 18.17 -14.51 -12.11
C SER A 127 17.07 -15.29 -11.37
N PHE A 128 17.14 -16.62 -11.34
CA PHE A 128 16.14 -17.49 -10.69
C PHE A 128 15.92 -17.13 -9.20
N GLY A 129 17.01 -17.03 -8.42
CA GLY A 129 16.95 -16.76 -6.97
C GLY A 129 16.51 -15.33 -6.65
N GLU A 130 16.91 -14.36 -7.48
CA GLU A 130 16.47 -12.97 -7.34
C GLU A 130 15.00 -12.81 -7.75
N ARG A 131 14.59 -13.37 -8.89
CA ARG A 131 13.19 -13.37 -9.36
C ARG A 131 12.24 -13.97 -8.32
N LYS A 132 12.67 -14.96 -7.53
CA LYS A 132 11.85 -15.53 -6.43
C LYS A 132 11.44 -14.49 -5.37
N MET A 133 12.38 -13.69 -4.88
CA MET A 133 12.06 -12.62 -3.92
C MET A 133 11.32 -11.48 -4.63
N LEU A 134 11.81 -11.08 -5.80
CA LEU A 134 11.23 -10.01 -6.62
C LEU A 134 9.76 -10.28 -6.98
N ASP A 135 9.39 -11.49 -7.38
CA ASP A 135 8.00 -11.86 -7.72
C ASP A 135 7.03 -11.60 -6.56
N THR A 136 7.45 -11.92 -5.33
CA THR A 136 6.65 -11.67 -4.13
C THR A 136 6.61 -10.17 -3.82
N ALA A 137 7.75 -9.49 -3.88
CA ALA A 137 7.86 -8.05 -3.66
C ALA A 137 7.10 -7.20 -4.70
N ARG A 138 7.22 -7.48 -6.00
CA ARG A 138 6.50 -6.84 -7.12
C ARG A 138 4.99 -6.85 -6.90
N SER A 139 4.43 -8.00 -6.52
CA SER A 139 3.00 -8.15 -6.22
C SER A 139 2.52 -7.20 -5.10
N LEU A 140 3.43 -6.79 -4.21
CA LEU A 140 3.18 -5.81 -3.16
C LEU A 140 3.57 -4.36 -3.55
N LEU A 141 4.52 -4.17 -4.46
CA LEU A 141 4.96 -2.87 -4.96
C LEU A 141 3.78 -2.12 -5.56
N ILE A 142 3.15 -2.75 -6.55
CA ILE A 142 2.00 -2.17 -7.25
C ILE A 142 0.75 -2.16 -6.37
N LYS A 143 0.66 -3.00 -5.34
CA LYS A 143 -0.47 -3.08 -4.39
C LYS A 143 -0.59 -1.83 -3.55
N GLU A 144 0.53 -1.39 -2.99
CA GLU A 144 0.59 -0.18 -2.18
C GLU A 144 0.56 1.07 -3.08
N LEU A 145 1.48 1.13 -4.07
CA LEU A 145 1.59 2.25 -4.99
C LEU A 145 0.37 2.39 -5.93
N SER A 146 -0.52 1.38 -5.96
CA SER A 146 -1.80 1.33 -6.68
C SER A 146 -2.60 2.64 -6.57
N LEU A 147 -2.47 3.34 -5.45
CA LEU A 147 -3.09 4.63 -5.20
C LEU A 147 -2.83 5.65 -6.32
N ALA A 148 -1.56 5.99 -6.56
CA ALA A 148 -1.18 6.92 -7.62
C ALA A 148 -1.41 6.34 -9.03
N LYS A 149 -1.46 5.00 -9.14
CA LYS A 149 -1.76 4.23 -10.36
C LYS A 149 -3.21 4.45 -10.82
N ASP A 150 -4.19 4.02 -10.02
CA ASP A 150 -5.63 3.96 -10.35
C ASP A 150 -5.92 3.41 -11.78
N CYS A 151 -5.12 2.43 -12.22
CA CYS A 151 -5.04 1.88 -13.58
C CYS A 151 -4.47 0.44 -13.58
N SER A 152 -4.13 -0.10 -14.76
CA SER A 152 -3.49 -1.41 -14.95
C SER A 152 -2.14 -1.51 -14.24
N GLU A 153 -1.72 -2.71 -13.80
CA GLU A 153 -0.42 -2.95 -13.12
C GLU A 153 0.77 -2.41 -13.90
N ASP A 154 0.68 -2.41 -15.24
CA ASP A 154 1.68 -1.84 -16.15
C ASP A 154 2.06 -0.39 -15.78
N GLU A 155 1.19 0.39 -15.12
CA GLU A 155 1.53 1.72 -14.64
C GLU A 155 2.73 1.66 -13.69
N ILE A 156 2.60 0.97 -12.55
CA ILE A 156 3.67 0.86 -11.54
C ILE A 156 4.79 -0.07 -12.04
N GLU A 157 4.46 -1.21 -12.67
CA GLU A 157 5.45 -2.16 -13.19
C GLU A 157 6.41 -1.47 -14.19
N SER A 158 5.86 -0.70 -15.14
CA SER A 158 6.67 0.09 -16.07
C SER A 158 7.28 1.31 -15.42
N ASP A 159 6.63 1.98 -14.46
CA ASP A 159 7.23 3.11 -13.74
C ASP A 159 8.59 2.74 -13.11
N LEU A 160 8.85 1.47 -12.80
CA LEU A 160 10.16 1.03 -12.31
C LEU A 160 11.30 1.42 -13.27
N LYS A 161 11.00 1.57 -14.57
CA LYS A 161 11.95 2.02 -15.61
C LYS A 161 12.45 3.44 -15.39
N LYS A 162 11.68 4.32 -14.75
CA LYS A 162 12.08 5.70 -14.42
C LYS A 162 12.87 5.77 -13.10
N ILE A 163 12.78 4.72 -12.27
CA ILE A 163 13.37 4.66 -10.94
C ILE A 163 14.73 3.96 -11.00
N PHE A 164 14.73 2.72 -11.51
CA PHE A 164 15.90 1.86 -11.69
C PHE A 164 16.58 2.06 -13.05
N ASN A 165 16.12 3.03 -13.86
CA ASN A 165 16.64 3.41 -15.19
C ASN A 165 16.74 2.21 -16.17
N LEU A 166 15.72 1.34 -16.18
CA LEU A 166 15.66 0.09 -16.98
C LEU A 166 15.56 0.39 -18.49
N ALA A 167 14.72 1.38 -18.83
CA ALA A 167 14.31 1.78 -20.18
C ALA A 167 13.74 0.64 -21.07
N GLY A 1 -28.27 8.14 3.61
CA GLY A 1 -29.47 8.30 4.45
C GLY A 1 -29.44 9.58 5.26
N SER A 2 -28.52 9.70 6.23
CA SER A 2 -28.32 10.90 7.07
C SER A 2 -26.93 11.54 6.85
N HIS A 3 -26.79 12.81 7.28
CA HIS A 3 -25.58 13.64 7.12
C HIS A 3 -25.41 14.63 8.29
N MET A 4 -24.54 14.30 9.25
CA MET A 4 -24.22 15.15 10.42
C MET A 4 -22.73 15.09 10.79
N GLN A 5 -22.28 16.03 11.63
CA GLN A 5 -20.91 16.06 12.18
C GLN A 5 -20.69 14.93 13.18
N THR A 6 -19.58 14.20 13.03
CA THR A 6 -19.24 13.04 13.86
C THR A 6 -17.73 12.97 14.14
N SER A 7 -16.92 12.62 13.13
CA SER A 7 -15.46 12.46 13.22
C SER A 7 -14.74 13.06 12.02
N PHE A 8 -14.99 12.54 10.81
CA PHE A 8 -14.41 13.03 9.57
C PHE A 8 -15.40 12.86 8.41
N LYS A 9 -15.92 13.98 7.86
CA LYS A 9 -16.80 14.02 6.67
C LYS A 9 -16.07 13.59 5.38
N THR A 10 -16.78 13.55 4.26
CA THR A 10 -16.24 13.23 2.92
C THR A 10 -14.94 13.97 2.63
N GLY A 11 -13.91 13.20 2.27
CA GLY A 11 -12.57 13.71 1.95
C GLY A 11 -11.41 12.81 2.37
N ASP A 12 -11.69 11.71 3.08
CA ASP A 12 -10.72 10.68 3.48
C ASP A 12 -11.09 9.30 2.88
N LYS A 13 -10.15 8.36 2.92
CA LYS A 13 -10.29 6.98 2.44
C LYS A 13 -9.72 6.03 3.51
N ALA A 14 -10.48 5.00 3.89
CA ALA A 14 -10.07 3.97 4.86
C ALA A 14 -9.87 2.60 4.18
N VAL A 15 -9.08 1.73 4.81
CA VAL A 15 -8.78 0.38 4.31
C VAL A 15 -9.00 -0.65 5.43
N TYR A 16 -10.13 -1.34 5.32
CA TYR A 16 -10.55 -2.41 6.23
C TYR A 16 -9.98 -3.78 5.75
N PRO A 17 -9.94 -4.82 6.61
CA PRO A 17 -9.45 -6.16 6.25
C PRO A 17 -10.41 -6.89 5.29
N GLY A 18 -10.22 -6.67 3.99
CA GLY A 18 -10.94 -7.34 2.91
C GLY A 18 -10.92 -6.58 1.58
N GLN A 19 -10.98 -5.24 1.63
CA GLN A 19 -11.02 -4.37 0.43
C GLN A 19 -10.16 -3.10 0.62
N GLY A 20 -10.76 -1.90 0.53
CA GLY A 20 -10.10 -0.58 0.60
C GLY A 20 -10.38 0.34 -0.59
N VAL A 21 -11.02 -0.15 -1.66
CA VAL A 21 -11.40 0.63 -2.86
C VAL A 21 -12.70 1.41 -2.58
N GLY A 22 -12.62 2.37 -1.65
CA GLY A 22 -13.75 3.15 -1.14
C GLY A 22 -13.35 4.55 -0.69
N GLU A 23 -14.29 5.48 -0.70
CA GLU A 23 -14.13 6.86 -0.22
C GLU A 23 -15.23 7.18 0.83
N VAL A 24 -14.85 7.84 1.93
CA VAL A 24 -15.78 8.30 2.98
C VAL A 24 -16.84 9.21 2.35
N MET A 25 -18.14 8.89 2.53
CA MET A 25 -19.27 9.70 2.03
C MET A 25 -20.08 10.38 3.15
N GLY A 26 -19.70 10.17 4.42
CA GLY A 26 -20.42 10.65 5.60
C GLY A 26 -20.41 9.63 6.73
N ILE A 27 -21.35 9.78 7.69
CA ILE A 27 -21.52 8.90 8.84
C ILE A 27 -22.99 8.48 8.99
N GLU A 28 -23.22 7.21 9.31
CA GLU A 28 -24.52 6.61 9.61
C GLU A 28 -24.61 6.29 11.10
N HIS A 29 -25.71 6.70 11.73
CA HIS A 29 -26.02 6.46 13.14
C HIS A 29 -26.99 5.28 13.28
N THR A 30 -26.55 4.18 13.89
CA THR A 30 -27.37 2.99 14.16
C THR A 30 -27.66 2.86 15.66
N GLU A 31 -28.27 1.74 16.05
CA GLU A 31 -28.53 1.37 17.45
C GLU A 31 -27.91 -0.01 17.76
N VAL A 32 -26.95 -0.06 18.70
CA VAL A 32 -26.23 -1.28 19.13
C VAL A 32 -26.17 -1.34 20.66
N ALA A 33 -26.57 -2.48 21.23
CA ALA A 33 -26.70 -2.69 22.68
C ALA A 33 -27.60 -1.66 23.40
N GLY A 34 -28.58 -1.09 22.68
CA GLY A 34 -29.51 -0.06 23.16
C GLY A 34 -28.98 1.38 23.07
N GLN A 35 -27.67 1.57 22.88
CA GLN A 35 -27.04 2.89 22.68
C GLN A 35 -26.90 3.18 21.18
N ARG A 36 -26.82 4.46 20.79
CA ARG A 36 -26.59 4.85 19.40
C ARG A 36 -25.08 4.90 19.11
N GLN A 37 -24.64 4.20 18.06
CA GLN A 37 -23.26 4.18 17.60
C GLN A 37 -23.17 4.69 16.15
N SER A 38 -22.06 5.36 15.84
CA SER A 38 -21.78 5.92 14.50
C SER A 38 -20.79 5.07 13.71
N PHE A 39 -20.97 5.09 12.39
CA PHE A 39 -20.18 4.30 11.44
C PHE A 39 -19.86 5.11 10.18
N TYR A 40 -18.61 5.09 9.74
CA TYR A 40 -18.18 5.73 8.50
C TYR A 40 -18.92 5.07 7.33
N VAL A 41 -19.67 5.89 6.59
CA VAL A 41 -20.38 5.50 5.36
C VAL A 41 -19.35 5.42 4.26
N LEU A 42 -18.59 4.32 4.23
CA LEU A 42 -17.58 4.10 3.21
C LEU A 42 -18.28 3.52 1.96
N ARG A 43 -18.22 4.27 0.86
CA ARG A 43 -18.84 3.89 -0.41
C ARG A 43 -17.81 3.26 -1.34
N ILE A 44 -17.92 1.94 -1.52
CA ILE A 44 -16.99 1.15 -2.33
C ILE A 44 -17.37 1.28 -3.82
N LEU A 45 -16.73 2.21 -4.53
CA LEU A 45 -16.93 2.41 -5.98
C LEU A 45 -16.73 1.14 -6.84
N GLU A 46 -16.03 0.12 -6.32
CA GLU A 46 -15.79 -1.19 -6.95
C GLU A 46 -17.06 -1.86 -7.49
N ASN A 47 -18.06 -2.07 -6.62
CA ASN A 47 -19.39 -2.63 -6.96
C ASN A 47 -20.58 -1.78 -6.47
N GLY A 48 -20.33 -0.64 -5.80
CA GLY A 48 -21.36 0.21 -5.17
C GLY A 48 -21.80 -0.26 -3.77
N MET A 49 -21.04 -1.15 -3.13
CA MET A 49 -21.35 -1.69 -1.79
C MET A 49 -21.27 -0.62 -0.70
N ARG A 50 -21.94 -0.88 0.42
CA ARG A 50 -22.02 0.00 1.59
C ARG A 50 -21.46 -0.71 2.82
N ILE A 51 -20.27 -0.31 3.25
CA ILE A 51 -19.61 -0.85 4.44
C ILE A 51 -19.73 0.19 5.57
N MET A 52 -20.32 -0.22 6.69
CA MET A 52 -20.49 0.59 7.89
C MET A 52 -19.34 0.33 8.87
N ILE A 53 -18.23 1.06 8.73
CA ILE A 53 -17.03 0.92 9.58
C ILE A 53 -17.23 1.65 10.92
N PRO A 54 -17.10 0.99 12.09
CA PRO A 54 -17.28 1.62 13.40
C PRO A 54 -16.21 2.68 13.69
N ILE A 55 -16.61 3.94 13.88
CA ILE A 55 -15.69 5.05 14.18
C ILE A 55 -14.94 4.88 15.51
N ASN A 56 -15.53 4.16 16.46
CA ASN A 56 -15.01 3.96 17.82
C ASN A 56 -14.00 2.80 17.88
N LYS A 57 -14.07 1.86 16.93
CA LYS A 57 -13.29 0.61 16.86
C LYS A 57 -12.24 0.63 15.73
N VAL A 58 -11.86 1.82 15.27
CA VAL A 58 -10.82 2.17 14.25
C VAL A 58 -9.41 1.66 14.57
N GLY A 59 -9.28 0.35 14.73
CA GLY A 59 -8.05 -0.38 15.08
C GLY A 59 -8.32 -1.86 15.33
N SER A 60 -9.29 -2.20 16.20
CA SER A 60 -9.64 -3.59 16.54
C SER A 60 -10.33 -4.35 15.39
N VAL A 61 -11.03 -3.66 14.49
CA VAL A 61 -11.68 -4.23 13.28
C VAL A 61 -10.70 -4.35 12.09
N GLY A 62 -9.39 -4.23 12.32
CA GLY A 62 -8.33 -4.22 11.31
C GLY A 62 -8.23 -2.90 10.52
N LEU A 63 -8.98 -1.87 10.90
CA LEU A 63 -8.99 -0.55 10.26
C LEU A 63 -7.62 0.12 10.32
N ARG A 64 -6.99 0.26 9.16
CA ARG A 64 -5.71 0.94 8.93
C ARG A 64 -5.74 1.67 7.60
N GLU A 65 -5.94 2.98 7.62
CA GLU A 65 -5.87 3.82 6.42
C GLU A 65 -4.53 3.60 5.70
N ILE A 66 -4.60 3.37 4.40
CA ILE A 66 -3.42 3.18 3.56
C ILE A 66 -2.73 4.53 3.30
N ILE A 67 -1.48 4.49 2.83
CA ILE A 67 -0.73 5.69 2.44
C ILE A 67 -1.41 6.45 1.29
N SER A 68 -1.05 7.72 1.12
CA SER A 68 -1.53 8.58 0.03
C SER A 68 -0.43 8.84 -1.01
N GLU A 69 -0.76 9.54 -2.11
CA GLU A 69 0.21 9.95 -3.14
C GLU A 69 1.45 10.68 -2.55
N GLU A 70 1.32 11.34 -1.40
CA GLU A 70 2.40 12.00 -0.65
C GLU A 70 3.56 11.03 -0.37
N ASP A 71 3.25 9.86 0.18
CA ASP A 71 4.19 8.77 0.43
C ASP A 71 4.76 8.26 -0.89
N VAL A 72 3.89 8.03 -1.91
CA VAL A 72 4.29 7.43 -3.19
C VAL A 72 5.46 8.21 -3.79
N LYS A 73 5.38 9.54 -3.78
CA LYS A 73 6.45 10.45 -4.21
C LYS A 73 7.76 10.24 -3.44
N GLN A 74 7.72 10.17 -2.11
CA GLN A 74 8.90 9.88 -1.28
C GLN A 74 9.48 8.50 -1.59
N VAL A 75 8.66 7.45 -1.61
CA VAL A 75 9.07 6.06 -1.92
C VAL A 75 9.92 5.99 -3.19
N TYR A 76 9.45 6.56 -4.30
CA TYR A 76 10.20 6.60 -5.55
C TYR A 76 11.62 7.15 -5.34
N SER A 77 11.76 8.24 -4.57
CA SER A 77 13.05 8.86 -4.22
C SER A 77 14.01 7.92 -3.45
N ILE A 78 13.48 6.96 -2.69
CA ILE A 78 14.25 5.93 -1.95
C ILE A 78 14.89 4.92 -2.91
N LEU A 79 14.23 4.64 -4.03
CA LEU A 79 14.67 3.68 -5.04
C LEU A 79 15.31 4.33 -6.29
N LYS A 80 15.14 5.63 -6.47
CA LYS A 80 15.67 6.46 -7.57
C LYS A 80 17.19 6.44 -7.69
N GLU A 81 17.88 6.06 -6.61
CA GLU A 81 19.33 5.87 -6.55
C GLU A 81 19.75 4.48 -7.04
N LYS A 82 20.31 4.42 -8.25
CA LYS A 82 20.86 3.19 -8.84
C LYS A 82 22.23 2.75 -8.25
N ASP A 83 22.74 3.47 -7.25
CA ASP A 83 24.02 3.18 -6.58
C ASP A 83 23.92 2.15 -5.44
N ILE A 84 22.70 1.71 -5.11
CA ILE A 84 22.37 0.74 -4.05
C ILE A 84 22.80 -0.71 -4.37
N SER A 85 23.27 -0.98 -5.60
CA SER A 85 23.63 -2.28 -6.18
C SER A 85 24.48 -3.16 -5.24
N VAL A 86 23.81 -4.03 -4.47
CA VAL A 86 24.44 -4.97 -3.54
C VAL A 86 25.36 -5.97 -4.27
N ASP A 87 26.51 -6.28 -3.68
CA ASP A 87 27.48 -7.25 -4.19
C ASP A 87 26.91 -8.68 -4.19
N SER A 88 27.27 -9.52 -5.17
CA SER A 88 26.77 -10.90 -5.29
C SER A 88 27.10 -11.79 -4.07
N THR A 89 28.23 -11.55 -3.39
CA THR A 89 28.62 -12.23 -2.15
C THR A 89 27.78 -11.74 -0.96
N THR A 90 27.60 -10.42 -0.83
CA THR A 90 26.77 -9.80 0.21
C THR A 90 25.27 -10.02 -0.01
N TRP A 91 24.84 -10.36 -1.23
CA TRP A 91 23.42 -10.55 -1.58
C TRP A 91 22.69 -11.52 -0.64
N ASN A 92 23.18 -12.76 -0.51
CA ASN A 92 22.62 -13.75 0.42
C ASN A 92 22.44 -13.19 1.85
N ARG A 93 23.33 -12.28 2.28
CA ARG A 93 23.27 -11.58 3.58
C ARG A 93 22.13 -10.55 3.58
N ARG A 94 22.06 -9.68 2.55
CA ARG A 94 20.97 -8.70 2.33
C ARG A 94 19.60 -9.37 2.23
N TYR A 95 19.53 -10.61 1.75
CA TYR A 95 18.28 -11.39 1.68
C TYR A 95 17.58 -11.46 3.04
N ARG A 96 18.35 -11.63 4.13
CA ARG A 96 17.86 -11.75 5.52
C ARG A 96 17.18 -10.48 6.01
N GLU A 97 17.86 -9.34 5.96
CA GLU A 97 17.27 -8.04 6.31
C GLU A 97 16.06 -7.71 5.42
N TYR A 98 16.10 -8.07 4.15
CA TYR A 98 14.96 -7.87 3.25
C TYR A 98 13.79 -8.81 3.50
N MET A 99 14.03 -10.05 3.89
CA MET A 99 13.00 -11.03 4.28
C MET A 99 12.07 -10.46 5.35
N GLU A 100 12.63 -9.77 6.36
CA GLU A 100 11.87 -9.16 7.45
C GLU A 100 10.91 -8.04 6.96
N LYS A 101 11.34 -7.22 5.99
CA LYS A 101 10.56 -6.13 5.39
C LYS A 101 9.32 -6.64 4.67
N ILE A 102 9.34 -7.89 4.18
CA ILE A 102 8.20 -8.55 3.52
C ILE A 102 7.12 -8.94 4.53
N LYS A 103 7.53 -9.34 5.76
CA LYS A 103 6.62 -9.71 6.86
C LYS A 103 5.73 -8.54 7.29
N THR A 104 6.32 -7.34 7.36
CA THR A 104 5.60 -6.09 7.68
C THR A 104 4.79 -5.62 6.47
N GLY A 105 5.39 -5.73 5.29
CA GLY A 105 4.94 -5.13 4.03
C GLY A 105 4.81 -3.61 4.06
N SER A 106 5.58 -2.91 4.90
CA SER A 106 5.62 -1.45 4.94
C SER A 106 5.96 -0.92 3.56
N VAL A 107 5.23 0.07 3.06
CA VAL A 107 5.44 0.68 1.73
C VAL A 107 6.89 1.12 1.47
N PHE A 108 7.46 1.93 2.37
CA PHE A 108 8.84 2.43 2.31
C PHE A 108 9.88 1.29 2.40
N GLU A 109 9.50 0.17 3.02
CA GLU A 109 10.30 -1.06 3.17
C GLU A 109 10.26 -1.93 1.91
N ILE A 110 9.07 -2.36 1.47
CA ILE A 110 8.81 -3.16 0.26
C ILE A 110 9.49 -2.59 -0.97
N ALA A 111 9.32 -1.29 -1.19
CA ALA A 111 9.93 -0.63 -2.33
C ALA A 111 11.46 -0.76 -2.29
N GLU A 112 12.09 -0.55 -1.12
CA GLU A 112 13.54 -0.75 -0.94
C GLU A 112 13.96 -2.20 -1.20
N VAL A 113 13.13 -3.16 -0.77
CA VAL A 113 13.42 -4.59 -0.93
C VAL A 113 13.45 -4.94 -2.41
N LEU A 114 12.33 -4.76 -3.11
CA LEU A 114 12.23 -5.13 -4.52
C LEU A 114 13.32 -4.45 -5.36
N ARG A 115 13.61 -3.17 -5.07
CA ARG A 115 14.66 -2.36 -5.69
C ARG A 115 15.99 -3.07 -5.68
N ASP A 116 16.40 -3.54 -4.51
CA ASP A 116 17.65 -4.25 -4.34
C ASP A 116 17.73 -5.46 -5.28
N LEU A 117 16.69 -6.31 -5.29
CA LEU A 117 16.65 -7.47 -6.18
C LEU A 117 16.63 -7.07 -7.67
N TYR A 118 15.94 -5.98 -8.01
CA TYR A 118 15.88 -5.44 -9.36
C TYR A 118 17.25 -4.98 -9.86
N LEU A 119 17.97 -4.18 -9.07
CA LEU A 119 19.31 -3.72 -9.40
C LEU A 119 20.36 -4.85 -9.35
N LEU A 120 20.11 -5.92 -8.59
CA LEU A 120 20.95 -7.12 -8.50
C LEU A 120 21.12 -7.83 -9.86
N LYS A 121 20.07 -7.79 -10.70
CA LYS A 121 20.08 -8.35 -12.06
C LYS A 121 20.10 -7.28 -13.15
N GLY A 122 19.95 -6.00 -12.80
CA GLY A 122 19.87 -4.84 -13.69
C GLY A 122 18.53 -4.75 -14.44
N ASP A 123 18.00 -5.87 -14.94
CA ASP A 123 16.71 -6.02 -15.63
C ASP A 123 15.55 -6.48 -14.69
N LYS A 124 14.35 -6.68 -15.23
CA LYS A 124 13.14 -7.11 -14.51
C LYS A 124 13.00 -8.62 -14.34
N ASP A 125 13.55 -9.39 -15.28
CA ASP A 125 13.59 -10.86 -15.27
C ASP A 125 14.69 -11.38 -14.32
N LEU A 126 14.40 -11.33 -13.02
CA LEU A 126 15.23 -11.84 -11.92
C LEU A 126 15.36 -13.38 -11.95
N SER A 127 16.39 -13.90 -11.27
CA SER A 127 16.61 -15.36 -11.11
C SER A 127 15.49 -16.03 -10.30
N PHE A 128 15.45 -17.35 -10.21
CA PHE A 128 14.43 -18.10 -9.46
C PHE A 128 14.31 -17.65 -7.99
N GLY A 129 15.43 -17.58 -7.25
CA GLY A 129 15.45 -17.21 -5.83
C GLY A 129 15.21 -15.71 -5.59
N GLU A 130 15.63 -14.86 -6.52
CA GLU A 130 15.38 -13.42 -6.49
C GLU A 130 13.89 -13.15 -6.78
N ARG A 131 13.34 -13.72 -7.86
CA ARG A 131 11.92 -13.63 -8.21
C ARG A 131 11.03 -14.10 -7.06
N LYS A 132 11.42 -15.11 -6.27
CA LYS A 132 10.66 -15.55 -5.09
C LYS A 132 10.39 -14.45 -4.06
N MET A 133 11.41 -13.69 -3.66
CA MET A 133 11.22 -12.56 -2.74
C MET A 133 10.54 -11.38 -3.46
N LEU A 134 11.02 -11.06 -4.67
CA LEU A 134 10.51 -9.99 -5.51
C LEU A 134 9.01 -10.13 -5.79
N ASP A 135 8.48 -11.30 -6.11
CA ASP A 135 7.07 -11.55 -6.39
C ASP A 135 6.16 -11.08 -5.25
N THR A 136 6.56 -11.35 -3.99
CA THR A 136 5.81 -10.93 -2.80
C THR A 136 5.88 -9.41 -2.65
N ALA A 137 7.08 -8.84 -2.80
CA ALA A 137 7.29 -7.40 -2.74
C ALA A 137 6.59 -6.62 -3.88
N ARG A 138 6.67 -7.07 -5.14
CA ARG A 138 5.98 -6.51 -6.32
C ARG A 138 4.47 -6.41 -6.09
N SER A 139 3.86 -7.50 -5.59
CA SER A 139 2.44 -7.54 -5.26
C SER A 139 2.01 -6.47 -4.26
N LEU A 140 2.95 -6.00 -3.42
CA LEU A 140 2.75 -4.90 -2.47
C LEU A 140 3.19 -3.54 -3.03
N LEU A 141 4.18 -3.50 -3.92
CA LEU A 141 4.67 -2.29 -4.58
C LEU A 141 3.53 -1.57 -5.29
N ILE A 142 2.85 -2.27 -6.20
CA ILE A 142 1.76 -1.69 -6.99
C ILE A 142 0.47 -1.49 -6.18
N LYS A 143 0.34 -2.18 -5.05
CA LYS A 143 -0.77 -2.11 -4.09
C LYS A 143 -0.70 -0.80 -3.31
N GLU A 144 0.46 -0.52 -2.72
CA GLU A 144 0.66 0.70 -1.96
C GLU A 144 0.74 1.92 -2.87
N LEU A 145 1.57 1.86 -3.93
CA LEU A 145 1.75 2.94 -4.88
C LEU A 145 0.52 3.17 -5.78
N SER A 146 -0.44 2.24 -5.80
CA SER A 146 -1.72 2.28 -6.52
C SER A 146 -2.40 3.64 -6.51
N LEU A 147 -2.36 4.32 -5.36
CA LEU A 147 -2.95 5.64 -5.15
C LEU A 147 -2.51 6.66 -6.21
N ALA A 148 -1.20 6.86 -6.35
CA ALA A 148 -0.62 7.76 -7.35
C ALA A 148 -0.72 7.21 -8.79
N LYS A 149 -0.82 5.87 -8.95
CA LYS A 149 -1.04 5.19 -10.24
C LYS A 149 -2.34 5.65 -10.90
N ASP A 150 -3.45 5.62 -10.15
CA ASP A 150 -4.81 5.94 -10.61
C ASP A 150 -5.19 5.31 -11.98
N CYS A 151 -4.66 4.09 -12.23
CA CYS A 151 -4.68 3.36 -13.51
C CYS A 151 -4.45 1.84 -13.30
N SER A 152 -4.14 1.09 -14.36
CA SER A 152 -3.79 -0.35 -14.33
C SER A 152 -2.45 -0.63 -13.64
N GLU A 153 -2.18 -1.86 -13.19
CA GLU A 153 -0.91 -2.25 -12.53
C GLU A 153 0.33 -1.89 -13.35
N ASP A 154 0.21 -1.91 -14.68
CA ASP A 154 1.25 -1.49 -15.63
C ASP A 154 1.80 -0.09 -15.33
N GLU A 155 1.04 0.81 -14.71
CA GLU A 155 1.52 2.13 -14.33
C GLU A 155 2.72 2.03 -13.37
N ILE A 156 2.55 1.35 -12.22
CA ILE A 156 3.64 1.14 -11.25
C ILE A 156 4.65 0.11 -11.77
N GLU A 157 4.18 -1.02 -12.31
CA GLU A 157 5.05 -2.10 -12.81
C GLU A 157 6.05 -1.58 -13.86
N SER A 158 5.55 -0.79 -14.83
CA SER A 158 6.40 -0.13 -15.84
C SER A 158 7.13 1.06 -15.28
N ASP A 159 6.57 1.86 -14.35
CA ASP A 159 7.31 2.96 -13.72
C ASP A 159 8.63 2.52 -13.10
N LEU A 160 8.78 1.24 -12.70
CA LEU A 160 10.04 0.71 -12.19
C LEU A 160 11.20 0.93 -13.18
N LYS A 161 10.90 1.05 -14.48
CA LYS A 161 11.86 1.36 -15.55
C LYS A 161 12.53 2.72 -15.38
N LYS A 162 11.81 3.72 -14.87
CA LYS A 162 12.34 5.07 -14.61
C LYS A 162 13.13 5.13 -13.29
N ILE A 163 12.89 4.18 -12.39
CA ILE A 163 13.47 4.12 -11.04
C ILE A 163 14.77 3.32 -11.02
N PHE A 164 14.75 2.07 -11.52
CA PHE A 164 15.90 1.16 -11.59
C PHE A 164 16.65 1.23 -12.93
N ASN A 165 16.20 2.09 -13.85
CA ASN A 165 16.74 2.32 -15.19
C ASN A 165 16.73 1.07 -16.11
N LEU A 166 15.61 0.33 -16.09
CA LEU A 166 15.38 -0.91 -16.84
C LEU A 166 15.30 -0.66 -18.37
N ALA A 167 14.46 0.31 -18.75
CA ALA A 167 14.16 0.74 -20.13
C ALA A 167 14.14 2.29 -20.28
#